data_5DFZ
#
_entry.id   5DFZ
#
_cell.length_a   215.180
_cell.length_b   226.840
_cell.length_c   127.210
_cell.angle_alpha   90.00
_cell.angle_beta   90.00
_cell.angle_gamma   90.00
#
_symmetry.space_group_name_H-M   'P 21 21 2'
#
loop_
_entity.id
_entity.type
_entity.pdbx_description
1 polymer 'Vacuolar protein sorting-associated protein 38'
2 polymer 'Phosphatidylinositol 3-kinase VPS34'
3 polymer 'Serine/threonine-protein kinase VPS15'
4 polymer 'Nanobody binding S. cerevisiae Vps34'
5 polymer 'Vacuolar protein sorting-associated protein 30'
6 polymer 'Putative N-terminal domain of S. cerevisiae Vps30'
#
loop_
_entity_poly.entity_id
_entity_poly.type
_entity_poly.pdbx_seq_one_letter_code
_entity_poly.pdbx_strand_id
1 'polypeptide(L)'
;MKRFLLSRRQRHLRMICFHNISLFRANGDSKLIKEYGDGFIPCFFILESIRGELLYVSEVQSGSLRKLSFQELPKLTGAS
TMIVLKLVGLVPSDILCTISSDKNGIIDDKWCVLCTYTIDLNKLQPINEDTVLITGTNAPVLDLIDGSYTLAAEKIKPLK
GLVSSHKRNISQVKIKFSLAYSSLLKLNKLLEYSSQVHEEINEISSKIEDDFLSLKNQNHWYMRTVQKSIETLEKEVLQR
KKSKKNIEMAQLESNDTINHSKTELSLMSQDESINDDYGSIYSRFVQIKDRLDQLRFKKLYQLIGIFHSTDLFNSDRGYI
YFEKPSSVNDVINRLKLKPLNIEILLRQAGESTKHREYVNSQLGYYLLFLHLTAIQIFKAPLPYRLMYYGSTSVIDSQYP
LYFTDQMISKHQAKLIKAIHYFNADILQFKQILENYRPTGS
;
A
2 'polypeptide(L)'
;MALNNITFCVSQDLDVPLKVKIKSLEGHKPLLKPSQKILNPELMLIGSNVFPSSDLIVSLQVFDKERNRNLTLPIYTPYI
PFRNSRTWDYWLTLPIRIKQLTFSSHLRIILWEYNGSKQIPFFNLETSIFNLKDCTLKRGFESLKFRYDVIDHCEVVTDN
KDQENLNKYFQGEFTRLPWLDEITISKLRKQRENRTWPQGTFVLNLEFPMLELPVVFIEREIMNTQMNIPTLKNNPGLST
GLREPNRNDPQIKISLGDKYHSTLKFYDPDQPNNDPIEEKYRRLERASKNANLDKQVKPDIKKRDYLNKIINYPPGTKLT
AHEKGSIWKYRYYLMNNKKALTKLLQSTNLREESERVEVLELMDSWAEIDIDDALELLGSTFKNLSVRSYAVNRLKKASD
KELELYLLQLVEAVCFENLSTFSDKSNSEFTIVDAVSSQKLSGDSMLLSTSHANQKLLKSISSESETSGTESLPIVISPL
AEFLIRRALVNPRLGSFFYWYLKSESEDKPYLDQILSSFWSRLDKKSRNILNDQVRLINVLRECCETIKRLKDTTAKKME
LLVHLLETKVRPLVKVRPIALPLDPDVLICDVCPETSKVFKSSLSPLKITFKTTLNQPYHLMFKVGDDLRQDQLVVQIIS
LMNELLKNENVDLKLTPYKILATGPQEGAIEFIPNDTLASILSKYHGILGYLKLHYPDENATLGVQGWVLDNFVKSCAGY
CVITYILGVGDRHLDNLLVTPDGHFFHADFGYILGQDPKPFPPLMKLPPQIIEAFGGAESSNYDKFRSYCFVAYSILRRN
AGLILNLFELMKTSNIPDIRIDPNGAILRVRERFNLNMSEEDATVHFQNLINDSVNALLPIVIDHLHNLAQYWRT
;
C
3 'polypeptide(L)'
;MGAQLSLVVQASPSIAIFSYIDVLEEVHYVSQLNSSRFLKTCKALDPNGEIVIKVFIKPKDQYSLRPFLQRIRAQSFKLG
QLPHVLNYSKLIETNRAGYMIRQHLKNNLYDRLSLRPYLQDIELKFIAFQLLNALKDIHNLNIVHGDIKTENILVTSWNW
CILTDFAAFIKPVYLPEDNPGEFLFYFDTSKRRTCYLAPERFNSKLYQDGKSNNGRLTKEMDIFSLGCVIAEIFAEGRPI
FNLSQLFKYKSNSYDVNREFLMEEMNSTDLRNLVLDMIQLDPSKRLSCDELLNKYRGIFFPDYFYTFIYDYFRNLVTMTT
STPISDNTCTNSTLEDNVKLLDETTEKIYRDFSQICHCLDFPLIKDGGEIGSDPPILESYKIEIEISRFLNTNLYFPQNY
HLVLQQFTKVSEKIKSVKEECALLFISYLSHSIRSIVSTATKLKNLELLAVFAQFVSDENKIDRVVPYFVCCFEDSDQDV
QALSLLTLIQVLTSVRKLNQLNENIFVDYLLPRLKRLLISNRQNTNYLRIVFANCLSDLAIIINRFQEFTFAQHCNDNSS
TKYSAKLIQSVEDLTVSFLTDNDTYVKMALLQNILPLCKFFGRERTNDIILSHLITYLNDKDPALRVSLIQTISGISILL
GTVTLEQYILPLLIQTITDSEELVVISVLQSLKSLFKTGLIRKKYYIDISKTTSPLLLHPNNWIRQFTLMIIIEIINKLS
KAEVYCILYPIIRPFFEFDVEFNFKSMISCCKQPVSRSVYNLLCSWSVRASKSLFWKKIITNHVDSFGNNRIEFITKNYS
SKNYGFNKRDTKSSSSLKGIKTSSTVYSHDNKEIPLTAEDRNWIDKFHIIGLTEKDIWKIVALRGYVIRTARVMAANPDF
PYNNSNYRPLVQNSPPNLNLTNIMPRNIFFDVEFAEESTSEGQDSNLENQQIYKYDESEKDSNKLNINGSKQLSTVMDIN
GSLIFKNKSIATTTSNLKNVFVQLEPTSYHMHSPNHGLKDNANVKPERKVVVSNSYEGDVESIEKFLSTFKILPPLRDYK
EFGPIQEIVRSPNMGNLRGKLIATLMENEPNSITSSAVSPGETPYLITGSDQGVIKIWNLKEIIVGEVYSSSLTYDCSST
VTQITMIPNFDAFAVSSKDGQIIVLKVNHYQQESEVKFLNCECIRKINLKNFGKNEYAVRMRAFVNEEKSLLVALTNLSR
VIIFDIRTLERLQIIENSPRHGAVSSICIDEECCVLILGTTRGIIDIWDIRFNVLIRSWSFGDHAPITHVEVCQFYGKNS
VIVVGGSSKTFLTIWNFVKGHCQYAFINSDEQPSMEHFLPIEKGLEELNFCGIRSLNALSTISVSNDKILLTDEATSSIV
MFSLNELSSSKAVISPSRFSDVFIPTQVTANLTMLLRKMKRTSTHSVDDSLYHHDIINSISTCEVDETPLLVACDNSGLI
GIFQGSSRPTTASENLYFQG
;
B
4 'polypeptide(L)'
;QVQLQESGGGLVQPGGSLRLSCAPSGPFSPNSMGWYRQAPGKQRELVAVMTIDGRTNYQDSVKGRFTISRDYVKNTAYLQ
MNNLKPDDTAVYICNAETRGFMHWGQGTQVTVSSHHHHHHEPEA
;
E
5 'polypeptide(L)'
;MKCQTCHLPLQLDPSLEGLSLTQRNLLLSNNSIITATNENVISNKGIEAADNCGPQIPKERLRRLGEIQNIKDLNLIDDK
LITDSFVFLNHDDDDNANITSNSREDQRYGNANGNDNKKANSDTSDGTSTFRDHDEEEQEATDEDENQQIQLNSKTLSTQ
VNAMTNVFNILSSQTNIDFPICQDCCNILINRLKSEYDDAIKERDTYAQFLSKLESQNKEISESNKEKQYSHNLSEKENL
KKEEERLLDQLLRLEMTDDDLDGELVRLQEKKVQLENEKLQKLSDQNLMDLNNIQFNKNLQSLKLQYELSLNQLDKLRKI
NIFNATFKISHSGPFATINGLRLGSIPESVVPWKEINAALGQLILLLATINKNLKINLVDYELQPMGSFSKIKKRMVNSV
EYNNSTTNAPGDWLILPVYYDENFNLGRIFRKETKFDKSLETTLEIISEITRQLSTIASSYSSQTLATSQDESSMNNAND
VENSTSILELPYIMNKDKINGLSVKLHGSSPNLEWTTAMKFLLTNVKWLLAFSSNLLSKSITLSPTVNHNDKTISGNGS
;
D
6 'polypeptide(L)'
;(UNK)(UNK)(UNK)(UNK)(UNK)(UNK)(UNK)(UNK)(UNK)(UNK)(UNK)(UNK)(UNK)(UNK)(UNK)(UNK)
(UNK)(UNK)(UNK)(UNK)(UNK)(UNK)(UNK)(UNK)(UNK)(UNK)(UNK)(UNK)(UNK)(UNK)(UNK)(UNK)
(UNK)(UNK)(UNK)(UNK)(UNK)(UNK)(UNK)(UNK)(UNK)(UNK)(UNK)(UNK)(UNK)(UNK)(UNK)(UNK)
(UNK)
;
G
#
# COMPACT_ATOMS: atom_id res chain seq x y z
N ASN A 20 51.81 39.28 -51.69
CA ASN A 20 51.79 38.81 -50.30
C ASN A 20 50.48 38.11 -49.95
N ILE A 21 50.22 37.97 -48.65
CA ILE A 21 48.99 37.34 -48.19
C ILE A 21 48.54 37.90 -46.85
N SER A 22 47.24 38.01 -46.66
CA SER A 22 46.68 38.46 -45.39
C SER A 22 45.81 37.38 -44.77
N LEU A 23 46.28 36.83 -43.65
CA LEU A 23 45.58 35.73 -42.99
C LEU A 23 44.31 36.19 -42.31
N PHE A 24 43.22 35.45 -42.50
CA PHE A 24 41.95 35.77 -41.88
C PHE A 24 41.48 34.65 -40.95
N ARG A 25 41.48 34.92 -39.65
CA ARG A 25 40.99 33.97 -38.66
C ARG A 25 40.05 34.65 -37.69
N ALA A 26 38.79 34.24 -37.70
CA ALA A 26 37.78 34.84 -36.85
C ALA A 26 37.63 34.09 -35.53
N ASN A 27 37.80 34.80 -34.42
CA ASN A 27 37.65 34.22 -33.10
C ASN A 27 36.21 33.75 -32.88
N GLY A 28 35.25 34.62 -33.23
CA GLY A 28 33.84 34.28 -33.10
C GLY A 28 32.96 35.50 -33.01
N ASP A 29 31.72 35.29 -32.58
CA ASP A 29 30.76 36.39 -32.41
C ASP A 29 30.01 36.24 -31.09
N SER A 30 30.11 37.25 -30.24
CA SER A 30 29.42 37.22 -28.96
C SER A 30 28.55 38.46 -28.80
N LYS A 31 27.22 38.27 -28.82
CA LYS A 31 26.30 39.38 -28.87
C LYS A 31 24.84 39.00 -28.65
N LEU A 32 23.97 40.00 -28.76
CA LEU A 32 22.53 39.78 -28.73
C LEU A 32 21.92 40.27 -30.04
N ILE A 33 21.37 39.35 -30.82
CA ILE A 33 20.79 39.69 -32.12
C ILE A 33 19.31 39.32 -32.19
N LYS A 34 18.49 40.27 -32.63
CA LYS A 34 17.05 40.05 -32.75
C LYS A 34 16.57 40.32 -34.16
N GLU A 35 15.38 39.81 -34.47
CA GLU A 35 14.80 39.97 -35.81
C GLU A 35 13.34 40.43 -35.72
N TYR A 36 12.80 40.84 -36.86
CA TYR A 36 11.40 41.28 -36.94
C TYR A 36 10.47 40.15 -36.51
N GLY A 37 10.59 39.01 -37.18
CA GLY A 37 9.82 37.83 -36.82
C GLY A 37 10.52 37.03 -35.73
N ASP A 38 9.73 36.36 -34.90
CA ASP A 38 10.29 35.56 -33.81
C ASP A 38 10.58 34.13 -34.25
N GLY A 39 11.83 33.70 -34.10
CA GLY A 39 12.24 32.37 -34.50
C GLY A 39 13.71 32.10 -34.25
N PHE A 40 14.07 30.83 -34.23
CA PHE A 40 15.45 30.41 -33.99
C PHE A 40 16.18 30.16 -35.30
N ILE A 41 17.39 30.71 -35.41
CA ILE A 41 18.20 30.52 -36.61
C ILE A 41 19.66 30.27 -36.26
N PRO A 42 20.32 29.37 -37.02
CA PRO A 42 21.73 29.03 -36.86
C PRO A 42 22.69 30.16 -37.27
N CYS A 43 23.63 30.50 -36.40
CA CYS A 43 24.56 31.58 -36.69
C CYS A 43 25.50 31.29 -37.86
N PHE A 44 25.49 32.18 -38.84
CA PHE A 44 26.36 32.01 -40.01
C PHE A 44 27.19 33.27 -40.25
N PHE A 45 28.51 33.13 -40.14
CA PHE A 45 29.39 34.27 -40.31
C PHE A 45 29.85 34.40 -41.76
N ILE A 46 29.43 35.48 -42.42
CA ILE A 46 29.78 35.70 -43.82
C ILE A 46 31.07 36.50 -43.95
N LEU A 47 31.91 36.11 -44.90
CA LEU A 47 33.16 36.81 -45.16
C LEU A 47 33.31 37.10 -46.64
N GLU A 48 33.36 38.39 -46.99
CA GLU A 48 33.45 38.80 -48.38
C GLU A 48 34.73 39.57 -48.67
N SER A 49 35.14 39.58 -49.93
CA SER A 49 36.34 40.30 -50.36
C SER A 49 36.09 41.09 -51.64
N ILE A 50 36.88 42.14 -51.85
CA ILE A 50 36.68 43.01 -53.00
C ILE A 50 37.12 42.37 -54.30
N ARG A 51 38.35 41.85 -54.34
CA ARG A 51 38.88 41.25 -55.56
C ARG A 51 39.86 40.12 -55.28
N GLY A 52 39.84 39.11 -56.14
CA GLY A 52 40.81 38.03 -56.10
C GLY A 52 40.43 36.85 -55.24
N GLU A 53 39.54 37.08 -54.28
CA GLU A 53 39.12 36.02 -53.36
C GLU A 53 37.72 35.52 -53.68
N LEU A 54 37.24 34.58 -52.89
CA LEU A 54 35.91 34.02 -53.07
C LEU A 54 35.02 34.30 -51.87
N LEU A 55 33.78 33.82 -51.92
CA LEU A 55 32.84 34.00 -50.83
C LEU A 55 33.09 32.99 -49.72
N TYR A 56 33.31 33.48 -48.50
CA TYR A 56 33.63 32.61 -47.38
C TYR A 56 32.49 32.58 -46.37
N VAL A 57 32.37 31.47 -45.65
CA VAL A 57 31.33 31.31 -44.65
C VAL A 57 31.82 30.54 -43.44
N SER A 58 31.12 30.71 -42.31
CA SER A 58 31.46 30.01 -41.08
C SER A 58 30.19 29.53 -40.38
N GLU A 59 30.15 28.25 -40.04
CA GLU A 59 28.97 27.65 -39.42
C GLU A 59 29.04 27.67 -37.90
N VAL A 60 27.93 28.05 -37.27
CA VAL A 60 27.82 28.11 -35.82
C VAL A 60 26.38 27.94 -35.37
N GLN A 61 26.19 27.54 -34.11
CA GLN A 61 24.85 27.30 -33.60
C GLN A 61 24.57 28.05 -32.29
N SER A 62 23.62 28.97 -32.35
CA SER A 62 23.17 29.69 -31.16
C SER A 62 21.67 29.54 -30.99
N GLY A 63 20.91 30.22 -31.85
CA GLY A 63 19.47 30.06 -31.94
C GLY A 63 18.62 31.05 -31.18
N SER A 64 19.17 31.67 -30.13
CA SER A 64 18.42 32.66 -29.37
C SER A 64 18.95 34.07 -29.63
N LEU A 65 18.31 35.05 -28.99
CA LEU A 65 18.71 36.44 -29.11
C LEU A 65 20.16 36.67 -28.67
N ARG A 66 20.40 36.54 -27.37
CA ARG A 66 21.73 36.76 -26.81
C ARG A 66 22.56 35.48 -26.84
N LYS A 67 23.76 35.58 -27.41
CA LYS A 67 24.63 34.43 -27.54
C LYS A 67 26.11 34.79 -27.54
N LEU A 68 26.94 33.85 -27.09
CA LEU A 68 28.39 33.99 -27.18
C LEU A 68 28.97 32.76 -27.87
N SER A 69 29.53 32.95 -29.06
CA SER A 69 30.01 31.83 -29.85
C SER A 69 31.41 32.06 -30.41
N PHE A 70 32.10 30.98 -30.71
CA PHE A 70 33.45 31.03 -31.28
C PHE A 70 33.51 30.27 -32.59
N GLN A 71 33.94 30.94 -33.66
CA GLN A 71 34.01 30.33 -34.98
C GLN A 71 35.21 29.40 -35.10
N GLU A 72 36.41 29.97 -35.01
CA GLU A 72 37.66 29.22 -35.09
C GLU A 72 37.79 28.45 -36.39
N LEU A 73 37.33 29.06 -37.49
CA LEU A 73 37.44 28.46 -38.81
C LEU A 73 38.37 29.28 -39.70
N PRO A 74 39.56 28.74 -40.01
CA PRO A 74 40.56 29.44 -40.83
C PRO A 74 40.05 29.74 -42.24
N LYS A 75 40.23 30.97 -42.69
CA LYS A 75 39.78 31.40 -44.00
C LYS A 75 40.93 31.92 -44.85
N LEU A 76 40.73 31.94 -46.16
CA LEU A 76 41.75 32.42 -47.08
C LEU A 76 41.22 33.51 -48.00
N THR A 77 42.02 34.56 -48.20
CA THR A 77 41.64 35.67 -49.06
C THR A 77 42.85 36.20 -49.83
N GLY A 78 42.57 37.00 -50.87
CA GLY A 78 43.63 37.55 -51.70
C GLY A 78 44.46 38.60 -50.98
N ALA A 79 45.58 38.99 -51.60
CA ALA A 79 46.47 39.98 -51.02
C ALA A 79 45.80 41.34 -50.94
N SER A 80 45.33 41.82 -52.08
CA SER A 80 44.63 43.11 -52.13
C SER A 80 43.12 42.88 -52.06
N THR A 81 42.53 43.28 -50.94
CA THR A 81 41.10 43.09 -50.68
C THR A 81 40.70 43.68 -49.34
N MET A 82 39.39 43.80 -49.11
CA MET A 82 38.87 44.27 -47.84
C MET A 82 37.93 43.22 -47.24
N ILE A 83 38.31 42.68 -46.09
CA ILE A 83 37.53 41.61 -45.48
C ILE A 83 36.25 42.16 -44.85
N VAL A 84 35.12 41.64 -45.30
CA VAL A 84 33.83 42.06 -44.77
C VAL A 84 33.18 40.94 -43.99
N LEU A 85 33.10 41.11 -42.67
CA LEU A 85 32.52 40.11 -41.79
C LEU A 85 31.11 40.50 -41.38
N LYS A 86 30.12 39.75 -41.86
CA LYS A 86 28.73 40.03 -41.56
C LYS A 86 28.03 38.81 -40.98
N LEU A 87 27.60 38.92 -39.73
CA LEU A 87 26.90 37.84 -39.06
C LEU A 87 25.44 37.81 -39.49
N VAL A 88 24.98 36.64 -39.94
CA VAL A 88 23.61 36.47 -40.38
C VAL A 88 23.06 35.12 -39.93
N GLY A 89 21.84 35.12 -39.40
CA GLY A 89 21.21 33.89 -38.93
C GLY A 89 20.79 33.00 -40.08
N LEU A 90 20.65 31.70 -39.79
CA LEU A 90 20.24 30.73 -40.80
C LEU A 90 19.14 29.82 -40.28
N TRP A 111 15.58 33.43 -41.54
CA TRP A 111 16.92 33.96 -41.71
C TRP A 111 16.93 35.48 -41.66
N CYS A 112 17.78 36.04 -40.80
CA CYS A 112 17.89 37.49 -40.67
C CYS A 112 19.34 37.91 -40.46
N VAL A 113 19.66 39.13 -40.89
CA VAL A 113 21.01 39.66 -40.74
C VAL A 113 21.23 40.18 -39.33
N LEU A 114 22.24 39.62 -38.65
CA LEU A 114 22.56 40.02 -37.28
C LEU A 114 23.38 41.31 -37.26
N CYS A 115 24.59 41.24 -37.81
CA CYS A 115 25.48 42.40 -37.81
C CYS A 115 26.24 42.54 -39.13
N THR A 116 26.68 43.76 -39.42
CA THR A 116 27.49 44.03 -40.59
C THR A 116 28.74 44.81 -40.21
N TYR A 117 29.91 44.19 -40.39
CA TYR A 117 31.17 44.83 -40.00
C TYR A 117 32.17 44.82 -41.14
N THR A 118 32.78 45.97 -41.39
CA THR A 118 33.78 46.10 -42.45
C THR A 118 35.19 46.18 -41.87
N ILE A 119 36.14 45.52 -42.54
CA ILE A 119 37.53 45.51 -42.10
C ILE A 119 38.47 45.65 -43.29
N ASP A 120 39.44 46.55 -43.17
CA ASP A 120 40.38 46.80 -44.26
C ASP A 120 41.80 46.40 -43.88
N LEU A 121 42.48 45.72 -44.80
CA LEU A 121 43.86 45.32 -44.59
C LEU A 121 44.83 46.41 -45.03
N ASN A 122 44.27 47.52 -45.50
CA ASN A 122 45.07 48.66 -45.95
C ASN A 122 45.87 49.28 -44.82
N LYS A 123 45.30 49.24 -43.61
CA LYS A 123 45.98 49.78 -42.44
C LYS A 123 47.05 48.81 -41.94
N LEU A 124 46.83 47.52 -42.19
CA LEU A 124 47.77 46.49 -41.78
C LEU A 124 49.06 46.53 -42.61
N GLN A 125 50.19 46.26 -41.96
CA GLN A 125 51.47 46.25 -42.65
C GLN A 125 51.92 44.83 -42.97
N PRO A 126 53.10 44.70 -43.60
CA PRO A 126 53.65 43.40 -43.98
C PRO A 126 54.19 42.62 -42.77
N ILE A 127 54.04 41.31 -42.80
CA ILE A 127 54.50 40.43 -41.72
C ILE A 127 53.93 40.84 -40.37
N ASN A 128 52.70 41.35 -40.39
CA ASN A 128 52.04 41.80 -39.17
C ASN A 128 50.83 40.93 -38.81
N GLU A 129 50.69 40.65 -37.52
CA GLU A 129 49.57 39.84 -37.04
C GLU A 129 48.89 40.52 -35.85
N ASP A 130 47.57 40.69 -35.96
CA ASP A 130 46.81 41.34 -34.89
C ASP A 130 45.39 40.82 -34.84
N THR A 131 44.55 41.46 -34.04
CA THR A 131 43.15 41.08 -33.92
C THR A 131 42.23 42.29 -34.10
N VAL A 132 41.09 42.07 -34.76
CA VAL A 132 40.13 43.14 -34.97
C VAL A 132 38.80 42.80 -34.31
N LEU A 133 38.46 43.54 -33.26
CA LEU A 133 37.20 43.34 -32.55
C LEU A 133 36.20 44.39 -32.98
N ILE A 134 35.17 43.97 -33.71
CA ILE A 134 34.19 44.90 -34.24
C ILE A 134 32.90 44.88 -33.43
N THR A 135 32.65 45.95 -32.70
CA THR A 135 31.40 46.14 -31.99
C THR A 135 30.55 47.15 -32.73
N GLY A 136 29.45 46.68 -33.31
CA GLY A 136 28.64 47.54 -34.16
C GLY A 136 27.17 47.18 -34.14
N THR A 137 26.33 48.12 -34.56
CA THR A 137 24.89 47.95 -34.47
C THR A 137 24.14 48.44 -35.70
N ASN A 138 23.28 47.59 -36.26
CA ASN A 138 22.34 48.07 -37.27
C ASN A 138 20.90 47.80 -36.85
N ALA A 139 20.43 46.56 -37.04
CA ALA A 139 19.16 46.16 -36.44
C ALA A 139 19.32 45.93 -34.94
N PRO A 140 20.19 44.97 -34.59
CA PRO A 140 20.78 44.50 -33.32
C PRO A 140 21.99 45.34 -32.90
N VAL A 141 22.33 45.30 -31.61
CA VAL A 141 23.60 45.84 -31.15
C VAL A 141 24.53 44.67 -30.85
N LEU A 142 25.56 44.49 -31.68
CA LEU A 142 26.36 43.28 -31.59
C LEU A 142 27.87 43.48 -31.46
N ASP A 143 28.57 42.38 -31.24
CA ASP A 143 30.02 42.35 -31.15
C ASP A 143 30.58 41.06 -31.75
N LEU A 144 31.58 41.21 -32.63
CA LEU A 144 32.22 40.05 -33.26
C LEU A 144 33.73 40.23 -33.31
N ILE A 145 34.45 39.24 -32.77
CA ILE A 145 35.90 39.28 -32.75
C ILE A 145 36.50 38.45 -33.89
N ASP A 146 37.22 39.12 -34.78
CA ASP A 146 37.88 38.45 -35.90
C ASP A 146 39.32 38.92 -36.03
N GLY A 147 40.26 37.98 -35.88
CA GLY A 147 41.67 38.30 -35.97
C GLY A 147 42.15 38.44 -37.41
N SER A 148 43.12 39.32 -37.62
CA SER A 148 43.67 39.54 -38.95
C SER A 148 45.19 39.51 -38.94
N TYR A 149 45.76 38.58 -39.69
CA TYR A 149 47.21 38.46 -39.78
C TYR A 149 47.67 38.61 -41.23
N THR A 150 48.98 38.48 -41.44
CA THR A 150 49.55 38.60 -42.78
C THR A 150 50.60 37.52 -43.02
N LEU A 151 50.84 37.21 -44.29
CA LEU A 151 51.83 36.20 -44.66
C LEU A 151 52.69 36.67 -45.83
N LEU A 184 55.76 41.30 -56.26
CA LEU A 184 55.28 41.22 -57.63
C LEU A 184 55.58 39.85 -58.24
N LEU A 185 56.82 39.39 -58.08
CA LEU A 185 57.23 38.10 -58.61
C LEU A 185 56.76 36.95 -57.74
N LYS A 186 56.80 37.15 -56.43
CA LYS A 186 56.43 36.11 -55.47
C LYS A 186 54.96 35.72 -55.61
N LEU A 187 54.10 36.71 -55.85
CA LEU A 187 52.67 36.47 -56.01
C LEU A 187 52.40 35.63 -57.25
N ASN A 188 53.04 36.00 -58.35
CA ASN A 188 52.91 35.25 -59.60
C ASN A 188 53.46 33.83 -59.48
N LYS A 189 54.52 33.68 -58.68
CA LYS A 189 55.09 32.37 -58.42
C LYS A 189 54.12 31.50 -57.62
N LEU A 190 53.47 32.12 -56.64
CA LEU A 190 52.49 31.41 -55.82
C LEU A 190 51.30 30.98 -56.67
N LEU A 191 50.82 31.89 -57.50
CA LEU A 191 49.71 31.59 -58.42
C LEU A 191 50.09 30.48 -59.39
N GLU A 192 51.35 30.48 -59.81
CA GLU A 192 51.86 29.44 -60.69
C GLU A 192 51.90 28.09 -59.97
N TYR A 193 52.24 28.13 -58.69
CA TYR A 193 52.28 26.92 -57.88
C TYR A 193 50.87 26.35 -57.72
N SER A 194 49.91 27.23 -57.44
CA SER A 194 48.51 26.83 -57.32
C SER A 194 48.01 26.26 -58.65
N SER A 195 48.49 26.83 -59.75
CA SER A 195 48.15 26.35 -61.08
C SER A 195 48.72 24.95 -61.29
N GLN A 196 49.91 24.71 -60.76
CA GLN A 196 50.54 23.40 -60.83
C GLN A 196 49.73 22.39 -60.03
N VAL A 197 49.22 22.83 -58.89
CA VAL A 197 48.36 22.00 -58.06
C VAL A 197 47.07 21.67 -58.81
N HIS A 198 46.60 22.63 -59.60
CA HIS A 198 45.41 22.43 -60.42
C HIS A 198 45.67 21.40 -61.51
N GLU A 199 46.83 21.48 -62.13
CA GLU A 199 47.24 20.50 -63.13
C GLU A 199 47.35 19.12 -62.50
N GLU A 200 47.80 19.09 -61.24
CA GLU A 200 47.88 17.85 -60.49
C GLU A 200 46.48 17.30 -60.21
N ILE A 201 45.52 18.20 -60.02
CA ILE A 201 44.13 17.81 -59.82
C ILE A 201 43.55 17.21 -61.11
N ASN A 202 43.92 17.81 -62.24
CA ASN A 202 43.52 17.27 -63.53
C ASN A 202 44.14 15.90 -63.75
N GLU A 203 45.36 15.73 -63.26
CA GLU A 203 46.05 14.44 -63.32
C GLU A 203 45.34 13.42 -62.43
N ILE A 204 44.76 13.92 -61.33
CA ILE A 204 43.98 13.07 -60.44
C ILE A 204 42.68 12.64 -61.12
N SER A 205 42.12 13.54 -61.92
CA SER A 205 40.93 13.22 -62.70
C SER A 205 41.27 12.18 -63.76
N SER A 206 42.49 12.28 -64.31
CA SER A 206 42.96 11.32 -65.30
C SER A 206 43.19 9.95 -64.66
N LYS A 207 43.67 9.96 -63.41
CA LYS A 207 43.90 8.73 -62.67
C LYS A 207 42.57 8.05 -62.33
N ILE A 208 41.59 8.86 -61.93
CA ILE A 208 40.26 8.36 -61.64
C ILE A 208 39.63 7.79 -62.90
N GLU A 209 39.86 8.46 -64.03
CA GLU A 209 39.37 7.98 -65.31
C GLU A 209 40.04 6.68 -65.70
N ASP A 210 41.30 6.52 -65.31
CA ASP A 210 42.05 5.31 -65.57
C ASP A 210 41.51 4.14 -64.76
N ASP A 211 41.28 4.37 -63.47
CA ASP A 211 40.76 3.35 -62.57
C ASP A 211 39.34 2.95 -62.92
N PHE A 212 38.56 3.92 -63.44
CA PHE A 212 37.18 3.66 -63.82
C PHE A 212 37.10 2.92 -65.16
N LEU A 213 37.87 3.37 -66.13
CA LEU A 213 37.88 2.75 -67.45
C LEU A 213 38.69 1.46 -67.47
N SER A 214 39.34 1.17 -66.34
CA SER A 214 40.16 -0.04 -66.21
C SER A 214 39.38 -1.30 -66.53
N LEU A 215 38.24 -1.49 -65.86
CA LEU A 215 37.44 -2.68 -66.07
C LEU A 215 35.96 -2.45 -65.83
N LYS A 216 35.13 -3.22 -66.52
CA LYS A 216 33.68 -3.22 -66.31
C LYS A 216 33.36 -4.12 -65.11
N ASN A 217 32.08 -4.43 -64.92
CA ASN A 217 31.68 -5.28 -63.82
C ASN A 217 32.33 -6.65 -63.90
N GLN A 218 33.03 -7.02 -62.83
CA GLN A 218 33.73 -8.30 -62.76
C GLN A 218 33.43 -9.02 -61.46
N ASN A 219 33.86 -8.41 -60.36
CA ASN A 219 33.67 -8.98 -59.02
C ASN A 219 32.19 -9.06 -58.63
N HIS A 220 31.34 -8.31 -59.33
CA HIS A 220 29.91 -8.37 -59.12
C HIS A 220 29.39 -9.76 -59.48
N TRP A 221 29.93 -10.31 -60.57
CA TRP A 221 29.59 -11.65 -61.00
C TRP A 221 30.14 -12.68 -60.02
N TYR A 222 31.17 -12.28 -59.26
CA TYR A 222 31.73 -13.14 -58.22
C TYR A 222 30.83 -13.12 -56.99
N MET A 223 30.19 -11.98 -56.75
CA MET A 223 29.22 -11.87 -55.68
C MET A 223 27.98 -12.68 -56.01
N ARG A 224 27.53 -12.58 -57.26
CA ARG A 224 26.41 -13.37 -57.75
C ARG A 224 26.77 -14.85 -57.73
N THR A 225 28.06 -15.14 -57.92
CA THR A 225 28.55 -16.51 -57.87
C THR A 225 28.50 -17.03 -56.43
N VAL A 226 28.79 -16.14 -55.48
CA VAL A 226 28.69 -16.47 -54.06
C VAL A 226 27.23 -16.74 -53.71
N GLN A 227 26.33 -15.95 -54.30
CA GLN A 227 24.90 -16.14 -54.11
C GLN A 227 24.46 -17.49 -54.68
N LYS A 228 25.06 -17.87 -55.80
CA LYS A 228 24.78 -19.16 -56.42
C LYS A 228 25.29 -20.30 -55.54
N SER A 229 26.43 -20.05 -54.89
CA SER A 229 27.00 -21.02 -53.95
C SER A 229 26.09 -21.17 -52.75
N ILE A 230 25.47 -20.07 -52.35
CA ILE A 230 24.49 -20.10 -51.27
C ILE A 230 23.23 -20.83 -51.70
N GLU A 231 22.94 -20.77 -53.00
CA GLU A 231 21.77 -21.45 -53.56
C GLU A 231 22.00 -22.97 -53.58
N THR A 232 23.20 -23.37 -53.97
CA THR A 232 23.56 -24.79 -53.98
C THR A 232 23.65 -25.33 -52.56
N LEU A 233 24.17 -24.50 -51.65
CA LEU A 233 24.24 -24.87 -50.23
C LEU A 233 22.83 -25.03 -49.67
N GLU A 234 21.92 -24.15 -50.11
CA GLU A 234 20.53 -24.23 -49.71
C GLU A 234 19.87 -25.47 -50.31
N LYS A 235 20.40 -25.90 -51.45
CA LYS A 235 19.92 -27.12 -52.10
C LYS A 235 20.36 -28.34 -51.31
N GLU A 236 21.58 -28.28 -50.78
CA GLU A 236 22.10 -29.37 -49.96
C GLU A 236 21.37 -29.42 -48.62
N VAL A 237 21.03 -28.26 -48.09
CA VAL A 237 20.30 -28.16 -46.82
C VAL A 237 18.86 -28.65 -46.98
N LEU A 238 18.26 -28.31 -48.12
CA LEU A 238 16.89 -28.74 -48.41
C LEU A 238 16.84 -30.23 -48.72
N GLN A 239 17.92 -30.74 -49.31
CA GLN A 239 18.02 -32.16 -49.61
C GLN A 239 18.23 -32.96 -48.33
N ARG A 240 18.98 -32.38 -47.40
CA ARG A 240 19.21 -32.99 -46.10
C ARG A 240 17.92 -33.00 -45.29
N LYS A 241 17.20 -31.88 -45.32
CA LYS A 241 15.92 -31.77 -44.63
C LYS A 241 14.91 -32.74 -45.25
N LYS A 242 15.02 -32.93 -46.56
CA LYS A 242 14.16 -33.88 -47.27
C LYS A 242 14.52 -35.31 -46.88
N SER A 243 15.80 -35.53 -46.60
CA SER A 243 16.27 -36.84 -46.17
C SER A 243 15.73 -37.17 -44.78
N LYS A 244 15.84 -36.19 -43.87
CA LYS A 244 15.35 -36.36 -42.51
C LYS A 244 13.84 -36.52 -42.50
N LYS A 245 13.16 -35.81 -43.40
CA LYS A 245 11.71 -35.85 -43.49
C LYS A 245 11.22 -37.19 -44.03
N ASN A 246 11.85 -37.67 -45.09
CA ASN A 246 11.53 -38.97 -45.65
C ASN A 246 11.81 -40.07 -44.64
N ILE A 247 12.93 -39.93 -43.93
CA ILE A 247 13.29 -40.87 -42.87
C ILE A 247 12.26 -40.82 -41.75
N GLU A 248 11.65 -39.65 -41.58
CA GLU A 248 10.63 -39.45 -40.54
C GLU A 248 9.31 -40.09 -40.95
N MET A 249 9.01 -40.07 -42.24
CA MET A 249 7.80 -40.69 -42.76
C MET A 249 7.95 -42.21 -42.68
N ALA A 250 9.11 -42.70 -43.10
CA ALA A 250 9.42 -44.11 -42.99
C ALA A 250 9.42 -44.55 -41.53
N GLN A 251 9.83 -43.64 -40.65
CA GLN A 251 9.79 -43.89 -39.22
C GLN A 251 8.36 -43.90 -38.71
N LEU A 252 7.48 -43.17 -39.39
CA LEU A 252 6.07 -43.15 -39.02
C LEU A 252 5.42 -44.47 -39.37
N GLU A 253 5.64 -44.91 -40.60
CA GLU A 253 5.14 -46.21 -41.05
C GLU A 253 5.71 -47.34 -40.20
N SER A 254 7.00 -47.23 -39.86
CA SER A 254 7.66 -48.23 -39.05
C SER A 254 7.15 -48.21 -37.61
N ASN A 255 6.72 -47.03 -37.16
CA ASN A 255 6.18 -46.89 -35.81
C ASN A 255 4.80 -47.51 -35.71
N ASP A 256 3.96 -47.23 -36.70
CA ASP A 256 2.63 -47.83 -36.77
C ASP A 256 2.75 -49.34 -36.89
N THR A 257 3.69 -49.78 -37.73
CA THR A 257 3.94 -51.21 -37.93
C THR A 257 4.38 -51.87 -36.63
N ILE A 258 5.32 -51.23 -35.94
CA ILE A 258 5.84 -51.76 -34.68
C ILE A 258 4.74 -51.84 -33.62
N ASN A 259 3.94 -50.78 -33.53
CA ASN A 259 2.85 -50.72 -32.56
C ASN A 259 1.82 -51.81 -32.80
N HIS A 260 1.35 -51.91 -34.05
CA HIS A 260 0.34 -52.90 -34.40
C HIS A 260 0.85 -54.33 -34.25
N SER A 261 2.07 -54.57 -34.69
CA SER A 261 2.68 -55.89 -34.60
C SER A 261 2.89 -56.32 -33.15
N LYS A 262 3.40 -55.41 -32.33
CA LYS A 262 3.62 -55.69 -30.91
C LYS A 262 2.30 -55.92 -30.18
N THR A 263 1.29 -55.11 -30.51
CA THR A 263 -0.02 -55.24 -29.89
C THR A 263 -0.70 -56.56 -30.26
N GLU A 264 -0.54 -56.96 -31.51
CA GLU A 264 -1.16 -58.20 -31.99
C GLU A 264 -0.42 -59.43 -31.45
N LEU A 265 0.90 -59.33 -31.33
CA LEU A 265 1.72 -60.45 -30.89
C LEU A 265 1.66 -60.68 -29.38
N SER A 266 1.70 -59.59 -28.61
CA SER A 266 1.75 -59.69 -27.15
C SER A 266 0.47 -60.30 -26.59
N LEU A 267 -0.67 -59.67 -26.88
CA LEU A 267 -1.95 -60.19 -26.44
C LEU A 267 -2.98 -60.19 -27.57
N MET A 268 -3.40 -61.38 -27.99
CA MET A 268 -4.45 -61.52 -28.99
C MET A 268 -5.79 -61.80 -28.33
N SER A 269 -5.77 -61.90 -27.00
CA SER A 269 -6.94 -62.19 -26.18
C SER A 269 -7.50 -63.60 -26.39
N GLN A 270 -6.89 -64.33 -27.34
CA GLN A 270 -7.35 -65.68 -27.67
C GLN A 270 -6.94 -66.70 -26.62
N ASP A 271 -5.87 -66.40 -25.87
CA ASP A 271 -5.35 -67.32 -24.86
C ASP A 271 -6.31 -67.45 -23.68
N GLU A 272 -7.14 -66.42 -23.47
CA GLU A 272 -8.07 -66.41 -22.36
C GLU A 272 -9.28 -67.30 -22.62
N SER A 273 -9.51 -67.63 -23.89
CA SER A 273 -10.65 -68.46 -24.28
C SER A 273 -10.54 -69.87 -23.72
N ILE A 274 -9.32 -70.38 -23.62
CA ILE A 274 -9.07 -71.71 -23.09
C ILE A 274 -9.43 -71.77 -21.61
N ASN A 275 -8.92 -70.81 -20.85
CA ASN A 275 -9.22 -70.73 -19.42
C ASN A 275 -10.69 -70.41 -19.18
N ASP A 276 -11.32 -69.75 -20.15
CA ASP A 276 -12.75 -69.45 -20.06
C ASP A 276 -13.58 -70.71 -20.26
N ASP A 277 -13.16 -71.53 -21.21
CA ASP A 277 -13.84 -72.79 -21.48
C ASP A 277 -13.68 -73.75 -20.31
N TYR A 278 -12.44 -73.89 -19.83
CA TYR A 278 -12.15 -74.74 -18.69
C TYR A 278 -12.88 -74.25 -17.44
N GLY A 279 -12.94 -72.94 -17.28
CA GLY A 279 -13.63 -72.34 -16.15
C GLY A 279 -15.13 -72.57 -16.22
N SER A 280 -15.67 -72.54 -17.43
CA SER A 280 -17.09 -72.78 -17.65
C SER A 280 -17.45 -74.24 -17.37
N ILE A 281 -16.60 -75.14 -17.85
CA ILE A 281 -16.80 -76.57 -17.61
C ILE A 281 -16.71 -76.88 -16.13
N TYR A 282 -15.73 -76.28 -15.45
CA TYR A 282 -15.57 -76.45 -14.02
C TYR A 282 -16.77 -75.86 -13.28
N SER A 283 -17.35 -74.81 -13.86
CA SER A 283 -18.52 -74.17 -13.28
C SER A 283 -19.74 -75.08 -13.38
N ARG A 284 -19.84 -75.80 -14.50
CA ARG A 284 -20.91 -76.75 -14.70
C ARG A 284 -20.77 -77.94 -13.76
N PHE A 285 -19.54 -78.45 -13.67
CA PHE A 285 -19.23 -79.58 -12.78
C PHE A 285 -19.51 -79.23 -11.33
N VAL A 286 -19.19 -77.99 -10.95
CA VAL A 286 -19.43 -77.52 -9.60
C VAL A 286 -20.92 -77.35 -9.34
N GLN A 287 -21.60 -76.67 -10.26
CA GLN A 287 -23.05 -76.43 -10.12
C GLN A 287 -23.83 -77.73 -10.09
N ILE A 288 -23.27 -78.79 -10.68
CA ILE A 288 -23.90 -80.10 -10.66
C ILE A 288 -23.60 -80.84 -9.37
N LYS A 289 -22.31 -81.14 -9.15
CA LYS A 289 -21.87 -81.95 -8.03
C LYS A 289 -22.21 -81.34 -6.67
N ASP A 290 -22.06 -80.03 -6.52
CA ASP A 290 -22.30 -79.38 -5.25
C ASP A 290 -23.78 -79.41 -4.87
N ARG A 291 -24.65 -79.21 -5.85
CA ARG A 291 -26.09 -79.26 -5.63
C ARG A 291 -26.54 -80.70 -5.38
N LEU A 292 -25.93 -81.63 -6.10
CA LEU A 292 -26.21 -83.05 -5.92
C LEU A 292 -25.88 -83.50 -4.51
N ASP A 293 -24.68 -83.15 -4.05
CA ASP A 293 -24.24 -83.47 -2.70
C ASP A 293 -25.09 -82.73 -1.66
N GLN A 294 -25.52 -81.52 -2.02
CA GLN A 294 -26.42 -80.73 -1.19
C GLN A 294 -27.71 -81.49 -0.89
N LEU A 295 -28.47 -81.76 -1.94
CA LEU A 295 -29.73 -82.50 -1.80
C LEU A 295 -29.52 -83.87 -1.17
N ARG A 296 -28.43 -84.53 -1.54
CA ARG A 296 -28.07 -85.83 -0.98
C ARG A 296 -27.95 -85.77 0.54
N PHE A 297 -26.99 -84.99 1.02
CA PHE A 297 -26.77 -84.83 2.45
C PHE A 297 -27.99 -84.25 3.16
N LYS A 298 -28.86 -83.58 2.40
CA LYS A 298 -30.11 -83.06 2.95
C LYS A 298 -31.08 -84.20 3.24
N LYS A 299 -31.20 -85.12 2.30
CA LYS A 299 -32.04 -86.30 2.48
C LYS A 299 -31.46 -87.19 3.57
N LEU A 300 -30.13 -87.24 3.65
CA LEU A 300 -29.46 -87.99 4.69
C LEU A 300 -29.70 -87.33 6.05
N TYR A 301 -29.90 -86.02 6.02
CA TYR A 301 -30.22 -85.26 7.22
C TYR A 301 -31.69 -85.44 7.58
N GLN A 302 -32.47 -85.85 6.59
CA GLN A 302 -33.87 -86.17 6.83
C GLN A 302 -33.97 -87.55 7.49
N LEU A 303 -33.14 -88.46 6.99
CA LEU A 303 -33.05 -89.80 7.59
C LEU A 303 -32.47 -89.71 8.98
N ILE A 304 -31.54 -88.78 9.17
CA ILE A 304 -30.96 -88.52 10.48
C ILE A 304 -31.99 -87.81 11.36
N GLY A 305 -32.92 -87.11 10.72
CA GLY A 305 -34.00 -86.46 11.42
C GLY A 305 -34.95 -87.51 11.96
N ILE A 306 -35.18 -88.55 11.15
CA ILE A 306 -35.98 -89.69 11.58
C ILE A 306 -35.21 -90.47 12.65
N PHE A 307 -33.89 -90.40 12.58
CA PHE A 307 -33.03 -91.05 13.57
C PHE A 307 -33.13 -90.33 14.90
N HIS A 308 -33.34 -89.02 14.83
CA HIS A 308 -33.54 -88.22 16.04
C HIS A 308 -34.96 -88.40 16.57
N SER A 309 -35.89 -88.65 15.67
CA SER A 309 -37.27 -88.93 16.06
C SER A 309 -37.35 -90.27 16.76
N THR A 310 -36.55 -91.22 16.30
CA THR A 310 -36.45 -92.53 16.93
C THR A 310 -35.59 -92.43 18.18
N ASP A 311 -34.76 -91.39 18.23
CA ASP A 311 -33.93 -91.12 19.40
C ASP A 311 -34.71 -90.29 20.42
N LEU A 312 -35.97 -90.01 20.11
CA LEU A 312 -36.78 -89.21 21.00
C LEU A 312 -37.54 -90.11 21.97
N PHE A 313 -37.14 -90.04 23.24
CA PHE A 313 -37.80 -90.75 24.32
C PHE A 313 -38.04 -89.77 25.47
N ASN A 314 -36.95 -89.28 26.05
CA ASN A 314 -37.01 -88.30 27.12
C ASN A 314 -37.50 -86.95 26.64
N SER A 315 -37.28 -86.66 25.36
CA SER A 315 -37.73 -85.40 24.78
C SER A 315 -38.75 -85.63 23.66
N ASP A 316 -40.00 -85.24 23.92
CA ASP A 316 -41.07 -85.41 22.94
C ASP A 316 -41.87 -84.13 22.73
N ARG A 317 -42.60 -83.72 23.77
CA ARG A 317 -43.47 -82.55 23.68
C ARG A 317 -42.67 -81.25 23.59
N GLY A 318 -41.48 -81.25 24.20
CA GLY A 318 -40.63 -80.08 24.19
C GLY A 318 -39.56 -80.13 23.12
N TYR A 319 -38.82 -79.04 22.95
CA TYR A 319 -37.76 -78.97 21.96
C TYR A 319 -36.71 -77.94 22.36
N ILE A 320 -35.76 -77.68 21.45
CA ILE A 320 -34.70 -76.72 21.71
C ILE A 320 -35.03 -75.34 21.17
N TYR A 321 -35.21 -74.38 22.07
CA TYR A 321 -35.54 -73.01 21.68
C TYR A 321 -35.07 -72.01 22.73
N LEU A 345 -35.96 -69.62 29.31
CA LEU A 345 -36.05 -71.05 29.61
C LEU A 345 -35.32 -71.39 30.90
N LEU A 346 -34.60 -70.42 31.44
CA LEU A 346 -33.87 -70.61 32.69
C LEU A 346 -34.83 -70.81 33.86
N ARG A 347 -35.82 -69.93 33.96
CA ARG A 347 -36.83 -70.04 35.00
C ARG A 347 -37.64 -71.32 34.82
N GLN A 348 -37.80 -71.73 33.57
CA GLN A 348 -38.49 -72.98 33.25
C GLN A 348 -37.68 -74.16 33.76
N ALA A 349 -36.36 -74.06 33.66
CA ALA A 349 -35.47 -75.11 34.14
C ALA A 349 -35.49 -75.18 35.66
N GLY A 350 -35.42 -74.02 36.30
CA GLY A 350 -35.45 -73.94 37.74
C GLY A 350 -36.77 -74.42 38.33
N GLU A 351 -37.86 -74.17 37.60
CA GLU A 351 -39.19 -74.58 38.05
C GLU A 351 -39.42 -76.07 37.83
N SER A 352 -39.05 -76.56 36.65
CA SER A 352 -39.27 -77.96 36.30
C SER A 352 -38.23 -78.88 36.92
N THR A 353 -37.21 -78.30 37.54
CA THR A 353 -36.14 -79.08 38.17
C THR A 353 -36.65 -80.06 39.22
N LYS A 354 -37.60 -79.62 40.02
CA LYS A 354 -38.16 -80.44 41.08
C LYS A 354 -39.18 -81.46 40.55
N HIS A 355 -40.00 -81.02 39.61
CA HIS A 355 -41.07 -81.85 39.08
C HIS A 355 -40.55 -82.92 38.11
N ARG A 356 -39.32 -82.77 37.67
CA ARG A 356 -38.73 -83.71 36.71
C ARG A 356 -38.01 -84.86 37.40
N GLU A 357 -38.04 -84.87 38.73
CA GLU A 357 -37.47 -85.95 39.54
C GLU A 357 -35.94 -86.00 39.44
N TYR A 358 -35.37 -85.08 38.67
CA TYR A 358 -33.93 -84.97 38.38
C TYR A 358 -33.50 -85.99 37.33
N VAL A 359 -34.45 -86.83 36.91
CA VAL A 359 -34.23 -87.76 35.81
C VAL A 359 -34.36 -87.01 34.48
N ASN A 360 -35.56 -86.48 34.23
CA ASN A 360 -35.86 -85.76 33.00
C ASN A 360 -35.05 -84.48 32.83
N SER A 361 -34.30 -84.11 33.86
CA SER A 361 -33.41 -82.95 33.78
C SER A 361 -32.19 -83.29 32.94
N GLN A 362 -31.37 -84.22 33.41
CA GLN A 362 -30.22 -84.69 32.65
C GLN A 362 -30.68 -85.36 31.37
N LEU A 363 -31.85 -86.00 31.42
CA LEU A 363 -32.45 -86.60 30.24
C LEU A 363 -32.83 -85.53 29.22
N GLY A 364 -33.12 -84.33 29.73
CA GLY A 364 -33.39 -83.19 28.87
C GLY A 364 -32.08 -82.60 28.40
N TYR A 365 -31.01 -82.87 29.15
CA TYR A 365 -29.68 -82.43 28.79
C TYR A 365 -29.03 -83.41 27.83
N TYR A 366 -29.73 -84.50 27.53
CA TYR A 366 -29.28 -85.49 26.58
C TYR A 366 -29.39 -84.98 25.14
N LEU A 367 -30.02 -83.81 24.99
CA LEU A 367 -30.19 -83.19 23.68
C LEU A 367 -28.86 -82.73 23.10
N LEU A 368 -27.86 -82.61 23.97
CA LEU A 368 -26.52 -82.22 23.55
C LEU A 368 -25.90 -83.29 22.65
N PHE A 369 -26.35 -84.52 22.82
CA PHE A 369 -25.90 -85.63 21.98
C PHE A 369 -26.44 -85.47 20.56
N LEU A 370 -27.72 -85.13 20.44
CA LEU A 370 -28.34 -84.90 19.14
C LEU A 370 -27.75 -83.66 18.48
N HIS A 371 -27.44 -82.66 19.30
CA HIS A 371 -26.82 -81.44 18.80
C HIS A 371 -25.45 -81.75 18.24
N LEU A 372 -24.66 -82.51 18.98
CA LEU A 372 -23.33 -82.92 18.55
C LEU A 372 -23.41 -83.79 17.30
N THR A 373 -24.50 -84.55 17.21
CA THR A 373 -24.75 -85.38 16.03
C THR A 373 -25.01 -84.49 14.82
N ALA A 374 -25.75 -83.42 15.04
CA ALA A 374 -26.03 -82.46 13.97
C ALA A 374 -24.74 -81.76 13.57
N ILE A 375 -23.91 -81.46 14.56
CA ILE A 375 -22.60 -80.84 14.33
C ILE A 375 -21.74 -81.69 13.39
N GLN A 376 -21.39 -82.89 13.85
CA GLN A 376 -20.50 -83.77 13.11
C GLN A 376 -21.04 -84.11 11.72
N ILE A 377 -22.36 -84.06 11.57
CA ILE A 377 -22.98 -84.34 10.28
C ILE A 377 -22.85 -83.15 9.32
N PHE A 378 -23.06 -81.95 9.85
CA PHE A 378 -22.97 -80.74 9.06
C PHE A 378 -21.52 -80.31 8.85
N LYS A 379 -20.65 -80.73 9.76
CA LYS A 379 -19.22 -80.39 9.73
C LYS A 379 -19.00 -78.88 9.74
N ALA A 380 -19.95 -78.15 10.33
CA ALA A 380 -19.86 -76.69 10.42
C ALA A 380 -19.41 -76.25 11.81
N PRO A 381 -18.39 -75.38 11.86
CA PRO A 381 -17.88 -74.83 13.11
C PRO A 381 -18.96 -74.11 13.92
N LEU A 382 -18.96 -74.31 15.23
CA LEU A 382 -19.99 -73.73 16.09
C LEU A 382 -19.40 -72.76 17.09
N PRO A 383 -20.18 -71.73 17.47
CA PRO A 383 -19.82 -70.64 18.38
C PRO A 383 -19.29 -71.13 19.72
N TYR A 384 -19.95 -72.14 20.29
CA TYR A 384 -19.55 -72.66 21.59
C TYR A 384 -18.94 -74.05 21.46
N ARG A 385 -17.82 -74.28 22.13
CA ARG A 385 -17.19 -75.59 22.16
C ARG A 385 -18.11 -76.60 22.82
N LEU A 386 -18.39 -77.69 22.12
CA LEU A 386 -19.38 -78.66 22.60
C LEU A 386 -18.88 -80.10 22.56
N MET A 387 -19.05 -80.79 23.68
CA MET A 387 -18.77 -82.22 23.77
C MET A 387 -19.88 -82.89 24.55
N TYR A 388 -20.49 -83.91 23.95
CA TYR A 388 -21.66 -84.54 24.55
C TYR A 388 -21.31 -85.82 25.28
N TYR A 389 -21.36 -85.77 26.60
CA TYR A 389 -21.08 -86.90 27.46
C TYR A 389 -22.36 -87.61 27.88
N GLY A 390 -23.48 -87.24 27.28
CA GLY A 390 -24.78 -87.64 27.80
C GLY A 390 -25.18 -86.86 29.04
N SER A 391 -25.48 -87.56 30.13
CA SER A 391 -26.06 -86.96 31.34
C SER A 391 -25.41 -85.64 31.74
N THR A 392 -24.14 -85.69 32.13
CA THR A 392 -23.39 -84.45 32.36
C THR A 392 -22.43 -84.21 31.21
N SER A 393 -22.74 -83.23 30.38
CA SER A 393 -22.00 -83.00 29.13
C SER A 393 -21.01 -81.85 29.26
N VAL A 394 -19.90 -81.95 28.55
CA VAL A 394 -18.83 -80.97 28.68
C VAL A 394 -18.95 -79.84 27.67
N ILE A 395 -19.23 -78.64 28.17
CA ILE A 395 -19.28 -77.44 27.34
C ILE A 395 -18.04 -76.60 27.59
N ASP A 396 -17.22 -76.45 26.54
CA ASP A 396 -15.96 -75.69 26.59
C ASP A 396 -14.94 -76.35 27.52
N SER A 397 -15.36 -77.45 28.15
CA SER A 397 -14.60 -78.22 29.14
C SER A 397 -14.51 -77.47 30.47
N GLN A 398 -14.85 -76.19 30.44
CA GLN A 398 -14.87 -75.38 31.65
C GLN A 398 -16.25 -75.31 32.29
N TYR A 399 -17.28 -75.79 31.60
CA TYR A 399 -18.63 -75.71 32.15
C TYR A 399 -19.46 -76.97 31.91
N PRO A 400 -20.25 -77.37 32.92
CA PRO A 400 -21.20 -78.48 32.83
C PRO A 400 -22.46 -78.09 32.06
N LEU A 401 -22.99 -79.00 31.25
CA LEU A 401 -24.23 -78.75 30.54
C LEU A 401 -25.43 -78.99 31.44
N TYR A 402 -25.31 -79.95 32.35
CA TYR A 402 -26.40 -80.29 33.25
C TYR A 402 -25.99 -80.13 34.71
N PHE A 403 -26.66 -79.23 35.41
CA PHE A 403 -26.41 -79.01 36.83
C PHE A 403 -27.07 -80.09 37.68
N THR A 404 -28.33 -80.38 37.37
CA THR A 404 -29.13 -81.36 38.11
C THR A 404 -29.15 -81.04 39.61
N ASP A 405 -29.21 -79.76 39.93
CA ASP A 405 -29.21 -79.27 41.32
C ASP A 405 -28.00 -79.77 42.09
N GLN A 406 -26.81 -79.56 41.52
CA GLN A 406 -25.58 -80.01 42.15
C GLN A 406 -25.17 -79.11 43.31
N MET A 407 -25.22 -77.80 43.08
CA MET A 407 -24.82 -76.83 44.10
C MET A 407 -25.37 -75.44 43.78
N ILE A 408 -25.03 -74.47 44.63
CA ILE A 408 -25.47 -73.09 44.44
C ILE A 408 -24.63 -72.38 43.38
N SER A 409 -23.31 -72.58 43.43
CA SER A 409 -22.41 -71.99 42.46
C SER A 409 -22.49 -72.75 41.14
N LYS A 410 -22.79 -74.04 41.23
CA LYS A 410 -22.98 -74.88 40.05
C LYS A 410 -24.18 -74.42 39.25
N HIS A 411 -25.10 -73.74 39.92
CA HIS A 411 -26.26 -73.15 39.26
C HIS A 411 -25.85 -71.92 38.45
N GLN A 412 -24.83 -71.22 38.92
CA GLN A 412 -24.30 -70.07 38.21
C GLN A 412 -23.47 -70.53 37.01
N ALA A 413 -22.67 -71.57 37.22
CA ALA A 413 -21.90 -72.17 36.13
C ALA A 413 -22.85 -72.71 35.07
N LYS A 414 -23.95 -73.31 35.52
CA LYS A 414 -24.96 -73.84 34.62
C LYS A 414 -25.76 -72.71 33.98
N LEU A 415 -25.74 -71.54 34.60
CA LEU A 415 -26.40 -70.37 34.03
C LEU A 415 -25.59 -69.83 32.87
N ILE A 416 -24.29 -69.68 33.10
CA ILE A 416 -23.38 -69.25 32.04
C ILE A 416 -23.37 -70.27 30.91
N LYS A 417 -23.43 -71.54 31.28
CA LYS A 417 -23.48 -72.62 30.30
C LYS A 417 -24.79 -72.60 29.53
N ALA A 418 -25.86 -72.16 30.19
CA ALA A 418 -27.16 -72.05 29.56
C ALA A 418 -27.16 -70.93 28.54
N ILE A 419 -26.55 -69.80 28.91
CA ILE A 419 -26.39 -68.68 27.99
C ILE A 419 -25.55 -69.12 26.80
N HIS A 420 -24.50 -69.88 27.08
CA HIS A 420 -23.64 -70.45 26.05
C HIS A 420 -24.44 -71.28 25.05
N TYR A 421 -25.03 -72.37 25.53
CA TYR A 421 -25.79 -73.28 24.69
C TYR A 421 -26.92 -72.57 23.94
N PHE A 422 -27.49 -71.55 24.57
CA PHE A 422 -28.54 -70.76 23.93
C PHE A 422 -27.97 -69.98 22.76
N ASN A 423 -26.82 -69.36 22.97
CA ASN A 423 -26.14 -68.62 21.92
C ASN A 423 -25.76 -69.54 20.75
N ALA A 424 -25.26 -70.73 21.08
CA ALA A 424 -24.89 -71.70 20.06
C ALA A 424 -26.12 -72.19 19.30
N ASP A 425 -27.23 -72.29 20.01
CA ASP A 425 -28.49 -72.72 19.42
C ASP A 425 -28.99 -71.68 18.43
N ILE A 426 -28.91 -70.41 18.82
CA ILE A 426 -29.35 -69.31 17.97
C ILE A 426 -28.45 -69.18 16.74
N LEU A 427 -27.14 -69.33 16.95
CA LEU A 427 -26.18 -69.24 15.86
C LEU A 427 -26.38 -70.37 14.87
N GLN A 428 -26.60 -71.58 15.38
CA GLN A 428 -26.84 -72.74 14.55
C GLN A 428 -28.16 -72.58 13.78
N PHE A 429 -29.15 -71.98 14.44
CA PHE A 429 -30.43 -71.71 13.82
C PHE A 429 -30.27 -70.71 12.68
N LYS A 430 -29.35 -69.76 12.87
CA LYS A 430 -29.05 -68.78 11.83
C LYS A 430 -28.35 -69.46 10.66
N GLN A 431 -27.45 -70.39 10.98
CA GLN A 431 -26.74 -71.15 9.95
C GLN A 431 -27.73 -71.99 9.14
N ILE A 432 -28.76 -72.48 9.82
CA ILE A 432 -29.80 -73.25 9.15
C ILE A 432 -30.71 -72.33 8.34
N LEU A 433 -30.82 -71.08 8.78
CA LEU A 433 -31.62 -70.08 8.09
C LEU A 433 -30.87 -69.53 6.88
N GLU A 434 -29.57 -69.80 6.83
CA GLU A 434 -28.74 -69.35 5.72
C GLU A 434 -28.76 -70.36 4.57
N ASN A 435 -29.52 -71.43 4.76
CA ASN A 435 -29.61 -72.49 3.75
C ASN A 435 -30.26 -72.01 2.46
N TYR A 436 -29.63 -72.36 1.34
CA TYR A 436 -30.13 -71.97 0.02
C TYR A 436 -29.64 -72.95 -1.05
N ARG A 437 -30.33 -72.95 -2.19
CA ARG A 437 -29.98 -73.83 -3.29
C ARG A 437 -29.04 -73.13 -4.28
N ASN B 4 10.39 -15.47 2.94
CA ASN B 4 9.42 -14.43 2.60
C ASN B 4 8.04 -14.75 3.17
N ASN B 5 7.28 -13.71 3.49
CA ASN B 5 5.95 -13.88 4.04
C ASN B 5 4.90 -13.17 3.18
N ILE B 6 3.77 -13.87 3.02
CA ILE B 6 2.58 -13.31 2.41
C ILE B 6 1.67 -12.79 3.51
N THR B 7 1.03 -11.68 3.17
CA THR B 7 0.17 -10.88 4.06
C THR B 7 -0.41 -9.79 3.18
N PHE B 8 -1.53 -9.20 3.62
CA PHE B 8 -2.20 -8.20 2.81
C PHE B 8 -1.82 -6.84 3.34
N CYS B 9 -1.22 -6.00 2.50
CA CYS B 9 -0.77 -4.70 3.05
C CYS B 9 -1.09 -3.53 2.13
N VAL B 10 -1.90 -2.59 2.63
CA VAL B 10 -2.48 -1.55 1.78
C VAL B 10 -1.45 -0.55 1.27
N SER B 11 -1.91 0.40 0.44
CA SER B 11 -1.03 1.32 -0.27
C SER B 11 -0.14 2.12 0.66
N GLN B 12 -0.73 3.05 1.40
CA GLN B 12 0.00 3.83 2.37
C GLN B 12 0.67 2.91 3.39
N ASP B 13 0.03 1.79 3.70
CA ASP B 13 0.58 0.80 4.61
C ASP B 13 1.86 0.18 4.04
N LEU B 14 1.81 -0.15 2.75
CA LEU B 14 3.01 -0.60 2.05
C LEU B 14 3.97 0.58 1.87
N ASP B 15 5.26 0.30 1.85
CA ASP B 15 6.26 1.36 2.02
C ASP B 15 6.90 1.85 0.73
N VAL B 16 7.77 1.03 0.13
CA VAL B 16 8.67 1.50 -0.92
C VAL B 16 8.15 1.25 -2.34
N PRO B 17 8.99 1.59 -3.33
CA PRO B 17 8.81 1.56 -4.79
C PRO B 17 8.87 0.16 -5.39
N LEU B 18 8.22 -0.02 -6.53
CA LEU B 18 8.15 -1.31 -7.20
C LEU B 18 9.43 -1.67 -7.95
N LYS B 19 9.62 -2.96 -8.17
CA LYS B 19 10.71 -3.46 -9.00
C LYS B 19 10.23 -4.71 -9.73
N VAL B 20 10.78 -4.94 -10.92
CA VAL B 20 10.38 -6.09 -11.73
C VAL B 20 11.58 -6.84 -12.29
N LYS B 21 11.59 -8.15 -12.06
CA LYS B 21 12.58 -9.01 -12.67
C LYS B 21 11.97 -9.58 -13.96
N ILE B 22 12.74 -9.56 -15.04
CA ILE B 22 12.23 -10.08 -16.31
C ILE B 22 13.21 -11.09 -16.90
N LYS B 23 12.67 -12.18 -17.43
CA LYS B 23 13.50 -13.30 -17.87
C LYS B 23 13.30 -13.72 -19.33
N SER B 24 12.19 -14.40 -19.62
CA SER B 24 12.14 -15.17 -20.86
C SER B 24 11.17 -14.65 -21.91
N LEU B 25 11.17 -15.34 -23.05
CA LEU B 25 10.37 -14.95 -24.20
C LEU B 25 9.93 -16.18 -24.99
N GLU B 26 9.38 -15.95 -26.17
CA GLU B 26 9.00 -17.03 -27.08
C GLU B 26 9.55 -16.75 -28.46
N GLY B 27 10.45 -17.62 -28.93
CA GLY B 27 11.01 -17.49 -30.25
C GLY B 27 9.95 -17.74 -31.32
N HIS B 28 9.74 -16.76 -32.20
CA HIS B 28 8.85 -16.88 -33.35
C HIS B 28 9.41 -17.78 -34.44
N LYS B 29 10.74 -17.92 -34.46
CA LYS B 29 11.47 -18.76 -35.42
C LYS B 29 11.37 -18.29 -36.87
N PRO B 30 10.83 -17.09 -37.07
CA PRO B 30 10.63 -16.53 -38.42
C PRO B 30 11.92 -15.87 -38.91
N LEU B 31 12.84 -15.61 -37.98
CA LEU B 31 14.06 -14.89 -38.30
C LEU B 31 15.24 -15.52 -37.58
N LEU B 32 16.41 -14.88 -37.65
CA LEU B 32 17.44 -15.28 -36.68
C LEU B 32 16.84 -15.21 -35.28
N LYS B 33 17.26 -16.10 -34.39
CA LYS B 33 16.57 -16.32 -33.12
C LYS B 33 16.44 -15.07 -32.26
N PRO B 34 17.14 -14.01 -32.65
CA PRO B 34 17.08 -12.71 -31.97
C PRO B 34 15.92 -11.87 -32.52
N SER B 35 15.13 -12.48 -33.41
CA SER B 35 14.10 -11.79 -34.19
C SER B 35 14.76 -10.79 -35.13
N GLN B 36 15.88 -11.23 -35.69
CA GLN B 36 16.73 -10.37 -36.51
C GLN B 36 16.57 -10.55 -38.01
N LYS B 37 16.21 -9.45 -38.68
CA LYS B 37 16.32 -9.31 -40.14
C LYS B 37 15.31 -10.09 -40.99
N ILE B 38 14.51 -10.95 -40.36
CA ILE B 38 13.57 -11.80 -41.08
C ILE B 38 14.28 -12.67 -42.13
N LEU B 39 15.04 -13.65 -41.67
CA LEU B 39 15.85 -14.49 -42.54
C LEU B 39 15.05 -15.23 -43.61
N ASN B 40 15.66 -15.41 -44.78
CA ASN B 40 15.04 -16.07 -45.94
C ASN B 40 15.97 -16.19 -47.13
N PRO B 41 15.78 -17.24 -47.96
CA PRO B 41 16.46 -17.60 -49.21
C PRO B 41 16.23 -16.56 -50.30
N GLU B 42 15.26 -15.68 -50.06
CA GLU B 42 14.87 -14.63 -50.98
C GLU B 42 15.70 -13.38 -50.74
N LEU B 43 16.77 -13.55 -49.95
CA LEU B 43 17.52 -12.46 -49.36
C LEU B 43 18.06 -11.41 -50.33
N MET B 44 17.98 -11.68 -51.62
CA MET B 44 18.20 -10.64 -52.62
C MET B 44 17.25 -9.47 -52.33
N LEU B 45 16.03 -9.81 -51.93
CA LEU B 45 15.05 -8.83 -51.50
C LEU B 45 15.43 -8.22 -50.16
N ILE B 46 16.12 -9.00 -49.32
CA ILE B 46 16.56 -8.51 -48.02
C ILE B 46 17.64 -7.45 -48.22
N GLY B 47 18.38 -7.56 -49.32
CA GLY B 47 19.32 -6.54 -49.72
C GLY B 47 18.55 -5.42 -50.36
N SER B 48 17.46 -5.76 -51.03
CA SER B 48 16.58 -4.77 -51.66
C SER B 48 15.76 -4.02 -50.62
N ASN B 49 15.27 -4.75 -49.62
CA ASN B 49 14.50 -4.13 -48.53
C ASN B 49 15.41 -3.53 -47.47
N VAL B 50 16.71 -3.78 -47.61
CA VAL B 50 17.72 -3.31 -46.66
C VAL B 50 17.36 -3.75 -45.24
N PHE B 51 17.14 -5.05 -45.07
CA PHE B 51 16.71 -5.58 -43.79
C PHE B 51 17.88 -5.76 -42.83
N PRO B 52 17.91 -4.93 -41.78
CA PRO B 52 18.91 -4.89 -40.71
C PRO B 52 18.75 -6.03 -39.71
N SER B 53 19.85 -6.51 -39.15
CA SER B 53 19.79 -7.58 -38.17
C SER B 53 19.69 -7.01 -36.77
N SER B 54 18.52 -7.21 -36.15
CA SER B 54 18.18 -6.56 -34.89
C SER B 54 18.35 -7.45 -33.67
N ASP B 55 19.13 -7.00 -32.70
CA ASP B 55 19.25 -7.77 -31.45
C ASP B 55 18.30 -7.27 -30.38
N LEU B 56 17.29 -8.06 -30.06
CA LEU B 56 16.23 -7.63 -29.16
C LEU B 56 16.74 -7.22 -27.77
N ILE B 57 16.43 -5.99 -27.37
CA ILE B 57 16.62 -5.57 -25.99
C ILE B 57 15.26 -5.07 -25.49
N VAL B 58 15.21 -4.64 -24.23
CA VAL B 58 13.92 -4.30 -23.63
C VAL B 58 13.93 -2.94 -22.93
N SER B 59 12.73 -2.41 -22.71
CA SER B 59 12.55 -1.16 -21.98
C SER B 59 11.25 -1.20 -21.21
N LEU B 60 11.22 -0.57 -20.04
CA LEU B 60 10.02 -0.62 -19.20
C LEU B 60 9.60 0.75 -18.67
N GLN B 61 8.34 1.10 -18.88
CA GLN B 61 7.75 2.30 -18.31
C GLN B 61 6.25 2.11 -18.13
N VAL B 62 5.67 2.73 -17.10
CA VAL B 62 4.26 2.46 -16.79
C VAL B 62 3.29 3.53 -17.30
N PHE B 63 2.30 3.10 -18.08
CA PHE B 63 1.16 3.94 -18.45
C PHE B 63 0.36 4.28 -17.20
N ASP B 64 0.07 5.57 -17.02
CA ASP B 64 -0.50 6.04 -15.75
C ASP B 64 -2.02 5.98 -15.67
N LYS B 65 -2.52 5.18 -14.72
CA LYS B 65 -3.92 5.19 -14.27
C LYS B 65 -4.96 4.78 -15.32
N GLU B 66 -4.51 4.55 -16.55
CA GLU B 66 -5.36 4.52 -17.74
C GLU B 66 -6.02 5.88 -17.89
N ARG B 67 -5.39 6.90 -17.31
CA ARG B 67 -5.80 8.28 -17.48
C ARG B 67 -4.97 8.88 -18.60
N ASN B 68 -4.09 8.04 -19.15
CA ASN B 68 -3.23 8.41 -20.28
C ASN B 68 -2.27 9.55 -19.96
N ARG B 69 -1.98 9.75 -18.69
CA ARG B 69 -0.93 10.66 -18.29
C ARG B 69 0.38 9.89 -18.25
N ASN B 70 1.47 10.55 -17.89
CA ASN B 70 2.76 9.88 -17.79
C ASN B 70 3.36 10.04 -16.40
N LEU B 71 3.71 8.92 -15.77
CA LEU B 71 4.24 8.95 -14.42
C LEU B 71 5.60 8.26 -14.30
N THR B 72 5.63 6.95 -14.55
CA THR B 72 6.81 6.15 -14.24
C THR B 72 7.98 6.43 -15.18
N LEU B 73 9.10 5.76 -14.90
CA LEU B 73 10.36 5.98 -15.60
C LEU B 73 10.65 4.93 -16.66
N PRO B 74 11.00 5.39 -17.87
CA PRO B 74 11.54 4.41 -18.82
C PRO B 74 12.89 3.89 -18.36
N ILE B 75 13.15 2.59 -18.52
CA ILE B 75 14.42 2.02 -18.11
C ILE B 75 14.85 0.91 -19.06
N TYR B 76 16.14 0.80 -19.31
CA TYR B 76 16.64 -0.20 -20.26
C TYR B 76 17.95 -0.85 -19.81
N THR B 77 18.09 -2.15 -20.09
CA THR B 77 19.27 -2.91 -19.68
C THR B 77 20.23 -3.15 -20.83
N PRO B 78 21.32 -3.87 -20.55
CA PRO B 78 22.44 -4.26 -21.42
C PRO B 78 22.06 -5.32 -22.45
N TYR B 79 23.01 -5.71 -23.29
CA TYR B 79 22.72 -6.59 -24.42
C TYR B 79 23.52 -7.87 -24.43
N ILE B 80 22.81 -8.99 -24.37
CA ILE B 80 23.39 -10.30 -24.62
C ILE B 80 22.66 -10.88 -25.82
N PRO B 81 22.97 -12.12 -26.18
CA PRO B 81 22.25 -12.69 -27.32
C PRO B 81 20.75 -12.81 -27.07
N PHE B 82 19.97 -12.29 -28.00
CA PHE B 82 18.53 -12.52 -28.01
C PHE B 82 18.28 -13.76 -28.85
N ARG B 83 19.37 -14.28 -29.42
CA ARG B 83 19.38 -15.58 -30.09
C ARG B 83 19.65 -16.68 -29.08
N ASN B 84 20.07 -16.25 -27.88
CA ASN B 84 20.06 -17.10 -26.71
C ASN B 84 18.70 -16.92 -26.03
N SER B 85 17.85 -16.16 -26.71
CA SER B 85 16.51 -15.75 -26.26
C SER B 85 16.55 -14.87 -25.02
N ARG B 86 17.71 -14.24 -24.77
CA ARG B 86 17.89 -13.25 -23.73
C ARG B 86 17.26 -13.54 -22.36
N THR B 87 17.52 -14.73 -21.83
CA THR B 87 16.97 -15.08 -20.53
C THR B 87 17.72 -14.40 -19.41
N TRP B 88 17.06 -13.46 -18.76
CA TRP B 88 17.73 -12.56 -17.83
C TRP B 88 17.40 -12.91 -16.38
N ASP B 89 16.11 -12.80 -16.05
CA ASP B 89 15.63 -12.76 -14.68
C ASP B 89 16.22 -11.52 -14.02
N TYR B 90 16.46 -10.50 -14.84
CA TYR B 90 17.13 -9.29 -14.39
C TYR B 90 16.14 -8.33 -13.76
N TRP B 91 16.46 -7.91 -12.53
CA TRP B 91 15.63 -6.96 -11.80
C TRP B 91 15.89 -5.54 -12.30
N LEU B 92 14.86 -4.71 -12.20
CA LEU B 92 14.98 -3.29 -12.55
C LEU B 92 13.91 -2.53 -11.78
N THR B 93 14.07 -1.22 -11.61
CA THR B 93 13.11 -0.48 -10.81
C THR B 93 13.00 0.99 -11.18
N LEU B 94 12.09 1.68 -10.51
CA LEU B 94 11.92 3.12 -10.68
C LEU B 94 11.49 3.75 -9.36
N PRO B 95 11.41 5.08 -9.33
CA PRO B 95 11.17 5.83 -8.09
C PRO B 95 9.74 6.25 -7.80
N ILE B 96 8.82 5.29 -7.65
CA ILE B 96 7.47 5.59 -7.17
C ILE B 96 7.01 4.54 -6.17
N ARG B 97 6.74 4.96 -4.93
CA ARG B 97 6.45 4.01 -3.86
C ARG B 97 5.06 3.40 -4.02
N ILE B 98 4.72 2.44 -3.16
CA ILE B 98 3.40 1.80 -3.21
C ILE B 98 2.39 2.71 -2.52
N LYS B 99 2.86 3.34 -1.44
CA LYS B 99 2.12 4.43 -0.80
C LYS B 99 1.86 5.55 -1.80
N GLN B 100 2.85 5.84 -2.62
CA GLN B 100 2.68 6.85 -3.67
C GLN B 100 1.91 6.26 -4.85
N LEU B 101 2.04 4.95 -5.05
CA LEU B 101 1.43 4.32 -6.22
C LEU B 101 -0.08 4.38 -6.17
N THR B 102 -0.66 4.98 -7.20
CA THR B 102 -2.11 5.05 -7.31
C THR B 102 -2.62 3.69 -7.76
N PHE B 103 -3.64 3.20 -7.06
CA PHE B 103 -4.27 1.93 -7.41
C PHE B 103 -4.66 1.93 -8.88
N SER B 104 -4.97 3.12 -9.39
CA SER B 104 -5.06 3.31 -10.83
C SER B 104 -3.65 3.50 -11.38
N SER B 105 -3.24 2.56 -12.22
CA SER B 105 -1.91 2.54 -12.82
C SER B 105 -1.81 1.29 -13.68
N HIS B 106 -0.88 1.31 -14.63
CA HIS B 106 -0.70 0.17 -15.52
C HIS B 106 0.75 0.09 -15.98
N LEU B 107 1.28 -1.12 -16.12
CA LEU B 107 2.63 -1.29 -16.64
C LEU B 107 2.64 -1.17 -18.17
N ARG B 108 3.79 -0.82 -18.74
CA ARG B 108 3.98 -0.89 -20.18
C ARG B 108 5.45 -1.18 -20.51
N ILE B 109 5.68 -1.78 -21.67
CA ILE B 109 7.02 -2.19 -22.05
C ILE B 109 7.23 -2.04 -23.54
N ILE B 110 8.44 -1.67 -23.92
CA ILE B 110 8.78 -1.55 -25.33
C ILE B 110 10.09 -2.28 -25.59
N LEU B 111 10.05 -3.30 -26.44
CA LEU B 111 11.25 -4.05 -26.72
C LEU B 111 11.98 -3.41 -27.89
N TRP B 112 13.10 -2.78 -27.57
CA TRP B 112 13.91 -2.09 -28.56
C TRP B 112 15.10 -2.95 -28.94
N GLU B 113 15.11 -3.44 -30.17
CA GLU B 113 16.21 -4.29 -30.60
C GLU B 113 17.37 -3.42 -31.07
N TYR B 114 18.40 -4.03 -31.65
CA TYR B 114 19.49 -3.28 -32.28
C TYR B 114 19.83 -3.71 -33.70
N ASN B 115 19.29 -3.00 -34.68
CA ASN B 115 19.20 -3.52 -36.04
C ASN B 115 20.26 -3.17 -37.09
N GLY B 116 20.40 -1.89 -37.39
CA GLY B 116 21.18 -1.46 -38.55
C GLY B 116 21.53 0.02 -38.49
N SER B 117 21.92 0.58 -39.63
CA SER B 117 22.30 2.00 -39.67
C SER B 117 21.13 2.89 -39.24
N LYS B 118 21.37 3.67 -38.18
CA LYS B 118 20.33 4.46 -37.51
C LYS B 118 19.12 3.59 -37.21
N GLN B 119 19.36 2.30 -37.01
CA GLN B 119 18.27 1.35 -36.91
C GLN B 119 18.39 0.36 -35.77
N ILE B 120 17.26 0.18 -35.11
CA ILE B 120 17.13 -0.62 -33.91
C ILE B 120 15.64 -0.82 -33.74
N PRO B 121 15.20 -2.03 -33.39
CA PRO B 121 13.76 -2.14 -33.62
C PRO B 121 12.92 -1.59 -32.48
N PHE B 122 11.61 -1.75 -32.59
CA PHE B 122 10.69 -1.29 -31.56
C PHE B 122 9.47 -2.20 -31.58
N PHE B 123 9.10 -2.71 -30.42
CA PHE B 123 7.87 -3.47 -30.26
C PHE B 123 7.16 -2.95 -29.00
N ASN B 124 5.84 -3.08 -28.95
CA ASN B 124 5.08 -2.46 -27.86
C ASN B 124 4.11 -3.39 -27.14
N LEU B 125 3.98 -3.17 -25.83
CA LEU B 125 3.07 -3.95 -24.99
C LEU B 125 2.67 -3.19 -23.74
N GLU B 126 1.57 -3.61 -23.10
CA GLU B 126 1.10 -2.99 -21.87
C GLU B 126 0.30 -3.99 -21.02
N THR B 127 0.16 -3.70 -19.74
CA THR B 127 -0.56 -4.58 -18.82
C THR B 127 -1.00 -3.84 -17.56
N SER B 128 -1.59 -4.56 -16.61
CA SER B 128 -2.09 -3.94 -15.38
C SER B 128 -1.15 -4.19 -14.19
N ILE B 129 -1.06 -3.22 -13.30
CA ILE B 129 -0.17 -3.32 -12.15
C ILE B 129 -0.74 -4.24 -11.08
N PHE B 130 -1.81 -3.82 -10.40
CA PHE B 130 -2.35 -4.62 -9.32
C PHE B 130 -3.50 -5.51 -9.79
N ASN B 131 -3.99 -6.34 -8.88
CA ASN B 131 -5.17 -7.18 -9.13
C ASN B 131 -6.45 -6.37 -9.05
N LEU B 132 -7.53 -6.93 -9.60
CA LEU B 132 -8.85 -6.44 -9.29
C LEU B 132 -9.15 -6.72 -7.81
N LYS B 133 -8.38 -7.63 -7.22
CA LYS B 133 -8.42 -7.92 -5.79
C LYS B 133 -7.40 -7.05 -5.05
N ASP B 134 -6.77 -6.13 -5.80
CA ASP B 134 -5.88 -5.10 -5.29
C ASP B 134 -4.46 -5.59 -4.99
N CYS B 135 -4.26 -6.91 -5.02
CA CYS B 135 -2.92 -7.45 -4.88
C CYS B 135 -2.03 -7.21 -6.09
N THR B 136 -0.87 -6.58 -5.91
CA THR B 136 -0.11 -6.19 -7.10
C THR B 136 0.54 -7.30 -7.88
N LEU B 137 -0.07 -7.61 -9.04
CA LEU B 137 0.20 -8.83 -9.79
C LEU B 137 0.18 -10.04 -8.86
N LYS B 138 -0.67 -9.96 -7.84
CA LYS B 138 -0.71 -10.91 -6.74
C LYS B 138 0.65 -11.00 -6.06
N ARG B 139 1.46 -9.94 -6.23
CA ARG B 139 2.87 -9.96 -5.82
C ARG B 139 3.52 -11.26 -6.27
N GLY B 140 3.30 -11.64 -7.53
CA GLY B 140 3.62 -12.97 -7.98
C GLY B 140 4.08 -13.12 -9.41
N PHE B 141 4.59 -14.31 -9.72
CA PHE B 141 5.12 -14.64 -11.04
C PHE B 141 4.04 -14.65 -12.12
N GLU B 142 4.43 -14.35 -13.36
CA GLU B 142 3.46 -14.33 -14.45
C GLU B 142 4.07 -14.59 -15.83
N SER B 143 3.21 -14.60 -16.84
CA SER B 143 3.63 -14.72 -18.23
C SER B 143 2.64 -13.95 -19.10
N LEU B 144 3.14 -13.35 -20.18
CA LEU B 144 2.33 -12.42 -20.96
C LEU B 144 2.41 -12.66 -22.46
N LYS B 145 1.46 -12.06 -23.19
CA LYS B 145 1.44 -12.10 -24.65
C LYS B 145 0.99 -10.77 -25.22
N PHE B 146 1.60 -10.34 -26.32
CA PHE B 146 1.25 -9.05 -26.89
C PHE B 146 1.43 -8.96 -28.40
N ARG B 147 0.51 -8.23 -29.03
CA ARG B 147 0.53 -7.96 -30.46
C ARG B 147 0.70 -6.45 -30.68
N TYR B 148 0.61 -6.02 -31.93
CA TYR B 148 0.78 -4.60 -32.28
C TYR B 148 -0.05 -3.68 -31.40
N ASP B 149 -1.32 -4.03 -31.20
CA ASP B 149 -2.19 -3.32 -30.27
C ASP B 149 -3.33 -4.22 -29.83
N VAL B 150 -3.94 -3.87 -28.70
CA VAL B 150 -5.10 -4.59 -28.16
C VAL B 150 -4.85 -6.08 -27.92
N ILE B 151 -3.78 -6.40 -27.21
CA ILE B 151 -3.49 -7.80 -26.87
C ILE B 151 -3.05 -7.92 -25.41
N ASP B 152 -3.12 -9.14 -24.88
CA ASP B 152 -2.90 -9.32 -23.45
C ASP B 152 -2.45 -10.72 -23.04
N HIS B 153 -2.44 -10.95 -21.74
CA HIS B 153 -1.90 -12.17 -21.15
C HIS B 153 -3.00 -13.07 -20.62
N CYS B 154 -2.75 -14.38 -20.64
CA CYS B 154 -3.68 -15.35 -20.07
C CYS B 154 -2.96 -16.30 -19.12
N GLU B 155 -3.72 -17.20 -18.48
CA GLU B 155 -3.11 -18.20 -17.63
C GLU B 155 -3.62 -19.61 -17.92
N VAL B 156 -2.75 -20.44 -18.48
CA VAL B 156 -3.00 -21.88 -18.58
C VAL B 156 -1.78 -22.63 -18.09
N VAL B 157 -0.73 -22.59 -18.91
CA VAL B 157 0.58 -23.05 -18.49
C VAL B 157 1.18 -21.96 -17.61
N THR B 158 0.73 -20.73 -17.86
CA THR B 158 1.04 -19.61 -16.98
C THR B 158 0.21 -19.70 -15.70
N ASP B 159 -0.88 -20.47 -15.77
CA ASP B 159 -1.67 -20.77 -14.58
C ASP B 159 -0.97 -21.84 -13.76
N ASN B 160 -0.34 -22.79 -14.46
CA ASN B 160 0.55 -23.75 -13.78
C ASN B 160 1.73 -23.04 -13.13
N LYS B 161 2.33 -22.09 -13.86
CA LYS B 161 3.41 -21.26 -13.32
C LYS B 161 2.91 -20.43 -12.16
N ASP B 162 1.62 -20.07 -12.21
CA ASP B 162 1.00 -19.32 -11.13
C ASP B 162 0.79 -20.20 -9.90
N GLN B 163 0.66 -21.51 -10.14
CA GLN B 163 0.61 -22.48 -9.05
C GLN B 163 2.01 -22.64 -8.46
N GLU B 164 3.01 -22.51 -9.32
CA GLU B 164 4.39 -22.47 -8.84
C GLU B 164 4.56 -21.22 -7.99
N ASN B 165 3.80 -20.18 -8.33
CA ASN B 165 3.81 -18.98 -7.50
C ASN B 165 2.96 -19.16 -6.25
N LEU B 166 2.11 -20.18 -6.26
CA LEU B 166 1.35 -20.54 -5.08
C LEU B 166 2.26 -21.32 -4.14
N ASN B 167 3.32 -21.89 -4.71
CA ASN B 167 4.39 -22.44 -3.87
C ASN B 167 5.16 -21.31 -3.20
N LYS B 168 5.26 -20.18 -3.89
CA LYS B 168 5.84 -18.98 -3.32
C LYS B 168 4.82 -18.23 -2.47
N TYR B 169 3.54 -18.46 -2.74
CA TYR B 169 2.44 -17.77 -2.04
C TYR B 169 2.08 -18.47 -0.73
N PHE B 170 2.86 -19.50 -0.39
CA PHE B 170 2.77 -20.18 0.90
C PHE B 170 1.45 -20.89 1.18
N GLN B 171 1.02 -21.74 0.25
CA GLN B 171 0.00 -22.72 0.57
C GLN B 171 0.62 -23.70 1.55
N GLY B 172 -0.22 -24.41 2.31
CA GLY B 172 0.25 -25.27 3.38
C GLY B 172 1.34 -26.21 2.92
N GLU B 173 2.48 -26.17 3.61
CA GLU B 173 3.69 -26.80 3.10
C GLU B 173 4.47 -27.56 4.18
N PHE B 174 5.29 -28.50 3.73
CA PHE B 174 6.09 -29.34 4.62
C PHE B 174 7.52 -29.52 4.11
N THR B 175 8.39 -30.09 4.93
CA THR B 175 9.82 -30.21 4.62
C THR B 175 10.15 -31.23 3.52
N ARG B 176 9.47 -32.37 3.50
CA ARG B 176 9.68 -33.35 2.44
C ARG B 176 9.13 -32.81 1.13
N LEU B 177 8.06 -32.02 1.25
CA LEU B 177 7.45 -31.31 0.14
C LEU B 177 8.43 -30.34 -0.52
N PRO B 178 9.33 -29.75 0.28
CA PRO B 178 10.44 -28.86 -0.11
C PRO B 178 11.55 -29.59 -0.88
N TRP B 179 11.87 -30.80 -0.45
CA TRP B 179 12.85 -31.63 -1.15
C TRP B 179 12.25 -32.04 -2.49
N LEU B 180 10.97 -32.35 -2.47
CA LEU B 180 10.27 -32.69 -3.70
C LEU B 180 9.93 -31.40 -4.43
N ASP B 181 10.24 -30.27 -3.81
CA ASP B 181 10.15 -28.99 -4.50
C ASP B 181 11.50 -28.72 -5.15
N GLU B 182 12.52 -29.46 -4.74
CA GLU B 182 13.76 -29.48 -5.51
C GLU B 182 13.52 -30.41 -6.68
N ILE B 183 12.79 -31.47 -6.42
CA ILE B 183 12.32 -32.34 -7.49
C ILE B 183 11.33 -31.57 -8.36
N THR B 184 10.77 -30.50 -7.81
CA THR B 184 9.91 -29.61 -8.59
C THR B 184 10.73 -28.49 -9.21
N ILE B 185 12.01 -28.41 -8.84
CA ILE B 185 12.94 -27.62 -9.63
C ILE B 185 13.27 -28.45 -10.86
N SER B 186 13.29 -29.77 -10.68
CA SER B 186 13.44 -30.68 -11.80
C SER B 186 12.17 -30.66 -12.67
N LYS B 187 11.03 -30.45 -12.02
CA LYS B 187 9.76 -30.39 -12.73
C LYS B 187 9.60 -29.07 -13.50
N LEU B 188 9.99 -27.96 -12.87
CA LEU B 188 9.98 -26.67 -13.55
C LEU B 188 11.03 -26.67 -14.64
N ARG B 189 12.07 -27.48 -14.47
CA ARG B 189 13.05 -27.70 -15.53
C ARG B 189 12.39 -28.46 -16.68
N LYS B 190 11.50 -29.39 -16.33
CA LYS B 190 10.78 -30.16 -17.34
C LYS B 190 9.73 -29.31 -18.05
N GLN B 191 9.34 -28.21 -17.41
CA GLN B 191 8.33 -27.32 -17.97
C GLN B 191 8.80 -26.58 -19.23
N ARG B 192 10.07 -26.73 -19.57
CA ARG B 192 10.66 -26.05 -20.72
C ARG B 192 10.14 -26.59 -22.06
N GLU B 193 9.35 -27.66 -21.99
CA GLU B 193 8.87 -28.36 -23.19
C GLU B 193 7.89 -27.57 -24.05
N ASN B 194 7.48 -26.39 -23.58
CA ASN B 194 6.43 -25.59 -24.23
C ASN B 194 6.67 -25.26 -25.70
N ARG B 195 5.60 -25.27 -26.50
CA ARG B 195 5.68 -24.97 -27.92
C ARG B 195 4.46 -24.21 -28.44
N THR B 196 4.73 -23.18 -29.23
CA THR B 196 3.69 -22.48 -30.00
C THR B 196 4.33 -21.70 -31.15
N TRP B 197 3.58 -21.50 -32.22
CA TRP B 197 4.10 -20.75 -33.37
C TRP B 197 3.10 -19.74 -33.91
N PRO B 198 2.80 -18.70 -33.10
CA PRO B 198 1.94 -17.60 -33.54
C PRO B 198 2.72 -16.57 -34.34
N GLN B 199 2.06 -15.49 -34.74
CA GLN B 199 2.69 -14.44 -35.53
C GLN B 199 2.02 -13.09 -35.26
N GLY B 200 2.77 -12.01 -35.44
CA GLY B 200 2.27 -10.67 -35.17
C GLY B 200 2.07 -10.44 -33.68
N THR B 201 2.44 -11.43 -32.89
CA THR B 201 2.31 -11.40 -31.45
C THR B 201 3.37 -12.30 -30.82
N PHE B 202 3.67 -12.07 -29.55
CA PHE B 202 4.72 -12.84 -28.91
C PHE B 202 4.43 -13.06 -27.43
N VAL B 203 5.13 -14.03 -26.85
CA VAL B 203 4.99 -14.32 -25.43
C VAL B 203 6.29 -14.04 -24.67
N LEU B 204 6.16 -13.73 -23.38
CA LEU B 204 7.31 -13.51 -22.51
C LEU B 204 7.03 -14.05 -21.11
N ASN B 205 8.01 -14.74 -20.52
CA ASN B 205 7.86 -15.22 -19.15
C ASN B 205 8.46 -14.26 -18.15
N LEU B 206 7.61 -13.63 -17.33
CA LEU B 206 8.10 -12.63 -16.39
C LEU B 206 7.58 -12.84 -14.98
N GLU B 207 8.50 -13.13 -14.07
CA GLU B 207 8.15 -13.40 -12.68
C GLU B 207 8.43 -12.16 -11.84
N PHE B 208 7.43 -11.74 -11.07
CA PHE B 208 7.62 -10.68 -10.09
C PHE B 208 6.94 -11.19 -8.84
N PRO B 209 7.43 -12.33 -8.32
CA PRO B 209 6.92 -12.78 -7.03
C PRO B 209 7.52 -11.95 -5.91
N MET B 210 6.68 -11.44 -5.02
CA MET B 210 7.17 -10.76 -3.84
C MET B 210 6.94 -11.67 -2.65
N LEU B 211 7.34 -11.21 -1.48
CA LEU B 211 6.96 -11.85 -0.22
C LEU B 211 5.44 -11.88 -0.06
N GLU B 212 4.85 -10.71 0.06
CA GLU B 212 3.45 -10.57 0.48
C GLU B 212 2.52 -9.93 -0.53
N LEU B 213 1.24 -10.27 -0.43
CA LEU B 213 0.21 -9.68 -1.26
C LEU B 213 -0.01 -8.20 -0.94
N PRO B 214 0.22 -7.35 -1.94
CA PRO B 214 -0.10 -5.96 -1.64
C PRO B 214 -1.60 -5.75 -1.52
N VAL B 215 -1.98 -4.54 -1.12
CA VAL B 215 -3.33 -4.03 -1.23
C VAL B 215 -3.07 -2.57 -1.54
N VAL B 216 -4.07 -1.86 -2.02
CA VAL B 216 -3.85 -0.45 -2.36
C VAL B 216 -5.08 0.40 -2.13
N PHE B 217 -4.84 1.66 -1.80
CA PHE B 217 -5.90 2.62 -1.57
C PHE B 217 -5.35 4.01 -1.84
N ILE B 218 -6.12 5.03 -1.49
CA ILE B 218 -5.64 6.39 -1.60
C ILE B 218 -4.77 6.70 -0.37
N GLU B 219 -4.15 7.88 -0.39
CA GLU B 219 -3.42 8.37 0.76
C GLU B 219 -4.39 8.99 1.75
N ARG B 220 -4.01 9.04 3.02
CA ARG B 220 -4.82 9.72 4.02
C ARG B 220 -4.67 11.22 3.90
N GLU B 221 -5.33 11.95 4.79
CA GLU B 221 -5.24 13.40 4.80
C GLU B 221 -5.59 13.94 6.18
N ILE B 222 -5.51 15.25 6.32
CA ILE B 222 -5.82 15.90 7.59
C ILE B 222 -6.75 17.10 7.38
N MET B 223 -7.94 17.03 7.96
CA MET B 223 -8.79 18.19 8.09
C MET B 223 -8.50 18.82 9.44
N ASN B 224 -8.36 20.14 9.46
CA ASN B 224 -7.99 20.83 10.70
C ASN B 224 -8.34 22.31 10.63
N THR B 225 -7.87 23.06 11.62
CA THR B 225 -8.08 24.50 11.62
C THR B 225 -6.92 25.21 10.94
N ASN B 274 -17.39 22.08 5.22
CA ASN B 274 -18.26 22.95 4.43
C ASN B 274 -17.91 24.42 4.63
N ASP B 275 -16.61 24.72 4.64
CA ASP B 275 -16.14 26.07 4.96
C ASP B 275 -14.92 26.51 4.15
N PRO B 276 -14.75 27.84 4.03
CA PRO B 276 -13.55 28.58 3.62
C PRO B 276 -12.54 28.62 4.77
N ILE B 277 -11.29 28.99 4.47
CA ILE B 277 -10.26 28.99 5.51
C ILE B 277 -9.33 30.20 5.45
N GLU B 278 -8.37 30.24 6.36
CA GLU B 278 -7.49 31.39 6.50
C GLU B 278 -6.40 31.41 5.43
N GLU B 279 -5.74 30.27 5.20
CA GLU B 279 -4.58 30.21 4.32
C GLU B 279 -4.94 30.43 2.85
N LYS B 280 -6.20 30.20 2.50
CA LYS B 280 -6.66 30.42 1.13
C LYS B 280 -6.70 31.90 0.83
N TYR B 281 -7.27 32.66 1.77
CA TYR B 281 -7.31 34.11 1.66
C TYR B 281 -5.90 34.66 1.55
N ARG B 282 -4.99 34.06 2.32
CA ARG B 282 -3.58 34.39 2.23
C ARG B 282 -3.07 34.14 0.82
N ARG B 283 -3.47 33.01 0.23
CA ARG B 283 -3.05 32.67 -1.13
C ARG B 283 -3.49 33.72 -2.14
N LEU B 284 -4.78 34.04 -2.16
CA LEU B 284 -5.30 35.02 -3.11
C LEU B 284 -4.69 36.41 -2.89
N GLU B 285 -4.72 36.86 -1.64
CA GLU B 285 -4.19 38.17 -1.27
C GLU B 285 -2.72 38.29 -1.67
N ARG B 286 -1.97 37.22 -1.47
CA ARG B 286 -0.56 37.20 -1.81
C ARG B 286 -0.38 37.13 -3.32
N ALA B 287 -1.38 36.59 -4.01
CA ALA B 287 -1.36 36.54 -5.47
C ALA B 287 -1.59 37.93 -6.05
N SER B 288 -2.27 38.79 -5.30
CA SER B 288 -2.54 40.14 -5.75
C SER B 288 -1.44 41.14 -5.35
N LYS B 289 -0.36 40.61 -4.77
CA LYS B 289 0.69 41.41 -4.15
C LYS B 289 1.87 41.75 -5.07
N ASN B 290 1.63 41.73 -6.38
CA ASN B 290 2.69 41.81 -7.39
C ASN B 290 3.58 43.04 -7.25
N ALA B 291 3.01 44.23 -7.45
CA ALA B 291 3.76 45.49 -7.36
C ALA B 291 4.98 45.57 -8.29
N ASN B 292 4.73 45.43 -9.59
CA ASN B 292 5.81 45.21 -10.55
C ASN B 292 6.72 46.39 -10.91
N LEU B 293 6.21 47.35 -11.66
CA LEU B 293 7.02 48.49 -12.07
C LEU B 293 7.46 49.25 -10.82
N ASP B 294 8.77 49.37 -10.65
CA ASP B 294 9.33 49.76 -9.36
C ASP B 294 9.31 51.26 -9.13
N LYS B 295 8.96 52.03 -10.16
CA LYS B 295 8.88 53.48 -10.01
C LYS B 295 7.86 53.85 -8.95
N GLN B 296 8.30 54.65 -7.98
CA GLN B 296 7.44 55.02 -6.86
C GLN B 296 7.04 56.49 -6.95
N VAL B 297 5.76 56.73 -7.25
CA VAL B 297 5.26 58.08 -7.39
C VAL B 297 5.12 58.76 -6.03
N LYS B 298 5.06 60.09 -6.05
CA LYS B 298 4.85 60.85 -4.82
C LYS B 298 3.67 61.80 -4.98
N PRO B 299 2.48 61.25 -5.26
CA PRO B 299 1.21 61.95 -5.45
C PRO B 299 0.56 62.36 -4.13
N ASP B 300 -0.31 63.36 -4.18
CA ASP B 300 -1.01 63.83 -3.00
C ASP B 300 -2.42 64.30 -3.35
N ILE B 301 -3.38 64.05 -2.46
CA ILE B 301 -4.76 64.43 -2.68
C ILE B 301 -5.53 64.46 -1.36
N LYS B 302 -6.78 64.89 -1.44
CA LYS B 302 -7.65 64.95 -0.25
C LYS B 302 -7.86 63.62 0.45
N LYS B 303 -7.56 62.53 -0.25
CA LYS B 303 -7.70 61.19 0.31
C LYS B 303 -6.59 60.89 1.31
N ARG B 304 -5.57 61.74 1.33
CA ARG B 304 -4.44 61.58 2.24
C ARG B 304 -4.89 61.73 3.69
N ASP B 305 -5.87 62.59 3.92
CA ASP B 305 -6.42 62.78 5.26
C ASP B 305 -7.17 61.54 5.72
N TYR B 306 -7.97 60.98 4.81
CA TYR B 306 -8.74 59.78 5.12
C TYR B 306 -7.81 58.60 5.37
N LEU B 307 -6.75 58.50 4.58
CA LEU B 307 -5.76 57.44 4.75
C LEU B 307 -5.05 57.62 6.09
N ASN B 308 -4.73 58.87 6.43
CA ASN B 308 -4.11 59.17 7.71
C ASN B 308 -5.01 58.76 8.86
N LYS B 309 -6.31 58.95 8.67
CA LYS B 309 -7.30 58.53 9.66
C LYS B 309 -7.34 57.01 9.74
N ILE B 310 -7.11 56.37 8.60
CA ILE B 310 -7.10 54.91 8.54
C ILE B 310 -5.86 54.36 9.25
N ILE B 311 -4.80 55.16 9.29
CA ILE B 311 -3.56 54.76 9.95
C ILE B 311 -3.61 55.13 11.44
N ASN B 312 -4.65 55.84 11.82
CA ASN B 312 -4.81 56.29 13.20
C ASN B 312 -5.49 55.24 14.08
N TYR B 313 -5.82 54.10 13.49
CA TYR B 313 -6.48 53.02 14.22
C TYR B 313 -5.58 52.41 15.28
N PRO B 314 -6.17 51.72 16.26
CA PRO B 314 -5.47 51.08 17.37
C PRO B 314 -4.42 50.08 16.91
N PRO B 315 -3.33 49.94 17.68
CA PRO B 315 -2.19 49.08 17.36
C PRO B 315 -2.55 47.60 17.26
N GLY B 316 -3.40 47.12 18.16
CA GLY B 316 -3.74 45.71 18.22
C GLY B 316 -4.71 45.26 17.14
N THR B 317 -5.22 46.21 16.36
CA THR B 317 -6.19 45.92 15.32
C THR B 317 -5.57 45.15 14.15
N LYS B 318 -6.38 44.35 13.48
CA LYS B 318 -5.94 43.62 12.30
C LYS B 318 -6.51 44.26 11.03
N LEU B 319 -5.62 44.85 10.24
CA LEU B 319 -6.05 45.59 9.04
C LEU B 319 -6.51 44.66 7.93
N THR B 320 -7.30 45.20 7.01
CA THR B 320 -7.81 44.45 5.87
C THR B 320 -6.80 44.42 4.72
N ALA B 321 -7.24 43.95 3.57
CA ALA B 321 -6.38 43.84 2.41
C ALA B 321 -6.15 45.20 1.75
N HIS B 322 -7.22 45.79 1.25
CA HIS B 322 -7.15 47.07 0.55
C HIS B 322 -6.52 48.17 1.40
N GLU B 323 -6.76 48.11 2.71
CA GLU B 323 -6.20 49.07 3.64
C GLU B 323 -4.69 48.89 3.76
N LYS B 324 -4.25 47.64 3.74
CA LYS B 324 -2.82 47.33 3.84
C LYS B 324 -2.08 47.80 2.60
N GLY B 325 -2.70 47.66 1.43
CA GLY B 325 -2.11 48.13 0.19
C GLY B 325 -2.11 49.64 0.12
N SER B 326 -3.19 50.25 0.59
CA SER B 326 -3.30 51.70 0.65
C SER B 326 -2.23 52.27 1.57
N ILE B 327 -1.89 51.50 2.61
CA ILE B 327 -0.82 51.89 3.52
C ILE B 327 0.55 51.56 2.92
N TRP B 328 0.56 50.65 1.94
CA TRP B 328 1.79 50.28 1.27
C TRP B 328 2.19 51.34 0.25
N LYS B 329 1.19 51.99 -0.34
CA LYS B 329 1.44 53.09 -1.27
C LYS B 329 1.51 54.42 -0.53
N TYR B 330 1.32 54.36 0.78
CA TYR B 330 1.32 55.54 1.63
C TYR B 330 2.70 55.80 2.24
N ARG B 331 3.70 55.04 1.81
CA ARG B 331 5.04 55.03 2.40
C ARG B 331 5.61 56.43 2.63
N TYR B 332 5.36 57.34 1.68
CA TYR B 332 5.78 58.73 1.83
C TYR B 332 5.19 59.35 3.10
N TYR B 333 3.86 59.46 3.13
CA TYR B 333 3.16 60.02 4.28
C TYR B 333 3.36 59.15 5.52
N LEU B 334 3.57 57.85 5.31
CA LEU B 334 3.83 56.93 6.41
C LEU B 334 5.15 57.27 7.08
N MET B 335 6.11 57.72 6.28
CA MET B 335 7.38 58.18 6.82
C MET B 335 7.23 59.56 7.42
N ASN B 336 6.33 60.36 6.83
CA ASN B 336 6.06 61.70 7.32
C ASN B 336 5.48 61.71 8.74
N ASN B 337 4.38 60.99 8.93
CA ASN B 337 3.73 60.91 10.24
C ASN B 337 4.42 59.89 11.15
N LYS B 338 4.73 60.31 12.36
CA LYS B 338 5.41 59.44 13.33
C LYS B 338 4.47 58.39 13.91
N LYS B 339 3.17 58.67 13.83
CA LYS B 339 2.18 57.74 14.35
C LYS B 339 1.78 56.72 13.29
N ALA B 340 2.25 56.94 12.06
CA ALA B 340 1.93 56.05 10.95
C ALA B 340 3.00 54.99 10.74
N LEU B 341 3.99 54.96 11.64
CA LEU B 341 5.12 54.06 11.51
C LEU B 341 4.75 52.62 11.85
N THR B 342 4.39 52.37 13.11
CA THR B 342 4.07 51.04 13.58
C THR B 342 2.91 50.41 12.80
N LYS B 343 1.92 51.23 12.47
CA LYS B 343 0.76 50.76 11.71
C LYS B 343 1.18 50.25 10.34
N LEU B 344 2.07 51.00 9.68
CA LEU B 344 2.58 50.59 8.38
C LEU B 344 3.48 49.37 8.52
N LEU B 345 4.11 49.24 9.68
CA LEU B 345 4.98 48.10 9.96
C LEU B 345 4.16 46.82 10.09
N GLN B 346 2.97 46.95 10.67
CA GLN B 346 2.07 45.82 10.81
C GLN B 346 1.22 45.63 9.56
N SER B 347 1.27 46.62 8.67
CA SER B 347 0.49 46.58 7.44
C SER B 347 1.13 45.67 6.40
N THR B 348 2.36 45.22 6.67
CA THR B 348 3.08 44.33 5.77
C THR B 348 3.68 43.15 6.52
N ASN B 349 3.80 42.02 5.82
CA ASN B 349 4.36 40.81 6.40
C ASN B 349 5.74 40.51 5.84
N LEU B 350 6.72 40.39 6.73
CA LEU B 350 8.09 40.14 6.31
C LEU B 350 8.46 38.67 6.43
N ARG B 351 8.67 38.03 5.28
CA ARG B 351 9.10 36.64 5.23
C ARG B 351 10.34 36.51 4.36
N GLU B 352 10.18 36.79 3.07
CA GLU B 352 11.29 36.80 2.13
C GLU B 352 12.15 38.04 2.35
N GLU B 353 13.40 37.99 1.91
CA GLU B 353 14.33 39.09 2.09
C GLU B 353 14.00 40.27 1.18
N SER B 354 13.10 40.05 0.22
CA SER B 354 12.72 41.09 -0.73
C SER B 354 12.00 42.25 -0.04
N GLU B 355 10.95 41.93 0.70
CA GLU B 355 10.19 42.94 1.43
C GLU B 355 11.02 43.47 2.61
N ARG B 356 11.73 42.56 3.26
CA ARG B 356 12.56 42.90 4.41
C ARG B 356 13.66 43.90 4.03
N VAL B 357 14.09 43.84 2.78
CA VAL B 357 15.08 44.78 2.26
C VAL B 357 14.60 46.23 2.41
N GLU B 358 13.56 46.58 1.68
CA GLU B 358 13.00 47.92 1.71
C GLU B 358 12.47 48.29 3.09
N VAL B 359 11.89 47.31 3.78
CA VAL B 359 11.40 47.51 5.14
C VAL B 359 12.50 47.98 6.07
N LEU B 360 13.51 47.14 6.28
CA LEU B 360 14.62 47.47 7.16
C LEU B 360 15.39 48.69 6.68
N GLU B 361 15.38 48.92 5.38
CA GLU B 361 16.04 50.10 4.81
C GLU B 361 15.30 51.37 5.21
N LEU B 362 13.97 51.27 5.30
CA LEU B 362 13.15 52.41 5.69
C LEU B 362 13.01 52.49 7.20
N MET B 363 13.53 51.47 7.89
CA MET B 363 13.44 51.40 9.35
C MET B 363 14.21 52.56 9.99
N ASP B 364 15.45 52.76 9.54
CA ASP B 364 16.27 53.85 10.05
C ASP B 364 16.02 55.14 9.27
N SER B 365 15.34 55.02 8.14
CA SER B 365 15.07 56.17 7.28
C SER B 365 13.89 57.00 7.80
N TRP B 366 12.85 56.31 8.27
CA TRP B 366 11.64 56.97 8.74
C TRP B 366 11.89 57.77 10.01
N ALA B 367 11.01 58.73 10.27
CA ALA B 367 11.12 59.58 11.45
C ALA B 367 10.97 58.76 12.72
N GLU B 368 11.69 59.14 13.77
CA GLU B 368 11.64 58.45 15.04
C GLU B 368 10.24 58.49 15.64
N ILE B 369 9.70 57.31 15.94
CA ILE B 369 8.34 57.19 16.46
C ILE B 369 8.27 57.62 17.93
N ASP B 370 7.07 57.96 18.37
CA ASP B 370 6.84 58.28 19.77
C ASP B 370 7.07 57.05 20.63
N ILE B 371 7.71 57.24 21.78
CA ILE B 371 8.03 56.12 22.67
C ILE B 371 6.78 55.44 23.20
N ASP B 372 5.66 56.17 23.23
CA ASP B 372 4.38 55.61 23.65
C ASP B 372 3.87 54.63 22.59
N ASP B 373 4.07 54.99 21.32
CA ASP B 373 3.65 54.13 20.22
C ASP B 373 4.69 53.06 19.95
N ALA B 374 5.86 53.19 20.57
CA ALA B 374 6.95 52.23 20.40
C ALA B 374 6.66 50.94 21.16
N LEU B 375 5.74 51.01 22.12
CA LEU B 375 5.37 49.84 22.90
C LEU B 375 4.48 48.90 22.10
N GLU B 376 3.99 49.40 20.96
CA GLU B 376 3.14 48.60 20.08
C GLU B 376 3.98 47.62 19.26
N LEU B 377 5.14 48.08 18.81
CA LEU B 377 6.03 47.26 18.00
C LEU B 377 7.07 46.55 18.85
N LEU B 378 6.99 46.76 20.17
CA LEU B 378 7.93 46.14 21.10
C LEU B 378 7.39 44.82 21.64
N GLY B 379 6.22 44.42 21.18
CA GLY B 379 5.60 43.18 21.63
C GLY B 379 6.16 41.96 20.93
N SER B 380 5.71 40.78 21.37
CA SER B 380 6.16 39.52 20.77
C SER B 380 5.48 39.27 19.43
N THR B 381 4.50 40.11 19.11
CA THR B 381 3.81 40.01 17.83
C THR B 381 4.78 40.24 16.67
N PHE B 382 5.74 41.13 16.90
CA PHE B 382 6.80 41.36 15.92
C PHE B 382 8.14 40.90 16.48
N LYS B 383 8.65 39.79 15.94
CA LYS B 383 9.89 39.20 16.42
C LYS B 383 11.09 39.63 15.58
N ASN B 384 10.85 40.51 14.62
CA ASN B 384 11.89 40.97 13.68
C ASN B 384 13.13 41.50 14.39
N LEU B 385 14.29 41.11 13.89
CA LEU B 385 15.56 41.51 14.47
C LEU B 385 15.79 43.00 14.36
N SER B 386 15.49 43.56 13.20
CA SER B 386 15.64 44.99 12.96
C SER B 386 14.66 45.79 13.82
N VAL B 387 13.49 45.20 14.06
CA VAL B 387 12.47 45.84 14.89
C VAL B 387 12.93 45.94 16.33
N ARG B 388 13.37 44.82 16.89
CA ARG B 388 13.88 44.79 18.26
C ARG B 388 15.11 45.67 18.41
N SER B 389 15.97 45.64 17.40
CA SER B 389 17.15 46.50 17.36
C SER B 389 16.77 47.98 17.45
N TYR B 390 16.05 48.46 16.44
CA TYR B 390 15.66 49.87 16.37
C TYR B 390 14.85 50.30 17.60
N ALA B 391 14.02 49.41 18.11
CA ALA B 391 13.23 49.70 19.31
C ALA B 391 14.15 49.86 20.52
N VAL B 392 15.17 49.01 20.60
CA VAL B 392 16.15 49.08 21.67
C VAL B 392 16.94 50.39 21.57
N ASN B 393 17.18 50.83 20.34
CA ASN B 393 17.84 52.10 20.10
C ASN B 393 16.97 53.27 20.51
N ARG B 394 15.67 53.09 20.36
CA ARG B 394 14.70 54.10 20.79
C ARG B 394 14.47 54.02 22.30
N LEU B 395 14.63 52.82 22.85
CA LEU B 395 14.46 52.59 24.28
C LEU B 395 15.78 52.74 25.01
N LYS B 396 16.83 53.10 24.28
CA LYS B 396 18.15 53.29 24.86
C LYS B 396 18.13 54.33 25.97
N LYS B 397 17.25 55.32 25.82
CA LYS B 397 17.04 56.31 26.86
C LYS B 397 16.11 55.74 27.92
N ALA B 398 16.61 55.67 29.16
CA ALA B 398 15.84 55.10 30.26
C ALA B 398 15.49 56.15 31.29
N SER B 399 14.20 56.48 31.37
CA SER B 399 13.71 57.48 32.32
C SER B 399 13.28 56.81 33.62
N ASP B 400 12.67 57.59 34.50
CA ASP B 400 12.14 57.06 35.75
C ASP B 400 10.89 56.24 35.50
N LYS B 401 10.26 56.48 34.34
CA LYS B 401 9.06 55.75 33.96
C LYS B 401 9.42 54.37 33.43
N GLU B 402 10.71 54.15 33.17
CA GLU B 402 11.20 52.84 32.77
C GLU B 402 11.19 51.91 33.98
N LEU B 403 11.41 52.49 35.16
CA LEU B 403 11.35 51.76 36.41
C LEU B 403 9.92 51.33 36.71
N GLU B 404 8.96 52.15 36.25
CA GLU B 404 7.56 51.81 36.37
C GLU B 404 7.14 50.90 35.22
N LEU B 405 7.99 50.83 34.20
CA LEU B 405 7.77 49.97 33.05
C LEU B 405 8.50 48.65 33.23
N TYR B 406 9.17 48.50 34.37
CA TYR B 406 9.93 47.29 34.68
C TYR B 406 9.02 46.07 34.81
N LEU B 407 7.77 46.31 35.20
CA LEU B 407 6.79 45.24 35.33
C LEU B 407 6.50 44.62 33.97
N LEU B 408 6.35 45.46 32.96
CA LEU B 408 6.14 44.99 31.60
C LEU B 408 7.46 44.53 30.99
N GLN B 409 8.56 45.01 31.56
CA GLN B 409 9.89 44.62 31.11
C GLN B 409 10.21 43.20 31.57
N LEU B 410 9.56 42.78 32.65
CA LEU B 410 9.68 41.40 33.12
C LEU B 410 8.91 40.49 32.18
N VAL B 411 7.79 40.98 31.67
CA VAL B 411 7.00 40.26 30.68
C VAL B 411 7.79 40.15 29.39
N GLU B 412 8.47 41.22 29.02
CA GLU B 412 9.32 41.24 27.84
C GLU B 412 10.49 40.28 28.03
N ALA B 413 10.97 40.17 29.26
CA ALA B 413 12.06 39.26 29.58
C ALA B 413 11.60 37.82 29.47
N VAL B 414 10.35 37.58 29.84
CA VAL B 414 9.75 36.26 29.69
C VAL B 414 9.55 35.93 28.21
N CYS B 415 9.29 36.97 27.43
CA CYS B 415 9.09 36.82 26.00
C CYS B 415 10.38 37.09 25.22
N PHE B 416 11.47 37.32 25.95
CA PHE B 416 12.76 37.64 25.33
C PHE B 416 13.39 36.43 24.67
N GLU B 417 12.91 35.23 24.99
CA GLU B 417 13.50 34.02 24.44
C GLU B 417 12.80 33.54 23.19
N ASN B 418 13.48 33.67 22.05
CA ASN B 418 13.03 33.11 20.79
C ASN B 418 14.19 32.46 20.05
N LEU B 419 14.09 31.16 19.82
CA LEU B 419 15.18 30.37 19.25
C LEU B 419 16.47 30.62 20.03
N SER B 420 16.39 30.43 21.35
CA SER B 420 17.49 30.77 22.24
C SER B 420 18.55 29.68 22.31
N THR B 421 18.34 28.58 21.58
CA THR B 421 19.29 27.48 21.56
C THR B 421 20.66 27.93 21.06
N PHE B 422 20.67 28.81 20.07
CA PHE B 422 21.92 29.33 19.51
C PHE B 422 22.67 30.19 20.53
N SER B 423 21.94 31.05 21.22
CA SER B 423 22.53 31.92 22.23
C SER B 423 23.02 31.11 23.43
N ASP B 424 22.22 30.13 23.83
CA ASP B 424 22.58 29.25 24.93
C ASP B 424 23.82 28.43 24.60
N LYS B 425 23.93 28.00 23.34
CA LYS B 425 25.10 27.26 22.90
C LYS B 425 26.32 28.19 22.81
N SER B 426 26.06 29.45 22.48
CA SER B 426 27.12 30.45 22.41
C SER B 426 27.70 30.73 23.79
N ASN B 427 26.82 30.80 24.79
CA ASN B 427 27.24 30.99 26.16
C ASN B 427 27.92 29.74 26.72
N SER B 428 27.41 28.58 26.33
CA SER B 428 27.97 27.30 26.77
C SER B 428 29.34 27.06 26.15
N GLU B 429 29.59 27.72 25.02
CA GLU B 429 30.88 27.62 24.35
C GLU B 429 31.97 28.27 25.20
N PHE B 430 31.63 29.40 25.83
CA PHE B 430 32.57 30.09 26.70
C PHE B 430 32.47 29.57 28.13
N THR B 431 31.45 28.76 28.40
CA THR B 431 31.26 28.17 29.72
C THR B 431 31.87 26.78 29.78
N ILE B 432 32.44 26.33 28.67
CA ILE B 432 33.06 25.01 28.61
C ILE B 432 34.53 25.07 28.97
N VAL B 433 35.01 26.25 29.33
CA VAL B 433 36.41 26.44 29.70
C VAL B 433 36.60 26.25 31.20
N ASP B 434 36.03 27.17 31.98
CA ASP B 434 36.16 27.11 33.44
C ASP B 434 34.97 26.39 34.06
N ALA B 435 35.23 25.61 35.10
CA ALA B 435 34.18 24.87 35.80
C ALA B 435 33.27 25.81 36.57
N VAL B 436 32.03 25.37 36.81
CA VAL B 436 31.06 26.16 37.53
C VAL B 436 31.32 26.16 39.03
N SER B 437 31.16 27.32 39.66
CA SER B 437 31.38 27.45 41.10
C SER B 437 30.59 28.63 41.67
N PRO B 479 20.94 42.52 20.62
CA PRO B 479 19.99 42.13 21.67
C PRO B 479 19.73 43.26 22.66
N LEU B 480 18.48 43.43 23.06
CA LEU B 480 18.11 44.48 24.01
C LEU B 480 18.48 44.08 25.43
N ALA B 481 18.85 42.81 25.61
CA ALA B 481 19.25 42.30 26.90
C ALA B 481 20.51 43.01 27.40
N GLU B 482 21.35 43.43 26.46
CA GLU B 482 22.55 44.18 26.78
C GLU B 482 22.18 45.59 27.26
N PHE B 483 21.11 46.13 26.70
CA PHE B 483 20.61 47.44 27.11
C PHE B 483 20.00 47.37 28.50
N LEU B 484 19.28 46.29 28.76
CA LEU B 484 18.70 46.07 30.08
C LEU B 484 19.81 45.84 31.11
N ILE B 485 20.89 45.20 30.68
CA ILE B 485 22.03 44.95 31.54
C ILE B 485 22.76 46.24 31.87
N ARG B 486 22.92 47.09 30.86
CA ARG B 486 23.57 48.39 31.04
C ARG B 486 22.72 49.29 31.94
N ARG B 487 21.41 49.22 31.78
CA ARG B 487 20.49 49.98 32.62
C ARG B 487 20.48 49.46 34.05
N ALA B 488 20.72 48.15 34.19
CA ALA B 488 20.76 47.54 35.51
C ALA B 488 22.06 47.89 36.24
N LEU B 489 23.15 47.96 35.50
CA LEU B 489 24.46 48.28 36.07
C LEU B 489 24.59 49.78 36.34
N VAL B 490 23.87 50.59 35.56
CA VAL B 490 23.87 52.04 35.72
C VAL B 490 23.45 52.46 37.13
N ASN B 491 22.17 52.24 37.43
CA ASN B 491 21.63 52.60 38.74
C ASN B 491 21.39 51.37 39.61
N PRO B 492 21.99 51.35 40.81
CA PRO B 492 21.88 50.25 41.77
C PRO B 492 20.43 49.95 42.15
N ARG B 493 19.61 50.99 42.24
CA ARG B 493 18.20 50.84 42.57
C ARG B 493 17.47 50.09 41.46
N LEU B 494 17.77 50.46 40.21
CA LEU B 494 17.17 49.79 39.06
C LEU B 494 17.61 48.33 39.01
N GLY B 495 18.85 48.07 39.43
CA GLY B 495 19.36 46.72 39.48
C GLY B 495 18.65 45.90 40.54
N SER B 496 18.37 46.53 41.68
CA SER B 496 17.62 45.89 42.75
C SER B 496 16.20 45.59 42.30
N PHE B 497 15.64 46.49 41.49
CA PHE B 497 14.31 46.29 40.93
C PHE B 497 14.30 45.13 39.94
N PHE B 498 15.37 45.02 39.16
CA PHE B 498 15.50 43.95 38.19
C PHE B 498 15.67 42.60 38.88
N TYR B 499 16.42 42.59 39.97
CA TYR B 499 16.62 41.36 40.75
C TYR B 499 15.33 40.93 41.44
N TRP B 500 14.63 41.91 42.02
CA TRP B 500 13.37 41.64 42.69
C TRP B 500 12.32 41.15 41.69
N TYR B 501 12.38 41.67 40.47
CA TYR B 501 11.49 41.24 39.41
C TYR B 501 11.88 39.84 38.92
N LEU B 502 13.16 39.53 39.00
CA LEU B 502 13.67 38.23 38.58
C LEU B 502 13.33 37.15 39.61
N LYS B 503 13.14 37.58 40.86
CA LYS B 503 12.80 36.66 41.93
C LYS B 503 11.47 35.96 41.69
N SER B 504 10.53 36.67 41.07
CA SER B 504 9.22 36.13 40.77
C SER B 504 9.27 35.22 39.54
N GLU B 505 10.02 35.65 38.53
CA GLU B 505 10.12 34.90 37.28
C GLU B 505 11.00 33.67 37.43
N SER B 506 11.73 33.59 38.53
CA SER B 506 12.62 32.46 38.79
C SER B 506 11.84 31.17 38.97
N GLU B 507 10.63 31.28 39.51
CA GLU B 507 9.80 30.12 39.77
C GLU B 507 9.20 29.54 38.49
N ASP B 508 8.63 30.41 37.67
CA ASP B 508 7.97 29.99 36.43
C ASP B 508 8.98 29.50 35.40
N LYS B 509 10.00 30.31 35.13
CA LYS B 509 11.03 29.95 34.17
C LYS B 509 12.35 29.64 34.89
N PRO B 510 12.86 28.42 34.72
CA PRO B 510 14.10 27.97 35.36
C PRO B 510 15.33 28.73 34.85
N TYR B 511 15.24 29.28 33.65
CA TYR B 511 16.34 30.04 33.06
C TYR B 511 16.55 31.37 33.78
N LEU B 512 15.50 31.85 34.44
CA LEU B 512 15.56 33.12 35.14
C LEU B 512 16.48 33.03 36.37
N ASP B 513 16.60 31.84 36.94
CA ASP B 513 17.45 31.62 38.09
C ASP B 513 18.91 31.88 37.75
N GLN B 514 19.33 31.39 36.58
CA GLN B 514 20.68 31.62 36.10
C GLN B 514 20.81 33.03 35.51
N ILE B 515 19.68 33.55 35.02
CA ILE B 515 19.64 34.89 34.46
C ILE B 515 19.85 35.93 35.55
N LEU B 516 19.54 35.55 36.79
CA LEU B 516 19.79 36.43 37.93
C LEU B 516 21.28 36.52 38.20
N SER B 517 21.98 35.40 38.02
CA SER B 517 23.43 35.37 38.15
C SER B 517 24.08 36.13 37.00
N SER B 518 23.46 36.04 35.82
CA SER B 518 23.93 36.78 34.66
C SER B 518 23.69 38.28 34.87
N PHE B 519 22.67 38.60 35.66
CA PHE B 519 22.37 39.99 36.00
C PHE B 519 23.37 40.49 37.04
N TRP B 520 23.79 39.61 37.93
CA TRP B 520 24.82 39.93 38.92
C TRP B 520 26.16 40.12 38.21
N SER B 521 26.35 39.40 37.11
CA SER B 521 27.54 39.55 36.29
C SER B 521 27.39 40.75 35.36
N ARG B 522 26.16 41.19 35.15
CA ARG B 522 25.88 42.35 34.32
C ARG B 522 26.23 43.64 35.06
N LEU B 523 26.20 43.57 36.40
CA LEU B 523 26.55 44.70 37.23
C LEU B 523 27.93 44.50 37.84
N ASP B 524 28.89 45.32 37.41
CA ASP B 524 30.27 45.20 37.87
C ASP B 524 30.42 45.63 39.33
N LYS B 525 29.79 46.74 39.68
CA LYS B 525 29.87 47.25 41.04
C LYS B 525 29.20 46.32 42.04
N LYS B 526 29.94 45.95 43.09
CA LYS B 526 29.44 45.04 44.11
C LYS B 526 28.86 45.82 45.29
N SER B 527 28.86 47.15 45.18
CA SER B 527 28.33 48.01 46.23
C SER B 527 26.85 47.75 46.47
N ARG B 528 26.11 47.53 45.38
CA ARG B 528 24.69 47.22 45.47
C ARG B 528 24.47 45.77 45.86
N ASN B 529 25.46 44.93 45.61
CA ASN B 529 25.36 43.50 45.88
C ASN B 529 25.31 43.18 47.37
N ILE B 530 26.00 43.99 48.16
CA ILE B 530 26.01 43.82 49.61
C ILE B 530 24.63 44.08 50.20
N LEU B 531 24.03 45.21 49.80
CA LEU B 531 22.68 45.54 50.22
C LEU B 531 21.68 44.57 49.61
N ASN B 532 22.07 43.95 48.50
CA ASN B 532 21.24 42.94 47.85
C ASN B 532 21.26 41.64 48.64
N ASP B 533 22.36 41.38 49.33
CA ASP B 533 22.47 40.22 50.21
C ASP B 533 21.74 40.49 51.51
N GLN B 534 21.87 41.72 52.00
CA GLN B 534 21.15 42.16 53.19
C GLN B 534 19.65 42.10 52.93
N VAL B 535 19.27 42.32 51.68
CA VAL B 535 17.87 42.20 51.28
C VAL B 535 17.54 40.76 50.90
N ARG B 536 18.58 39.95 50.73
CA ARG B 536 18.40 38.53 50.46
C ARG B 536 18.14 37.79 51.77
N LEU B 537 18.51 38.42 52.87
CA LEU B 537 18.20 37.88 54.19
C LEU B 537 16.69 37.93 54.45
N ILE B 538 16.01 38.78 53.70
CA ILE B 538 14.56 38.92 53.82
C ILE B 538 13.85 37.63 53.40
N ASN B 539 14.53 36.81 52.60
CA ASN B 539 14.02 35.50 52.24
C ASN B 539 14.03 34.58 53.45
N VAL B 540 15.09 34.67 54.24
CA VAL B 540 15.19 33.91 55.48
C VAL B 540 14.21 34.45 56.51
N LEU B 541 13.92 35.74 56.43
CA LEU B 541 12.94 36.37 57.30
C LEU B 541 11.54 35.86 56.98
N ARG B 542 11.25 35.75 55.68
CA ARG B 542 9.97 35.20 55.23
C ARG B 542 9.89 33.72 55.57
N GLU B 543 11.03 33.05 55.57
CA GLU B 543 11.10 31.66 55.99
C GLU B 543 10.82 31.53 57.48
N CYS B 544 11.21 32.56 58.24
CA CYS B 544 10.94 32.61 59.67
C CYS B 544 9.46 32.86 59.92
N CYS B 545 8.86 33.71 59.08
CA CYS B 545 7.43 33.98 59.16
C CYS B 545 6.63 32.72 58.84
N GLU B 546 7.12 31.97 57.85
CA GLU B 546 6.50 30.70 57.47
C GLU B 546 6.69 29.68 58.59
N THR B 547 7.81 29.77 59.29
CA THR B 547 8.08 28.91 60.44
C THR B 547 7.12 29.24 61.57
N ILE B 548 6.75 30.51 61.67
CA ILE B 548 5.77 30.95 62.65
C ILE B 548 4.37 30.55 62.22
N LYS B 549 4.19 30.35 60.92
CA LYS B 549 2.91 29.93 60.38
C LYS B 549 2.81 28.41 60.28
N ARG B 550 3.89 27.73 60.66
CA ARG B 550 3.94 26.27 60.60
C ARG B 550 3.19 25.65 61.78
N LEU B 551 3.36 26.22 62.95
CA LEU B 551 2.69 25.71 64.16
C LEU B 551 1.30 26.31 64.33
N LYS B 552 0.36 25.51 64.79
CA LYS B 552 -1.01 25.95 65.00
C LYS B 552 -1.31 26.13 66.49
N ASP B 553 -1.77 27.31 66.86
CA ASP B 553 -2.09 27.61 68.26
C ASP B 553 -3.27 28.57 68.38
N THR B 554 -3.52 29.03 69.59
CA THR B 554 -4.62 29.96 69.85
C THR B 554 -4.36 31.32 69.24
N THR B 555 -5.42 32.10 69.05
CA THR B 555 -5.33 33.43 68.44
C THR B 555 -4.44 34.36 69.26
N ALA B 556 -4.65 34.37 70.57
CA ALA B 556 -3.85 35.20 71.47
C ALA B 556 -2.45 34.63 71.62
N LYS B 557 -2.36 33.30 71.67
CA LYS B 557 -1.08 32.62 71.81
C LYS B 557 -0.20 32.87 70.59
N LYS B 558 -0.80 32.80 69.41
CA LYS B 558 -0.08 33.07 68.17
C LYS B 558 0.29 34.55 68.07
N MET B 559 -0.48 35.39 68.75
CA MET B 559 -0.21 36.83 68.77
C MET B 559 1.00 37.13 69.64
N GLU B 560 1.04 36.54 70.83
CA GLU B 560 2.17 36.71 71.73
C GLU B 560 3.43 36.07 71.13
N LEU B 561 3.25 34.94 70.46
CA LEU B 561 4.35 34.26 69.79
C LEU B 561 4.85 35.11 68.62
N LEU B 562 3.93 35.83 67.98
CA LEU B 562 4.28 36.74 66.89
C LEU B 562 5.01 37.96 67.45
N VAL B 563 4.72 38.30 68.70
CA VAL B 563 5.40 39.40 69.36
C VAL B 563 6.84 39.01 69.71
N HIS B 564 7.00 37.79 70.24
CA HIS B 564 8.31 37.25 70.57
C HIS B 564 9.15 37.10 69.30
N LEU B 565 8.51 36.62 68.23
CA LEU B 565 9.17 36.49 66.94
C LEU B 565 9.52 37.86 66.38
N LEU B 566 8.70 38.86 66.69
CA LEU B 566 8.95 40.22 66.26
C LEU B 566 10.14 40.82 67.03
N GLU B 567 10.33 40.35 68.25
CA GLU B 567 11.48 40.77 69.05
C GLU B 567 12.76 40.12 68.54
N THR B 568 12.68 38.82 68.28
CA THR B 568 13.82 38.07 67.75
C THR B 568 14.21 38.61 66.37
N LYS B 569 13.22 39.10 65.63
CA LYS B 569 13.46 39.72 64.34
C LYS B 569 13.98 41.13 64.51
N VAL B 570 13.60 41.77 65.62
CA VAL B 570 14.06 43.11 65.94
C VAL B 570 15.53 43.09 66.32
N ARG B 571 15.98 41.97 66.87
CA ARG B 571 17.38 41.79 67.20
C ARG B 571 18.24 41.75 65.93
N PRO B 572 17.80 40.98 64.94
CA PRO B 572 18.47 40.82 63.64
C PRO B 572 18.47 42.11 62.83
N LEU B 573 17.40 42.89 62.94
CA LEU B 573 17.29 44.16 62.21
C LEU B 573 18.32 45.15 62.70
N VAL B 574 18.58 45.16 64.01
CA VAL B 574 19.59 46.02 64.58
C VAL B 574 20.98 45.44 64.35
N LYS B 575 21.07 44.12 64.34
CA LYS B 575 22.34 43.42 64.11
C LYS B 575 22.84 43.66 62.69
N VAL B 576 21.96 43.43 61.71
CA VAL B 576 22.30 43.65 60.31
C VAL B 576 22.23 45.14 59.96
N ARG B 577 22.99 45.55 58.96
CA ARG B 577 23.02 46.94 58.53
C ARG B 577 21.76 47.29 57.75
N PRO B 578 21.54 48.59 57.53
CA PRO B 578 20.37 49.12 56.80
C PRO B 578 20.29 48.58 55.38
N ILE B 579 19.07 48.39 54.87
CA ILE B 579 18.88 47.87 53.52
C ILE B 579 17.88 48.73 52.73
N ALA B 580 17.57 48.28 51.52
CA ALA B 580 16.62 48.98 50.66
C ALA B 580 15.19 48.70 51.09
N LEU B 581 14.35 49.74 51.06
CA LEU B 581 12.96 49.61 51.48
C LEU B 581 12.08 49.07 50.36
N PRO B 582 11.08 48.26 50.74
CA PRO B 582 10.10 47.67 49.81
C PRO B 582 9.19 48.72 49.19
N LEU B 583 8.85 49.75 49.96
CA LEU B 583 7.98 50.81 49.49
C LEU B 583 8.65 51.64 48.40
N ASP B 584 9.88 52.09 48.67
CA ASP B 584 10.65 52.85 47.70
C ASP B 584 12.12 52.46 47.74
N PRO B 585 12.78 52.45 46.58
CA PRO B 585 14.20 52.09 46.47
C PRO B 585 15.12 53.14 47.08
N ASP B 586 14.66 54.38 47.14
CA ASP B 586 15.46 55.48 47.66
C ASP B 586 15.56 55.44 49.18
N VAL B 587 14.43 55.22 49.84
CA VAL B 587 14.39 55.21 51.30
C VAL B 587 15.11 54.00 51.88
N LEU B 588 15.75 54.19 53.02
CA LEU B 588 16.46 53.11 53.70
C LEU B 588 15.85 52.85 55.08
N ILE B 589 15.79 51.58 55.46
CA ILE B 589 15.20 51.18 56.74
C ILE B 589 16.26 51.05 57.83
N CYS B 590 15.90 51.45 59.04
CA CYS B 590 16.81 51.38 60.18
C CYS B 590 16.45 50.19 61.09
N ASP B 591 15.28 50.25 61.71
CA ASP B 591 14.86 49.21 62.64
C ASP B 591 13.35 49.00 62.60
N VAL B 592 12.83 48.23 63.55
CA VAL B 592 11.41 47.94 63.63
C VAL B 592 10.90 47.94 65.08
N CYS B 593 9.75 48.55 65.30
CA CYS B 593 9.16 48.60 66.64
C CYS B 593 8.36 47.33 66.92
N PRO B 594 8.83 46.54 67.90
CA PRO B 594 8.25 45.25 68.30
C PRO B 594 6.82 45.34 68.82
N GLU B 595 6.54 46.33 69.67
CA GLU B 595 5.24 46.44 70.32
C GLU B 595 4.20 47.14 69.44
N THR B 596 4.65 47.78 68.37
CA THR B 596 3.75 48.50 67.47
C THR B 596 3.24 47.60 66.36
N SER B 597 3.78 46.39 66.27
CA SER B 597 3.40 45.44 65.24
C SER B 597 2.04 44.83 65.51
N LYS B 598 1.39 44.31 64.47
CA LYS B 598 0.08 43.70 64.60
C LYS B 598 0.01 42.37 63.85
N VAL B 599 -1.15 41.72 63.91
CA VAL B 599 -1.35 40.45 63.21
C VAL B 599 -2.75 40.37 62.61
N PHE B 600 -2.82 39.95 61.35
CA PHE B 600 -4.10 39.81 60.66
C PHE B 600 -4.86 38.59 61.18
N LYS B 601 -6.19 38.71 61.24
CA LYS B 601 -7.04 37.64 61.72
C LYS B 601 -7.55 36.77 60.57
N SER B 602 -7.09 37.06 59.35
CA SER B 602 -7.53 36.34 58.18
C SER B 602 -6.91 34.94 58.10
N SER B 603 -7.28 34.20 57.05
CA SER B 603 -6.79 32.83 56.88
C SER B 603 -5.37 32.80 56.32
N LEU B 604 -4.98 33.88 55.65
CA LEU B 604 -3.65 33.97 55.05
C LEU B 604 -2.58 34.19 56.10
N SER B 605 -3.00 34.60 57.30
CA SER B 605 -2.10 34.86 58.42
C SER B 605 -1.02 35.88 58.05
N PRO B 606 -1.45 37.07 57.61
CA PRO B 606 -0.53 38.14 57.23
C PRO B 606 0.10 38.82 58.45
N LEU B 607 1.27 39.41 58.27
CA LEU B 607 1.98 40.07 59.36
C LEU B 607 2.05 41.58 59.15
N LYS B 608 1.64 42.32 60.17
CA LYS B 608 1.68 43.79 60.12
C LYS B 608 2.67 44.33 61.15
N ILE B 609 3.71 45.00 60.67
CA ILE B 609 4.75 45.53 61.55
C ILE B 609 5.12 46.96 61.21
N THR B 610 5.26 47.80 62.24
CA THR B 610 5.67 49.18 62.04
C THR B 610 7.18 49.30 62.23
N PHE B 611 7.88 49.60 61.14
CA PHE B 611 9.34 49.70 61.17
C PHE B 611 9.81 51.14 61.08
N LYS B 612 10.61 51.56 62.04
CA LYS B 612 11.19 52.90 62.04
C LYS B 612 12.29 52.99 60.99
N THR B 613 12.15 53.97 60.09
CA THR B 613 13.11 54.13 59.00
C THR B 613 14.33 54.93 59.43
N THR B 614 15.21 55.21 58.48
CA THR B 614 16.40 56.02 58.74
C THR B 614 16.02 57.49 58.82
N LEU B 615 14.77 57.80 58.50
CA LEU B 615 14.24 59.16 58.59
C LEU B 615 13.64 59.40 59.97
N ASN B 616 13.79 58.42 60.86
CA ASN B 616 13.26 58.47 62.22
C ASN B 616 11.75 58.59 62.25
N GLN B 617 11.09 57.82 61.40
CA GLN B 617 9.63 57.77 61.37
C GLN B 617 9.13 56.34 61.22
N PRO B 618 8.03 56.01 61.92
CA PRO B 618 7.41 54.68 61.85
C PRO B 618 6.71 54.43 60.52
N TYR B 619 6.92 53.25 59.94
CA TYR B 619 6.26 52.88 58.69
C TYR B 619 5.58 51.52 58.79
N HIS B 620 4.26 51.51 58.71
CA HIS B 620 3.50 50.27 58.81
C HIS B 620 3.63 49.45 57.52
N LEU B 621 3.81 48.15 57.68
CA LEU B 621 3.97 47.26 56.53
C LEU B 621 3.23 45.94 56.74
N MET B 622 2.49 45.50 55.73
CA MET B 622 1.74 44.26 55.79
C MET B 622 2.23 43.27 54.74
N PHE B 623 2.72 42.12 55.20
CA PHE B 623 3.26 41.10 54.30
C PHE B 623 2.50 39.78 54.41
N LYS B 624 2.56 38.98 53.36
CA LYS B 624 1.89 37.69 53.34
C LYS B 624 2.75 36.62 52.65
N VAL B 625 2.46 35.36 52.94
CA VAL B 625 3.22 34.26 52.37
C VAL B 625 2.32 33.08 51.99
N GLY B 626 2.85 32.18 51.18
CA GLY B 626 2.11 31.00 50.77
C GLY B 626 1.08 31.27 49.69
N ASP B 627 1.28 32.36 48.95
CA ASP B 627 0.35 32.72 47.89
C ASP B 627 1.04 33.59 46.82
N ASP B 628 0.45 33.65 45.64
CA ASP B 628 0.97 34.47 44.56
C ASP B 628 0.24 35.81 44.50
N LEU B 629 0.98 36.88 44.82
CA LEU B 629 0.40 38.22 44.84
C LEU B 629 0.62 38.96 43.53
N ARG B 630 1.21 38.26 42.56
CA ARG B 630 1.56 38.84 41.27
C ARG B 630 0.36 39.51 40.58
N GLN B 631 -0.82 38.90 40.74
CA GLN B 631 -2.05 39.48 40.21
C GLN B 631 -2.29 40.88 40.76
N ASP B 632 -2.52 40.95 42.08
CA ASP B 632 -2.81 42.22 42.74
C ASP B 632 -1.62 43.19 42.68
N GLN B 633 -0.42 42.65 42.51
CA GLN B 633 0.77 43.48 42.41
C GLN B 633 0.82 44.18 41.06
N LEU B 634 0.59 43.42 39.99
CA LEU B 634 0.55 43.97 38.65
C LEU B 634 -0.64 44.92 38.50
N VAL B 635 -1.73 44.60 39.19
CA VAL B 635 -2.91 45.45 39.19
C VAL B 635 -2.63 46.75 39.94
N VAL B 636 -1.82 46.66 40.99
CA VAL B 636 -1.44 47.84 41.76
C VAL B 636 -0.51 48.73 40.93
N GLN B 637 0.40 48.11 40.21
CA GLN B 637 1.33 48.83 39.33
C GLN B 637 0.55 49.49 38.20
N ILE B 638 -0.49 48.80 37.73
CA ILE B 638 -1.36 49.35 36.69
C ILE B 638 -2.16 50.51 37.23
N ILE B 639 -2.52 50.43 38.51
CA ILE B 639 -3.25 51.50 39.17
C ILE B 639 -2.37 52.73 39.35
N SER B 640 -1.10 52.49 39.62
CA SER B 640 -0.14 53.58 39.78
C SER B 640 0.16 54.24 38.45
N LEU B 641 0.30 53.42 37.40
CA LEU B 641 0.54 53.92 36.06
C LEU B 641 -0.65 54.73 35.57
N MET B 642 -1.85 54.22 35.83
CA MET B 642 -3.08 54.92 35.47
C MET B 642 -3.19 56.21 36.27
N ASN B 643 -2.73 56.19 37.51
CA ASN B 643 -2.71 57.38 38.35
C ASN B 643 -1.76 58.42 37.78
N GLU B 644 -0.67 57.95 37.18
CA GLU B 644 0.27 58.83 36.51
C GLU B 644 -0.36 59.41 35.25
N LEU B 645 -1.16 58.59 34.57
CA LEU B 645 -1.86 59.02 33.38
C LEU B 645 -2.90 60.08 33.71
N LEU B 646 -3.47 59.97 34.91
CA LEU B 646 -4.43 60.96 35.39
C LEU B 646 -3.72 62.23 35.82
N LYS B 647 -2.54 62.06 36.42
CA LYS B 647 -1.73 63.21 36.83
C LYS B 647 -1.23 63.98 35.62
N ASN B 648 -1.12 63.27 34.49
CA ASN B 648 -0.74 63.90 33.23
C ASN B 648 -1.85 64.80 32.70
N GLU B 649 -3.05 64.60 33.20
CA GLU B 649 -4.21 65.40 32.81
C GLU B 649 -4.38 66.59 33.75
N ASN B 650 -3.44 66.74 34.68
CA ASN B 650 -3.46 67.81 35.67
C ASN B 650 -4.69 67.76 36.56
N VAL B 651 -5.21 66.55 36.78
CA VAL B 651 -6.34 66.34 37.67
C VAL B 651 -6.14 65.08 38.50
N ASP B 652 -6.34 65.18 39.81
CA ASP B 652 -6.15 64.06 40.70
C ASP B 652 -7.49 63.48 41.18
N LEU B 653 -7.62 62.16 41.08
CA LEU B 653 -8.82 61.48 41.52
C LEU B 653 -8.69 61.06 42.98
N LYS B 654 -7.57 61.44 43.59
CA LYS B 654 -7.28 61.14 44.99
C LYS B 654 -7.31 59.65 45.29
N LEU B 655 -6.74 58.86 44.40
CA LEU B 655 -6.67 57.41 44.59
C LEU B 655 -5.32 57.03 45.19
N THR B 656 -5.35 56.25 46.27
CA THR B 656 -4.13 55.84 46.95
C THR B 656 -3.47 54.66 46.24
N PRO B 657 -2.29 54.88 45.66
CA PRO B 657 -1.54 53.82 44.97
C PRO B 657 -0.81 52.92 45.95
N TYR B 658 -1.55 51.96 46.54
CA TYR B 658 -0.99 51.04 47.51
C TYR B 658 0.17 50.24 46.93
N LYS B 659 1.31 50.27 47.61
CA LYS B 659 2.49 49.55 47.14
C LYS B 659 2.35 48.05 47.39
N ILE B 660 2.55 47.27 46.33
CA ILE B 660 2.46 45.82 46.43
C ILE B 660 3.53 45.15 45.57
N LEU B 661 4.14 44.10 46.11
CA LEU B 661 5.21 43.39 45.42
C LEU B 661 5.32 41.94 45.89
N ALA B 662 6.02 41.13 45.09
CA ALA B 662 6.22 39.73 45.45
C ALA B 662 7.69 39.46 45.75
N THR B 663 7.98 39.07 46.99
CA THR B 663 9.34 38.79 47.42
C THR B 663 9.82 37.44 46.87
N GLY B 664 9.23 36.36 47.38
CA GLY B 664 9.54 35.03 46.89
C GLY B 664 8.43 34.52 45.99
N PRO B 665 8.54 33.25 45.57
CA PRO B 665 7.47 32.68 44.73
C PRO B 665 6.14 32.63 45.46
N GLN B 666 6.15 32.16 46.70
CA GLN B 666 4.94 32.11 47.52
C GLN B 666 4.80 33.39 48.34
N GLU B 667 5.91 34.10 48.54
CA GLU B 667 5.92 35.28 49.41
C GLU B 667 5.76 36.64 48.75
N GLY B 668 5.13 37.56 49.46
CA GLY B 668 4.93 38.90 48.97
C GLY B 668 4.78 39.92 50.09
N ALA B 669 5.06 41.18 49.77
CA ALA B 669 4.96 42.25 50.76
C ALA B 669 4.19 43.44 50.20
N ILE B 670 3.56 44.21 51.09
CA ILE B 670 2.79 45.38 50.68
C ILE B 670 2.84 46.48 51.74
N GLU B 671 2.80 47.73 51.30
CA GLU B 671 2.77 48.86 52.21
C GLU B 671 1.41 48.94 52.90
N PHE B 672 1.43 48.93 54.23
CA PHE B 672 0.19 48.94 55.00
C PHE B 672 -0.48 50.31 54.97
N ILE B 673 -1.79 50.32 55.17
CA ILE B 673 -2.56 51.56 55.19
C ILE B 673 -3.67 51.50 56.23
N PRO B 674 -4.14 52.68 56.68
CA PRO B 674 -5.23 52.74 57.65
C PRO B 674 -6.56 52.28 57.04
N ASN B 675 -6.70 50.98 56.84
CA ASN B 675 -7.88 50.43 56.20
C ASN B 675 -8.81 49.73 57.19
N ASP B 676 -10.11 50.04 57.09
CA ASP B 676 -11.12 49.41 57.92
C ASP B 676 -12.13 48.67 57.06
N THR B 677 -12.69 47.59 57.60
CA THR B 677 -13.64 46.77 56.86
C THR B 677 -14.94 47.54 56.60
N LEU B 678 -15.57 47.24 55.46
CA LEU B 678 -16.83 47.88 55.09
C LEU B 678 -17.95 47.46 56.03
N ALA B 679 -17.99 46.17 56.36
CA ALA B 679 -19.00 45.64 57.26
C ALA B 679 -18.78 46.15 58.68
N SER B 680 -17.51 46.33 59.04
CA SER B 680 -17.16 46.86 60.36
C SER B 680 -17.52 48.34 60.45
N ILE B 681 -17.28 49.08 59.36
CA ILE B 681 -17.62 50.49 59.31
C ILE B 681 -19.13 50.68 59.29
N LEU B 682 -19.84 49.69 58.74
CA LEU B 682 -21.30 49.74 58.68
C LEU B 682 -21.90 49.43 60.05
N SER B 683 -21.43 48.36 60.68
CA SER B 683 -21.96 47.93 61.96
C SER B 683 -21.57 48.85 63.12
N LYS B 684 -20.28 49.08 63.28
CA LYS B 684 -19.77 49.82 64.43
C LYS B 684 -20.04 51.32 64.34
N TYR B 685 -19.67 51.92 63.20
CA TYR B 685 -19.78 53.36 63.03
C TYR B 685 -21.20 53.80 62.66
N HIS B 686 -21.99 52.84 62.19
CA HIS B 686 -23.37 53.10 61.76
C HIS B 686 -23.54 54.13 60.65
N GLY B 687 -22.84 53.91 59.54
CA GLY B 687 -22.87 54.85 58.42
C GLY B 687 -21.47 55.36 58.20
N ILE B 688 -21.20 55.80 56.96
CA ILE B 688 -19.87 56.27 56.59
C ILE B 688 -19.64 57.73 56.99
N LEU B 689 -20.73 58.43 57.30
CA LEU B 689 -20.66 59.84 57.67
C LEU B 689 -19.90 60.05 58.98
N GLY B 690 -20.27 59.27 59.99
CA GLY B 690 -19.63 59.36 61.29
C GLY B 690 -18.18 58.93 61.25
N TYR B 691 -17.88 57.92 60.46
CA TYR B 691 -16.52 57.43 60.31
C TYR B 691 -15.62 58.46 59.65
N LEU B 692 -16.18 59.20 58.69
CA LEU B 692 -15.46 60.26 58.00
C LEU B 692 -15.36 61.49 58.90
N LYS B 693 -16.31 61.64 59.81
CA LYS B 693 -16.31 62.75 60.74
C LYS B 693 -15.50 62.42 61.99
N LEU B 694 -14.98 61.20 62.05
CA LEU B 694 -14.17 60.78 63.18
C LEU B 694 -12.78 61.41 63.13
N HIS B 695 -12.13 61.32 61.98
CA HIS B 695 -10.78 61.86 61.81
C HIS B 695 -10.84 63.38 61.76
N TYR B 696 -11.61 63.91 60.83
CA TYR B 696 -11.74 65.36 60.66
C TYR B 696 -13.18 65.82 60.50
N PRO B 697 -13.89 65.96 61.63
CA PRO B 697 -15.29 66.41 61.60
C PRO B 697 -15.43 67.81 61.03
N ASP B 698 -16.34 67.98 60.07
CA ASP B 698 -16.58 69.28 59.49
C ASP B 698 -18.06 69.63 59.47
N GLU B 699 -18.44 70.63 60.27
CA GLU B 699 -19.79 71.15 60.24
C GLU B 699 -19.78 72.60 59.77
N ASN B 700 -20.28 72.83 58.56
CA ASN B 700 -20.29 74.18 58.01
C ASN B 700 -21.38 75.03 58.65
N ALA B 701 -21.19 76.34 58.61
CA ALA B 701 -22.15 77.27 59.19
C ALA B 701 -23.38 77.43 58.30
N THR B 702 -23.30 76.90 57.09
CA THR B 702 -24.40 77.03 56.14
C THR B 702 -25.07 75.70 55.82
N LEU B 703 -24.41 74.88 55.01
CA LEU B 703 -24.99 73.61 54.57
C LEU B 703 -24.51 72.42 55.39
N GLY B 704 -23.61 72.66 56.34
CA GLY B 704 -23.00 71.58 57.10
C GLY B 704 -22.13 70.72 56.20
N VAL B 705 -21.59 71.34 55.16
CA VAL B 705 -20.80 70.65 54.15
C VAL B 705 -19.45 70.18 54.70
N GLN B 706 -18.84 69.24 53.99
CA GLN B 706 -17.54 68.70 54.37
C GLN B 706 -16.49 69.07 53.32
N GLY B 707 -15.23 69.10 53.74
CA GLY B 707 -14.16 69.62 52.91
C GLY B 707 -13.49 68.64 51.96
N TRP B 708 -12.20 68.89 51.72
CA TRP B 708 -11.41 68.12 50.78
C TRP B 708 -11.30 66.64 51.16
N VAL B 709 -11.65 66.31 52.39
CA VAL B 709 -11.70 64.91 52.81
C VAL B 709 -12.84 64.21 52.07
N LEU B 710 -14.04 64.78 52.16
CA LEU B 710 -15.20 64.23 51.48
C LEU B 710 -15.06 64.39 49.96
N ASP B 711 -14.43 65.49 49.54
CA ASP B 711 -14.17 65.70 48.12
C ASP B 711 -13.29 64.60 47.56
N ASN B 712 -12.19 64.32 48.24
CA ASN B 712 -11.28 63.25 47.85
C ASN B 712 -11.94 61.89 47.95
N PHE B 713 -12.87 61.75 48.88
CA PHE B 713 -13.63 60.51 49.03
C PHE B 713 -14.50 60.26 47.81
N VAL B 714 -15.20 61.30 47.36
CA VAL B 714 -16.06 61.22 46.18
C VAL B 714 -15.24 60.97 44.92
N LYS B 715 -14.13 61.70 44.78
CA LYS B 715 -13.25 61.52 43.64
C LYS B 715 -12.68 60.11 43.60
N SER B 716 -12.36 59.57 44.77
CA SER B 716 -11.85 58.20 44.88
C SER B 716 -12.94 57.20 44.52
N CYS B 717 -14.18 57.52 44.88
CA CYS B 717 -15.31 56.67 44.57
C CYS B 717 -15.53 56.58 43.06
N ALA B 718 -15.63 57.74 42.42
CA ALA B 718 -15.84 57.80 40.98
C ALA B 718 -14.66 57.18 40.23
N GLY B 719 -13.45 57.46 40.69
CA GLY B 719 -12.26 56.91 40.09
C GLY B 719 -12.21 55.39 40.19
N TYR B 720 -12.58 54.88 41.36
CA TYR B 720 -12.62 53.44 41.56
C TYR B 720 -13.71 52.79 40.72
N CYS B 721 -14.78 53.53 40.49
CA CYS B 721 -15.87 53.06 39.63
C CYS B 721 -15.38 52.95 38.19
N VAL B 722 -14.67 53.97 37.73
CA VAL B 722 -14.13 53.99 36.38
C VAL B 722 -13.09 52.88 36.19
N ILE B 723 -12.29 52.65 37.23
CA ILE B 723 -11.27 51.61 37.19
C ILE B 723 -11.91 50.23 37.14
N THR B 724 -12.95 50.04 37.95
CA THR B 724 -13.66 48.76 38.00
C THR B 724 -14.36 48.47 36.67
N TYR B 725 -14.91 49.52 36.06
CA TYR B 725 -15.55 49.38 34.76
C TYR B 725 -14.53 49.03 33.68
N ILE B 726 -13.49 49.85 33.57
CA ILE B 726 -12.44 49.65 32.58
C ILE B 726 -11.75 48.29 32.70
N LEU B 727 -11.02 48.11 33.80
CA LEU B 727 -10.22 46.90 34.00
C LEU B 727 -11.09 45.66 34.15
N GLY B 728 -12.32 45.84 34.62
CA GLY B 728 -13.22 44.73 34.82
C GLY B 728 -12.75 43.81 35.94
N VAL B 729 -12.30 44.41 37.03
CA VAL B 729 -11.83 43.65 38.18
C VAL B 729 -12.98 42.95 38.89
N GLY B 730 -12.86 41.64 39.06
CA GLY B 730 -13.90 40.86 39.73
C GLY B 730 -13.51 40.50 41.14
N ASP B 731 -14.35 39.65 41.77
CA ASP B 731 -14.14 39.21 43.14
C ASP B 731 -14.07 40.37 44.13
N ARG B 732 -14.73 41.47 43.79
CA ARG B 732 -14.76 42.64 44.65
C ARG B 732 -16.06 42.68 45.44
N HIS B 733 -15.94 42.49 46.76
CA HIS B 733 -17.11 42.49 47.63
C HIS B 733 -16.90 43.42 48.81
N LEU B 734 -17.85 43.40 49.75
CA LEU B 734 -17.74 44.22 50.96
C LEU B 734 -16.48 43.88 51.75
N ASP B 735 -16.07 42.61 51.66
CA ASP B 735 -14.84 42.16 52.31
C ASP B 735 -13.61 42.58 51.51
N ASN B 736 -13.72 42.51 50.20
CA ASN B 736 -12.61 42.87 49.31
C ASN B 736 -12.41 44.38 49.22
N LEU B 737 -13.41 45.13 49.69
CA LEU B 737 -13.33 46.59 49.69
C LEU B 737 -13.06 47.13 51.08
N LEU B 738 -12.12 48.07 51.18
CA LEU B 738 -11.74 48.65 52.46
C LEU B 738 -11.88 50.16 52.43
N VAL B 739 -11.94 50.76 53.62
CA VAL B 739 -12.09 52.22 53.74
C VAL B 739 -10.86 52.84 54.41
N THR B 740 -10.25 53.80 53.74
CA THR B 740 -9.08 54.48 54.26
C THR B 740 -9.43 55.86 54.80
N PRO B 741 -9.21 56.06 56.11
CA PRO B 741 -9.50 57.26 56.91
C PRO B 741 -8.85 58.52 56.36
N ASP B 742 -7.83 58.33 55.51
CA ASP B 742 -7.18 59.43 54.82
C ASP B 742 -8.11 60.08 53.80
N GLY B 743 -9.28 59.48 53.61
CA GLY B 743 -10.25 59.97 52.65
C GLY B 743 -10.21 59.19 51.35
N HIS B 744 -9.61 58.00 51.41
CA HIS B 744 -9.44 57.19 50.20
C HIS B 744 -10.30 55.92 50.27
N PHE B 745 -10.71 55.44 49.10
CA PHE B 745 -11.47 54.19 49.00
C PHE B 745 -10.56 53.07 48.52
N PHE B 746 -10.28 52.13 49.42
CA PHE B 746 -9.35 51.04 49.13
C PHE B 746 -10.05 49.84 48.49
N HIS B 747 -9.36 49.21 47.54
CA HIS B 747 -9.89 48.01 46.88
C HIS B 747 -8.78 46.95 46.76
N ALA B 748 -9.06 45.76 47.25
CA ALA B 748 -8.07 44.68 47.24
C ALA B 748 -8.60 43.43 46.55
N ASP B 749 -7.80 42.36 46.60
CA ASP B 749 -8.14 41.08 45.98
C ASP B 749 -8.39 41.15 44.48
N PHE B 750 -7.40 41.65 43.75
CA PHE B 750 -7.49 41.81 42.30
C PHE B 750 -7.23 40.53 41.51
N GLY B 751 -7.06 39.42 42.23
CA GLY B 751 -6.78 38.13 41.63
C GLY B 751 -7.71 37.75 40.49
N TYR B 752 -8.99 38.03 40.66
CA TYR B 752 -9.97 37.78 39.60
C TYR B 752 -10.30 39.07 38.86
N ILE B 753 -10.02 39.09 37.56
CA ILE B 753 -10.24 40.27 36.74
C ILE B 753 -10.40 39.91 35.27
N LEU B 754 -10.52 40.94 34.43
CA LEU B 754 -10.67 40.77 32.98
C LEU B 754 -11.98 40.06 32.64
N GLY B 755 -13.02 40.36 33.42
CA GLY B 755 -14.33 39.79 33.19
C GLY B 755 -14.58 38.53 33.98
N GLN B 756 -13.79 38.31 35.02
CA GLN B 756 -13.93 37.13 35.86
C GLN B 756 -14.42 37.48 37.27
N ASP B 757 -15.65 37.07 37.57
CA ASP B 757 -16.23 37.28 38.89
C ASP B 757 -16.64 35.95 39.50
N PRO B 758 -16.58 35.84 40.83
CA PRO B 758 -16.92 34.60 41.55
C PRO B 758 -18.36 34.16 41.28
N LYS B 759 -19.30 35.08 41.37
CA LYS B 759 -20.69 34.80 41.05
C LYS B 759 -20.97 35.08 39.58
N PRO B 760 -22.25 35.00 39.17
CA PRO B 760 -22.66 35.35 37.81
C PRO B 760 -22.23 36.77 37.46
N PHE B 761 -21.92 37.00 36.18
CA PHE B 761 -21.36 38.28 35.75
C PHE B 761 -22.33 39.45 35.95
N PRO B 762 -21.93 40.42 36.79
CA PRO B 762 -22.64 41.66 37.12
C PRO B 762 -22.28 42.80 36.15
N PRO B 763 -22.77 44.01 36.42
CA PRO B 763 -22.46 45.18 35.60
C PRO B 763 -21.01 45.64 35.78
N LEU B 764 -20.65 46.73 35.10
CA LEU B 764 -19.27 47.22 35.14
C LEU B 764 -18.96 47.97 36.45
N MET B 765 -19.87 48.83 36.87
CA MET B 765 -19.67 49.65 38.06
C MET B 765 -19.67 48.80 39.33
N LYS B 766 -18.73 49.08 40.23
CA LYS B 766 -18.61 48.34 41.48
C LYS B 766 -19.35 49.06 42.61
N LEU B 767 -20.01 50.16 42.28
CA LEU B 767 -20.72 50.97 43.27
C LEU B 767 -21.90 50.21 43.89
N PRO B 768 -21.93 50.15 45.23
CA PRO B 768 -22.98 49.49 46.01
C PRO B 768 -24.16 50.40 46.29
N PRO B 769 -25.15 49.90 47.04
CA PRO B 769 -26.35 50.66 47.42
C PRO B 769 -26.07 51.77 48.43
N GLN B 770 -25.05 51.56 49.26
CA GLN B 770 -24.71 52.51 50.31
C GLN B 770 -24.12 53.80 49.76
N ILE B 771 -23.10 53.67 48.93
CA ILE B 771 -22.47 54.82 48.30
C ILE B 771 -23.44 55.50 47.34
N ILE B 772 -24.33 54.70 46.77
CA ILE B 772 -25.35 55.20 45.86
C ILE B 772 -26.37 56.05 46.62
N GLU B 773 -26.58 55.73 47.89
CA GLU B 773 -27.47 56.51 48.75
C GLU B 773 -26.78 57.79 49.23
N ALA B 774 -25.54 57.63 49.69
CA ALA B 774 -24.76 58.76 50.20
C ALA B 774 -24.56 59.81 49.11
N PHE B 775 -24.33 59.36 47.89
CA PHE B 775 -24.21 60.25 46.75
C PHE B 775 -25.59 60.52 46.15
N GLY B 776 -26.59 59.76 46.62
CA GLY B 776 -27.95 59.91 46.15
C GLY B 776 -28.65 61.11 46.74
N GLY B 777 -28.44 61.33 48.03
CA GLY B 777 -29.02 62.50 48.69
C GLY B 777 -28.34 63.77 48.21
N ALA B 778 -27.07 63.66 47.89
CA ALA B 778 -26.27 64.80 47.42
C ALA B 778 -26.24 64.87 45.89
N GLU B 779 -27.03 64.03 45.25
CA GLU B 779 -27.00 63.83 43.80
C GLU B 779 -27.00 65.13 42.99
N SER B 780 -27.84 66.08 43.38
CA SER B 780 -27.95 67.36 42.69
C SER B 780 -26.59 68.03 42.50
N SER B 781 -25.70 67.80 43.45
CA SER B 781 -24.33 68.28 43.35
C SER B 781 -23.36 67.13 43.11
N ASN B 782 -23.30 66.21 44.07
CA ASN B 782 -22.36 65.10 44.05
C ASN B 782 -22.42 64.21 42.82
N TYR B 783 -23.62 63.95 42.31
CA TYR B 783 -23.75 63.07 41.15
C TYR B 783 -23.29 63.77 39.87
N ASP B 784 -23.58 65.05 39.77
CA ASP B 784 -23.14 65.85 38.62
C ASP B 784 -21.63 66.01 38.63
N LYS B 785 -21.06 66.22 39.81
CA LYS B 785 -19.61 66.36 39.96
C LYS B 785 -18.91 65.03 39.67
N PHE B 786 -19.47 63.95 40.19
CA PHE B 786 -18.90 62.62 39.99
C PHE B 786 -19.02 62.20 38.53
N ARG B 787 -20.05 62.71 37.85
CA ARG B 787 -20.24 62.44 36.44
C ARG B 787 -19.26 63.26 35.60
N SER B 788 -18.98 64.47 36.07
CA SER B 788 -18.00 65.34 35.42
C SER B 788 -16.62 64.71 35.50
N TYR B 789 -16.24 64.28 36.70
CA TYR B 789 -14.97 63.60 36.91
C TYR B 789 -14.94 62.29 36.15
N CYS B 790 -16.09 61.62 36.07
CA CYS B 790 -16.23 60.41 35.28
C CYS B 790 -15.84 60.65 33.82
N PHE B 791 -16.60 61.52 33.15
CA PHE B 791 -16.36 61.84 31.75
C PHE B 791 -14.94 62.34 31.50
N VAL B 792 -14.44 63.16 32.42
CA VAL B 792 -13.08 63.70 32.30
C VAL B 792 -12.05 62.58 32.33
N ALA B 793 -12.22 61.65 33.28
CA ALA B 793 -11.33 60.51 33.41
C ALA B 793 -11.46 59.60 32.19
N TYR B 794 -12.64 59.57 31.59
CA TYR B 794 -12.88 58.77 30.39
C TYR B 794 -12.12 59.34 29.21
N SER B 795 -12.19 60.65 29.02
CA SER B 795 -11.46 61.31 27.96
C SER B 795 -9.96 61.15 28.14
N ILE B 796 -9.50 61.44 29.36
CA ILE B 796 -8.08 61.32 29.69
C ILE B 796 -7.55 59.92 29.44
N LEU B 797 -8.24 58.92 29.98
CA LEU B 797 -7.90 57.52 29.76
C LEU B 797 -7.87 57.17 28.29
N ARG B 798 -9.02 57.27 27.64
CA ARG B 798 -9.19 56.87 26.24
C ARG B 798 -8.24 57.60 25.29
N ARG B 799 -7.74 58.76 25.71
CA ARG B 799 -6.78 59.50 24.90
C ARG B 799 -5.47 58.75 24.78
N ASN B 800 -4.89 58.38 25.92
CA ASN B 800 -3.60 57.70 25.96
C ASN B 800 -3.71 56.19 26.04
N ALA B 801 -4.94 55.68 25.96
CA ALA B 801 -5.23 54.26 26.17
C ALA B 801 -4.42 53.30 25.29
N GLY B 802 -3.93 53.79 24.15
CA GLY B 802 -3.19 52.96 23.23
C GLY B 802 -1.94 52.30 23.81
N LEU B 803 -1.12 53.10 24.47
CA LEU B 803 0.11 52.61 25.08
C LEU B 803 -0.19 51.55 26.13
N ILE B 804 -1.22 51.80 26.95
CA ILE B 804 -1.64 50.85 27.96
C ILE B 804 -2.15 49.57 27.31
N LEU B 805 -2.77 49.71 26.14
CA LEU B 805 -3.29 48.56 25.41
C LEU B 805 -2.15 47.69 24.90
N ASN B 806 -1.12 48.32 24.36
CA ASN B 806 0.05 47.59 23.88
C ASN B 806 0.81 46.92 25.01
N LEU B 807 0.98 47.66 26.10
CA LEU B 807 1.66 47.14 27.29
C LEU B 807 0.91 45.95 27.85
N PHE B 808 -0.42 46.05 27.89
CA PHE B 808 -1.26 44.97 28.36
C PHE B 808 -1.19 43.78 27.40
N GLU B 809 -0.98 44.09 26.12
CA GLU B 809 -0.85 43.06 25.10
C GLU B 809 0.41 42.23 25.32
N LEU B 810 1.53 42.92 25.57
CA LEU B 810 2.79 42.24 25.84
C LEU B 810 2.74 41.47 27.17
N MET B 811 2.21 42.14 28.19
CA MET B 811 2.10 41.54 29.52
C MET B 811 1.26 40.27 29.49
N LYS B 812 0.12 40.32 28.80
CA LYS B 812 -0.73 39.15 28.67
C LYS B 812 -0.09 38.11 27.76
N THR B 813 0.74 38.57 26.83
CA THR B 813 1.45 37.67 25.94
C THR B 813 2.44 36.82 26.71
N SER B 814 3.10 37.41 27.70
CA SER B 814 4.02 36.68 28.56
C SER B 814 3.33 35.49 29.26
N ASN B 815 2.48 35.82 30.23
CA ASN B 815 1.71 34.84 31.00
C ASN B 815 0.81 35.55 32.02
N ILE B 816 -0.22 34.88 32.50
CA ILE B 816 -1.06 35.48 33.53
C ILE B 816 -1.65 34.50 34.51
N PRO B 817 -1.79 34.93 35.78
CA PRO B 817 -2.58 34.23 36.79
C PRO B 817 -4.07 34.47 36.54
N ASP B 818 -4.91 33.47 36.79
CA ASP B 818 -6.36 33.60 36.67
C ASP B 818 -6.85 33.82 35.24
N ILE B 819 -5.92 33.99 34.30
CA ILE B 819 -6.22 34.10 32.87
C ILE B 819 -5.24 33.27 32.04
N ARG B 820 -5.71 32.58 31.00
CA ARG B 820 -4.80 31.85 30.13
C ARG B 820 -4.97 32.18 28.63
N ILE B 821 -5.99 31.61 28.00
CA ILE B 821 -6.40 31.94 26.61
C ILE B 821 -7.49 32.99 26.70
N ASP B 822 -7.75 33.40 27.93
CA ASP B 822 -8.57 34.56 28.22
C ASP B 822 -8.09 35.67 27.27
N PRO B 823 -6.76 35.88 27.26
CA PRO B 823 -5.91 36.93 26.70
C PRO B 823 -6.39 37.59 25.42
N ASN B 824 -6.81 36.79 24.45
CA ASN B 824 -7.35 37.34 23.21
C ASN B 824 -8.70 38.00 23.50
N GLY B 825 -9.58 37.23 24.11
CA GLY B 825 -10.88 37.73 24.51
C GLY B 825 -10.76 38.81 25.58
N ALA B 826 -9.68 38.77 26.35
CA ALA B 826 -9.47 39.77 27.39
C ALA B 826 -9.10 41.12 26.75
N ILE B 827 -8.18 41.08 25.80
CA ILE B 827 -7.84 42.28 25.04
C ILE B 827 -9.08 42.85 24.35
N LEU B 828 -9.84 41.95 23.73
CA LEU B 828 -11.09 42.31 23.06
C LEU B 828 -12.05 43.03 24.01
N ARG B 829 -12.21 42.46 25.19
CA ARG B 829 -13.12 42.96 26.21
C ARG B 829 -12.69 44.30 26.76
N VAL B 830 -11.37 44.50 26.81
CA VAL B 830 -10.79 45.76 27.23
C VAL B 830 -11.17 46.80 26.22
N ARG B 831 -11.11 46.42 24.94
CA ARG B 831 -11.51 47.35 23.89
C ARG B 831 -12.99 47.67 23.90
N GLU B 832 -13.80 46.69 24.30
CA GLU B 832 -15.25 46.86 24.32
C GLU B 832 -15.70 47.75 25.47
N ARG B 833 -15.15 47.50 26.65
CA ARG B 833 -15.42 48.37 27.80
C ARG B 833 -14.86 49.76 27.52
N PHE B 834 -13.77 49.82 26.76
CA PHE B 834 -13.22 51.10 26.32
C PHE B 834 -14.06 51.69 25.20
N ASN B 835 -14.74 50.81 24.46
CA ASN B 835 -15.57 51.20 23.32
C ASN B 835 -14.79 52.06 22.33
N LEU B 836 -13.62 51.57 21.92
CA LEU B 836 -12.74 52.31 21.03
C LEU B 836 -13.34 52.45 19.63
N ASN B 837 -14.23 51.54 19.28
CA ASN B 837 -14.87 51.57 17.96
C ASN B 837 -15.96 52.64 17.87
N MET B 838 -16.29 53.23 19.01
CA MET B 838 -17.33 54.26 19.05
C MET B 838 -16.75 55.64 19.35
N SER B 839 -17.05 56.61 18.49
CA SER B 839 -16.59 57.97 18.68
C SER B 839 -17.53 58.74 19.61
N GLU B 840 -18.61 58.09 20.00
CA GLU B 840 -19.59 58.68 20.91
C GLU B 840 -19.28 58.31 22.36
N GLU B 841 -19.33 59.32 23.23
CA GLU B 841 -19.02 59.11 24.64
C GLU B 841 -20.28 58.79 25.44
N ASP B 842 -21.40 58.63 24.72
CA ASP B 842 -22.70 58.39 25.36
C ASP B 842 -22.75 57.10 26.16
N ALA B 843 -21.76 56.22 25.97
CA ALA B 843 -21.69 54.97 26.72
C ALA B 843 -21.54 55.24 28.22
N THR B 844 -20.76 56.26 28.55
CA THR B 844 -20.58 56.67 29.94
C THR B 844 -21.90 57.18 30.52
N VAL B 845 -22.67 57.85 29.68
CA VAL B 845 -23.98 58.37 30.08
C VAL B 845 -24.95 57.21 30.30
N HIS B 846 -24.79 56.15 29.52
CA HIS B 846 -25.60 54.95 29.68
C HIS B 846 -25.24 54.26 30.99
N PHE B 847 -23.96 54.24 31.30
CA PHE B 847 -23.48 53.67 32.56
C PHE B 847 -24.02 54.50 33.73
N GLN B 848 -24.11 55.81 33.52
CA GLN B 848 -24.67 56.71 34.52
C GLN B 848 -26.15 56.43 34.71
N ASN B 849 -26.84 56.13 33.62
CA ASN B 849 -28.24 55.76 33.68
C ASN B 849 -28.43 54.43 34.41
N LEU B 850 -27.47 53.54 34.25
CA LEU B 850 -27.48 52.26 34.96
C LEU B 850 -27.28 52.51 36.45
N ILE B 851 -26.39 53.44 36.78
CA ILE B 851 -26.18 53.82 38.17
C ILE B 851 -27.45 54.45 38.74
N ASN B 852 -28.21 55.11 37.87
CA ASN B 852 -29.50 55.68 38.26
C ASN B 852 -30.53 54.59 38.46
N ASP B 853 -30.36 53.48 37.76
CA ASP B 853 -31.25 52.33 37.90
C ASP B 853 -30.85 51.46 39.09
N SER B 854 -29.65 51.71 39.61
CA SER B 854 -29.14 50.95 40.74
C SER B 854 -29.94 51.22 42.01
N VAL B 855 -30.44 52.45 42.14
CA VAL B 855 -31.25 52.83 43.30
C VAL B 855 -32.67 52.32 43.15
N ASN B 856 -33.22 52.43 41.95
CA ASN B 856 -34.58 51.97 41.67
C ASN B 856 -34.66 51.29 40.30
N ALA B 857 -35.28 50.11 40.27
CA ALA B 857 -35.41 49.34 39.04
C ALA B 857 -36.36 50.01 38.05
N LEU B 858 -36.06 49.86 36.77
CA LEU B 858 -36.91 50.41 35.71
C LEU B 858 -38.14 49.54 35.51
N LEU B 859 -38.03 48.27 35.92
CA LEU B 859 -39.13 47.31 35.85
C LEU B 859 -39.70 47.18 34.44
N PRO B 860 -38.83 47.01 33.44
CA PRO B 860 -39.29 46.78 32.07
C PRO B 860 -39.99 45.44 31.94
N ILE B 861 -39.49 44.44 32.66
CA ILE B 861 -40.10 43.11 32.68
C ILE B 861 -40.03 42.53 34.09
N VAL B 862 -40.77 41.44 34.32
CA VAL B 862 -40.74 40.77 35.61
C VAL B 862 -39.36 40.20 35.88
N ILE B 863 -38.76 39.61 34.85
CA ILE B 863 -37.42 39.05 34.95
C ILE B 863 -36.39 40.16 35.15
N ASP B 864 -36.72 41.37 34.71
CA ASP B 864 -35.85 42.52 34.90
C ASP B 864 -35.86 42.97 36.35
N HIS B 865 -37.05 42.97 36.95
CA HIS B 865 -37.21 43.31 38.36
C HIS B 865 -36.53 42.25 39.22
N LEU B 866 -36.66 40.99 38.81
CA LEU B 866 -36.00 39.88 39.49
C LEU B 866 -34.49 39.98 39.33
N HIS B 867 -34.05 40.56 38.22
CA HIS B 867 -32.63 40.75 37.97
C HIS B 867 -32.07 41.86 38.85
N ASN B 868 -32.85 42.93 39.02
CA ASN B 868 -32.47 44.02 39.89
C ASN B 868 -32.44 43.56 41.35
N LEU B 869 -33.41 42.72 41.71
CA LEU B 869 -33.45 42.14 43.04
C LEU B 869 -32.28 41.18 43.26
N ALA B 870 -31.84 40.55 42.18
CA ALA B 870 -30.70 39.65 42.22
C ALA B 870 -29.40 40.43 42.42
N GLN B 871 -29.29 41.54 41.72
CA GLN B 871 -28.11 42.41 41.84
C GLN B 871 -28.07 43.05 43.22
N TYR B 872 -29.25 43.35 43.76
CA TYR B 872 -29.35 43.93 45.10
C TYR B 872 -29.00 42.90 46.16
N TRP B 873 -29.43 41.66 45.96
CA TRP B 873 -29.13 40.57 46.89
C TRP B 873 -27.66 40.21 46.86
N ARG B 874 -27.06 40.30 45.67
CA ARG B 874 -25.64 40.00 45.51
C ARG B 874 -24.78 41.10 46.12
N THR B 875 -25.14 42.34 45.81
CA THR B 875 -24.44 43.52 46.32
C THR B 875 -22.94 43.47 46.01
N GLN C 10 -16.82 25.00 38.86
CA GLN C 10 -18.09 25.51 38.34
C GLN C 10 -19.23 25.25 39.32
N ALA C 11 -19.94 26.32 39.69
CA ALA C 11 -21.05 26.21 40.62
C ALA C 11 -22.31 25.69 39.93
N SER C 12 -22.57 26.20 38.73
CA SER C 12 -23.75 25.80 37.98
C SER C 12 -23.44 25.59 36.50
N PRO C 13 -24.07 24.57 35.89
CA PRO C 13 -23.96 24.20 34.48
C PRO C 13 -24.73 25.15 33.56
N SER C 14 -24.44 25.10 32.26
CA SER C 14 -25.15 25.84 31.24
C SER C 14 -24.92 27.37 31.31
N ILE C 15 -24.17 27.81 32.31
CA ILE C 15 -23.87 29.23 32.47
C ILE C 15 -22.71 29.65 31.56
N ALA C 16 -22.25 30.89 31.74
CA ALA C 16 -21.16 31.42 30.92
C ALA C 16 -20.34 32.45 31.68
N ILE C 17 -19.11 32.68 31.22
CA ILE C 17 -18.22 33.64 31.85
C ILE C 17 -18.62 35.07 31.53
N PHE C 18 -18.88 35.34 30.26
CA PHE C 18 -19.25 36.69 29.81
C PHE C 18 -20.66 37.07 30.28
N SER C 19 -20.87 38.36 30.48
CA SER C 19 -22.15 38.89 30.92
C SER C 19 -23.29 38.51 29.99
N TYR C 20 -23.23 39.02 28.76
CA TYR C 20 -24.29 38.78 27.78
C TYR C 20 -24.39 37.30 27.40
N ILE C 21 -23.29 36.58 27.49
CA ILE C 21 -23.27 35.16 27.13
C ILE C 21 -24.05 34.35 28.16
N ASP C 22 -25.06 33.62 27.69
CA ASP C 22 -25.92 32.85 28.57
C ASP C 22 -25.54 31.37 28.64
N VAL C 23 -24.53 30.96 27.89
CA VAL C 23 -24.12 29.56 27.86
C VAL C 23 -22.69 29.35 27.37
N LEU C 24 -22.26 28.08 27.36
CA LEU C 24 -20.89 27.74 26.98
C LEU C 24 -20.62 28.05 25.51
N GLU C 25 -19.56 28.82 25.27
CA GLU C 25 -19.19 29.23 23.92
C GLU C 25 -17.78 29.79 23.88
N GLU C 26 -17.39 30.31 22.73
CA GLU C 26 -16.09 30.96 22.56
C GLU C 26 -16.13 32.40 23.09
N VAL C 27 -15.10 33.16 22.78
CA VAL C 27 -15.00 34.54 23.27
C VAL C 27 -16.01 35.45 22.59
N HIS C 28 -15.96 36.74 22.93
CA HIS C 28 -16.95 37.70 22.45
C HIS C 28 -16.78 38.01 20.97
N TYR C 29 -17.64 38.87 20.45
CA TYR C 29 -17.65 39.21 19.04
C TYR C 29 -18.34 40.55 18.80
N VAL C 30 -18.57 40.88 17.54
CA VAL C 30 -19.22 42.13 17.17
C VAL C 30 -20.72 42.09 17.36
N SER C 31 -21.36 43.23 17.09
CA SER C 31 -22.80 43.38 17.27
C SER C 31 -23.32 44.54 16.44
N GLN C 32 -24.61 44.81 16.53
CA GLN C 32 -25.20 45.95 15.84
C GLN C 32 -26.50 46.42 16.48
N LEU C 33 -27.04 47.52 15.94
CA LEU C 33 -28.27 48.12 16.42
C LEU C 33 -28.89 48.99 15.34
N ASN C 34 -30.17 49.31 15.49
CA ASN C 34 -30.86 50.13 14.49
C ASN C 34 -32.03 50.91 15.09
N SER C 35 -32.48 51.93 14.37
CA SER C 35 -33.66 52.67 14.76
C SER C 35 -34.91 51.92 14.31
N SER C 36 -34.70 50.97 13.41
CA SER C 36 -35.79 50.13 12.90
C SER C 36 -36.12 48.98 13.87
N ARG C 37 -35.09 48.37 14.44
CA ARG C 37 -35.28 47.22 15.31
C ARG C 37 -34.31 47.23 16.50
N PHE C 38 -34.60 46.39 17.49
CA PHE C 38 -33.78 46.32 18.70
C PHE C 38 -32.38 45.80 18.40
N LEU C 39 -31.43 46.12 19.27
CA LEU C 39 -30.03 45.74 19.09
C LEU C 39 -29.83 44.23 19.14
N LYS C 40 -28.80 43.75 18.46
CA LYS C 40 -28.49 42.32 18.45
C LYS C 40 -26.98 42.10 18.50
N THR C 41 -26.56 40.93 18.96
CA THR C 41 -25.14 40.64 19.13
C THR C 41 -24.74 39.30 18.53
N CYS C 42 -23.59 39.27 17.87
CA CYS C 42 -23.08 38.04 17.28
C CYS C 42 -22.43 37.16 18.35
N LYS C 43 -22.45 35.85 18.13
CA LYS C 43 -21.86 34.92 19.07
C LYS C 43 -21.20 33.75 18.34
N ALA C 44 -20.25 33.09 19.00
CA ALA C 44 -19.55 31.96 18.40
C ALA C 44 -19.41 30.80 19.38
N LEU C 45 -19.97 29.65 19.02
CA LEU C 45 -19.80 28.44 19.80
C LEU C 45 -18.76 27.54 19.14
N ASP C 46 -17.72 27.19 19.89
CA ASP C 46 -16.59 26.48 19.30
C ASP C 46 -16.30 25.14 19.97
N PRO C 47 -15.93 24.14 19.16
CA PRO C 47 -15.43 22.80 19.51
C PRO C 47 -13.92 22.75 19.52
N ASN C 48 -13.28 23.47 20.44
CA ASN C 48 -11.83 23.51 20.57
C ASN C 48 -11.12 23.97 19.29
N GLY C 49 -11.52 25.13 18.78
CA GLY C 49 -10.87 25.71 17.62
C GLY C 49 -11.69 25.66 16.35
N GLU C 50 -12.91 25.12 16.44
CA GLU C 50 -13.82 25.09 15.30
C GLU C 50 -15.18 25.66 15.69
N ILE C 51 -15.53 26.81 15.11
CA ILE C 51 -16.74 27.52 15.51
C ILE C 51 -17.66 27.83 14.34
N VAL C 52 -18.93 28.11 14.65
CA VAL C 52 -19.91 28.52 13.65
C VAL C 52 -20.35 29.95 13.92
N ILE C 53 -21.24 30.48 13.09
CA ILE C 53 -21.71 31.85 13.27
C ILE C 53 -23.10 31.86 13.89
N LYS C 54 -23.18 32.27 15.15
CA LYS C 54 -24.44 32.23 15.90
C LYS C 54 -24.88 33.61 16.35
N VAL C 55 -26.05 33.66 16.99
CA VAL C 55 -26.62 34.93 17.45
C VAL C 55 -27.05 34.85 18.91
N PHE C 56 -26.77 35.90 19.68
CA PHE C 56 -27.02 35.89 21.11
C PHE C 56 -28.46 36.21 21.48
N ILE C 57 -29.09 35.29 22.21
CA ILE C 57 -30.44 35.51 22.76
C ILE C 57 -30.55 34.86 24.13
N LYS C 58 -31.13 35.58 25.08
CA LYS C 58 -31.18 35.10 26.47
C LYS C 58 -32.58 34.63 26.87
N PRO C 59 -32.73 33.31 27.05
CA PRO C 59 -33.97 32.64 27.47
C PRO C 59 -34.33 32.91 28.93
N LYS C 60 -33.34 33.23 29.75
CA LYS C 60 -33.56 33.47 31.18
C LYS C 60 -34.51 34.64 31.42
N ASP C 61 -34.34 35.70 30.63
CA ASP C 61 -35.21 36.87 30.72
C ASP C 61 -36.35 36.80 29.72
N GLN C 62 -36.36 35.74 28.91
CA GLN C 62 -37.35 35.59 27.85
C GLN C 62 -38.56 34.77 28.32
N TYR C 63 -38.57 34.38 29.58
CA TYR C 63 -39.66 33.58 30.13
C TYR C 63 -40.93 34.40 30.31
N SER C 64 -40.82 35.71 30.16
CA SER C 64 -41.96 36.60 30.30
C SER C 64 -42.87 36.57 29.08
N LEU C 65 -42.28 36.33 27.91
CA LEU C 65 -43.05 36.25 26.67
C LEU C 65 -42.86 34.89 25.99
N ARG C 66 -41.70 34.70 25.40
CA ARG C 66 -41.33 33.44 24.73
C ARG C 66 -42.35 33.00 23.69
N PRO C 67 -42.74 33.91 22.79
CA PRO C 67 -43.63 33.54 21.68
C PRO C 67 -42.83 33.12 20.45
N PHE C 68 -41.98 32.10 20.63
CA PHE C 68 -41.07 31.66 19.58
C PHE C 68 -41.61 30.52 18.75
N LEU C 69 -42.87 30.14 18.99
CA LEU C 69 -43.51 29.03 18.29
C LEU C 69 -43.49 29.20 16.77
N GLN C 70 -44.20 30.22 16.29
CA GLN C 70 -44.32 30.48 14.86
C GLN C 70 -42.96 30.71 14.20
N ARG C 71 -42.07 31.39 14.93
CA ARG C 71 -40.73 31.64 14.43
C ARG C 71 -39.95 30.34 14.28
N ILE C 72 -40.22 29.39 15.18
CA ILE C 72 -39.55 28.09 15.16
C ILE C 72 -40.11 27.21 14.05
N ARG C 73 -41.41 27.38 13.76
CA ARG C 73 -42.03 26.66 12.66
C ARG C 73 -41.48 27.16 11.33
N ALA C 74 -41.40 28.49 11.20
CA ALA C 74 -40.86 29.11 10.00
C ALA C 74 -39.38 28.77 9.84
N GLN C 75 -38.66 28.68 10.95
CA GLN C 75 -37.25 28.34 10.93
C GLN C 75 -37.05 26.89 10.51
N SER C 76 -37.91 26.01 11.01
CA SER C 76 -37.85 24.60 10.66
C SER C 76 -38.17 24.40 9.19
N PHE C 77 -39.18 25.11 8.71
CA PHE C 77 -39.59 25.01 7.31
C PHE C 77 -38.53 25.55 6.36
N LYS C 78 -37.98 26.72 6.69
CA LYS C 78 -36.98 27.36 5.84
C LYS C 78 -35.64 26.62 5.85
N LEU C 79 -35.12 26.37 7.05
CA LEU C 79 -33.82 25.72 7.18
C LEU C 79 -33.90 24.23 6.89
N GLY C 80 -35.12 23.70 6.83
CA GLY C 80 -35.33 22.30 6.49
C GLY C 80 -34.79 21.99 5.11
N GLN C 81 -35.15 22.83 4.15
CA GLN C 81 -34.64 22.72 2.80
C GLN C 81 -33.24 23.33 2.71
N LEU C 82 -32.41 22.79 1.81
CA LEU C 82 -31.05 23.27 1.65
C LEU C 82 -30.81 23.77 0.23
N PRO C 83 -31.46 24.88 -0.14
CA PRO C 83 -31.32 25.51 -1.45
C PRO C 83 -30.03 26.31 -1.56
N HIS C 84 -29.88 27.06 -2.65
CA HIS C 84 -28.71 27.91 -2.85
C HIS C 84 -28.56 28.94 -1.73
N VAL C 85 -29.69 29.32 -1.15
CA VAL C 85 -29.68 30.24 -0.01
C VAL C 85 -29.22 29.55 1.26
N LEU C 86 -28.66 30.31 2.18
CA LEU C 86 -28.14 29.77 3.43
C LEU C 86 -29.26 29.28 4.34
N ASN C 87 -29.02 28.14 4.98
CA ASN C 87 -29.99 27.58 5.93
C ASN C 87 -29.47 27.65 7.36
N TYR C 88 -30.35 27.97 8.30
CA TYR C 88 -29.98 28.06 9.71
C TYR C 88 -29.58 26.71 10.25
N SER C 89 -28.52 26.70 11.07
CA SER C 89 -28.01 25.45 11.64
C SER C 89 -28.92 24.96 12.77
N LYS C 90 -28.93 25.69 13.88
CA LYS C 90 -29.76 25.34 15.01
C LYS C 90 -30.52 26.54 15.55
N LEU C 91 -31.86 26.47 15.53
CA LEU C 91 -32.67 27.52 16.12
C LEU C 91 -33.31 26.84 17.33
N ILE C 92 -32.98 27.30 18.53
CA ILE C 92 -33.55 26.69 19.73
C ILE C 92 -33.51 27.54 21.00
N GLU C 93 -34.32 27.15 21.99
CA GLU C 93 -34.39 27.84 23.28
C GLU C 93 -34.16 26.85 24.43
N THR C 94 -33.33 27.22 25.38
CA THR C 94 -33.02 26.35 26.52
C THR C 94 -33.47 27.00 27.83
N ASN C 95 -33.14 26.35 28.94
CA ASN C 95 -33.47 26.88 30.25
C ASN C 95 -32.59 28.05 30.63
N ARG C 96 -31.52 28.25 29.86
CA ARG C 96 -30.58 29.34 30.09
C ARG C 96 -30.46 30.23 28.87
N ALA C 97 -29.94 29.67 27.78
CA ALA C 97 -29.70 30.44 26.55
C ALA C 97 -30.74 30.13 25.48
N GLY C 98 -31.33 31.19 24.92
CA GLY C 98 -32.26 31.05 23.81
C GLY C 98 -31.59 31.48 22.53
N TYR C 99 -30.25 31.52 22.56
CA TYR C 99 -29.45 31.96 21.42
C TYR C 99 -29.67 31.10 20.19
N MET C 100 -29.61 31.73 19.01
CA MET C 100 -29.76 31.00 17.76
C MET C 100 -28.40 30.70 17.15
N ILE C 101 -28.39 29.97 16.04
CA ILE C 101 -27.14 29.53 15.45
C ILE C 101 -27.22 29.35 13.93
N ARG C 102 -26.08 29.44 13.28
CA ARG C 102 -25.96 29.27 11.84
C ARG C 102 -24.53 28.88 11.47
N GLN C 103 -24.34 28.39 10.25
CA GLN C 103 -23.02 27.96 9.80
C GLN C 103 -22.04 29.14 9.75
N HIS C 104 -20.75 28.84 9.93
CA HIS C 104 -19.72 29.87 9.92
C HIS C 104 -19.50 30.41 8.51
N LEU C 105 -19.50 31.74 8.40
CA LEU C 105 -19.32 32.39 7.10
C LEU C 105 -18.22 33.44 7.16
N LYS C 106 -18.46 34.47 7.97
CA LYS C 106 -17.54 35.61 8.13
C LYS C 106 -17.34 36.36 6.82
N ASN C 107 -18.28 36.24 5.89
CA ASN C 107 -18.26 37.05 4.68
C ASN C 107 -19.63 37.60 4.32
N ASN C 108 -19.77 38.92 4.36
CA ASN C 108 -20.97 39.59 3.86
C ASN C 108 -20.92 39.68 2.35
N LEU C 109 -22.08 39.85 1.72
CA LEU C 109 -22.14 39.96 0.26
C LEU C 109 -21.34 41.17 -0.25
N TYR C 110 -21.68 42.35 0.25
CA TYR C 110 -21.01 43.58 -0.16
C TYR C 110 -19.57 43.60 0.34
N ASP C 111 -19.36 43.15 1.56
CA ASP C 111 -18.02 43.13 2.16
C ASP C 111 -17.07 42.24 1.37
N ARG C 112 -17.59 41.12 0.86
CA ARG C 112 -16.80 40.22 0.04
C ARG C 112 -16.66 40.78 -1.38
N LEU C 113 -17.67 41.54 -1.81
CA LEU C 113 -17.62 42.21 -3.10
C LEU C 113 -16.45 43.20 -3.11
N SER C 114 -16.21 43.83 -1.97
CA SER C 114 -15.07 44.73 -1.81
C SER C 114 -13.79 43.94 -1.54
N LEU C 115 -13.91 42.81 -0.87
CA LEU C 115 -12.76 42.01 -0.48
C LEU C 115 -12.21 41.14 -1.61
N ARG C 116 -13.10 40.75 -2.52
CA ARG C 116 -12.70 39.84 -3.60
C ARG C 116 -12.94 40.44 -4.98
N PRO C 117 -12.09 41.40 -5.38
CA PRO C 117 -12.15 41.98 -6.72
C PRO C 117 -11.74 40.98 -7.79
N TYR C 118 -10.91 40.01 -7.40
CA TYR C 118 -10.44 38.98 -8.32
C TYR C 118 -11.52 37.92 -8.54
N LEU C 119 -12.27 37.61 -7.50
CA LEU C 119 -13.33 36.60 -7.58
C LEU C 119 -14.59 37.19 -8.21
N GLN C 120 -14.64 38.52 -8.27
CA GLN C 120 -15.78 39.21 -8.87
C GLN C 120 -15.62 39.30 -10.39
N ASP C 121 -16.63 38.85 -11.12
CA ASP C 121 -16.59 38.86 -12.57
C ASP C 121 -17.93 39.29 -13.16
N ILE C 122 -17.94 39.57 -14.45
CA ILE C 122 -19.15 39.99 -15.15
C ILE C 122 -20.28 38.98 -15.01
N GLU C 123 -20.08 37.79 -15.55
CA GLU C 123 -21.10 36.74 -15.51
C GLU C 123 -21.30 36.19 -14.10
N LEU C 124 -20.31 36.40 -13.24
CA LEU C 124 -20.36 35.89 -11.87
C LEU C 124 -21.47 36.56 -11.06
N LYS C 125 -21.51 37.89 -11.12
CA LYS C 125 -22.53 38.66 -10.41
C LYS C 125 -23.92 38.30 -10.91
N PHE C 126 -24.04 38.11 -12.22
CA PHE C 126 -25.31 37.72 -12.82
C PHE C 126 -25.72 36.33 -12.38
N ILE C 127 -24.72 35.46 -12.17
CA ILE C 127 -24.97 34.10 -11.72
C ILE C 127 -25.48 34.08 -10.28
N ALA C 128 -24.79 34.83 -9.42
CA ALA C 128 -25.18 34.94 -8.02
C ALA C 128 -26.57 35.56 -7.90
N PHE C 129 -26.82 36.59 -8.71
CA PHE C 129 -28.12 37.26 -8.71
C PHE C 129 -29.21 36.33 -9.21
N GLN C 130 -28.85 35.46 -10.15
CA GLN C 130 -29.78 34.47 -10.68
C GLN C 130 -30.13 33.45 -9.61
N LEU C 131 -29.12 33.03 -8.85
CA LEU C 131 -29.32 32.08 -7.76
C LEU C 131 -30.21 32.70 -6.68
N LEU C 132 -29.98 33.97 -6.39
CA LEU C 132 -30.78 34.70 -5.42
C LEU C 132 -32.23 34.83 -5.91
N ASN C 133 -32.38 35.01 -7.21
CA ASN C 133 -33.71 35.12 -7.81
C ASN C 133 -34.46 33.80 -7.73
N ALA C 134 -33.75 32.70 -7.96
CA ALA C 134 -34.33 31.37 -7.89
C ALA C 134 -34.74 31.04 -6.45
N LEU C 135 -33.86 31.39 -5.51
CA LEU C 135 -34.14 31.15 -4.10
C LEU C 135 -35.33 31.97 -3.62
N LYS C 136 -35.40 33.22 -4.08
CA LYS C 136 -36.49 34.11 -3.70
C LYS C 136 -37.81 33.64 -4.31
N ASP C 137 -37.74 33.13 -5.54
CA ASP C 137 -38.93 32.62 -6.20
C ASP C 137 -39.43 31.36 -5.53
N ILE C 138 -38.49 30.51 -5.10
CA ILE C 138 -38.83 29.28 -4.39
C ILE C 138 -39.44 29.61 -3.02
N HIS C 139 -38.90 30.64 -2.38
CA HIS C 139 -39.43 31.11 -1.11
C HIS C 139 -40.84 31.65 -1.31
N ASN C 140 -41.06 32.33 -2.43
CA ASN C 140 -42.38 32.83 -2.78
C ASN C 140 -43.33 31.69 -3.10
N LEU C 141 -42.77 30.55 -3.51
CA LEU C 141 -43.56 29.36 -3.78
C LEU C 141 -43.79 28.57 -2.50
N ASN C 142 -43.06 28.94 -1.45
CA ASN C 142 -43.19 28.28 -0.15
C ASN C 142 -44.25 28.97 0.72
N ILE C 143 -44.90 29.98 0.13
CA ILE C 143 -45.94 30.76 0.81
C ILE C 143 -45.42 31.47 2.05
N VAL C 144 -44.13 31.81 2.02
CA VAL C 144 -43.53 32.55 3.13
C VAL C 144 -42.51 33.57 2.62
N HIS C 145 -42.57 34.79 3.15
CA HIS C 145 -41.68 35.86 2.74
C HIS C 145 -41.71 37.01 3.74
N GLY C 146 -41.02 38.10 3.40
CA GLY C 146 -41.03 39.29 4.24
C GLY C 146 -39.74 39.51 5.02
N ASP C 147 -38.76 38.65 4.82
CA ASP C 147 -37.48 38.78 5.49
C ASP C 147 -36.75 40.03 5.01
N ILE C 148 -36.29 40.85 5.95
CA ILE C 148 -35.60 42.10 5.63
C ILE C 148 -34.32 41.84 4.85
N LYS C 149 -34.14 42.58 3.77
CA LYS C 149 -32.98 42.39 2.90
C LYS C 149 -31.84 43.35 3.25
N THR C 150 -30.69 42.79 3.59
CA THR C 150 -29.50 43.59 3.85
C THR C 150 -28.30 42.98 3.13
N GLU C 151 -27.23 43.77 2.99
CA GLU C 151 -26.05 43.35 2.25
C GLU C 151 -25.25 42.27 2.98
N ASN C 152 -25.59 42.04 4.24
CA ASN C 152 -24.88 41.04 5.04
C ASN C 152 -25.59 39.68 5.01
N ILE C 153 -26.68 39.61 4.26
CA ILE C 153 -27.47 38.39 4.17
C ILE C 153 -26.74 37.29 3.41
N LEU C 154 -26.29 37.62 2.19
CA LEU C 154 -25.63 36.64 1.33
C LEU C 154 -24.18 36.39 1.78
N VAL C 155 -23.84 35.13 1.95
CA VAL C 155 -22.50 34.75 2.37
C VAL C 155 -21.82 33.93 1.30
N THR C 156 -20.49 33.95 1.28
CA THR C 156 -19.72 33.23 0.29
C THR C 156 -18.76 32.22 0.93
N SER C 157 -18.45 31.16 0.20
CA SER C 157 -17.54 30.13 0.69
C SER C 157 -16.46 29.86 -0.36
N TRP C 158 -15.65 28.83 -0.10
CA TRP C 158 -14.63 28.41 -1.06
C TRP C 158 -15.25 28.04 -2.40
N ASN C 159 -16.52 27.64 -2.36
CA ASN C 159 -17.28 27.35 -3.57
C ASN C 159 -17.70 28.62 -4.30
N TRP C 160 -17.42 29.77 -3.67
CA TRP C 160 -17.70 31.08 -4.25
C TRP C 160 -19.16 31.25 -4.65
N CYS C 161 -20.06 30.67 -3.85
CA CYS C 161 -21.48 30.76 -4.12
C CYS C 161 -22.17 31.64 -3.08
N ILE C 162 -23.21 32.34 -3.51
CA ILE C 162 -23.97 33.22 -2.61
C ILE C 162 -25.06 32.45 -1.88
N LEU C 163 -25.12 32.61 -0.56
CA LEU C 163 -26.13 31.94 0.24
C LEU C 163 -26.82 32.91 1.19
N THR C 164 -28.12 33.11 1.00
CA THR C 164 -28.87 34.08 1.79
C THR C 164 -29.53 33.45 3.00
N ASP C 165 -29.53 34.17 4.12
CA ASP C 165 -30.13 33.70 5.36
C ASP C 165 -31.28 34.61 5.80
N PHE C 166 -32.18 34.07 6.61
CA PHE C 166 -33.33 34.82 7.10
C PHE C 166 -32.89 36.01 7.95
N ALA C 167 -31.80 35.82 8.71
CA ALA C 167 -31.24 36.91 9.49
C ALA C 167 -30.15 37.61 8.69
N ALA C 168 -30.41 38.84 8.31
CA ALA C 168 -29.51 39.59 7.45
C ALA C 168 -28.57 40.50 8.24
N PHE C 169 -28.68 40.44 9.57
CA PHE C 169 -27.84 41.26 10.44
C PHE C 169 -26.40 40.77 10.42
N THR C 194 -26.31 49.57 11.56
CA THR C 194 -25.15 50.30 11.06
C THR C 194 -25.25 50.51 9.55
N CYS C 195 -25.58 49.45 8.83
CA CYS C 195 -25.74 49.52 7.38
C CYS C 195 -27.06 50.18 7.00
N TYR C 196 -27.12 50.71 5.79
CA TYR C 196 -28.35 51.34 5.30
C TYR C 196 -29.46 50.30 5.14
N LEU C 197 -30.60 50.57 5.78
CA LEU C 197 -31.71 49.63 5.77
C LEU C 197 -32.50 49.71 4.47
N ALA C 198 -33.11 48.58 4.10
CA ALA C 198 -34.00 48.55 2.94
C ALA C 198 -35.45 48.57 3.41
N PRO C 199 -36.12 49.72 3.25
CA PRO C 199 -37.50 49.95 3.70
C PRO C 199 -38.54 49.34 2.77
N GLU C 200 -39.70 48.98 3.34
CA GLU C 200 -40.85 48.57 2.55
C GLU C 200 -41.78 49.75 2.38
N ARG C 201 -41.99 50.17 1.14
CA ARG C 201 -42.79 51.36 0.83
C ARG C 201 -44.21 51.26 1.40
N PHE C 202 -44.80 50.07 1.30
CA PHE C 202 -46.13 49.83 1.82
C PHE C 202 -46.19 50.03 3.34
N ASN C 203 -45.36 49.29 4.06
CA ASN C 203 -45.31 49.36 5.51
C ASN C 203 -44.91 50.74 6.03
N SER C 204 -44.22 51.49 5.18
CA SER C 204 -43.81 52.85 5.51
C SER C 204 -44.97 53.81 5.37
N LYS C 205 -45.47 53.96 4.15
CA LYS C 205 -46.53 54.92 3.83
C LYS C 205 -47.83 54.61 4.57
N LEU C 206 -48.05 53.34 4.89
CA LEU C 206 -49.29 52.94 5.55
C LEU C 206 -49.15 52.96 7.07
N TYR C 207 -48.02 53.43 7.57
CA TYR C 207 -47.78 53.45 9.00
C TYR C 207 -48.20 54.76 9.64
N GLN C 208 -49.27 54.70 10.43
CA GLN C 208 -49.71 55.84 11.23
C GLN C 208 -50.09 55.35 12.62
N ASP C 209 -49.38 55.84 13.63
CA ASP C 209 -49.55 55.38 15.01
C ASP C 209 -49.45 53.86 15.10
N GLY C 210 -48.54 53.29 14.34
CA GLY C 210 -48.37 51.84 14.27
C GLY C 210 -49.52 51.19 13.52
N LYS C 211 -50.04 51.90 12.53
CA LYS C 211 -51.17 51.43 11.74
C LYS C 211 -52.37 51.09 12.63
N SER C 212 -52.67 51.98 13.56
CA SER C 212 -53.75 51.79 14.53
C SER C 212 -53.58 50.48 15.30
N ASN C 213 -52.39 50.30 15.87
CA ASN C 213 -52.06 49.10 16.65
C ASN C 213 -52.27 47.82 15.88
N ASN C 214 -51.70 47.75 14.68
CA ASN C 214 -51.81 46.57 13.83
C ASN C 214 -50.71 45.55 14.13
N GLY C 215 -51.07 44.26 14.06
CA GLY C 215 -50.13 43.20 14.34
C GLY C 215 -49.13 42.99 13.22
N ARG C 216 -48.44 41.85 13.27
CA ARG C 216 -47.43 41.52 12.26
C ARG C 216 -48.04 41.37 10.87
N LEU C 217 -47.48 42.08 9.90
CA LEU C 217 -47.97 42.04 8.54
C LEU C 217 -46.84 42.17 7.53
N THR C 218 -47.02 41.56 6.35
CA THR C 218 -46.01 41.56 5.30
C THR C 218 -46.53 40.86 4.04
N LYS C 219 -45.86 41.11 2.93
CA LYS C 219 -46.24 40.53 1.65
C LYS C 219 -45.01 40.22 0.81
N GLU C 220 -45.18 39.42 -0.25
CA GLU C 220 -44.09 39.11 -1.15
C GLU C 220 -43.60 40.37 -1.89
N MET C 221 -44.48 41.36 -1.98
CA MET C 221 -44.16 42.62 -2.63
C MET C 221 -43.02 43.35 -1.91
N ASP C 222 -43.11 43.42 -0.59
CA ASP C 222 -42.08 44.07 0.22
C ASP C 222 -40.74 43.38 0.03
N ILE C 223 -40.76 42.06 -0.05
CA ILE C 223 -39.56 41.28 -0.29
C ILE C 223 -39.06 41.52 -1.72
N PHE C 224 -39.97 41.89 -2.61
CA PHE C 224 -39.61 42.17 -4.00
C PHE C 224 -38.92 43.53 -4.12
N SER C 225 -39.38 44.50 -3.34
CA SER C 225 -38.79 45.83 -3.34
C SER C 225 -37.45 45.83 -2.62
N LEU C 226 -37.42 45.18 -1.46
CA LEU C 226 -36.19 45.04 -0.68
C LEU C 226 -35.16 44.26 -1.47
N GLY C 227 -35.61 43.18 -2.11
CA GLY C 227 -34.75 42.38 -2.96
C GLY C 227 -34.25 43.19 -4.15
N CYS C 228 -35.12 44.04 -4.69
CA CYS C 228 -34.75 44.96 -5.76
C CYS C 228 -33.59 45.86 -5.33
N VAL C 229 -33.82 46.68 -4.32
CA VAL C 229 -32.81 47.61 -3.81
C VAL C 229 -31.51 46.89 -3.44
N ILE C 230 -31.63 45.70 -2.86
CA ILE C 230 -30.46 44.90 -2.51
C ILE C 230 -29.71 44.45 -3.77
N ALA C 231 -30.47 44.12 -4.81
CA ALA C 231 -29.88 43.68 -6.08
C ALA C 231 -29.13 44.80 -6.75
N GLU C 232 -29.70 46.01 -6.69
CA GLU C 232 -29.03 47.19 -7.23
C GLU C 232 -27.77 47.48 -6.43
N ILE C 233 -27.87 47.33 -5.11
CA ILE C 233 -26.74 47.53 -4.22
C ILE C 233 -25.62 46.54 -4.53
N PHE C 234 -25.99 45.34 -4.94
CA PHE C 234 -25.01 44.32 -5.30
C PHE C 234 -24.42 44.62 -6.68
N ALA C 235 -25.24 45.17 -7.56
CA ALA C 235 -24.80 45.51 -8.91
C ALA C 235 -23.77 46.62 -8.91
N GLU C 236 -24.10 47.74 -8.27
CA GLU C 236 -23.21 48.89 -8.24
C GLU C 236 -22.09 48.73 -7.23
N GLY C 237 -22.42 48.18 -6.07
CA GLY C 237 -21.49 48.07 -4.96
C GLY C 237 -21.84 49.03 -3.84
N ARG C 238 -22.71 49.99 -4.14
CA ARG C 238 -23.21 50.92 -3.15
C ARG C 238 -24.72 51.03 -3.25
N PRO C 239 -25.40 51.17 -2.11
CA PRO C 239 -26.86 51.11 -2.24
C PRO C 239 -27.51 52.46 -2.53
N ILE C 240 -28.82 52.45 -2.76
CA ILE C 240 -29.57 53.67 -3.02
C ILE C 240 -30.30 54.19 -1.80
N PHE C 241 -30.13 53.51 -0.67
CA PHE C 241 -30.94 53.81 0.52
C PHE C 241 -30.51 55.09 1.22
N ASN C 242 -31.45 56.04 1.32
CA ASN C 242 -31.23 57.30 2.01
C ASN C 242 -32.55 57.94 2.41
N LEU C 243 -32.50 58.89 3.34
CA LEU C 243 -33.69 59.63 3.72
C LEU C 243 -34.23 60.42 2.53
N SER C 244 -33.32 61.04 1.78
CA SER C 244 -33.67 61.77 0.58
C SER C 244 -34.19 60.82 -0.50
N GLN C 245 -33.72 59.59 -0.46
CA GLN C 245 -34.17 58.57 -1.40
C GLN C 245 -35.61 58.15 -1.09
N LEU C 246 -35.91 58.02 0.19
CA LEU C 246 -37.27 57.70 0.61
C LEU C 246 -38.22 58.85 0.29
N PHE C 247 -37.73 60.07 0.51
CA PHE C 247 -38.50 61.27 0.20
C PHE C 247 -38.76 61.36 -1.30
N LYS C 248 -37.78 60.93 -2.09
CA LYS C 248 -37.92 60.92 -3.54
C LYS C 248 -38.90 59.84 -3.96
N TYR C 249 -38.93 58.74 -3.21
CA TYR C 249 -39.89 57.67 -3.45
C TYR C 249 -41.29 58.17 -3.16
N LYS C 250 -41.40 59.07 -2.18
CA LYS C 250 -42.66 59.73 -1.89
C LYS C 250 -42.96 60.79 -2.96
N SER C 251 -41.91 61.22 -3.64
CA SER C 251 -42.05 62.21 -4.71
C SER C 251 -42.36 61.54 -6.05
N ASN C 252 -42.41 60.21 -6.02
CA ASN C 252 -42.76 59.40 -7.20
C ASN C 252 -41.84 59.66 -8.39
N SER C 253 -40.59 60.05 -8.12
CA SER C 253 -39.62 60.29 -9.18
C SER C 253 -38.20 60.00 -8.71
N TYR C 254 -37.38 59.46 -9.61
CA TYR C 254 -35.98 59.19 -9.30
C TYR C 254 -35.12 59.31 -10.56
N ASP C 255 -33.90 59.82 -10.40
CA ASP C 255 -32.96 59.93 -11.52
C ASP C 255 -32.25 58.61 -11.75
N VAL C 256 -32.39 58.06 -12.95
CA VAL C 256 -31.79 56.77 -13.27
C VAL C 256 -30.44 56.93 -13.96
N ASN C 257 -29.38 56.57 -13.26
CA ASN C 257 -28.03 56.59 -13.83
C ASN C 257 -27.20 55.40 -13.35
N ARG C 258 -26.56 54.71 -14.28
CA ARG C 258 -25.77 53.54 -13.96
C ARG C 258 -24.79 53.18 -15.08
N SER C 267 -28.02 47.52 -18.44
CA SER C 267 -28.71 47.04 -19.63
C SER C 267 -30.17 47.46 -19.64
N THR C 268 -30.75 47.55 -20.83
CA THR C 268 -32.15 47.96 -21.00
C THR C 268 -33.11 47.04 -20.24
N ASP C 269 -33.17 45.78 -20.66
CA ASP C 269 -34.09 44.81 -20.09
C ASP C 269 -33.88 44.65 -18.57
N LEU C 270 -32.63 44.69 -18.14
CA LEU C 270 -32.30 44.58 -16.72
C LEU C 270 -32.84 45.79 -15.95
N ARG C 271 -32.63 46.98 -16.51
CA ARG C 271 -33.09 48.21 -15.87
C ARG C 271 -34.62 48.24 -15.78
N ASN C 272 -35.28 47.76 -16.82
CA ASN C 272 -36.74 47.71 -16.82
C ASN C 272 -37.27 46.70 -15.81
N LEU C 273 -36.68 45.51 -15.82
CA LEU C 273 -37.09 44.45 -14.90
C LEU C 273 -36.85 44.83 -13.44
N VAL C 274 -35.81 45.62 -13.21
CA VAL C 274 -35.50 46.09 -11.86
C VAL C 274 -36.45 47.23 -11.47
N LEU C 275 -36.74 48.10 -12.44
CA LEU C 275 -37.62 49.24 -12.19
C LEU C 275 -39.06 48.79 -11.93
N ASP C 276 -39.40 47.61 -12.45
CA ASP C 276 -40.71 47.04 -12.21
C ASP C 276 -40.94 46.80 -10.72
N MET C 277 -39.93 46.23 -10.07
CA MET C 277 -39.99 45.98 -8.63
C MET C 277 -39.67 47.24 -7.83
N ILE C 278 -38.95 48.16 -8.45
CA ILE C 278 -38.49 49.37 -7.76
C ILE C 278 -39.58 50.43 -7.62
N GLN C 279 -40.34 50.65 -8.69
CA GLN C 279 -41.37 51.68 -8.69
C GLN C 279 -42.40 51.50 -7.59
N LEU C 280 -43.24 50.47 -7.74
CA LEU C 280 -44.22 50.12 -6.72
C LEU C 280 -44.25 48.61 -6.54
N ASP C 281 -43.95 48.15 -5.33
CA ASP C 281 -43.87 46.72 -5.06
C ASP C 281 -45.19 46.00 -5.36
N PRO C 282 -46.25 46.35 -4.63
CA PRO C 282 -47.59 45.78 -4.83
C PRO C 282 -48.25 46.21 -6.15
N SER C 283 -48.11 47.49 -6.49
CA SER C 283 -48.88 48.07 -7.59
C SER C 283 -48.30 47.78 -8.98
N LYS C 284 -46.99 47.86 -9.12
CA LYS C 284 -46.35 47.68 -10.42
C LYS C 284 -46.15 46.21 -10.75
N ARG C 285 -46.54 45.34 -9.81
CA ARG C 285 -46.51 43.89 -10.02
C ARG C 285 -45.11 43.40 -10.37
N LEU C 286 -44.21 43.39 -9.39
CA LEU C 286 -42.85 42.90 -9.55
C LEU C 286 -42.83 41.50 -10.16
N SER C 287 -43.54 40.57 -9.52
CA SER C 287 -43.72 39.21 -10.03
C SER C 287 -42.38 38.50 -10.27
N CYS C 288 -41.71 38.13 -9.18
CA CYS C 288 -40.40 37.47 -9.24
C CYS C 288 -40.37 36.28 -10.19
N ASP C 289 -41.45 35.50 -10.20
CA ASP C 289 -41.55 34.36 -11.10
C ASP C 289 -41.55 34.80 -12.56
N GLU C 290 -42.27 35.89 -12.84
CA GLU C 290 -42.36 36.42 -14.20
C GLU C 290 -40.99 36.89 -14.69
N LEU C 291 -40.19 37.42 -13.78
CA LEU C 291 -38.82 37.84 -14.10
C LEU C 291 -37.93 36.62 -14.29
N LEU C 292 -38.18 35.59 -13.50
CA LEU C 292 -37.46 34.33 -13.62
C LEU C 292 -37.70 33.70 -14.98
N ASN C 293 -38.91 33.90 -15.50
CA ASN C 293 -39.24 33.48 -16.85
C ASN C 293 -38.78 34.51 -17.88
N LYS C 294 -38.46 35.71 -17.39
CA LYS C 294 -38.00 36.80 -18.24
C LYS C 294 -36.47 36.84 -18.31
N TYR C 295 -35.82 35.86 -17.69
CA TYR C 295 -34.36 35.75 -17.71
C TYR C 295 -33.82 35.80 -19.14
N ARG C 296 -32.83 36.67 -19.36
CA ARG C 296 -32.32 36.97 -20.69
C ARG C 296 -31.71 35.74 -21.38
N GLY C 297 -30.70 35.16 -20.75
CA GLY C 297 -29.98 34.05 -21.35
C GLY C 297 -30.79 32.78 -21.51
N ILE C 298 -30.89 32.29 -22.74
CA ILE C 298 -31.53 31.00 -23.00
C ILE C 298 -30.54 29.89 -22.70
N PHE C 299 -29.27 30.18 -22.93
CA PHE C 299 -28.18 29.27 -22.60
C PHE C 299 -27.93 29.28 -21.11
N PHE C 300 -27.59 30.46 -20.59
CA PHE C 300 -27.31 30.66 -19.17
C PHE C 300 -28.36 30.04 -18.26
N PRO C 301 -29.64 30.09 -18.66
CA PRO C 301 -30.69 29.45 -17.85
C PRO C 301 -30.49 27.94 -17.70
N ASP C 302 -30.18 27.26 -18.79
CA ASP C 302 -29.98 25.81 -18.77
C ASP C 302 -28.66 25.44 -18.10
N TYR C 303 -27.63 26.23 -18.38
CA TYR C 303 -26.32 26.01 -17.77
C TYR C 303 -26.38 26.18 -16.27
N PHE C 304 -27.17 27.16 -15.82
CA PHE C 304 -27.34 27.41 -14.39
C PHE C 304 -28.42 26.50 -13.81
N TYR C 305 -29.13 25.79 -14.68
CA TYR C 305 -30.02 24.74 -14.23
C TYR C 305 -29.22 23.50 -13.88
N THR C 306 -28.29 23.14 -14.76
CA THR C 306 -27.36 22.05 -14.50
C THR C 306 -26.47 22.43 -13.33
N PHE C 307 -26.18 23.72 -13.22
CA PHE C 307 -25.39 24.24 -12.11
C PHE C 307 -26.25 24.36 -10.86
N ILE C 308 -27.57 24.31 -11.04
CA ILE C 308 -28.49 24.27 -9.91
C ILE C 308 -28.53 22.86 -9.35
N TYR C 309 -28.48 21.88 -10.24
CA TYR C 309 -28.36 20.48 -9.83
C TYR C 309 -27.01 20.26 -9.16
N ASP C 310 -25.98 20.88 -9.73
CA ASP C 310 -24.65 20.84 -9.14
C ASP C 310 -24.65 21.60 -7.81
N TYR C 311 -25.57 22.54 -7.68
CA TYR C 311 -25.73 23.30 -6.44
C TYR C 311 -26.46 22.43 -5.41
N PHE C 312 -27.25 21.48 -5.91
CA PHE C 312 -27.88 20.51 -5.03
C PHE C 312 -26.83 19.52 -4.55
N ARG C 313 -25.88 19.22 -5.43
CA ARG C 313 -24.73 18.40 -5.06
C ARG C 313 -23.91 19.13 -4.01
N ASN C 314 -23.77 20.44 -4.18
CA ASN C 314 -23.07 21.28 -3.22
C ASN C 314 -23.81 21.32 -1.90
N LEU C 315 -25.15 21.23 -1.98
CA LEU C 315 -25.99 21.18 -0.79
C LEU C 315 -25.75 19.86 -0.07
N VAL C 316 -25.55 18.80 -0.84
CA VAL C 316 -25.21 17.49 -0.28
C VAL C 316 -23.83 17.58 0.38
N THR C 317 -22.98 18.43 -0.16
CA THR C 317 -21.68 18.70 0.43
C THR C 317 -21.82 19.66 1.61
N MET C 318 -22.84 20.50 1.57
CA MET C 318 -23.06 21.49 2.61
C MET C 318 -23.69 20.89 3.86
N THR C 319 -24.33 19.74 3.71
CA THR C 319 -24.97 19.06 4.82
C THR C 319 -23.95 18.46 5.78
N ASN C 327 -24.38 18.22 22.54
CA ASN C 327 -25.44 17.78 21.65
C ASN C 327 -24.90 17.21 20.34
N THR C 328 -25.79 16.85 19.44
CA THR C 328 -25.37 16.30 18.15
C THR C 328 -26.23 16.83 17.01
N CYS C 329 -25.57 17.27 15.94
CA CYS C 329 -26.26 17.76 14.74
C CYS C 329 -25.67 17.09 13.50
N THR C 330 -24.41 17.40 13.21
CA THR C 330 -23.70 16.80 12.09
C THR C 330 -22.25 16.51 12.47
N ASN C 331 -21.72 15.41 11.94
CA ASN C 331 -20.36 14.99 12.26
C ASN C 331 -19.30 15.90 11.67
N SER C 332 -18.12 15.91 12.29
CA SER C 332 -17.01 16.74 11.83
C SER C 332 -16.33 16.13 10.61
N THR C 333 -16.17 14.81 10.64
CA THR C 333 -15.57 14.09 9.52
C THR C 333 -16.52 14.06 8.33
N LEU C 334 -17.81 14.25 8.62
CA LEU C 334 -18.83 14.27 7.59
C LEU C 334 -18.62 15.41 6.60
N GLU C 335 -17.97 16.47 7.06
CA GLU C 335 -17.65 17.60 6.20
C GLU C 335 -16.59 17.22 5.18
N ASP C 336 -15.49 16.64 5.65
CA ASP C 336 -14.42 16.20 4.77
C ASP C 336 -14.91 15.13 3.80
N ASN C 337 -15.70 14.20 4.32
CA ASN C 337 -16.30 13.15 3.49
C ASN C 337 -17.18 13.75 2.40
N VAL C 338 -18.04 14.68 2.79
CA VAL C 338 -18.91 15.37 1.85
C VAL C 338 -18.10 16.13 0.82
N LYS C 339 -16.91 16.58 1.22
CA LYS C 339 -16.05 17.35 0.33
C LYS C 339 -15.46 16.45 -0.74
N LEU C 340 -14.66 15.47 -0.31
CA LEU C 340 -14.04 14.51 -1.21
C LEU C 340 -15.08 13.86 -2.14
N LEU C 341 -16.20 13.45 -1.56
CA LEU C 341 -17.28 12.84 -2.34
C LEU C 341 -17.84 13.83 -3.35
N ASP C 342 -18.03 15.07 -2.93
CA ASP C 342 -18.52 16.11 -3.82
C ASP C 342 -17.59 16.29 -5.00
N GLU C 343 -16.30 16.18 -4.75
CA GLU C 343 -15.29 16.37 -5.79
C GLU C 343 -15.28 15.21 -6.78
N THR C 344 -15.20 13.99 -6.26
CA THR C 344 -15.18 12.79 -7.09
C THR C 344 -16.42 12.74 -7.97
N THR C 345 -17.58 12.95 -7.34
CA THR C 345 -18.85 13.00 -8.06
C THR C 345 -18.87 14.16 -9.03
N GLU C 346 -18.18 15.24 -8.68
CA GLU C 346 -18.14 16.43 -9.52
C GLU C 346 -17.43 16.12 -10.83
N LYS C 347 -16.34 15.36 -10.77
CA LYS C 347 -15.60 14.98 -11.97
C LYS C 347 -16.34 13.92 -12.77
N ILE C 348 -16.76 12.86 -12.08
CA ILE C 348 -17.49 11.76 -12.69
C ILE C 348 -18.71 12.27 -13.45
N TYR C 349 -19.33 13.32 -12.91
CA TYR C 349 -20.43 13.98 -13.60
C TYR C 349 -19.92 15.07 -14.54
N ARG C 350 -18.65 15.47 -14.38
CA ARG C 350 -18.10 16.53 -15.21
C ARG C 350 -17.77 16.02 -16.59
N ASP C 351 -17.66 14.70 -16.72
CA ASP C 351 -17.56 14.12 -18.05
C ASP C 351 -18.77 14.51 -18.91
N PHE C 352 -19.94 14.02 -18.53
CA PHE C 352 -21.17 14.28 -19.26
C PHE C 352 -21.59 15.76 -19.19
N SER C 353 -21.22 16.43 -18.10
CA SER C 353 -21.54 17.85 -17.95
C SER C 353 -20.73 18.69 -18.93
N GLN C 354 -19.49 18.28 -19.15
CA GLN C 354 -18.66 18.92 -20.17
C GLN C 354 -19.27 18.62 -21.53
N ILE C 355 -19.66 17.36 -21.73
CA ILE C 355 -20.31 16.95 -22.97
C ILE C 355 -21.54 17.80 -23.28
N CYS C 356 -22.23 18.22 -22.22
CA CYS C 356 -23.42 19.07 -22.36
C CYS C 356 -23.11 20.39 -23.06
N HIS C 357 -22.33 21.25 -22.42
CA HIS C 357 -22.07 22.58 -22.94
C HIS C 357 -20.62 22.80 -23.33
N CYS C 358 -20.40 23.03 -24.63
CA CYS C 358 -19.07 23.38 -25.16
C CYS C 358 -17.93 22.39 -24.93
N LEU C 359 -18.13 21.14 -25.34
CA LEU C 359 -17.11 20.11 -25.16
C LEU C 359 -16.09 19.95 -26.29
N ASP C 360 -15.18 19.00 -26.11
CA ASP C 360 -14.20 18.65 -27.13
C ASP C 360 -13.97 17.14 -27.11
N PHE C 361 -13.63 16.57 -28.25
CA PHE C 361 -13.46 15.12 -28.37
C PHE C 361 -12.34 14.60 -27.47
N PRO C 362 -11.11 15.12 -27.68
CA PRO C 362 -9.95 14.68 -26.90
C PRO C 362 -9.95 15.23 -25.48
N LEU C 363 -9.50 14.41 -24.52
CA LEU C 363 -9.37 14.83 -23.13
C LEU C 363 -8.46 13.88 -22.36
N ILE C 364 -8.23 14.20 -21.09
CA ILE C 364 -7.32 13.41 -20.25
C ILE C 364 -8.04 12.36 -19.40
N LYS C 365 -9.37 12.29 -19.52
CA LYS C 365 -10.16 11.37 -18.71
C LYS C 365 -10.44 10.06 -19.44
N ASP C 366 -11.18 9.17 -18.78
CA ASP C 366 -11.54 7.88 -19.38
C ASP C 366 -12.57 8.07 -20.49
N GLY C 367 -13.62 8.82 -20.20
CA GLY C 367 -14.61 9.18 -21.20
C GLY C 367 -13.97 10.08 -22.25
N GLY C 368 -12.94 10.81 -21.82
CA GLY C 368 -12.17 11.65 -22.71
C GLY C 368 -11.21 10.81 -23.53
N GLU C 369 -10.84 9.65 -23.02
CA GLU C 369 -10.02 8.69 -23.76
C GLU C 369 -10.89 7.99 -24.79
N ILE C 370 -12.17 7.86 -24.49
CA ILE C 370 -13.14 7.31 -25.44
C ILE C 370 -13.47 8.34 -26.50
N GLY C 371 -13.46 9.60 -26.12
CA GLY C 371 -13.70 10.69 -27.06
C GLY C 371 -12.49 10.92 -27.95
N SER C 372 -11.31 10.65 -27.41
CA SER C 372 -10.07 10.79 -28.17
C SER C 372 -9.73 9.50 -28.89
N ASP C 373 -10.50 8.45 -28.60
CA ASP C 373 -10.32 7.15 -29.25
C ASP C 373 -10.55 7.27 -30.76
N PRO C 374 -11.56 8.06 -31.15
CA PRO C 374 -11.84 8.35 -32.56
C PRO C 374 -10.68 9.08 -33.22
N PRO C 375 -10.12 10.10 -32.53
CA PRO C 375 -9.01 10.89 -33.06
C PRO C 375 -7.63 10.34 -32.68
N ILE C 376 -7.38 9.07 -33.01
CA ILE C 376 -6.09 8.43 -32.79
C ILE C 376 -5.50 8.49 -31.39
N LEU C 377 -6.23 7.97 -30.41
CA LEU C 377 -5.76 7.93 -29.03
C LEU C 377 -4.45 7.16 -28.86
N LEU C 402 7.73 10.85 -27.50
CA LEU C 402 7.51 9.71 -26.63
C LEU C 402 6.44 10.01 -25.57
N VAL C 403 6.86 10.14 -24.32
CA VAL C 403 5.94 10.39 -23.22
C VAL C 403 5.82 11.87 -22.89
N LEU C 404 4.65 12.44 -23.12
CA LEU C 404 4.39 13.84 -22.81
C LEU C 404 2.91 14.07 -22.51
N GLN C 405 2.61 15.09 -21.72
CA GLN C 405 1.23 15.42 -21.35
C GLN C 405 0.65 16.46 -22.30
N GLN C 406 -0.35 16.05 -23.09
CA GLN C 406 -0.96 16.94 -24.06
C GLN C 406 -2.44 16.63 -24.26
N PHE C 407 -3.23 17.68 -24.48
CA PHE C 407 -4.66 17.54 -24.76
C PHE C 407 -5.11 18.68 -25.67
N THR C 408 -6.43 18.79 -25.85
CA THR C 408 -6.98 19.87 -26.67
C THR C 408 -6.61 21.23 -26.08
N LYS C 409 -6.02 22.09 -26.91
CA LYS C 409 -5.55 23.38 -26.45
C LYS C 409 -6.67 24.42 -26.42
N VAL C 410 -6.31 25.64 -26.04
CA VAL C 410 -7.29 26.73 -25.96
C VAL C 410 -7.61 27.31 -27.33
N SER C 411 -6.60 27.30 -28.21
CA SER C 411 -6.73 27.83 -29.57
C SER C 411 -7.15 29.30 -29.69
N GLU C 412 -6.35 30.17 -29.06
CA GLU C 412 -6.57 31.61 -29.09
C GLU C 412 -7.84 31.93 -28.31
N LYS C 413 -7.94 31.41 -27.10
CA LYS C 413 -9.07 31.62 -26.22
C LYS C 413 -10.43 31.23 -26.81
N ILE C 414 -10.54 29.97 -27.24
CA ILE C 414 -11.75 29.44 -27.83
C ILE C 414 -12.11 30.21 -29.11
N LYS C 415 -11.09 30.46 -29.92
CA LYS C 415 -11.24 31.25 -31.14
C LYS C 415 -11.90 32.60 -30.85
N SER C 416 -11.32 33.32 -29.88
CA SER C 416 -11.85 34.61 -29.44
C SER C 416 -13.29 34.48 -28.95
N VAL C 417 -13.59 33.35 -28.30
CA VAL C 417 -14.91 33.08 -27.73
C VAL C 417 -16.06 33.14 -28.74
N LYS C 418 -15.98 32.33 -29.78
CA LYS C 418 -17.05 32.24 -30.77
C LYS C 418 -18.38 31.78 -30.18
N GLU C 419 -18.30 30.97 -29.13
CA GLU C 419 -19.49 30.49 -28.43
C GLU C 419 -19.80 31.37 -27.22
N GLU C 420 -18.99 32.41 -27.05
CA GLU C 420 -19.14 33.36 -25.93
C GLU C 420 -19.13 32.66 -24.58
N CYS C 421 -18.09 31.85 -24.35
CA CYS C 421 -18.00 31.07 -23.13
C CYS C 421 -17.19 31.77 -22.03
N ALA C 422 -17.89 32.17 -20.97
CA ALA C 422 -17.24 32.69 -19.78
C ALA C 422 -17.84 32.04 -18.54
N LEU C 423 -17.03 31.26 -17.82
CA LEU C 423 -17.53 30.53 -16.66
C LEU C 423 -16.57 30.62 -15.47
N LEU C 424 -17.06 31.17 -14.36
CA LEU C 424 -16.27 31.27 -13.14
C LEU C 424 -16.55 30.08 -12.22
N PHE C 425 -17.48 29.23 -12.64
CA PHE C 425 -17.84 28.05 -11.86
C PHE C 425 -16.67 27.08 -11.76
N ILE C 426 -15.83 27.06 -12.80
CA ILE C 426 -14.65 26.21 -12.81
C ILE C 426 -13.64 26.69 -11.78
N SER C 427 -13.45 28.01 -11.72
CA SER C 427 -12.57 28.61 -10.74
C SER C 427 -13.12 28.42 -9.33
N TYR C 428 -14.44 28.38 -9.24
CA TYR C 428 -15.11 28.13 -7.96
C TYR C 428 -14.84 26.71 -7.49
N LEU C 429 -14.96 25.76 -8.41
CA LEU C 429 -14.72 24.36 -8.12
C LEU C 429 -13.24 24.11 -7.83
N SER C 430 -12.39 24.96 -8.39
CA SER C 430 -10.96 24.86 -8.12
C SER C 430 -10.64 25.40 -6.73
N HIS C 431 -11.26 26.53 -6.38
CA HIS C 431 -11.10 27.11 -5.05
C HIS C 431 -11.66 26.18 -3.99
N SER C 432 -12.66 25.38 -4.39
CA SER C 432 -13.20 24.36 -3.52
C SER C 432 -12.27 23.16 -3.51
N ILE C 433 -11.52 22.99 -4.60
CA ILE C 433 -10.56 21.89 -4.72
C ILE C 433 -9.26 22.24 -4.01
N ARG C 434 -9.18 23.46 -3.50
CA ARG C 434 -8.02 23.91 -2.74
C ARG C 434 -7.81 23.06 -1.51
N SER C 435 -8.91 22.56 -0.94
CA SER C 435 -8.84 21.67 0.21
C SER C 435 -8.49 20.26 -0.25
N ILE C 436 -8.35 19.28 0.65
CA ILE C 436 -8.00 17.92 0.20
C ILE C 436 -8.35 16.82 1.19
N VAL C 437 -9.16 15.86 0.80
CA VAL C 437 -9.69 14.96 1.83
C VAL C 437 -9.08 13.57 1.67
N SER C 438 -8.39 13.35 0.56
CA SER C 438 -7.79 12.05 0.28
C SER C 438 -6.76 12.21 -0.83
N THR C 439 -6.28 11.10 -1.38
CA THR C 439 -5.45 11.17 -2.58
C THR C 439 -6.33 11.26 -3.81
N ALA C 440 -7.65 11.23 -3.63
CA ALA C 440 -8.54 11.44 -4.76
C ALA C 440 -8.46 12.95 -5.01
N THR C 441 -7.94 13.67 -4.03
CA THR C 441 -7.77 15.11 -4.16
C THR C 441 -6.78 15.44 -5.27
N LYS C 442 -5.88 14.51 -5.56
CA LYS C 442 -4.94 14.69 -6.66
C LYS C 442 -5.69 14.78 -7.98
N LEU C 443 -6.57 13.82 -8.21
CA LEU C 443 -7.40 13.81 -9.40
C LEU C 443 -8.37 14.98 -9.38
N LYS C 444 -8.70 15.47 -8.19
CA LYS C 444 -9.58 16.63 -8.05
C LYS C 444 -8.90 17.90 -8.57
N ASN C 445 -7.71 18.16 -8.06
CA ASN C 445 -6.92 19.32 -8.48
C ASN C 445 -6.55 19.20 -9.95
N LEU C 446 -6.28 17.98 -10.40
CA LEU C 446 -5.99 17.73 -11.80
C LEU C 446 -7.20 18.06 -12.65
N GLU C 447 -8.38 17.73 -12.14
CA GLU C 447 -9.63 18.00 -12.84
C GLU C 447 -9.90 19.50 -12.88
N LEU C 448 -9.44 20.21 -11.86
CA LEU C 448 -9.54 21.66 -11.84
C LEU C 448 -8.61 22.25 -12.89
N LEU C 449 -7.40 21.71 -12.96
CA LEU C 449 -6.41 22.14 -13.95
C LEU C 449 -6.93 21.87 -15.35
N ALA C 450 -7.75 20.84 -15.48
CA ALA C 450 -8.40 20.54 -16.74
C ALA C 450 -9.52 21.54 -16.99
N VAL C 451 -10.17 21.96 -15.91
CA VAL C 451 -11.25 22.93 -15.98
C VAL C 451 -10.71 24.30 -16.36
N PHE C 452 -9.41 24.46 -16.22
CA PHE C 452 -8.71 25.67 -16.62
C PHE C 452 -8.72 25.86 -18.14
N ALA C 453 -9.22 24.84 -18.86
CA ALA C 453 -9.27 24.84 -20.32
C ALA C 453 -9.85 26.12 -20.90
N GLN C 454 -10.89 26.65 -20.26
CA GLN C 454 -11.44 27.94 -20.66
C GLN C 454 -10.39 29.02 -20.47
N PHE C 455 -10.09 29.77 -21.53
CA PHE C 455 -8.98 30.71 -21.50
C PHE C 455 -9.41 32.14 -21.20
N VAL C 456 -8.98 32.64 -20.05
CA VAL C 456 -9.19 34.04 -19.68
C VAL C 456 -7.93 34.57 -19.03
N SER C 457 -7.47 35.73 -19.50
CA SER C 457 -6.21 36.31 -19.05
C SER C 457 -6.12 36.44 -17.54
N ASP C 458 -6.98 37.28 -16.97
CA ASP C 458 -6.98 37.54 -15.53
C ASP C 458 -7.25 36.27 -14.73
N GLU C 459 -8.08 35.39 -15.27
CA GLU C 459 -8.43 34.14 -14.59
C GLU C 459 -7.27 33.16 -14.60
N ASN C 460 -6.56 33.09 -15.72
CA ASN C 460 -5.43 32.19 -15.85
C ASN C 460 -4.32 32.54 -14.87
N LYS C 461 -4.22 33.82 -14.54
CA LYS C 461 -3.20 34.29 -13.60
C LYS C 461 -3.45 33.73 -12.21
N ILE C 462 -4.69 33.85 -11.73
CA ILE C 462 -5.06 33.34 -10.42
C ILE C 462 -5.03 31.82 -10.40
N ASP C 463 -5.47 31.21 -11.50
CA ASP C 463 -5.50 29.75 -11.61
C ASP C 463 -4.09 29.18 -11.52
N ARG C 464 -3.15 29.84 -12.20
CA ARG C 464 -1.76 29.41 -12.16
C ARG C 464 -1.13 29.74 -10.81
N VAL C 465 -1.61 30.81 -10.18
CA VAL C 465 -1.13 31.22 -8.87
C VAL C 465 -1.51 30.19 -7.82
N VAL C 466 -2.68 29.59 -7.98
CA VAL C 466 -3.15 28.56 -7.07
C VAL C 466 -2.25 27.32 -7.12
N PRO C 467 -1.81 26.95 -8.33
CA PRO C 467 -1.00 25.74 -8.58
C PRO C 467 0.31 25.71 -7.80
N TYR C 468 1.04 26.83 -7.83
CA TYR C 468 2.31 26.90 -7.11
C TYR C 468 2.07 26.88 -5.61
N PHE C 469 0.97 27.48 -5.18
CA PHE C 469 0.58 27.45 -3.78
C PHE C 469 0.35 26.00 -3.36
N VAL C 470 -0.30 25.23 -4.24
CA VAL C 470 -0.54 23.82 -3.99
C VAL C 470 0.78 23.06 -3.95
N CYS C 471 1.71 23.47 -4.80
CA CYS C 471 3.05 22.90 -4.81
C CYS C 471 3.68 23.04 -3.43
N CYS C 472 3.86 24.28 -3.00
CA CYS C 472 4.50 24.56 -1.71
C CYS C 472 3.64 24.13 -0.52
N PHE C 473 2.40 23.73 -0.78
CA PHE C 473 1.46 23.40 0.29
C PHE C 473 1.75 22.05 0.95
N GLU C 474 1.50 20.97 0.20
CA GLU C 474 1.56 19.63 0.78
C GLU C 474 2.92 18.97 0.57
N ASP C 475 3.66 18.80 1.66
CA ASP C 475 4.92 18.07 1.63
C ASP C 475 4.69 16.63 2.06
N SER C 476 3.45 16.32 2.44
CA SER C 476 3.07 14.98 2.85
C SER C 476 3.33 13.96 1.74
N ASP C 477 2.57 14.10 0.65
CA ASP C 477 2.71 13.19 -0.48
C ASP C 477 3.51 13.85 -1.61
N GLN C 478 4.30 13.05 -2.31
CA GLN C 478 5.13 13.56 -3.40
C GLN C 478 4.29 13.86 -4.64
N ASP C 479 3.05 13.37 -4.65
CA ASP C 479 2.16 13.56 -5.79
C ASP C 479 1.80 15.03 -5.99
N VAL C 480 1.93 15.81 -4.92
CA VAL C 480 1.64 17.24 -4.98
C VAL C 480 2.52 17.94 -5.99
N GLN C 481 3.79 17.57 -6.03
CA GLN C 481 4.73 18.16 -6.97
C GLN C 481 4.33 17.80 -8.40
N ALA C 482 3.86 16.58 -8.59
CA ALA C 482 3.44 16.12 -9.90
C ALA C 482 2.23 16.87 -10.40
N LEU C 483 1.21 16.97 -9.54
CA LEU C 483 -0.01 17.69 -9.89
C LEU C 483 0.29 19.17 -10.16
N SER C 484 1.20 19.72 -9.37
CA SER C 484 1.62 21.10 -9.54
C SER C 484 2.32 21.29 -10.88
N LEU C 485 3.13 20.31 -11.26
CA LEU C 485 3.82 20.34 -12.53
C LEU C 485 2.82 20.22 -13.68
N LEU C 486 1.73 19.50 -13.44
CA LEU C 486 0.69 19.33 -14.44
C LEU C 486 -0.06 20.64 -14.66
N THR C 487 -0.49 21.26 -13.56
CA THR C 487 -1.19 22.54 -13.64
C THR C 487 -0.30 23.61 -14.24
N LEU C 488 0.99 23.55 -13.91
CA LEU C 488 1.96 24.48 -14.47
C LEU C 488 2.13 24.26 -15.96
N ILE C 489 2.08 23.00 -16.37
CA ILE C 489 2.16 22.65 -17.78
C ILE C 489 0.94 23.20 -18.51
N GLN C 490 -0.21 23.14 -17.85
CA GLN C 490 -1.43 23.71 -18.40
C GLN C 490 -1.28 25.22 -18.54
N VAL C 491 -0.66 25.83 -17.55
CA VAL C 491 -0.40 27.27 -17.58
C VAL C 491 0.55 27.61 -18.73
N LEU C 492 1.42 26.66 -19.07
CA LEU C 492 2.32 26.83 -20.20
C LEU C 492 1.55 26.59 -21.50
N THR C 493 0.43 25.89 -21.39
CA THR C 493 -0.41 25.59 -22.55
C THR C 493 -1.48 26.65 -22.72
N SER C 494 -1.50 27.62 -21.81
CA SER C 494 -2.45 28.72 -21.88
C SER C 494 -2.27 29.53 -23.14
N VAL C 495 -1.02 29.87 -23.44
CA VAL C 495 -0.64 30.58 -24.66
C VAL C 495 -1.34 31.91 -24.91
N ARG C 496 -1.19 32.84 -23.96
CA ARG C 496 -1.79 34.17 -24.10
C ARG C 496 -0.81 35.30 -23.85
N LYS C 497 -0.94 36.38 -24.61
CA LYS C 497 -0.09 37.56 -24.44
C LYS C 497 -0.39 38.22 -23.11
N LEU C 498 0.63 38.87 -22.53
CA LEU C 498 0.48 39.50 -21.22
C LEU C 498 -0.51 40.66 -21.26
N ASN C 499 -1.52 40.59 -20.39
CA ASN C 499 -2.51 41.65 -20.28
C ASN C 499 -2.00 42.80 -19.43
N GLN C 500 -1.33 42.46 -18.33
CA GLN C 500 -0.77 43.46 -17.42
C GLN C 500 0.74 43.52 -17.55
N LEU C 501 1.30 44.71 -17.37
CA LEU C 501 2.74 44.91 -17.46
C LEU C 501 3.47 44.19 -16.32
N ASN C 502 2.71 43.79 -15.31
CA ASN C 502 3.28 43.10 -14.16
C ASN C 502 3.69 41.67 -14.49
N GLU C 503 3.14 41.13 -15.56
CA GLU C 503 3.31 39.73 -15.92
C GLU C 503 4.78 39.31 -16.09
N ASN C 504 5.65 40.29 -16.36
CA ASN C 504 7.07 40.00 -16.53
C ASN C 504 7.75 39.72 -15.19
N ILE C 505 7.82 40.74 -14.35
CA ILE C 505 8.46 40.61 -13.04
C ILE C 505 7.73 39.61 -12.15
N PHE C 506 6.44 39.42 -12.40
CA PHE C 506 5.65 38.45 -11.65
C PHE C 506 6.05 37.04 -12.02
N VAL C 507 6.44 36.84 -13.28
CA VAL C 507 6.92 35.54 -13.73
C VAL C 507 8.35 35.34 -13.21
N ASP C 508 9.13 36.41 -13.24
CA ASP C 508 10.49 36.39 -12.72
C ASP C 508 10.51 36.00 -11.24
N TYR C 509 9.54 36.51 -10.51
CA TYR C 509 9.39 36.19 -9.10
C TYR C 509 8.75 34.82 -8.92
N LEU C 510 7.95 34.41 -9.90
CA LEU C 510 7.31 33.11 -9.87
C LEU C 510 8.35 32.00 -9.97
N LEU C 511 9.38 32.25 -10.79
CA LEU C 511 10.48 31.31 -10.92
C LEU C 511 11.22 31.17 -9.59
N PRO C 512 11.46 32.30 -8.92
CA PRO C 512 12.14 32.34 -7.63
C PRO C 512 11.35 31.62 -6.54
N ARG C 513 10.02 31.76 -6.58
CA ARG C 513 9.16 31.09 -5.61
C ARG C 513 9.23 29.58 -5.80
N LEU C 514 9.24 29.15 -7.06
CA LEU C 514 9.35 27.74 -7.39
C LEU C 514 10.73 27.22 -7.03
N LYS C 515 11.72 28.10 -7.04
CA LYS C 515 13.07 27.75 -6.63
C LYS C 515 13.12 27.56 -5.12
N ARG C 516 12.39 28.41 -4.40
CA ARG C 516 12.30 28.30 -2.95
C ARG C 516 11.57 27.02 -2.57
N LEU C 517 10.57 26.68 -3.36
CA LEU C 517 9.80 25.46 -3.14
C LEU C 517 10.56 24.25 -3.64
N LEU C 518 11.61 24.49 -4.42
CA LEU C 518 12.42 23.41 -4.96
C LEU C 518 13.22 22.74 -3.87
N ILE C 519 13.49 23.47 -2.79
CA ILE C 519 14.16 22.92 -1.64
C ILE C 519 13.15 22.25 -0.72
N SER C 520 13.30 20.95 -0.51
CA SER C 520 12.32 20.17 0.22
C SER C 520 12.92 18.93 0.87
N ASN C 521 12.05 18.04 1.35
CA ASN C 521 12.46 16.82 2.04
C ASN C 521 13.32 15.90 1.18
N ARG C 522 14.23 15.18 1.83
CA ARG C 522 15.15 14.27 1.15
C ARG C 522 14.46 13.03 0.59
N GLN C 523 15.13 12.38 -0.34
CA GLN C 523 14.69 11.11 -0.95
C GLN C 523 13.50 11.28 -1.89
N ASN C 524 12.90 12.47 -1.89
CA ASN C 524 11.83 12.77 -2.84
C ASN C 524 12.42 13.00 -4.22
N THR C 525 11.68 12.62 -5.26
CA THR C 525 12.19 12.73 -6.62
C THR C 525 11.62 13.95 -7.33
N ASN C 526 12.47 14.96 -7.53
CA ASN C 526 12.10 16.16 -8.26
C ASN C 526 12.55 16.10 -9.72
N TYR C 527 13.16 14.99 -10.10
CA TYR C 527 13.74 14.83 -11.43
C TYR C 527 12.74 15.08 -12.55
N LEU C 528 11.57 14.45 -12.45
CA LEU C 528 10.52 14.61 -13.46
C LEU C 528 10.12 16.07 -13.60
N ARG C 529 10.02 16.76 -12.47
CA ARG C 529 9.69 18.18 -12.47
C ARG C 529 10.81 18.99 -13.09
N ILE C 530 12.03 18.51 -12.95
CA ILE C 530 13.19 19.20 -13.52
C ILE C 530 13.17 19.08 -15.04
N VAL C 531 12.89 17.88 -15.55
CA VAL C 531 12.78 17.67 -16.97
C VAL C 531 11.61 18.43 -17.55
N PHE C 532 10.53 18.53 -16.78
CA PHE C 532 9.33 19.25 -17.19
C PHE C 532 9.60 20.75 -17.30
N ALA C 533 10.21 21.31 -16.27
CA ALA C 533 10.52 22.75 -16.24
C ALA C 533 11.54 23.10 -17.32
N ASN C 534 12.54 22.23 -17.48
CA ASN C 534 13.55 22.42 -18.52
C ASN C 534 12.93 22.36 -19.90
N CYS C 535 11.90 21.52 -20.04
CA CYS C 535 11.14 21.46 -21.29
C CYS C 535 10.27 22.70 -21.43
N LEU C 536 9.98 23.34 -20.30
CA LEU C 536 9.16 24.54 -20.27
C LEU C 536 10.03 25.81 -20.36
N SER C 537 11.33 25.62 -20.49
CA SER C 537 12.24 26.73 -20.69
C SER C 537 11.90 27.47 -21.98
N ASP C 538 11.48 26.71 -22.99
CA ASP C 538 11.03 27.29 -24.25
C ASP C 538 9.80 28.15 -24.01
N LEU C 539 8.95 27.72 -23.09
CA LEU C 539 7.76 28.48 -22.72
C LEU C 539 8.17 29.73 -21.95
N ALA C 540 9.32 29.67 -21.28
CA ALA C 540 9.85 30.82 -20.59
C ALA C 540 10.35 31.85 -21.61
N ILE C 541 10.99 31.35 -22.65
CA ILE C 541 11.42 32.22 -23.76
C ILE C 541 10.19 32.82 -24.43
N ILE C 542 9.11 32.05 -24.47
CA ILE C 542 7.84 32.53 -25.00
C ILE C 542 7.25 33.58 -24.08
N ILE C 543 7.59 33.50 -22.79
CA ILE C 543 7.14 34.50 -21.83
C ILE C 543 7.92 35.78 -22.02
N ASN C 544 9.20 35.65 -22.39
CA ASN C 544 10.01 36.80 -22.76
C ASN C 544 9.43 37.44 -24.02
N ARG C 545 8.97 36.60 -24.94
CA ARG C 545 8.31 37.07 -26.16
C ARG C 545 6.98 37.73 -25.81
N PHE C 546 6.40 37.34 -24.69
CA PHE C 546 5.17 37.94 -24.21
C PHE C 546 5.46 39.31 -23.60
N GLN C 547 6.64 39.44 -23.01
CA GLN C 547 7.10 40.73 -22.52
C GLN C 547 7.34 41.66 -23.71
N GLU C 548 7.88 41.08 -24.78
CA GLU C 548 8.07 41.82 -26.03
C GLU C 548 6.72 42.19 -26.65
N PHE C 549 5.72 41.36 -26.38
CA PHE C 549 4.37 41.62 -26.85
C PHE C 549 3.74 42.76 -26.06
N THR C 550 4.08 42.84 -24.77
CA THR C 550 3.63 43.92 -23.91
C THR C 550 4.29 45.23 -24.32
N PHE C 551 5.57 45.15 -24.69
CA PHE C 551 6.30 46.30 -25.18
C PHE C 551 5.71 46.79 -26.51
N ALA C 552 5.37 45.84 -27.38
CA ALA C 552 4.78 46.14 -28.67
C ALA C 552 3.39 46.77 -28.50
N GLN C 553 2.66 46.29 -27.50
CA GLN C 553 1.34 46.82 -27.21
C GLN C 553 1.44 48.23 -26.62
N HIS C 554 2.49 48.46 -25.85
CA HIS C 554 2.73 49.77 -25.24
C HIS C 554 3.38 50.72 -26.24
N CYS C 555 3.79 50.19 -27.38
CA CYS C 555 4.43 51.00 -28.42
C CYS C 555 3.40 51.53 -29.43
N ASN C 556 2.15 51.15 -29.23
CA ASN C 556 1.07 51.55 -30.13
C ASN C 556 0.74 53.04 -30.02
N ASP C 557 1.05 53.63 -28.87
CA ASP C 557 0.77 55.04 -28.63
C ASP C 557 1.84 55.93 -29.23
N ASN C 558 1.67 57.24 -29.07
CA ASN C 558 2.63 58.21 -29.57
C ASN C 558 3.69 58.55 -28.53
N SER C 559 4.94 58.65 -28.99
CA SER C 559 6.08 58.94 -28.11
C SER C 559 6.19 57.94 -26.97
N SER C 560 5.85 56.69 -27.26
CA SER C 560 5.89 55.62 -26.26
C SER C 560 6.41 54.32 -26.87
N THR C 561 6.93 54.41 -28.09
CA THR C 561 7.47 53.25 -28.78
C THR C 561 8.91 53.06 -28.33
N LYS C 562 9.68 54.15 -28.34
CA LYS C 562 11.07 54.11 -27.90
C LYS C 562 11.15 53.86 -26.40
N TYR C 563 10.17 54.38 -25.67
CA TYR C 563 10.10 54.18 -24.23
C TYR C 563 9.83 52.72 -23.89
N SER C 564 8.92 52.10 -24.64
CA SER C 564 8.59 50.70 -24.43
C SER C 564 9.73 49.80 -24.90
N ALA C 565 10.47 50.26 -25.90
CA ALA C 565 11.62 49.53 -26.41
C ALA C 565 12.74 49.53 -25.37
N LYS C 566 13.02 50.69 -24.80
CA LYS C 566 14.05 50.82 -23.77
C LYS C 566 13.63 50.08 -22.50
N LEU C 567 12.34 50.10 -22.21
CA LEU C 567 11.80 49.39 -21.05
C LEU C 567 11.95 47.88 -21.23
N ILE C 568 11.68 47.40 -22.44
CA ILE C 568 11.82 45.99 -22.75
C ILE C 568 13.29 45.58 -22.75
N GLN C 569 14.15 46.50 -23.15
CA GLN C 569 15.59 46.24 -23.16
C GLN C 569 16.14 46.13 -21.74
N SER C 570 15.74 47.06 -20.89
CA SER C 570 16.16 47.04 -19.48
C SER C 570 15.58 45.82 -18.77
N VAL C 571 14.34 45.49 -19.09
CA VAL C 571 13.67 44.33 -18.52
C VAL C 571 14.32 43.04 -18.99
N GLU C 572 14.91 43.07 -20.19
CA GLU C 572 15.64 41.93 -20.72
C GLU C 572 16.99 41.79 -20.02
N ASP C 573 17.64 42.92 -19.80
CA ASP C 573 18.91 42.94 -19.08
C ASP C 573 18.72 42.44 -17.65
N LEU C 574 17.55 42.75 -17.08
CA LEU C 574 17.20 42.26 -15.76
C LEU C 574 16.78 40.80 -15.82
N THR C 575 16.27 40.38 -16.99
CA THR C 575 15.86 39.00 -17.20
C THR C 575 17.07 38.10 -17.39
N VAL C 576 18.20 38.70 -17.73
CA VAL C 576 19.45 37.97 -17.88
C VAL C 576 19.85 37.34 -16.54
N SER C 577 19.57 38.04 -15.46
CA SER C 577 19.84 37.53 -14.12
C SER C 577 18.94 36.35 -13.79
N PHE C 578 17.69 36.44 -14.24
CA PHE C 578 16.73 35.36 -14.05
C PHE C 578 17.17 34.12 -14.81
N LEU C 579 17.65 34.34 -16.03
CA LEU C 579 18.18 33.26 -16.85
C LEU C 579 19.43 32.66 -16.21
N THR C 580 20.20 33.51 -15.54
CA THR C 580 21.40 33.07 -14.83
C THR C 580 21.01 32.19 -13.65
N ASP C 581 19.95 32.56 -12.96
CA ASP C 581 19.44 31.78 -11.84
C ASP C 581 18.91 30.44 -12.32
N ASN C 582 18.23 30.47 -13.46
CA ASN C 582 17.67 29.25 -14.06
C ASN C 582 18.77 28.29 -14.48
N ASP C 583 19.80 28.83 -15.14
CA ASP C 583 20.94 28.03 -15.55
C ASP C 583 21.67 27.49 -14.32
N THR C 584 21.68 28.28 -13.26
CA THR C 584 22.32 27.88 -12.01
C THR C 584 21.59 26.70 -11.39
N TYR C 585 20.27 26.76 -11.40
CA TYR C 585 19.44 25.68 -10.88
C TYR C 585 19.61 24.43 -11.74
N VAL C 586 19.73 24.65 -13.05
CA VAL C 586 19.92 23.55 -14.00
C VAL C 586 21.24 22.83 -13.73
N LYS C 587 22.30 23.62 -13.57
CA LYS C 587 23.61 23.07 -13.28
C LYS C 587 23.63 22.40 -11.92
N MET C 588 22.82 22.90 -11.00
CA MET C 588 22.72 22.33 -9.67
C MET C 588 22.09 20.95 -9.72
N ALA C 589 20.95 20.86 -10.40
CA ALA C 589 20.23 19.59 -10.55
C ALA C 589 21.08 18.60 -11.33
N LEU C 590 21.86 19.11 -12.28
CA LEU C 590 22.74 18.27 -13.08
C LEU C 590 23.90 17.75 -12.24
N LEU C 591 24.36 18.57 -11.31
CA LEU C 591 25.48 18.20 -10.45
C LEU C 591 25.03 17.31 -9.30
N GLN C 592 23.72 17.31 -9.04
CA GLN C 592 23.15 16.49 -7.98
C GLN C 592 23.36 15.01 -8.26
N ASN C 593 23.68 14.25 -7.20
CA ASN C 593 23.92 12.82 -7.33
C ASN C 593 23.31 12.04 -6.17
N ARG C 603 20.60 9.43 -6.91
CA ARG C 603 19.76 10.41 -7.59
C ARG C 603 20.18 10.57 -9.05
N GLU C 604 20.37 9.46 -9.73
CA GLU C 604 20.79 9.48 -11.12
C GLU C 604 19.61 9.81 -12.04
N ARG C 605 18.41 9.86 -11.47
CA ARG C 605 17.21 10.15 -12.22
C ARG C 605 17.23 11.57 -12.81
N THR C 606 17.98 12.45 -12.16
CA THR C 606 18.12 13.83 -12.63
C THR C 606 18.91 13.86 -13.93
N ASN C 607 19.89 12.97 -14.03
CA ASN C 607 20.71 12.86 -15.24
C ASN C 607 19.86 12.47 -16.45
N ASP C 608 18.90 11.59 -16.22
CA ASP C 608 17.96 11.19 -17.27
C ASP C 608 16.99 12.32 -17.54
N ILE C 609 16.76 13.15 -16.53
CA ILE C 609 15.88 14.31 -16.67
C ILE C 609 16.58 15.41 -17.45
N ILE C 610 17.90 15.32 -17.56
CA ILE C 610 18.69 16.28 -18.30
C ILE C 610 18.58 16.05 -19.81
N LEU C 611 17.97 14.93 -20.19
CA LEU C 611 17.77 14.62 -21.60
C LEU C 611 16.77 15.58 -22.24
N SER C 612 15.61 15.73 -21.61
CA SER C 612 14.61 16.68 -22.06
C SER C 612 15.14 18.11 -21.97
N HIS C 613 16.02 18.33 -21.00
CA HIS C 613 16.69 19.61 -20.84
C HIS C 613 17.56 19.91 -22.06
N LEU C 614 18.30 18.90 -22.52
CA LEU C 614 19.14 19.04 -23.69
C LEU C 614 18.28 19.18 -24.95
N ILE C 615 17.10 18.59 -24.92
CA ILE C 615 16.17 18.68 -26.04
C ILE C 615 15.60 20.08 -26.18
N THR C 616 15.25 20.69 -25.05
CA THR C 616 14.65 22.02 -25.05
C THR C 616 15.68 23.12 -24.85
N TYR C 617 16.95 22.73 -24.84
CA TYR C 617 18.05 23.66 -24.58
C TYR C 617 18.21 24.72 -25.67
N LEU C 618 17.47 24.56 -26.77
CA LEU C 618 17.53 25.48 -27.90
C LEU C 618 17.22 26.92 -27.50
N ASN C 619 16.39 27.08 -26.47
CA ASN C 619 16.05 28.41 -25.97
C ASN C 619 17.24 29.10 -25.33
N ASP C 620 18.18 28.30 -24.83
CA ASP C 620 19.38 28.84 -24.21
C ASP C 620 20.54 28.85 -25.19
N LYS C 621 20.97 30.05 -25.58
CA LYS C 621 22.08 30.22 -26.52
C LYS C 621 23.42 30.40 -25.82
N ASP C 622 23.41 30.26 -24.50
CA ASP C 622 24.60 30.56 -23.69
C ASP C 622 25.79 29.66 -24.02
N PRO C 623 26.92 29.87 -23.32
CA PRO C 623 28.20 29.25 -23.60
C PRO C 623 28.20 27.73 -23.45
N ALA C 624 29.36 27.12 -23.70
CA ALA C 624 29.50 25.67 -23.64
C ALA C 624 29.80 25.20 -22.23
N LEU C 625 29.81 26.13 -21.28
CA LEU C 625 30.11 25.82 -19.88
C LEU C 625 29.21 24.71 -19.33
N ARG C 626 27.94 24.74 -19.72
CA ARG C 626 27.00 23.72 -19.30
C ARG C 626 27.39 22.36 -19.86
N VAL C 627 27.85 22.35 -21.10
CA VAL C 627 28.29 21.12 -21.75
C VAL C 627 29.59 20.62 -21.13
N SER C 628 30.35 21.55 -20.55
CA SER C 628 31.60 21.20 -19.86
C SER C 628 31.28 20.58 -18.51
N LEU C 629 30.24 21.10 -17.86
CA LEU C 629 29.77 20.53 -16.60
C LEU C 629 29.19 19.15 -16.85
N ILE C 630 28.53 18.99 -17.99
CA ILE C 630 27.98 17.70 -18.38
C ILE C 630 29.09 16.75 -18.82
N GLN C 631 30.22 17.32 -19.24
CA GLN C 631 31.38 16.52 -19.64
C GLN C 631 32.10 15.99 -18.41
N THR C 632 32.25 16.85 -17.40
CA THR C 632 32.82 16.44 -16.13
C THR C 632 31.89 15.45 -15.45
N ILE C 633 30.59 15.67 -15.63
CA ILE C 633 29.59 14.73 -15.14
C ILE C 633 29.71 13.40 -15.88
N SER C 634 30.14 13.47 -17.14
CA SER C 634 30.33 12.28 -17.95
C SER C 634 31.59 11.53 -17.53
N GLY C 635 32.54 12.27 -16.99
CA GLY C 635 33.76 11.66 -16.45
C GLY C 635 33.48 10.97 -15.13
N ILE C 636 32.78 11.68 -14.25
CA ILE C 636 32.39 11.14 -12.96
C ILE C 636 31.42 9.97 -13.15
N SER C 637 30.70 9.99 -14.28
CA SER C 637 29.83 8.88 -14.65
C SER C 637 30.68 7.74 -15.21
N ILE C 638 31.76 8.09 -15.89
CA ILE C 638 32.69 7.11 -16.42
C ILE C 638 33.44 6.43 -15.28
N LEU C 639 33.39 7.05 -14.10
CA LEU C 639 33.95 6.47 -12.90
C LEU C 639 33.04 5.38 -12.33
N LEU C 640 31.84 5.78 -11.92
CA LEU C 640 30.89 4.90 -11.24
C LEU C 640 29.74 4.43 -12.12
N GLY C 641 28.97 5.39 -12.63
CA GLY C 641 27.71 5.12 -13.29
C GLY C 641 27.87 5.01 -14.80
N THR C 642 28.78 4.16 -15.25
CA THR C 642 29.25 4.14 -16.65
C THR C 642 28.14 3.59 -17.54
N VAL C 643 27.25 2.78 -16.97
CA VAL C 643 26.08 2.32 -17.71
C VAL C 643 25.17 3.51 -18.02
N THR C 644 24.97 4.38 -17.04
CA THR C 644 24.17 5.58 -17.24
C THR C 644 24.93 6.59 -18.07
N LEU C 645 26.25 6.53 -17.99
CA LEU C 645 27.12 7.39 -18.79
C LEU C 645 26.88 7.12 -20.26
N GLU C 646 26.60 5.85 -20.58
CA GLU C 646 26.30 5.44 -21.93
C GLU C 646 25.04 6.13 -22.45
N GLN C 647 23.95 5.98 -21.70
CA GLN C 647 22.66 6.55 -22.09
C GLN C 647 22.73 8.07 -22.17
N TYR C 648 23.50 8.68 -21.28
CA TYR C 648 23.67 10.12 -21.28
C TYR C 648 24.45 10.58 -22.50
N ILE C 649 25.49 9.82 -22.84
CA ILE C 649 26.35 10.17 -23.97
C ILE C 649 25.62 9.99 -25.29
N LEU C 650 24.74 8.99 -25.36
CA LEU C 650 23.93 8.76 -26.54
C LEU C 650 23.05 9.98 -26.78
N PRO C 651 22.41 10.49 -25.72
CA PRO C 651 21.62 11.72 -25.73
C PRO C 651 22.48 12.97 -25.89
N LEU C 652 23.76 12.85 -25.54
CA LEU C 652 24.68 13.99 -25.62
C LEU C 652 25.09 14.28 -27.06
N LEU C 653 24.79 13.36 -27.96
CA LEU C 653 25.11 13.53 -29.38
C LEU C 653 24.15 14.51 -30.04
N ILE C 654 23.14 14.94 -29.29
CA ILE C 654 22.12 15.84 -29.80
C ILE C 654 22.51 17.31 -29.58
N GLN C 655 23.74 17.51 -29.11
CA GLN C 655 24.27 18.85 -28.82
C GLN C 655 24.09 19.80 -30.00
N THR C 656 24.60 19.41 -31.17
CA THR C 656 24.47 20.18 -32.40
C THR C 656 24.90 21.63 -32.23
N ILE C 657 26.12 21.83 -31.75
CA ILE C 657 26.61 23.16 -31.40
C ILE C 657 27.91 23.48 -32.10
N THR C 658 28.29 24.76 -32.06
CA THR C 658 29.50 25.24 -32.73
C THR C 658 30.76 24.70 -32.05
N ASP C 659 31.90 25.22 -32.48
CA ASP C 659 33.22 24.76 -32.00
C ASP C 659 33.47 23.27 -32.18
N SER C 660 33.43 22.83 -33.43
CA SER C 660 33.60 21.42 -33.77
C SER C 660 34.87 20.78 -33.23
N GLU C 661 35.77 21.59 -32.69
CA GLU C 661 37.01 21.09 -32.09
C GLU C 661 36.72 20.21 -30.89
N GLU C 662 35.55 20.40 -30.28
CA GLU C 662 35.14 19.61 -29.14
C GLU C 662 34.65 18.23 -29.56
N LEU C 663 34.28 18.10 -30.83
CA LEU C 663 33.82 16.83 -31.37
C LEU C 663 34.96 15.81 -31.45
N VAL C 664 36.18 16.32 -31.54
CA VAL C 664 37.36 15.45 -31.51
C VAL C 664 37.52 14.85 -30.11
N VAL C 665 37.31 15.69 -29.11
CA VAL C 665 37.34 15.24 -27.72
C VAL C 665 36.16 14.32 -27.45
N ILE C 666 35.10 14.47 -28.23
CA ILE C 666 33.94 13.60 -28.15
C ILE C 666 34.28 12.24 -28.76
N SER C 667 35.11 12.26 -29.79
CA SER C 667 35.58 11.03 -30.41
C SER C 667 36.52 10.30 -29.45
N VAL C 668 37.35 11.07 -28.75
CA VAL C 668 38.20 10.52 -27.71
C VAL C 668 37.34 9.99 -26.57
N LEU C 669 36.17 10.60 -26.40
CA LEU C 669 35.23 10.16 -25.38
C LEU C 669 34.51 8.90 -25.83
N GLN C 670 34.51 8.67 -27.14
CA GLN C 670 33.97 7.43 -27.70
C GLN C 670 34.99 6.31 -27.54
N SER C 671 36.25 6.65 -27.74
CA SER C 671 37.34 5.72 -27.49
C SER C 671 37.40 5.38 -26.01
N LEU C 672 37.00 6.34 -25.18
CA LEU C 672 36.90 6.12 -23.74
C LEU C 672 35.60 5.39 -23.41
N LYS C 673 34.64 5.45 -24.32
CA LYS C 673 33.37 4.75 -24.16
C LYS C 673 33.52 3.29 -24.56
N SER C 674 34.60 2.99 -25.28
CA SER C 674 34.92 1.62 -25.66
C SER C 674 35.47 0.83 -24.48
N LEU C 675 35.63 1.51 -23.34
CA LEU C 675 36.24 0.94 -22.15
C LEU C 675 35.61 -0.38 -21.68
N PHE C 676 34.39 -0.31 -21.16
CA PHE C 676 33.78 -1.48 -20.55
C PHE C 676 32.36 -1.77 -21.04
N LYS C 677 31.43 -0.87 -20.71
CA LYS C 677 30.01 -1.09 -20.95
C LYS C 677 29.66 -1.39 -22.41
N THR C 678 28.92 -2.47 -22.63
CA THR C 678 28.48 -2.84 -23.96
C THR C 678 27.40 -1.88 -24.44
N GLY C 679 26.65 -1.33 -23.50
CA GLY C 679 25.63 -0.33 -23.82
C GLY C 679 26.31 0.94 -24.30
N LEU C 680 27.52 1.18 -23.81
CA LEU C 680 28.30 2.33 -24.23
C LEU C 680 28.75 2.15 -25.67
N ILE C 681 28.91 0.90 -26.09
CA ILE C 681 29.32 0.60 -27.45
C ILE C 681 28.17 0.89 -28.41
N ARG C 682 26.97 0.47 -28.03
CA ARG C 682 25.78 0.73 -28.83
C ARG C 682 25.48 2.22 -28.86
N LYS C 683 25.69 2.89 -27.73
CA LYS C 683 25.49 4.33 -27.65
C LYS C 683 26.49 5.06 -28.54
N LYS C 684 27.72 4.57 -28.56
CA LYS C 684 28.76 5.14 -29.39
C LYS C 684 28.49 4.85 -30.85
N TYR C 685 27.71 3.80 -31.11
CA TYR C 685 27.29 3.47 -32.46
C TYR C 685 26.19 4.44 -32.90
N TYR C 686 25.32 4.78 -31.96
CA TYR C 686 24.27 5.75 -32.22
C TYR C 686 24.89 7.12 -32.51
N ILE C 687 25.93 7.45 -31.73
CA ILE C 687 26.67 8.68 -31.94
C ILE C 687 27.46 8.60 -33.24
N ASP C 688 27.81 7.38 -33.64
CA ASP C 688 28.56 7.16 -34.87
C ASP C 688 27.69 7.43 -36.08
N ILE C 689 26.44 6.98 -36.01
CA ILE C 689 25.48 7.24 -37.08
C ILE C 689 25.08 8.71 -37.09
N SER C 690 24.92 9.28 -35.91
CA SER C 690 24.57 10.69 -35.76
C SER C 690 25.66 11.57 -36.36
N LYS C 691 26.91 11.16 -36.18
CA LYS C 691 28.03 11.87 -36.76
C LYS C 691 28.17 11.55 -38.24
N THR C 692 27.65 10.40 -38.64
CA THR C 692 27.68 9.98 -40.04
C THR C 692 26.70 10.79 -40.87
N THR C 693 25.64 11.27 -40.21
CA THR C 693 24.65 12.11 -40.87
C THR C 693 25.26 13.45 -41.28
N SER C 694 25.81 14.16 -40.31
CA SER C 694 26.47 15.45 -40.57
C SER C 694 27.95 15.37 -40.19
N PRO C 695 28.83 15.50 -41.20
CA PRO C 695 30.27 15.43 -40.90
C PRO C 695 30.88 16.79 -40.59
N LEU C 696 32.16 16.82 -40.26
CA LEU C 696 32.86 18.07 -39.98
C LEU C 696 34.17 18.16 -40.75
N LEU C 697 35.13 17.31 -40.39
CA LEU C 697 36.43 17.28 -41.07
C LEU C 697 36.65 15.93 -41.72
N LEU C 698 36.99 15.95 -43.02
CA LEU C 698 37.13 14.72 -43.80
C LEU C 698 38.31 13.85 -43.36
N HIS C 699 39.50 14.44 -43.34
CA HIS C 699 40.74 13.69 -43.08
C HIS C 699 40.76 13.06 -41.69
N PRO C 700 40.50 13.87 -40.65
CA PRO C 700 40.47 13.39 -39.28
C PRO C 700 39.47 12.25 -39.12
N ASN C 701 38.30 12.41 -39.72
CA ASN C 701 37.27 11.37 -39.69
C ASN C 701 37.60 10.22 -40.64
N ASN C 702 38.49 10.48 -41.59
CA ASN C 702 38.94 9.42 -42.49
C ASN C 702 39.86 8.45 -41.75
N TRP C 703 40.80 8.99 -40.98
CA TRP C 703 41.67 8.15 -40.17
C TRP C 703 40.89 7.52 -39.01
N ILE C 704 40.03 8.34 -38.40
CA ILE C 704 39.12 7.89 -37.35
C ILE C 704 38.37 6.64 -37.82
N ARG C 705 37.59 6.79 -38.89
CA ARG C 705 36.85 5.67 -39.45
C ARG C 705 37.77 4.57 -39.98
N GLN C 706 39.01 4.91 -40.29
CA GLN C 706 39.98 3.91 -40.73
C GLN C 706 40.30 2.95 -39.60
N PHE C 707 40.38 3.48 -38.38
CA PHE C 707 40.60 2.63 -37.21
C PHE C 707 39.29 1.98 -36.76
N THR C 708 38.21 2.75 -36.78
CA THR C 708 36.92 2.33 -36.27
C THR C 708 36.30 1.19 -37.08
N LEU C 709 36.44 1.26 -38.40
CA LEU C 709 35.92 0.21 -39.27
C LEU C 709 36.71 -1.07 -39.07
N MET C 710 38.00 -0.92 -38.76
CA MET C 710 38.86 -2.06 -38.45
C MET C 710 38.44 -2.67 -37.12
N ILE C 711 37.95 -1.83 -36.22
CA ILE C 711 37.47 -2.30 -34.93
C ILE C 711 35.99 -2.69 -35.00
N ILE C 712 35.42 -2.57 -36.19
CA ILE C 712 33.99 -2.83 -36.39
C ILE C 712 33.72 -4.27 -36.82
N ILE C 713 34.77 -5.08 -36.85
CA ILE C 713 34.67 -6.46 -37.32
C ILE C 713 34.10 -7.40 -36.27
N GLU C 714 33.80 -6.85 -35.10
CA GLU C 714 33.19 -7.63 -34.02
C GLU C 714 31.86 -8.23 -34.45
N ILE C 715 31.55 -9.42 -33.95
CA ILE C 715 30.37 -10.15 -34.36
C ILE C 715 29.12 -9.75 -33.57
N ILE C 716 29.28 -8.79 -32.66
CA ILE C 716 28.16 -8.27 -31.89
C ILE C 716 27.10 -7.69 -32.81
N ASN C 717 25.83 -7.88 -32.45
CA ASN C 717 24.71 -7.43 -33.27
C ASN C 717 24.76 -5.94 -33.57
N LYS C 718 25.15 -5.16 -32.56
CA LYS C 718 25.25 -3.71 -32.71
C LYS C 718 26.52 -3.33 -33.45
N LEU C 719 27.56 -4.14 -33.29
CA LEU C 719 28.84 -3.90 -33.95
C LEU C 719 28.70 -3.99 -35.46
N SER C 720 27.79 -4.85 -35.91
CA SER C 720 27.50 -4.98 -37.34
C SER C 720 26.80 -3.73 -37.84
N LYS C 721 25.86 -3.23 -37.05
CA LYS C 721 25.13 -2.03 -37.37
C LYS C 721 26.08 -0.84 -37.49
N ALA C 722 27.03 -0.77 -36.57
CA ALA C 722 28.05 0.29 -36.59
C ALA C 722 29.01 0.08 -37.75
N GLU C 723 29.17 -1.17 -38.16
CA GLU C 723 30.05 -1.51 -39.27
C GLU C 723 29.41 -1.13 -40.60
N VAL C 724 28.08 -1.06 -40.61
CA VAL C 724 27.34 -0.74 -41.82
C VAL C 724 27.42 0.74 -42.17
N TYR C 725 27.85 1.55 -41.20
CA TYR C 725 27.94 3.00 -41.40
C TYR C 725 29.17 3.37 -42.23
N CYS C 726 30.09 2.43 -42.38
CA CYS C 726 31.31 2.66 -43.15
C CYS C 726 30.99 2.92 -44.62
N ILE C 727 30.00 2.21 -45.13
CA ILE C 727 29.57 2.38 -46.52
C ILE C 727 28.93 3.75 -46.71
N LEU C 728 28.11 4.15 -45.75
CA LEU C 728 27.46 5.45 -45.80
C LEU C 728 28.47 6.58 -45.71
N TYR C 729 29.54 6.34 -44.95
CA TYR C 729 30.62 7.30 -44.81
C TYR C 729 31.35 7.48 -46.14
N PRO C 730 31.62 6.37 -46.83
CA PRO C 730 32.34 6.36 -48.10
C PRO C 730 31.58 7.07 -49.22
N ILE C 731 30.28 7.29 -49.04
CA ILE C 731 29.45 7.94 -50.05
C ILE C 731 29.90 9.38 -50.29
N ILE C 732 30.21 10.10 -49.22
CA ILE C 732 30.66 11.48 -49.32
C ILE C 732 32.15 11.55 -49.63
N VAL C 740 37.33 10.51 -53.93
CA VAL C 740 36.41 9.43 -54.28
C VAL C 740 37.17 8.19 -54.73
N GLU C 741 37.98 8.34 -55.78
CA GLU C 741 38.77 7.23 -56.31
C GLU C 741 39.99 6.97 -55.44
N PHE C 742 40.65 8.04 -55.00
CA PHE C 742 41.79 7.94 -54.11
C PHE C 742 41.36 7.31 -52.79
N ASN C 743 40.20 7.73 -52.31
CA ASN C 743 39.60 7.15 -51.11
C ASN C 743 39.18 5.71 -51.38
N PHE C 744 38.82 5.41 -52.62
CA PHE C 744 38.42 4.06 -53.01
C PHE C 744 39.62 3.11 -52.92
N LYS C 745 40.78 3.59 -53.35
CA LYS C 745 42.01 2.81 -53.27
C LYS C 745 42.48 2.69 -51.82
N SER C 746 42.49 3.80 -51.11
CA SER C 746 42.90 3.83 -49.72
C SER C 746 42.04 2.89 -48.87
N MET C 747 40.76 2.81 -49.19
CA MET C 747 39.85 1.89 -48.51
C MET C 747 40.04 0.47 -49.00
N ILE C 748 40.41 0.33 -50.27
CA ILE C 748 40.64 -0.98 -50.87
C ILE C 748 41.88 -1.64 -50.26
N SER C 749 42.77 -0.82 -49.70
CA SER C 749 43.96 -1.33 -49.03
C SER C 749 43.59 -2.18 -47.81
N CYS C 750 42.66 -1.69 -47.01
CA CYS C 750 42.23 -2.40 -45.80
C CYS C 750 40.97 -3.23 -46.06
N CYS C 751 40.49 -3.22 -47.30
CA CYS C 751 39.26 -3.92 -47.67
C CYS C 751 39.37 -5.44 -47.47
N LYS C 752 38.40 -6.01 -46.77
CA LYS C 752 38.36 -7.44 -46.54
C LYS C 752 37.46 -8.15 -47.55
N GLN C 753 36.90 -7.38 -48.48
CA GLN C 753 36.00 -7.94 -49.48
C GLN C 753 36.55 -7.84 -50.90
N PRO C 754 36.94 -8.99 -51.48
CA PRO C 754 37.44 -9.11 -52.85
C PRO C 754 36.35 -8.88 -53.91
N VAL C 755 35.13 -9.31 -53.61
CA VAL C 755 34.04 -9.26 -54.58
C VAL C 755 33.17 -8.01 -54.43
N SER C 756 33.58 -7.10 -53.53
CA SER C 756 32.81 -5.89 -53.26
C SER C 756 32.66 -4.99 -54.48
N ARG C 757 31.45 -4.49 -54.69
CA ARG C 757 31.17 -3.58 -55.80
C ARG C 757 30.46 -2.32 -55.32
N SER C 758 29.25 -2.51 -54.78
CA SER C 758 28.43 -1.39 -54.32
C SER C 758 27.85 -1.65 -52.93
N VAL C 759 26.76 -0.94 -52.60
CA VAL C 759 26.13 -1.02 -51.28
C VAL C 759 25.52 -2.39 -51.07
N TYR C 760 24.81 -2.89 -52.09
CA TYR C 760 24.23 -4.22 -52.03
C TYR C 760 25.34 -5.28 -51.98
N ASN C 761 26.35 -5.08 -52.83
CA ASN C 761 27.51 -5.97 -52.85
C ASN C 761 28.32 -5.83 -51.58
N LEU C 762 28.18 -4.68 -50.91
CA LEU C 762 28.80 -4.48 -49.61
C LEU C 762 28.03 -5.24 -48.55
N LEU C 763 26.72 -5.41 -48.79
CA LEU C 763 25.88 -6.20 -47.90
C LEU C 763 26.23 -7.67 -48.06
N CYS C 764 26.51 -8.08 -49.30
CA CYS C 764 26.98 -9.43 -49.57
C CYS C 764 28.37 -9.63 -48.97
N SER C 765 29.14 -8.55 -48.95
CA SER C 765 30.48 -8.56 -48.36
C SER C 765 30.40 -8.80 -46.87
N TRP C 766 29.51 -8.07 -46.20
CA TRP C 766 29.28 -8.24 -44.77
C TRP C 766 28.70 -9.62 -44.49
N SER C 767 27.94 -10.14 -45.46
CA SER C 767 27.40 -11.49 -45.35
C SER C 767 28.53 -12.52 -45.42
N VAL C 768 29.58 -12.20 -46.17
CA VAL C 768 30.74 -13.06 -46.25
C VAL C 768 31.70 -12.77 -45.09
N ARG C 769 31.39 -11.73 -44.33
CA ARG C 769 32.22 -11.32 -43.20
C ARG C 769 31.77 -11.96 -41.90
N ALA C 770 30.79 -12.86 -41.99
CA ALA C 770 30.22 -13.51 -40.81
C ALA C 770 31.28 -14.23 -39.98
N SER C 771 31.30 -13.92 -38.68
CA SER C 771 32.26 -14.49 -37.75
C SER C 771 31.64 -14.74 -36.38
N LYS C 772 32.34 -15.51 -35.55
CA LYS C 772 31.85 -15.80 -34.20
C LYS C 772 32.70 -15.09 -33.15
N SER C 773 32.04 -14.34 -32.26
CA SER C 773 32.73 -13.59 -31.23
C SER C 773 32.81 -14.33 -29.90
N LEU C 774 32.28 -15.55 -29.87
CA LEU C 774 32.33 -16.37 -28.65
C LEU C 774 33.78 -16.72 -28.32
N PHE C 775 34.50 -17.21 -29.34
CA PHE C 775 35.91 -17.53 -29.20
C PHE C 775 36.73 -16.26 -28.98
N TRP C 776 36.16 -15.12 -29.39
CA TRP C 776 36.79 -13.83 -29.17
C TRP C 776 36.60 -13.39 -27.72
N LYS C 777 35.45 -13.75 -27.15
CA LYS C 777 35.18 -13.49 -25.74
C LYS C 777 36.09 -14.35 -24.88
N LYS C 778 36.25 -15.61 -25.29
CA LYS C 778 37.16 -16.53 -24.62
C LYS C 778 38.59 -16.05 -24.76
N ILE C 779 38.90 -15.42 -25.90
CA ILE C 779 40.21 -14.85 -26.15
C ILE C 779 40.44 -13.65 -25.25
N ILE C 780 39.37 -12.92 -24.97
CA ILE C 780 39.43 -11.80 -24.04
C ILE C 780 39.65 -12.31 -22.64
N THR C 781 39.07 -13.47 -22.34
CA THR C 781 39.29 -14.13 -21.06
C THR C 781 40.74 -14.58 -20.95
N ASN C 782 41.33 -14.97 -22.08
CA ASN C 782 42.74 -15.33 -22.13
C ASN C 782 43.62 -14.10 -21.98
N HIS C 783 43.10 -12.95 -22.41
CA HIS C 783 43.81 -11.70 -22.29
C HIS C 783 43.84 -11.24 -20.83
N VAL C 784 42.71 -11.41 -20.15
CA VAL C 784 42.62 -11.08 -18.73
C VAL C 784 43.45 -12.07 -17.91
N ASP C 785 43.49 -13.32 -18.37
CA ASP C 785 44.33 -14.33 -17.74
C ASP C 785 45.80 -13.99 -17.90
N SER C 786 46.14 -13.42 -19.06
CA SER C 786 47.49 -12.96 -19.32
C SER C 786 47.80 -11.73 -18.45
N PHE C 787 46.76 -10.95 -18.18
CA PHE C 787 46.90 -9.79 -17.29
C PHE C 787 47.12 -10.26 -15.85
N GLY C 788 46.60 -11.46 -15.55
CA GLY C 788 46.82 -12.07 -14.25
C GLY C 788 48.12 -12.84 -14.22
N ASN C 789 48.71 -13.04 -15.40
CA ASN C 789 49.98 -13.74 -15.52
C ASN C 789 51.17 -12.79 -15.41
N ASN C 790 52.36 -13.28 -15.70
CA ASN C 790 53.58 -12.48 -15.61
C ASN C 790 54.06 -12.01 -16.98
N ARG C 791 53.93 -10.71 -17.22
CA ARG C 791 54.39 -10.09 -18.47
C ARG C 791 55.79 -9.51 -18.32
N ILE C 792 56.39 -9.72 -17.15
CA ILE C 792 57.68 -9.12 -16.80
C ILE C 792 58.80 -9.35 -17.81
N GLU C 793 58.82 -10.53 -18.42
CA GLU C 793 59.87 -10.87 -19.37
C GLU C 793 59.64 -10.25 -20.75
N PHE C 794 60.57 -9.40 -21.17
CA PHE C 794 60.48 -8.74 -22.48
C PHE C 794 61.32 -9.45 -23.54
N ILE C 795 61.96 -10.54 -23.15
CA ILE C 795 62.85 -11.27 -24.05
C ILE C 795 62.10 -11.88 -25.23
N THR C 796 62.81 -12.10 -26.33
CA THR C 796 62.22 -12.64 -27.54
C THR C 796 63.14 -13.66 -28.20
N LYS C 797 62.57 -14.42 -29.15
CA LYS C 797 63.31 -15.45 -29.88
C LYS C 797 63.95 -16.47 -28.94
N SER C 824 57.18 3.83 -26.22
CA SER C 824 56.39 2.84 -26.97
C SER C 824 55.44 3.51 -27.95
N THR C 825 55.47 3.06 -29.19
CA THR C 825 54.61 3.62 -30.24
C THR C 825 53.29 2.85 -30.32
N VAL C 826 52.51 3.14 -31.35
CA VAL C 826 51.21 2.51 -31.54
C VAL C 826 51.32 1.01 -31.77
N TYR C 827 52.32 0.60 -32.55
CA TYR C 827 52.52 -0.80 -32.86
C TYR C 827 53.23 -1.54 -31.74
N SER C 828 53.87 -0.78 -30.86
CA SER C 828 54.61 -1.35 -29.73
C SER C 828 53.67 -2.07 -28.77
N HIS C 829 52.42 -1.61 -28.71
CA HIS C 829 51.41 -2.24 -27.87
C HIS C 829 51.08 -3.63 -28.39
N ASP C 830 50.98 -3.76 -29.72
CA ASP C 830 50.71 -5.04 -30.36
C ASP C 830 51.91 -5.96 -30.22
N ASN C 831 53.10 -5.41 -30.43
CA ASN C 831 54.34 -6.16 -30.29
C ASN C 831 54.51 -6.70 -28.87
N LYS C 832 54.06 -5.92 -27.90
CA LYS C 832 54.11 -6.34 -26.50
C LYS C 832 52.95 -7.26 -26.16
N GLU C 833 51.91 -7.23 -26.99
CA GLU C 833 50.73 -8.06 -26.78
C GLU C 833 50.97 -9.49 -27.25
N ILE C 834 51.64 -9.63 -28.40
CA ILE C 834 51.91 -10.95 -28.98
C ILE C 834 52.84 -11.78 -28.11
N PRO C 835 53.94 -11.16 -27.64
CA PRO C 835 55.00 -11.78 -26.83
C PRO C 835 54.54 -12.17 -25.43
N LEU C 836 53.40 -11.65 -25.00
CA LEU C 836 52.89 -11.88 -23.64
C LEU C 836 52.74 -13.36 -23.29
N THR C 837 52.46 -14.18 -24.30
CA THR C 837 52.30 -15.63 -24.08
C THR C 837 52.88 -16.42 -25.25
N ALA C 838 53.23 -17.67 -24.98
CA ALA C 838 53.81 -18.54 -26.01
C ALA C 838 53.10 -19.88 -26.08
N GLU C 839 53.26 -20.70 -25.04
CA GLU C 839 52.69 -22.04 -25.01
C GLU C 839 51.21 -22.04 -24.67
N ASP C 840 50.81 -21.22 -23.71
CA ASP C 840 49.43 -21.16 -23.25
C ASP C 840 48.48 -20.68 -24.35
N ARG C 841 48.86 -19.59 -25.01
CA ARG C 841 48.06 -19.02 -26.08
C ARG C 841 47.99 -19.95 -27.29
N ASN C 842 48.99 -20.82 -27.41
CA ASN C 842 49.02 -21.80 -28.50
C ASN C 842 47.97 -22.88 -28.30
N TRP C 843 47.96 -23.47 -27.11
CA TRP C 843 46.96 -24.49 -26.77
C TRP C 843 45.57 -23.87 -26.74
N ILE C 844 45.50 -22.61 -26.32
CA ILE C 844 44.24 -21.86 -26.33
C ILE C 844 43.77 -21.65 -27.76
N ASP C 845 44.73 -21.48 -28.68
CA ASP C 845 44.42 -21.34 -30.09
C ASP C 845 44.03 -22.69 -30.70
N LYS C 846 44.47 -23.77 -30.05
CA LYS C 846 44.13 -25.10 -30.50
C LYS C 846 42.79 -25.55 -29.90
N PHE C 847 42.31 -24.81 -28.91
CA PHE C 847 41.03 -25.12 -28.29
C PHE C 847 39.87 -24.48 -29.05
N HIS C 848 40.20 -23.56 -29.95
CA HIS C 848 39.19 -22.88 -30.76
C HIS C 848 38.97 -23.63 -32.08
N ILE C 849 38.23 -23.00 -33.00
CA ILE C 849 37.99 -23.59 -34.31
C ILE C 849 39.29 -23.73 -35.10
N ILE C 850 40.19 -22.76 -34.89
CA ILE C 850 41.51 -22.77 -35.53
C ILE C 850 41.44 -22.86 -37.05
N GLY C 851 40.49 -22.14 -37.63
CA GLY C 851 40.32 -22.15 -39.08
C GLY C 851 41.11 -21.04 -39.76
N LEU C 852 41.08 -21.04 -41.09
CA LEU C 852 41.76 -20.01 -41.87
C LEU C 852 41.05 -18.67 -41.73
N THR C 853 39.75 -18.73 -41.42
CA THR C 853 38.97 -17.53 -41.20
C THR C 853 39.18 -17.03 -39.77
N GLU C 854 39.75 -17.88 -38.94
CA GLU C 854 40.05 -17.52 -37.56
C GLU C 854 41.48 -16.98 -37.44
N LYS C 855 42.15 -16.84 -38.57
CA LYS C 855 43.52 -16.35 -38.61
C LYS C 855 43.59 -14.85 -38.41
N ASP C 856 42.44 -14.19 -38.41
CA ASP C 856 42.37 -12.75 -38.20
C ASP C 856 42.90 -12.39 -36.81
N ILE C 857 43.83 -11.44 -36.77
CA ILE C 857 44.48 -11.07 -35.52
C ILE C 857 43.62 -10.16 -34.66
N TRP C 858 42.91 -9.23 -35.31
CA TRP C 858 42.07 -8.26 -34.62
C TRP C 858 42.79 -7.35 -33.62
N LYS C 859 43.81 -6.66 -34.10
CA LYS C 859 44.64 -5.80 -33.24
C LYS C 859 43.89 -4.83 -32.35
N ILE C 860 42.65 -4.53 -32.69
CA ILE C 860 41.83 -3.62 -31.90
C ILE C 860 41.46 -4.24 -30.55
N VAL C 861 41.54 -5.57 -30.49
CA VAL C 861 41.24 -6.29 -29.26
C VAL C 861 42.32 -6.06 -28.20
N ALA C 862 43.45 -5.49 -28.63
CA ALA C 862 44.50 -5.11 -27.71
C ALA C 862 44.14 -3.79 -27.02
N LEU C 863 43.59 -2.86 -27.81
CA LEU C 863 43.12 -1.59 -27.28
C LEU C 863 41.92 -1.84 -26.37
N ARG C 864 41.04 -2.74 -26.81
CA ARG C 864 39.91 -3.16 -25.99
C ARG C 864 40.40 -3.99 -24.81
N GLY C 865 41.62 -4.50 -24.92
CA GLY C 865 42.25 -5.25 -23.86
C GLY C 865 42.74 -4.35 -22.75
N TYR C 866 43.31 -3.21 -23.14
CA TYR C 866 43.74 -2.20 -22.19
C TYR C 866 42.50 -1.50 -21.62
N VAL C 867 41.45 -1.44 -22.43
CA VAL C 867 40.18 -0.89 -21.99
C VAL C 867 39.56 -1.76 -20.91
N ILE C 868 39.57 -3.07 -21.15
CA ILE C 868 39.10 -4.04 -20.17
C ILE C 868 40.06 -4.10 -18.99
N ARG C 869 41.29 -3.65 -19.21
CA ARG C 869 42.28 -3.57 -18.15
C ARG C 869 41.97 -2.36 -17.26
N THR C 870 41.32 -1.36 -17.84
CA THR C 870 40.82 -0.22 -17.08
C THR C 870 39.56 -0.64 -16.33
N ALA C 871 38.75 -1.46 -16.98
CA ALA C 871 37.56 -2.04 -16.35
C ALA C 871 37.96 -2.89 -15.16
N ARG C 872 39.13 -3.53 -15.25
CA ARG C 872 39.68 -4.29 -14.14
C ARG C 872 40.45 -3.37 -13.20
N VAL C 873 40.76 -2.16 -13.67
CA VAL C 873 41.43 -1.16 -12.84
C VAL C 873 40.40 -0.43 -11.98
N MET C 874 39.12 -0.66 -12.29
CA MET C 874 38.04 -0.14 -11.46
C MET C 874 37.80 -1.08 -10.27
N ALA C 875 38.56 -2.17 -10.24
CA ALA C 875 38.49 -3.15 -9.16
C ALA C 875 39.87 -3.39 -8.57
N ALA C 876 39.96 -4.37 -7.67
CA ALA C 876 41.23 -4.71 -7.03
C ALA C 876 42.16 -5.44 -8.00
N ASN C 877 43.31 -5.87 -7.48
CA ASN C 877 44.32 -6.55 -8.29
C ASN C 877 43.78 -7.81 -8.96
N PRO C 878 43.81 -7.83 -10.31
CA PRO C 878 43.32 -8.94 -11.12
C PRO C 878 44.42 -9.90 -11.53
N ASN C 976 47.56 -26.84 -8.37
CA ASN C 976 47.06 -26.37 -9.66
C ASN C 976 46.49 -24.96 -9.57
N LEU C 977 45.63 -24.61 -10.52
CA LEU C 977 45.01 -23.30 -10.54
C LEU C 977 43.95 -23.16 -9.46
N LYS C 978 43.68 -21.92 -9.06
CA LYS C 978 42.68 -21.64 -8.03
C LYS C 978 41.29 -21.57 -8.64
N ASN C 979 40.32 -21.12 -7.83
CA ASN C 979 38.94 -20.97 -8.28
C ASN C 979 38.83 -20.01 -9.46
N VAL C 980 37.96 -20.34 -10.40
CA VAL C 980 37.79 -19.54 -11.61
C VAL C 980 37.22 -18.15 -11.31
N PHE C 981 37.58 -17.18 -12.13
CA PHE C 981 37.09 -15.81 -11.95
C PHE C 981 35.98 -15.50 -12.94
N VAL C 982 34.78 -15.23 -12.40
CA VAL C 982 33.62 -14.92 -13.23
C VAL C 982 33.74 -13.51 -13.83
N GLN C 983 33.08 -13.31 -14.96
CA GLN C 983 33.10 -12.00 -15.62
C GLN C 983 31.95 -11.12 -15.14
N LEU C 984 31.04 -11.69 -14.37
CA LEU C 984 29.90 -10.95 -13.84
C LEU C 984 29.34 -11.61 -12.59
N GLU C 985 28.55 -10.87 -11.82
CA GLU C 985 27.93 -11.41 -10.61
C GLU C 985 26.44 -11.11 -10.58
N PRO C 986 25.65 -12.09 -10.12
CA PRO C 986 24.19 -12.05 -10.00
C PRO C 986 23.68 -11.20 -8.84
N THR C 987 22.59 -10.48 -9.05
CA THR C 987 21.92 -9.75 -7.98
C THR C 987 21.17 -10.71 -7.08
N SER C 988 20.88 -10.28 -5.86
CA SER C 988 20.19 -11.16 -4.90
C SER C 988 18.67 -11.07 -5.07
N TYR C 989 18.09 -9.95 -4.60
CA TYR C 989 16.67 -9.63 -4.81
C TYR C 989 15.70 -10.61 -4.14
N HIS C 990 16.21 -11.69 -3.55
CA HIS C 990 15.36 -12.75 -3.00
C HIS C 990 15.22 -12.65 -1.48
N MET C 991 16.28 -12.99 -0.77
CA MET C 991 16.26 -12.93 0.70
C MET C 991 16.16 -11.49 1.17
N HIS C 992 16.69 -10.57 0.37
CA HIS C 992 16.61 -9.14 0.68
C HIS C 992 15.18 -8.65 0.64
N SER C 993 14.35 -9.28 -0.20
CA SER C 993 12.94 -8.97 -0.26
C SER C 993 12.25 -9.35 1.03
N PRO C 994 12.58 -10.55 1.55
CA PRO C 994 12.05 -11.03 2.83
C PRO C 994 12.50 -10.17 4.00
N ASN C 995 13.76 -9.74 3.96
CA ASN C 995 14.29 -8.83 4.98
C ASN C 995 13.57 -7.49 4.91
N HIS C 996 13.23 -7.07 3.68
CA HIS C 996 12.44 -5.86 3.48
C HIS C 996 11.03 -6.06 4.02
N GLY C 997 10.58 -7.31 4.01
CA GLY C 997 9.31 -7.68 4.60
C GLY C 997 9.41 -7.64 6.11
N LEU C 998 10.62 -7.83 6.62
CA LEU C 998 10.86 -7.74 8.06
C LEU C 998 10.92 -6.28 8.48
N LYS C 999 11.40 -5.41 7.60
CA LYS C 999 11.37 -3.97 7.83
C LYS C 999 9.93 -3.48 7.76
N ASP C 1000 9.16 -4.08 6.86
CA ASP C 1000 7.74 -3.80 6.76
C ASP C 1000 7.02 -4.33 8.00
N ASN C 1001 7.60 -5.35 8.61
CA ASN C 1001 7.09 -5.89 9.87
C ASN C 1001 7.44 -4.96 11.02
N ALA C 1002 8.54 -4.22 10.86
CA ALA C 1002 8.87 -3.16 11.80
C ALA C 1002 7.88 -2.02 11.61
N ASN C 1003 7.41 -1.85 10.39
CA ASN C 1003 6.33 -0.93 10.10
C ASN C 1003 5.01 -1.51 10.60
N VAL C 1004 4.91 -2.84 10.54
CA VAL C 1004 3.81 -3.59 11.14
C VAL C 1004 2.39 -3.30 10.69
N LYS C 1005 2.13 -3.47 9.39
CA LYS C 1005 0.75 -3.40 8.89
C LYS C 1005 -0.10 -4.56 9.41
N PRO C 1006 -1.40 -4.54 9.10
CA PRO C 1006 -2.18 -5.66 9.61
C PRO C 1006 -2.32 -6.83 8.64
N GLU C 1007 -2.93 -7.91 9.10
CA GLU C 1007 -3.20 -9.12 8.31
C GLU C 1007 -3.87 -10.17 9.20
N ARG C 1008 -4.53 -11.14 8.58
CA ARG C 1008 -5.08 -12.27 9.33
C ARG C 1008 -5.14 -13.54 8.49
N LYS C 1009 -4.83 -14.67 9.12
CA LYS C 1009 -5.01 -15.97 8.48
C LYS C 1009 -6.46 -16.42 8.57
N VAL C 1010 -7.03 -16.29 9.77
CA VAL C 1010 -8.41 -16.68 10.01
C VAL C 1010 -9.34 -15.49 9.78
N VAL C 1011 -10.61 -15.66 10.16
CA VAL C 1011 -11.60 -14.60 9.98
C VAL C 1011 -11.26 -13.38 10.85
N VAL C 1012 -11.47 -12.20 10.29
CA VAL C 1012 -11.24 -10.96 11.01
C VAL C 1012 -12.51 -10.11 11.04
N SER C 1013 -12.56 -9.16 11.98
CA SER C 1013 -13.73 -8.29 12.12
C SER C 1013 -13.87 -7.39 10.90
N ASN C 1014 -15.09 -6.88 10.68
CA ASN C 1014 -15.35 -6.00 9.55
C ASN C 1014 -14.52 -4.73 9.60
N SER C 1015 -13.80 -4.46 8.52
CA SER C 1015 -12.94 -3.30 8.42
C SER C 1015 -13.75 -2.02 8.20
N TYR C 1016 -13.15 -0.88 8.51
CA TYR C 1016 -13.79 0.41 8.32
C TYR C 1016 -14.06 0.67 6.83
N GLU C 1017 -15.10 1.42 6.54
CA GLU C 1017 -15.49 1.72 5.16
C GLU C 1017 -14.41 2.54 4.45
N GLY C 1018 -14.28 2.32 3.14
CA GLY C 1018 -13.29 3.03 2.35
C GLY C 1018 -12.88 2.23 1.12
N ASP C 1019 -11.69 2.52 0.61
CA ASP C 1019 -11.16 1.80 -0.54
C ASP C 1019 -10.78 0.37 -0.16
N VAL C 1020 -10.75 0.10 1.14
CA VAL C 1020 -10.44 -1.23 1.64
C VAL C 1020 -11.62 -2.18 1.42
N GLU C 1021 -12.74 -1.63 0.97
CA GLU C 1021 -13.92 -2.43 0.66
C GLU C 1021 -13.65 -3.39 -0.48
N SER C 1022 -12.66 -3.06 -1.30
CA SER C 1022 -12.21 -3.94 -2.36
C SER C 1022 -11.47 -5.14 -1.78
N ILE C 1023 -10.77 -4.89 -0.68
CA ILE C 1023 -10.05 -5.96 0.01
C ILE C 1023 -11.01 -6.82 0.81
N GLU C 1024 -12.08 -6.21 1.31
CA GLU C 1024 -13.13 -6.94 2.01
C GLU C 1024 -13.89 -7.82 1.03
N LYS C 1025 -14.19 -7.25 -0.14
CA LYS C 1025 -14.83 -8.01 -1.21
C LYS C 1025 -13.89 -9.08 -1.71
N PHE C 1026 -12.59 -8.84 -1.57
CA PHE C 1026 -11.58 -9.84 -1.92
C PHE C 1026 -11.60 -10.96 -0.90
N LEU C 1027 -11.91 -10.61 0.35
CA LEU C 1027 -12.06 -11.61 1.40
C LEU C 1027 -13.34 -12.40 1.16
N SER C 1028 -14.31 -11.76 0.50
CA SER C 1028 -15.56 -12.40 0.14
C SER C 1028 -15.42 -13.12 -1.20
N THR C 1029 -14.25 -12.98 -1.81
CA THR C 1029 -13.96 -13.61 -3.10
C THR C 1029 -13.28 -14.96 -2.91
N PHE C 1030 -13.08 -15.34 -1.66
CA PHE C 1030 -12.46 -16.62 -1.33
C PHE C 1030 -13.49 -17.57 -0.72
N LYS C 1031 -13.54 -18.80 -1.24
CA LYS C 1031 -14.45 -19.81 -0.73
C LYS C 1031 -14.16 -20.11 0.73
N ILE C 1032 -15.22 -20.34 1.51
CA ILE C 1032 -15.06 -20.51 2.95
C ILE C 1032 -15.96 -21.61 3.51
N LEU C 1033 -15.97 -21.69 4.84
CA LEU C 1033 -16.76 -22.66 5.60
C LEU C 1033 -16.51 -24.10 5.17
N PRO C 1034 -15.24 -24.47 5.01
CA PRO C 1034 -14.92 -25.89 4.78
C PRO C 1034 -15.19 -26.71 6.04
N PRO C 1035 -14.80 -26.18 7.21
CA PRO C 1035 -14.97 -26.76 8.54
C PRO C 1035 -16.43 -26.74 8.99
N LEU C 1036 -17.18 -25.77 8.49
CA LEU C 1036 -18.59 -25.62 8.86
C LEU C 1036 -19.42 -26.77 8.32
N ARG C 1037 -18.94 -27.38 7.24
CA ARG C 1037 -19.63 -28.51 6.64
C ARG C 1037 -19.46 -29.76 7.48
N ASP C 1038 -18.49 -29.74 8.38
CA ASP C 1038 -18.22 -30.88 9.25
C ASP C 1038 -19.24 -31.00 10.37
N TYR C 1039 -19.55 -29.87 11.02
CA TYR C 1039 -20.48 -29.87 12.14
C TYR C 1039 -21.93 -29.60 11.70
N LYS C 1040 -22.10 -29.24 10.44
CA LYS C 1040 -23.42 -28.91 9.89
C LYS C 1040 -24.43 -30.06 10.01
N GLU C 1041 -24.20 -31.12 9.25
CA GLU C 1041 -25.15 -32.22 9.16
C GLU C 1041 -24.49 -33.57 9.41
N PHE C 1042 -25.24 -34.64 9.15
CA PHE C 1042 -24.77 -36.01 9.31
C PHE C 1042 -24.40 -36.32 10.74
N GLY C 1043 -25.26 -35.91 11.66
CA GLY C 1043 -25.10 -36.23 13.07
C GLY C 1043 -23.86 -35.64 13.71
N PRO C 1044 -23.43 -36.23 14.84
CA PRO C 1044 -22.26 -35.82 15.62
C PRO C 1044 -20.97 -36.47 15.13
N ILE C 1045 -19.88 -36.22 15.86
CA ILE C 1045 -18.58 -36.77 15.50
C ILE C 1045 -17.97 -37.53 16.68
N GLN C 1046 -17.64 -38.80 16.45
CA GLN C 1046 -17.06 -39.62 17.50
C GLN C 1046 -15.56 -39.34 17.66
N GLU C 1047 -14.91 -40.13 18.51
CA GLU C 1047 -13.48 -39.97 18.76
C GLU C 1047 -12.73 -41.28 18.56
N ILE C 1048 -11.41 -41.20 18.45
CA ILE C 1048 -10.59 -42.38 18.21
C ILE C 1048 -10.20 -43.09 19.52
N VAL C 1049 -10.59 -44.36 19.63
CA VAL C 1049 -10.22 -45.18 20.77
C VAL C 1049 -9.35 -46.33 20.33
N ARG C 1050 -8.12 -46.39 20.87
CA ARG C 1050 -7.15 -47.38 20.42
C ARG C 1050 -7.01 -48.55 21.39
N SER C 1051 -6.17 -49.51 21.01
CA SER C 1051 -5.90 -50.68 21.83
C SER C 1051 -4.47 -51.14 21.64
N PRO C 1052 -3.93 -51.89 22.62
CA PRO C 1052 -2.56 -52.42 22.54
C PRO C 1052 -2.42 -53.48 21.45
N ASN C 1053 -1.24 -54.08 21.35
CA ASN C 1053 -0.98 -55.09 20.33
C ASN C 1053 -1.88 -56.31 20.48
N MET C 1054 -2.60 -56.65 19.42
CA MET C 1054 -3.54 -57.76 19.43
C MET C 1054 -2.95 -59.05 18.86
N GLY C 1055 -1.70 -58.98 18.42
CA GLY C 1055 -1.05 -60.11 17.77
C GLY C 1055 -0.68 -61.25 18.70
N ASN C 1056 -0.60 -60.96 20.00
CA ASN C 1056 -0.18 -61.95 20.98
C ASN C 1056 -1.28 -62.95 21.35
N LEU C 1057 -2.53 -62.55 21.17
CA LEU C 1057 -3.67 -63.38 21.55
C LEU C 1057 -3.79 -64.63 20.68
N ARG C 1058 -4.49 -65.63 21.21
CA ARG C 1058 -4.70 -66.88 20.49
C ARG C 1058 -5.55 -66.68 19.23
N GLY C 1059 -6.62 -65.92 19.38
CA GLY C 1059 -7.48 -65.58 18.26
C GLY C 1059 -8.31 -66.72 17.71
N LYS C 1060 -9.02 -67.41 18.59
CA LYS C 1060 -9.93 -68.47 18.18
C LYS C 1060 -11.23 -67.87 17.66
N LEU C 1061 -11.83 -68.50 16.63
CA LEU C 1061 -13.04 -67.96 16.03
C LEU C 1061 -14.26 -68.31 16.88
N ILE C 1062 -14.93 -67.29 17.39
CA ILE C 1062 -16.08 -67.49 18.25
C ILE C 1062 -17.41 -67.36 17.53
N ALA C 1063 -17.40 -66.99 16.25
CA ALA C 1063 -18.65 -66.77 15.52
C ALA C 1063 -18.55 -67.04 14.03
N THR C 1064 -19.61 -67.60 13.47
CA THR C 1064 -19.76 -67.75 12.03
C THR C 1064 -21.18 -67.38 11.60
N LEU C 1065 -21.32 -66.35 10.77
CA LEU C 1065 -22.62 -65.90 10.31
C LEU C 1065 -22.62 -65.44 8.86
N MET C 1066 -23.60 -65.91 8.08
CA MET C 1066 -23.75 -65.47 6.70
C MET C 1066 -25.19 -65.08 6.40
N GLU C 1067 -25.42 -63.80 6.13
CA GLU C 1067 -26.75 -63.31 5.81
C GLU C 1067 -27.11 -63.62 4.36
N ASN C 1068 -26.19 -63.31 3.45
CA ASN C 1068 -26.42 -63.57 2.04
C ASN C 1068 -25.46 -64.62 1.49
N GLU C 1069 -25.99 -65.79 1.20
CA GLU C 1069 -25.22 -66.88 0.63
C GLU C 1069 -24.78 -66.60 -0.79
N PRO C 1070 -25.69 -66.06 -1.61
CA PRO C 1070 -25.65 -65.87 -3.06
C PRO C 1070 -24.38 -65.21 -3.60
N ASN C 1071 -23.91 -64.14 -2.97
CA ASN C 1071 -22.77 -63.39 -3.50
C ASN C 1071 -21.82 -62.88 -2.42
N SER C 1072 -20.60 -62.58 -2.83
CA SER C 1072 -19.58 -62.05 -1.93
C SER C 1072 -19.78 -60.55 -1.69
N ILE C 1073 -19.27 -60.07 -0.56
CA ILE C 1073 -19.31 -58.65 -0.25
C ILE C 1073 -18.17 -57.92 -0.96
N THR C 1074 -18.51 -56.85 -1.66
CA THR C 1074 -17.51 -56.07 -2.40
C THR C 1074 -16.68 -55.19 -1.47
N SER C 1075 -17.24 -54.90 -0.29
CA SER C 1075 -16.54 -54.08 0.69
C SER C 1075 -16.94 -54.44 2.12
N SER C 1076 -15.99 -54.29 3.04
CA SER C 1076 -16.27 -54.50 4.46
C SER C 1076 -15.58 -53.43 5.31
N ALA C 1077 -16.35 -52.78 6.18
CA ALA C 1077 -15.80 -51.72 7.02
C ALA C 1077 -16.47 -51.71 8.39
N VAL C 1078 -15.82 -51.08 9.36
CA VAL C 1078 -16.33 -51.01 10.72
C VAL C 1078 -16.25 -49.59 11.28
N SER C 1079 -17.30 -49.18 11.98
CA SER C 1079 -17.32 -47.87 12.63
C SER C 1079 -16.85 -48.00 14.08
N PRO C 1080 -15.66 -47.48 14.36
CA PRO C 1080 -14.98 -47.56 15.66
C PRO C 1080 -15.72 -46.80 16.76
N GLY C 1081 -15.43 -47.15 18.01
CA GLY C 1081 -16.05 -46.51 19.16
C GLY C 1081 -16.13 -47.46 20.34
N GLU C 1082 -16.99 -47.13 21.30
CA GLU C 1082 -17.22 -47.99 22.45
C GLU C 1082 -18.02 -49.22 22.01
N THR C 1083 -18.94 -49.01 21.08
CA THR C 1083 -19.73 -50.09 20.52
C THR C 1083 -19.64 -50.08 19.00
N PRO C 1084 -18.66 -50.80 18.45
CA PRO C 1084 -18.35 -50.86 17.02
C PRO C 1084 -19.56 -51.22 16.16
N TYR C 1085 -19.72 -50.51 15.04
CA TYR C 1085 -20.81 -50.81 14.11
C TYR C 1085 -20.27 -51.55 12.88
N LEU C 1086 -20.62 -52.82 12.77
CA LEU C 1086 -20.13 -53.64 11.65
C LEU C 1086 -20.91 -53.34 10.38
N ILE C 1087 -20.20 -53.27 9.25
CA ILE C 1087 -20.84 -52.98 7.97
C ILE C 1087 -20.20 -53.78 6.83
N THR C 1088 -21.04 -54.34 5.97
CA THR C 1088 -20.57 -55.07 4.79
C THR C 1088 -21.53 -54.89 3.63
N GLY C 1089 -20.97 -54.74 2.43
CA GLY C 1089 -21.78 -54.55 1.24
C GLY C 1089 -22.20 -55.87 0.61
N SER C 1090 -22.60 -55.81 -0.67
CA SER C 1090 -22.97 -57.01 -1.39
C SER C 1090 -22.74 -56.84 -2.90
N ASP C 1091 -22.50 -57.96 -3.59
CA ASP C 1091 -22.33 -57.95 -5.03
C ASP C 1091 -23.68 -57.80 -5.72
N GLN C 1092 -24.75 -58.04 -4.96
CA GLN C 1092 -26.10 -57.88 -5.46
C GLN C 1092 -26.59 -56.46 -5.18
N GLY C 1093 -25.70 -55.64 -4.63
CA GLY C 1093 -26.02 -54.26 -4.31
C GLY C 1093 -26.86 -54.09 -3.06
N VAL C 1094 -26.45 -54.79 -2.00
CA VAL C 1094 -27.13 -54.70 -0.72
C VAL C 1094 -26.18 -54.22 0.38
N ILE C 1095 -26.70 -53.36 1.27
CA ILE C 1095 -25.92 -52.85 2.38
C ILE C 1095 -26.38 -53.48 3.69
N LYS C 1096 -25.46 -54.11 4.41
CA LYS C 1096 -25.78 -54.79 5.66
C LYS C 1096 -24.99 -54.22 6.83
N ILE C 1097 -25.66 -54.12 7.98
CA ILE C 1097 -25.03 -53.60 9.19
C ILE C 1097 -25.38 -54.47 10.39
N TRP C 1098 -24.36 -54.87 11.14
CA TRP C 1098 -24.55 -55.71 12.32
C TRP C 1098 -23.97 -55.07 13.58
N ASN C 1099 -24.52 -55.43 14.74
CA ASN C 1099 -24.07 -54.88 16.01
C ASN C 1099 -23.03 -55.76 16.68
N LEU C 1100 -21.89 -55.15 17.03
CA LEU C 1100 -20.77 -55.85 17.64
C LEU C 1100 -21.16 -56.56 18.94
N LYS C 1101 -21.49 -55.77 19.96
CA LYS C 1101 -21.80 -56.30 21.29
C LYS C 1101 -22.94 -57.31 21.27
N GLU C 1102 -23.94 -57.03 20.43
CA GLU C 1102 -25.10 -57.92 20.31
C GLU C 1102 -24.69 -59.28 19.78
N ILE C 1103 -23.73 -59.29 18.86
CA ILE C 1103 -23.21 -60.53 18.31
C ILE C 1103 -22.24 -61.18 19.28
N ILE C 1104 -21.68 -60.39 20.19
CA ILE C 1104 -20.72 -60.89 21.16
C ILE C 1104 -21.41 -61.65 22.30
N VAL C 1105 -22.47 -61.04 22.83
CA VAL C 1105 -23.14 -61.60 24.00
C VAL C 1105 -24.31 -62.51 23.62
N GLY C 1106 -25.38 -61.92 23.11
CA GLY C 1106 -26.57 -62.68 22.74
C GLY C 1106 -26.35 -63.54 21.53
N GLU C 1107 -25.30 -63.22 20.78
CA GLU C 1107 -24.91 -63.96 19.57
C GLU C 1107 -26.03 -64.03 18.55
N VAL C 1108 -26.86 -62.99 18.50
CA VAL C 1108 -27.93 -62.91 17.50
C VAL C 1108 -27.32 -62.67 16.13
N TYR C 1109 -27.61 -63.57 15.19
CA TYR C 1109 -27.01 -63.49 13.86
C TYR C 1109 -27.89 -63.18 12.67
N SER C 1110 -28.03 -61.88 12.38
CA SER C 1110 -28.82 -61.36 11.28
C SER C 1110 -28.38 -59.95 10.95
N SER C 1111 -28.99 -59.34 9.95
CA SER C 1111 -28.69 -57.95 9.63
C SER C 1111 -29.46 -57.04 10.57
N SER C 1112 -28.73 -56.24 11.35
CA SER C 1112 -29.35 -55.31 12.28
C SER C 1112 -29.91 -54.12 11.51
N LEU C 1113 -29.30 -53.84 10.36
CA LEU C 1113 -29.78 -52.79 9.47
C LEU C 1113 -29.54 -53.21 8.02
N THR C 1114 -30.50 -52.88 7.15
CA THR C 1114 -30.41 -53.24 5.74
C THR C 1114 -30.81 -52.08 4.84
N TYR C 1115 -29.91 -51.70 3.93
CA TYR C 1115 -30.19 -50.62 2.99
C TYR C 1115 -30.12 -51.14 1.56
N ASP C 1116 -31.10 -50.78 0.75
CA ASP C 1116 -31.16 -51.25 -0.63
C ASP C 1116 -30.51 -50.27 -1.60
N CYS C 1117 -29.39 -50.67 -2.17
CA CYS C 1117 -28.70 -49.84 -3.15
C CYS C 1117 -29.31 -49.99 -4.54
N SER C 1118 -30.04 -51.09 -4.72
CA SER C 1118 -30.73 -51.41 -5.99
C SER C 1118 -29.76 -51.68 -7.15
N SER C 1119 -28.48 -51.47 -6.90
CA SER C 1119 -27.45 -51.70 -7.90
C SER C 1119 -26.14 -52.11 -7.23
N THR C 1120 -25.32 -52.89 -7.93
CA THR C 1120 -24.09 -53.45 -7.39
C THR C 1120 -23.17 -52.38 -6.80
N VAL C 1121 -22.66 -52.65 -5.60
CA VAL C 1121 -21.81 -51.71 -4.89
C VAL C 1121 -20.32 -51.98 -5.14
N THR C 1122 -19.55 -50.91 -5.25
CA THR C 1122 -18.12 -51.03 -5.52
C THR C 1122 -17.30 -51.15 -4.24
N GLN C 1123 -17.28 -50.10 -3.43
CA GLN C 1123 -16.52 -50.13 -2.20
C GLN C 1123 -17.11 -49.23 -1.12
N ILE C 1124 -16.51 -49.25 0.06
CA ILE C 1124 -16.98 -48.43 1.17
C ILE C 1124 -15.87 -48.10 2.16
N THR C 1125 -16.01 -46.97 2.84
CA THR C 1125 -15.08 -46.58 3.89
C THR C 1125 -15.78 -45.70 4.93
N MET C 1126 -15.34 -45.79 6.17
CA MET C 1126 -15.92 -44.98 7.25
C MET C 1126 -15.17 -43.67 7.39
N ILE C 1127 -15.90 -42.56 7.37
CA ILE C 1127 -15.31 -41.23 7.49
C ILE C 1127 -14.62 -41.07 8.85
N PRO C 1128 -13.35 -40.66 8.83
CA PRO C 1128 -12.52 -40.50 10.03
C PRO C 1128 -13.15 -39.57 11.07
N ASN C 1129 -13.18 -40.03 12.32
CA ASN C 1129 -13.75 -39.26 13.43
C ASN C 1129 -15.19 -38.81 13.16
N PHE C 1130 -15.95 -39.66 12.48
CA PHE C 1130 -17.33 -39.35 12.16
C PHE C 1130 -18.20 -40.61 12.15
N ASP C 1131 -19.50 -40.43 12.25
CA ASP C 1131 -20.43 -41.56 12.26
C ASP C 1131 -20.96 -41.85 10.86
N ALA C 1132 -20.49 -41.08 9.88
CA ALA C 1132 -20.94 -41.24 8.50
C ALA C 1132 -20.20 -42.36 7.78
N PHE C 1133 -20.91 -43.10 6.95
CA PHE C 1133 -20.31 -44.18 6.17
C PHE C 1133 -20.42 -43.89 4.68
N ALA C 1134 -19.28 -43.75 4.02
CA ALA C 1134 -19.24 -43.43 2.59
C ALA C 1134 -19.17 -44.70 1.76
N VAL C 1135 -19.86 -44.69 0.63
CA VAL C 1135 -19.92 -45.86 -0.25
C VAL C 1135 -20.04 -45.48 -1.72
N SER C 1136 -19.38 -46.26 -2.58
CA SER C 1136 -19.45 -46.09 -4.02
C SER C 1136 -19.93 -47.38 -4.68
N SER C 1137 -20.70 -47.23 -5.75
CA SER C 1137 -21.35 -48.36 -6.41
C SER C 1137 -21.08 -48.36 -7.92
N LYS C 1138 -20.89 -49.56 -8.46
CA LYS C 1138 -20.48 -49.75 -9.85
C LYS C 1138 -21.51 -49.26 -10.86
N ASP C 1139 -22.69 -48.90 -10.37
CA ASP C 1139 -23.69 -48.22 -11.19
C ASP C 1139 -23.25 -46.78 -11.44
N GLY C 1140 -22.13 -46.40 -10.82
CA GLY C 1140 -21.66 -45.03 -10.84
C GLY C 1140 -22.40 -44.22 -9.82
N GLN C 1141 -22.70 -44.84 -8.68
CA GLN C 1141 -23.46 -44.17 -7.64
C GLN C 1141 -22.64 -43.95 -6.38
N ILE C 1142 -22.28 -42.69 -6.12
CA ILE C 1142 -21.51 -42.35 -4.93
C ILE C 1142 -22.40 -41.67 -3.91
N ILE C 1143 -22.45 -42.22 -2.69
CA ILE C 1143 -23.29 -41.64 -1.65
C ILE C 1143 -22.76 -41.96 -0.26
N VAL C 1144 -23.15 -41.14 0.72
CA VAL C 1144 -22.74 -41.35 2.10
C VAL C 1144 -23.95 -41.37 3.04
N LEU C 1145 -24.04 -42.42 3.84
CA LEU C 1145 -25.17 -42.57 4.76
C LEU C 1145 -24.78 -42.18 6.18
N LYS C 1146 -25.60 -41.34 6.80
CA LYS C 1146 -25.38 -40.92 8.18
C LYS C 1146 -25.99 -41.94 9.14
N VAL C 1147 -25.29 -42.20 10.24
CA VAL C 1147 -25.74 -43.20 11.20
C VAL C 1147 -26.73 -42.60 12.21
N ASN C 1148 -27.75 -43.37 12.54
CA ASN C 1148 -28.73 -42.97 13.54
C ASN C 1148 -28.95 -44.08 14.55
N HIS C 1149 -28.60 -43.83 15.81
CA HIS C 1149 -28.71 -44.84 16.85
C HIS C 1149 -29.15 -44.24 18.18
N TYR C 1150 -29.58 -45.10 19.10
CA TYR C 1150 -30.03 -44.67 20.41
C TYR C 1150 -29.46 -45.55 21.52
N GLN C 1151 -29.56 -45.08 22.75
CA GLN C 1151 -29.05 -45.82 23.90
C GLN C 1151 -30.12 -45.95 24.98
N GLN C 1152 -30.52 -47.18 25.28
CA GLN C 1152 -31.55 -47.44 26.28
C GLN C 1152 -31.33 -48.78 26.97
N GLU C 1153 -31.89 -48.89 28.18
CA GLU C 1153 -31.80 -50.11 28.97
C GLU C 1153 -30.36 -50.60 29.14
N SER C 1154 -29.46 -49.65 29.40
CA SER C 1154 -28.04 -49.93 29.54
C SER C 1154 -27.46 -50.65 28.32
N GLU C 1155 -27.92 -50.24 27.14
CA GLU C 1155 -27.45 -50.84 25.90
C GLU C 1155 -27.62 -49.87 24.73
N VAL C 1156 -27.25 -50.31 23.54
CA VAL C 1156 -27.36 -49.49 22.34
C VAL C 1156 -28.16 -50.20 21.24
N LYS C 1157 -28.85 -49.42 20.42
CA LYS C 1157 -29.63 -49.97 19.32
C LYS C 1157 -29.57 -49.04 18.10
N PHE C 1158 -29.91 -49.58 16.93
CA PHE C 1158 -29.86 -48.82 15.69
C PHE C 1158 -31.26 -48.44 15.24
N LEU C 1159 -31.38 -47.26 14.62
CA LEU C 1159 -32.68 -46.74 14.21
C LEU C 1159 -32.91 -46.86 12.70
N ASN C 1160 -32.25 -46.00 11.94
CA ASN C 1160 -32.46 -45.98 10.49
C ASN C 1160 -31.22 -45.54 9.72
N CYS C 1161 -31.12 -46.00 8.47
CA CYS C 1161 -30.01 -45.64 7.61
C CYS C 1161 -30.47 -44.81 6.42
N GLU C 1162 -29.97 -43.59 6.32
CA GLU C 1162 -30.34 -42.70 5.23
C GLU C 1162 -29.11 -42.00 4.64
N CYS C 1163 -29.07 -41.88 3.32
CA CYS C 1163 -27.95 -41.26 2.64
C CYS C 1163 -27.98 -39.74 2.79
N ILE C 1164 -26.90 -39.18 3.32
CA ILE C 1164 -26.80 -37.74 3.52
C ILE C 1164 -26.68 -36.98 2.21
N ARG C 1165 -25.72 -37.40 1.38
CA ARG C 1165 -25.50 -36.75 0.09
C ARG C 1165 -25.50 -37.75 -1.05
N LYS C 1166 -26.01 -37.33 -2.19
CA LYS C 1166 -26.07 -38.19 -3.37
C LYS C 1166 -25.41 -37.53 -4.58
N ILE C 1167 -24.33 -38.12 -5.06
CA ILE C 1167 -23.62 -37.60 -6.21
C ILE C 1167 -23.40 -38.70 -7.25
N ASN C 1168 -23.95 -38.51 -8.43
CA ASN C 1168 -23.84 -39.51 -9.50
C ASN C 1168 -22.49 -39.47 -10.19
N LEU C 1169 -21.82 -40.62 -10.22
CA LEU C 1169 -20.55 -40.74 -10.93
C LEU C 1169 -20.82 -40.90 -12.42
N LYS C 1170 -22.08 -41.10 -12.78
CA LYS C 1170 -22.50 -41.19 -14.17
C LYS C 1170 -22.55 -39.81 -14.81
N ASN C 1171 -22.34 -38.77 -14.00
CA ASN C 1171 -22.38 -37.40 -14.47
C ASN C 1171 -21.06 -36.99 -15.11
N PHE C 1172 -20.09 -37.90 -15.11
CA PHE C 1172 -18.81 -37.67 -15.78
C PHE C 1172 -19.04 -37.56 -17.28
N GLY C 1173 -20.06 -38.25 -17.77
CA GLY C 1173 -20.44 -38.19 -19.17
C GLY C 1173 -19.96 -39.39 -19.98
N LYS C 1174 -18.93 -40.06 -19.48
CA LYS C 1174 -18.40 -41.25 -20.14
C LYS C 1174 -18.97 -42.51 -19.51
N ASN C 1175 -19.84 -42.34 -18.52
CA ASN C 1175 -20.42 -43.44 -17.76
C ASN C 1175 -19.43 -44.39 -17.10
N GLU C 1176 -18.53 -43.84 -16.31
CA GLU C 1176 -17.51 -44.63 -15.63
C GLU C 1176 -17.90 -45.11 -14.24
N TYR C 1177 -17.56 -46.36 -13.93
CA TYR C 1177 -17.86 -46.95 -12.63
C TYR C 1177 -16.69 -46.72 -11.67
N ALA C 1178 -17.02 -46.43 -10.41
CA ALA C 1178 -16.00 -46.21 -9.40
C ALA C 1178 -15.26 -47.49 -9.06
N VAL C 1179 -13.94 -47.46 -9.15
CA VAL C 1179 -13.12 -48.63 -8.86
C VAL C 1179 -12.86 -48.78 -7.37
N ARG C 1180 -12.03 -47.89 -6.83
CA ARG C 1180 -11.71 -47.89 -5.41
C ARG C 1180 -11.94 -46.50 -4.82
N MET C 1181 -12.32 -46.46 -3.55
CA MET C 1181 -12.63 -45.19 -2.89
C MET C 1181 -11.95 -45.07 -1.53
N ARG C 1182 -11.30 -43.94 -1.29
CA ARG C 1182 -10.71 -43.64 0.00
C ARG C 1182 -10.98 -42.19 0.39
N ALA C 1183 -11.59 -41.99 1.54
CA ALA C 1183 -11.96 -40.65 2.00
C ALA C 1183 -11.20 -40.27 3.26
N PHE C 1184 -11.01 -38.97 3.48
CA PHE C 1184 -10.27 -38.50 4.65
C PHE C 1184 -10.73 -37.13 5.10
N VAL C 1185 -10.64 -36.89 6.41
CA VAL C 1185 -11.00 -35.59 6.96
C VAL C 1185 -9.88 -35.01 7.81
N ASN C 1186 -9.27 -33.94 7.31
CA ASN C 1186 -8.28 -33.19 8.05
C ASN C 1186 -8.95 -32.06 8.83
N GLU C 1187 -8.42 -31.75 10.01
CA GLU C 1187 -8.92 -30.64 10.81
C GLU C 1187 -8.99 -29.36 9.98
N GLU C 1188 -8.02 -29.20 9.08
CA GLU C 1188 -8.05 -28.12 8.09
C GLU C 1188 -9.31 -28.21 7.22
N LYS C 1189 -9.39 -29.28 6.41
CA LYS C 1189 -10.52 -29.49 5.53
C LYS C 1189 -10.73 -30.98 5.25
N SER C 1190 -11.94 -31.34 4.82
CA SER C 1190 -12.27 -32.73 4.58
C SER C 1190 -12.58 -32.99 3.10
N LEU C 1191 -12.25 -34.19 2.62
CA LEU C 1191 -12.48 -34.53 1.22
C LEU C 1191 -12.43 -36.04 0.97
N LEU C 1192 -12.63 -36.42 -0.29
CA LEU C 1192 -12.60 -37.83 -0.68
C LEU C 1192 -11.88 -37.99 -2.02
N VAL C 1193 -11.37 -39.19 -2.26
CA VAL C 1193 -10.68 -39.50 -3.50
C VAL C 1193 -11.11 -40.87 -4.03
N ALA C 1194 -11.24 -40.98 -5.34
CA ALA C 1194 -11.69 -42.23 -5.95
C ALA C 1194 -11.03 -42.49 -7.30
N LEU C 1195 -11.02 -43.76 -7.71
CA LEU C 1195 -10.45 -44.14 -9.00
C LEU C 1195 -11.57 -44.50 -9.99
N THR C 1196 -11.47 -43.95 -11.19
CA THR C 1196 -12.51 -44.16 -12.21
C THR C 1196 -12.43 -45.55 -12.84
N ASN C 1197 -13.33 -45.82 -13.77
CA ASN C 1197 -13.33 -47.09 -14.49
C ASN C 1197 -12.14 -47.21 -15.41
N LEU C 1198 -11.63 -46.07 -15.84
CA LEU C 1198 -10.43 -45.99 -16.67
C LEU C 1198 -9.21 -45.81 -15.76
N SER C 1199 -9.41 -46.07 -14.47
CA SER C 1199 -8.42 -45.82 -13.44
C SER C 1199 -7.85 -44.41 -13.43
N ARG C 1200 -8.75 -43.44 -13.27
CA ARG C 1200 -8.37 -42.04 -13.18
C ARG C 1200 -8.64 -41.47 -11.79
N VAL C 1201 -7.64 -40.82 -11.21
CA VAL C 1201 -7.74 -40.28 -9.86
C VAL C 1201 -8.58 -39.00 -9.83
N ILE C 1202 -9.64 -39.03 -9.04
CA ILE C 1202 -10.52 -37.87 -8.91
C ILE C 1202 -10.81 -37.58 -7.45
N ILE C 1203 -10.45 -36.37 -7.01
CA ILE C 1203 -10.67 -35.97 -5.63
C ILE C 1203 -11.84 -35.00 -5.51
N PHE C 1204 -12.94 -35.48 -4.93
CA PHE C 1204 -14.12 -34.65 -4.74
C PHE C 1204 -14.14 -34.08 -3.33
N ASP C 1205 -14.45 -32.80 -3.21
CA ASP C 1205 -14.53 -32.14 -1.92
C ASP C 1205 -15.76 -32.62 -1.16
N ILE C 1206 -15.54 -33.14 0.05
CA ILE C 1206 -16.63 -33.66 0.86
C ILE C 1206 -17.60 -32.56 1.27
N ARG C 1207 -17.09 -31.34 1.38
CA ARG C 1207 -17.90 -30.21 1.80
C ARG C 1207 -18.92 -29.78 0.74
N THR C 1208 -18.44 -29.53 -0.47
CA THR C 1208 -19.29 -29.02 -1.54
C THR C 1208 -19.82 -30.13 -2.45
N LEU C 1209 -19.40 -31.36 -2.19
CA LEU C 1209 -19.78 -32.51 -3.02
C LEU C 1209 -19.44 -32.29 -4.49
N GLU C 1210 -18.36 -31.55 -4.74
CA GLU C 1210 -17.93 -31.25 -6.11
C GLU C 1210 -16.49 -31.68 -6.34
N ARG C 1211 -16.10 -31.81 -7.61
CA ARG C 1211 -14.77 -32.26 -7.95
C ARG C 1211 -13.75 -31.13 -7.83
N LEU C 1212 -12.75 -31.33 -6.98
CA LEU C 1212 -11.69 -30.35 -6.79
C LEU C 1212 -10.67 -30.40 -7.92
N GLN C 1213 -10.22 -31.62 -8.25
CA GLN C 1213 -9.24 -31.82 -9.31
C GLN C 1213 -9.32 -33.23 -9.87
N ILE C 1214 -8.76 -33.42 -11.07
CA ILE C 1214 -8.77 -34.72 -11.72
C ILE C 1214 -7.38 -35.13 -12.18
N ILE C 1215 -6.87 -36.23 -11.63
CA ILE C 1215 -5.56 -36.73 -12.00
C ILE C 1215 -5.68 -37.99 -12.85
N GLU C 1216 -4.78 -38.15 -13.79
CA GLU C 1216 -4.81 -39.31 -14.69
C GLU C 1216 -3.45 -39.98 -14.81
N ASN C 1217 -3.39 -41.26 -14.43
CA ASN C 1217 -2.17 -42.03 -14.55
C ASN C 1217 -1.87 -42.35 -16.01
N SER C 1218 -0.57 -42.38 -16.35
CA SER C 1218 -0.16 -42.65 -17.72
C SER C 1218 -0.60 -44.03 -18.18
N PRO C 1219 -1.13 -44.12 -19.40
CA PRO C 1219 -1.63 -45.36 -20.01
C PRO C 1219 -0.55 -46.43 -20.13
N ARG C 1220 0.71 -46.01 -20.05
CA ARG C 1220 1.84 -46.93 -20.11
C ARG C 1220 1.94 -47.76 -18.84
N HIS C 1221 1.22 -47.34 -17.81
CA HIS C 1221 1.21 -48.05 -16.53
C HIS C 1221 0.05 -49.04 -16.44
N GLY C 1222 -0.70 -49.18 -17.52
CA GLY C 1222 -1.90 -50.01 -17.51
C GLY C 1222 -2.99 -49.38 -16.66
N ALA C 1223 -3.46 -50.12 -15.68
CA ALA C 1223 -4.51 -49.61 -14.79
C ALA C 1223 -3.99 -49.42 -13.36
N VAL C 1224 -4.84 -48.93 -12.48
CA VAL C 1224 -4.46 -48.66 -11.10
C VAL C 1224 -4.51 -49.94 -10.25
N SER C 1225 -3.38 -50.30 -9.67
CA SER C 1225 -3.27 -51.55 -8.92
C SER C 1225 -3.68 -51.40 -7.46
N SER C 1226 -3.78 -50.15 -6.99
CA SER C 1226 -4.16 -49.89 -5.60
C SER C 1226 -4.49 -48.42 -5.36
N ILE C 1227 -4.87 -48.10 -4.13
CA ILE C 1227 -5.14 -46.72 -3.73
C ILE C 1227 -4.67 -46.46 -2.30
N CYS C 1228 -3.92 -45.38 -2.11
CA CYS C 1228 -3.43 -45.00 -0.78
C CYS C 1228 -3.21 -43.50 -0.68
N ILE C 1229 -3.31 -42.97 0.55
CA ILE C 1229 -3.16 -41.55 0.78
C ILE C 1229 -1.97 -41.25 1.71
N ASP C 1230 -1.27 -40.16 1.41
CA ASP C 1230 -0.11 -39.76 2.21
C ASP C 1230 -0.54 -39.28 3.59
N GLU C 1231 0.40 -39.26 4.53
CA GLU C 1231 0.14 -38.80 5.88
C GLU C 1231 -0.33 -37.35 5.89
N GLU C 1232 0.28 -36.53 5.04
CA GLU C 1232 -0.13 -35.14 4.89
C GLU C 1232 -1.29 -35.05 3.91
N CYS C 1233 -1.55 -36.15 3.20
CA CYS C 1233 -2.64 -36.26 2.24
C CYS C 1233 -2.51 -35.24 1.11
N CYS C 1234 -1.28 -34.77 0.89
CA CYS C 1234 -1.00 -33.88 -0.23
C CYS C 1234 -0.47 -34.70 -1.40
N VAL C 1235 -0.32 -36.00 -1.17
CA VAL C 1235 0.21 -36.90 -2.17
C VAL C 1235 -0.58 -38.20 -2.23
N LEU C 1236 -0.70 -38.76 -3.43
CA LEU C 1236 -1.43 -40.01 -3.63
C LEU C 1236 -0.48 -41.14 -4.02
N ILE C 1237 -0.64 -42.28 -3.36
CA ILE C 1237 0.17 -43.46 -3.65
C ILE C 1237 -0.66 -44.50 -4.39
N LEU C 1238 -0.31 -44.77 -5.64
CA LEU C 1238 -1.07 -45.70 -6.46
C LEU C 1238 -0.17 -46.70 -7.18
N GLY C 1239 -0.59 -47.96 -7.20
CA GLY C 1239 0.14 -49.00 -7.91
C GLY C 1239 -0.29 -49.06 -9.36
N THR C 1240 0.39 -49.90 -10.14
CA THR C 1240 0.07 -50.04 -11.56
C THR C 1240 -0.16 -51.49 -11.96
N THR C 1241 -1.10 -51.71 -12.86
CA THR C 1241 -1.37 -53.04 -13.39
C THR C 1241 -0.20 -53.52 -14.24
N ARG C 1242 0.61 -52.57 -14.69
CA ARG C 1242 1.83 -52.88 -15.44
C ARG C 1242 2.91 -53.40 -14.50
N GLY C 1243 2.62 -53.40 -13.20
CA GLY C 1243 3.57 -53.82 -12.19
C GLY C 1243 4.55 -52.72 -11.83
N ILE C 1244 4.06 -51.50 -11.78
CA ILE C 1244 4.87 -50.35 -11.38
C ILE C 1244 4.27 -49.65 -10.18
N ILE C 1245 5.10 -48.89 -9.46
CA ILE C 1245 4.64 -48.13 -8.30
C ILE C 1245 4.77 -46.64 -8.57
N ASP C 1246 3.67 -45.90 -8.41
CA ASP C 1246 3.66 -44.48 -8.71
C ASP C 1246 3.14 -43.63 -7.56
N ILE C 1247 3.98 -42.74 -7.06
CA ILE C 1247 3.59 -41.76 -6.06
C ILE C 1247 3.53 -40.38 -6.71
N TRP C 1248 2.44 -39.67 -6.48
CA TRP C 1248 2.25 -38.37 -7.13
C TRP C 1248 1.96 -37.26 -6.12
N ASP C 1249 2.49 -36.08 -6.38
CA ASP C 1249 2.25 -34.92 -5.53
C ASP C 1249 1.07 -34.09 -6.05
N ILE C 1250 0.00 -34.04 -5.27
CA ILE C 1250 -1.19 -33.29 -5.65
C ILE C 1250 -0.99 -31.79 -5.46
N ARG C 1251 0.00 -31.44 -4.65
CA ARG C 1251 0.35 -30.05 -4.41
C ARG C 1251 0.67 -29.34 -5.72
N PHE C 1252 1.73 -29.79 -6.38
CA PHE C 1252 2.12 -29.23 -7.67
C PHE C 1252 1.36 -29.90 -8.81
N ASN C 1253 0.48 -30.83 -8.45
CA ASN C 1253 -0.35 -31.56 -9.40
C ASN C 1253 0.46 -32.30 -10.46
N VAL C 1254 1.41 -33.12 -10.02
CA VAL C 1254 2.22 -33.90 -10.94
C VAL C 1254 2.57 -35.26 -10.34
N LEU C 1255 3.30 -36.08 -11.10
CA LEU C 1255 3.72 -37.39 -10.62
C LEU C 1255 5.14 -37.31 -10.07
N ILE C 1256 5.28 -37.57 -8.76
CA ILE C 1256 6.57 -37.45 -8.09
C ILE C 1256 7.59 -38.46 -8.60
N ARG C 1257 7.24 -39.75 -8.55
CA ARG C 1257 8.17 -40.79 -8.95
C ARG C 1257 7.46 -42.06 -9.43
N SER C 1258 8.18 -42.87 -10.20
CA SER C 1258 7.66 -44.15 -10.67
C SER C 1258 8.68 -45.26 -10.40
N TRP C 1259 8.27 -46.25 -9.61
CA TRP C 1259 9.20 -47.30 -9.19
C TRP C 1259 8.75 -48.69 -9.64
N SER C 1260 9.72 -49.61 -9.72
CA SER C 1260 9.45 -51.00 -10.06
C SER C 1260 10.53 -51.90 -9.46
N PHE C 1261 10.22 -53.19 -9.31
CA PHE C 1261 11.18 -54.13 -8.75
C PHE C 1261 10.75 -55.58 -8.94
N GLY C 1262 11.60 -56.50 -8.49
CA GLY C 1262 11.29 -57.92 -8.49
C GLY C 1262 11.03 -58.53 -9.84
N ASP C 1263 10.05 -59.43 -9.89
CA ASP C 1263 9.67 -60.11 -11.13
C ASP C 1263 8.92 -59.18 -12.07
N HIS C 1264 8.63 -57.97 -11.59
CA HIS C 1264 7.93 -56.95 -12.36
C HIS C 1264 6.52 -57.40 -12.75
N ALA C 1265 5.83 -58.02 -11.80
CA ALA C 1265 4.44 -58.42 -12.00
C ALA C 1265 3.51 -57.42 -11.32
N PRO C 1266 2.20 -57.62 -11.46
CA PRO C 1266 1.17 -56.71 -10.92
C PRO C 1266 1.25 -56.54 -9.40
N ILE C 1267 0.94 -55.34 -8.93
CA ILE C 1267 0.97 -55.04 -7.50
C ILE C 1267 -0.39 -55.27 -6.86
N THR C 1268 -0.44 -56.23 -5.93
CA THR C 1268 -1.68 -56.55 -5.23
C THR C 1268 -2.28 -55.32 -4.55
N HIS C 1269 -1.56 -54.78 -3.58
CA HIS C 1269 -2.04 -53.61 -2.85
C HIS C 1269 -0.90 -52.67 -2.49
N VAL C 1270 -1.27 -51.44 -2.12
CA VAL C 1270 -0.29 -50.46 -1.68
C VAL C 1270 -0.86 -49.59 -0.56
N GLU C 1271 -0.07 -49.37 0.49
CA GLU C 1271 -0.53 -48.58 1.62
C GLU C 1271 0.65 -47.98 2.41
N VAL C 1272 0.34 -46.96 3.21
CA VAL C 1272 1.36 -46.33 4.04
C VAL C 1272 1.29 -46.88 5.46
N CYS C 1273 2.35 -47.58 5.87
CA CYS C 1273 2.39 -48.20 7.19
C CYS C 1273 2.56 -47.15 8.29
N GLN C 1274 2.17 -47.51 9.51
CA GLN C 1274 2.26 -46.61 10.65
C GLN C 1274 3.69 -46.49 11.16
N PHE C 1275 4.22 -47.60 11.67
CA PHE C 1275 5.57 -47.63 12.24
C PHE C 1275 6.64 -47.27 11.21
N TYR C 1276 6.36 -47.57 9.94
CA TYR C 1276 7.29 -47.26 8.87
C TYR C 1276 7.29 -45.77 8.54
N GLY C 1277 6.23 -45.08 8.98
CA GLY C 1277 6.11 -43.65 8.75
C GLY C 1277 5.81 -43.32 7.31
N LYS C 1278 5.72 -42.03 7.02
CA LYS C 1278 5.42 -41.57 5.66
C LYS C 1278 6.63 -41.71 4.75
N ASN C 1279 7.79 -41.95 5.35
CA ASN C 1279 9.04 -42.08 4.60
C ASN C 1279 9.19 -43.49 4.01
N SER C 1280 8.31 -44.39 4.41
CA SER C 1280 8.35 -45.77 3.93
C SER C 1280 6.95 -46.26 3.60
N VAL C 1281 6.82 -47.02 2.51
CA VAL C 1281 5.53 -47.53 2.09
C VAL C 1281 5.53 -49.06 1.97
N ILE C 1282 4.41 -49.68 2.31
CA ILE C 1282 4.26 -51.12 2.19
C ILE C 1282 3.44 -51.47 0.95
N VAL C 1283 4.03 -52.27 0.08
CA VAL C 1283 3.37 -52.65 -1.16
C VAL C 1283 3.44 -54.15 -1.42
N VAL C 1284 2.26 -54.79 -1.46
CA VAL C 1284 2.17 -56.19 -1.82
C VAL C 1284 2.07 -56.32 -3.34
N GLY C 1285 3.03 -57.04 -3.93
CA GLY C 1285 3.09 -57.19 -5.37
C GLY C 1285 4.51 -57.45 -5.85
N GLY C 1286 4.78 -57.13 -7.10
CA GLY C 1286 6.11 -57.28 -7.66
C GLY C 1286 6.53 -58.74 -7.81
N SER C 1287 7.66 -59.09 -7.19
CA SER C 1287 8.19 -60.44 -7.27
C SER C 1287 7.20 -61.48 -6.76
N SER C 1288 7.16 -62.62 -7.44
CA SER C 1288 6.24 -63.71 -7.12
C SER C 1288 6.41 -64.21 -5.68
N LYS C 1289 7.57 -64.78 -5.38
CA LYS C 1289 7.85 -65.39 -4.09
C LYS C 1289 7.65 -64.44 -2.92
N THR C 1290 7.94 -63.15 -3.14
CA THR C 1290 7.79 -62.15 -2.10
C THR C 1290 6.32 -61.87 -1.81
N PHE C 1291 5.92 -62.05 -0.56
CA PHE C 1291 4.54 -61.81 -0.15
C PHE C 1291 4.26 -60.32 -0.04
N LEU C 1292 5.13 -59.60 0.65
CA LEU C 1292 4.98 -58.17 0.84
C LEU C 1292 6.32 -57.45 0.72
N THR C 1293 6.35 -56.40 -0.10
CA THR C 1293 7.57 -55.62 -0.29
C THR C 1293 7.43 -54.23 0.30
N ILE C 1294 8.18 -53.97 1.37
CA ILE C 1294 8.16 -52.67 2.00
C ILE C 1294 9.41 -51.87 1.59
N TRP C 1295 9.18 -50.73 0.96
CA TRP C 1295 10.29 -49.90 0.47
C TRP C 1295 10.15 -48.45 0.93
N ASN C 1296 11.26 -47.87 1.36
CA ASN C 1296 11.28 -46.47 1.77
C ASN C 1296 11.35 -45.55 0.55
N PHE C 1297 10.37 -44.66 0.45
CA PHE C 1297 10.22 -43.80 -0.72
C PHE C 1297 11.47 -42.99 -1.05
N VAL C 1298 11.97 -42.27 -0.06
CA VAL C 1298 13.15 -41.43 -0.24
C VAL C 1298 14.40 -42.27 -0.45
N LYS C 1299 14.51 -43.36 0.32
CA LYS C 1299 15.69 -44.21 0.26
C LYS C 1299 15.81 -44.94 -1.07
N GLY C 1300 14.67 -45.18 -1.72
CA GLY C 1300 14.64 -45.85 -3.01
C GLY C 1300 15.05 -47.31 -2.92
N HIS C 1301 14.90 -47.89 -1.73
CA HIS C 1301 15.24 -49.29 -1.52
C HIS C 1301 14.18 -49.97 -0.65
N CYS C 1302 14.13 -51.30 -0.74
CA CYS C 1302 13.18 -52.07 0.07
C CYS C 1302 13.84 -52.51 1.37
N GLN C 1303 13.35 -51.97 2.48
CA GLN C 1303 13.96 -52.23 3.79
C GLN C 1303 13.64 -53.64 4.28
N TYR C 1304 12.37 -54.00 4.21
CA TYR C 1304 11.94 -55.31 4.68
C TYR C 1304 11.03 -55.99 3.66
N ALA C 1305 11.44 -57.16 3.19
CA ALA C 1305 10.64 -57.93 2.25
C ALA C 1305 10.27 -59.28 2.82
N PHE C 1306 8.98 -59.47 3.10
CA PHE C 1306 8.49 -60.75 3.60
C PHE C 1306 8.18 -61.68 2.44
N ILE C 1307 8.87 -62.82 2.39
CA ILE C 1307 8.71 -63.75 1.28
C ILE C 1307 8.47 -65.17 1.77
N ASN C 1308 7.59 -65.89 1.08
CA ASN C 1308 7.35 -67.29 1.38
C ASN C 1308 8.20 -68.18 0.48
N SER C 1309 9.18 -68.84 1.08
CA SER C 1309 10.14 -69.66 0.35
C SER C 1309 11.10 -70.35 1.32
N ASP C 1310 11.81 -71.36 0.83
CA ASP C 1310 12.76 -72.10 1.65
C ASP C 1310 14.19 -71.59 1.49
N GLU C 1311 14.36 -70.55 0.67
CA GLU C 1311 15.69 -70.02 0.40
C GLU C 1311 15.69 -68.50 0.25
N GLN C 1312 16.87 -67.89 0.40
CA GLN C 1312 17.02 -66.45 0.26
C GLN C 1312 17.09 -66.06 -1.23
N PRO C 1313 16.36 -65.01 -1.62
CA PRO C 1313 16.26 -64.53 -3.00
C PRO C 1313 17.56 -63.95 -3.54
N SER C 1314 17.53 -63.47 -4.78
CA SER C 1314 18.70 -62.89 -5.42
C SER C 1314 18.81 -61.40 -5.12
N MET C 1315 20.02 -60.94 -4.83
CA MET C 1315 20.26 -59.55 -4.49
C MET C 1315 20.11 -58.63 -5.70
N GLU C 1316 20.55 -59.12 -6.86
CA GLU C 1316 20.46 -58.35 -8.09
C GLU C 1316 19.02 -58.24 -8.58
N HIS C 1317 18.24 -59.27 -8.28
CA HIS C 1317 16.83 -59.30 -8.67
C HIS C 1317 15.99 -58.45 -7.73
N PHE C 1318 16.39 -58.39 -6.46
CA PHE C 1318 15.67 -57.64 -5.45
C PHE C 1318 16.01 -56.15 -5.52
N LEU C 1319 17.04 -55.81 -6.28
CA LEU C 1319 17.45 -54.42 -6.45
C LEU C 1319 16.37 -53.62 -7.16
N PRO C 1320 16.24 -52.32 -6.81
CA PRO C 1320 15.23 -51.43 -7.36
C PRO C 1320 15.36 -51.25 -8.87
N ILE C 1321 14.23 -51.36 -9.59
CA ILE C 1321 14.24 -51.18 -11.03
C ILE C 1321 13.80 -49.77 -11.40
N GLU C 1322 14.67 -49.05 -12.11
CA GLU C 1322 14.43 -47.66 -12.47
C GLU C 1322 14.56 -47.45 -13.97
N LYS C 1323 15.74 -47.73 -14.51
CA LYS C 1323 16.07 -47.51 -15.92
C LYS C 1323 15.10 -48.18 -16.89
N GLY C 1324 14.40 -49.20 -16.41
CA GLY C 1324 13.39 -49.88 -17.22
C GLY C 1324 12.31 -48.93 -17.70
N LEU C 1325 11.70 -49.26 -18.83
CA LEU C 1325 10.74 -48.37 -19.46
C LEU C 1325 9.38 -49.04 -19.69
N GLU C 1326 8.50 -48.31 -20.36
CA GLU C 1326 7.13 -48.77 -20.60
C GLU C 1326 7.04 -49.94 -21.58
N GLU C 1327 8.17 -50.27 -22.21
CA GLU C 1327 8.20 -51.32 -23.22
C GLU C 1327 7.98 -52.72 -22.64
N LEU C 1328 8.00 -52.84 -21.32
CA LEU C 1328 7.83 -54.12 -20.66
C LEU C 1328 6.44 -54.70 -20.88
N ASN C 1329 6.39 -55.96 -21.32
CA ASN C 1329 5.12 -56.66 -21.51
C ASN C 1329 4.63 -57.26 -20.20
N PHE C 1330 3.35 -57.03 -19.90
CA PHE C 1330 2.78 -57.45 -18.63
C PHE C 1330 2.74 -58.96 -18.47
N CYS C 1331 3.33 -59.46 -17.38
CA CYS C 1331 3.28 -60.87 -17.05
C CYS C 1331 2.80 -61.07 -15.62
N GLY C 1332 1.63 -61.67 -15.47
CA GLY C 1332 1.05 -61.91 -14.15
C GLY C 1332 1.09 -63.37 -13.75
N ILE C 1333 0.20 -63.73 -12.83
CA ILE C 1333 0.09 -65.12 -12.37
C ILE C 1333 -1.37 -65.51 -12.18
N ARG C 1334 -1.75 -66.66 -12.72
CA ARG C 1334 -3.12 -67.13 -12.63
C ARG C 1334 -3.33 -68.06 -11.45
N SER C 1335 -2.28 -68.26 -10.66
CA SER C 1335 -2.32 -69.17 -9.53
C SER C 1335 -3.30 -68.69 -8.46
N LEU C 1336 -3.78 -69.63 -7.64
CA LEU C 1336 -4.76 -69.32 -6.61
C LEU C 1336 -4.13 -68.59 -5.42
N ASN C 1337 -2.81 -68.55 -5.38
CA ASN C 1337 -2.09 -67.91 -4.29
C ASN C 1337 -1.88 -66.42 -4.55
N ALA C 1338 -2.39 -65.93 -5.67
CA ALA C 1338 -2.20 -64.55 -6.07
C ALA C 1338 -3.10 -63.59 -5.28
N LEU C 1339 -4.41 -63.66 -5.52
CA LEU C 1339 -5.35 -62.76 -4.88
C LEU C 1339 -5.44 -62.99 -3.37
N SER C 1340 -5.39 -61.91 -2.61
CA SER C 1340 -5.47 -61.97 -1.16
C SER C 1340 -5.91 -60.65 -0.56
N THR C 1341 -6.04 -60.61 0.76
CA THR C 1341 -6.43 -59.38 1.46
C THR C 1341 -5.51 -59.14 2.66
N ILE C 1342 -5.27 -57.87 2.96
CA ILE C 1342 -4.38 -57.52 4.07
C ILE C 1342 -4.82 -56.23 4.78
N SER C 1343 -4.70 -56.22 6.10
CA SER C 1343 -5.02 -55.06 6.90
C SER C 1343 -3.98 -54.85 7.99
N VAL C 1344 -3.44 -53.63 8.08
CA VAL C 1344 -2.36 -53.35 9.01
C VAL C 1344 -2.64 -52.15 9.90
N SER C 1345 -2.50 -52.33 11.20
CA SER C 1345 -2.66 -51.24 12.16
C SER C 1345 -1.93 -51.54 13.46
N ASN C 1346 -1.64 -50.49 14.23
CA ASN C 1346 -1.05 -50.61 15.56
C ASN C 1346 0.19 -51.52 15.61
N ASP C 1347 1.15 -51.24 14.73
CA ASP C 1347 2.42 -51.97 14.69
C ASP C 1347 2.27 -53.42 14.26
N LYS C 1348 1.03 -53.85 14.01
CA LYS C 1348 0.78 -55.22 13.57
C LYS C 1348 0.23 -55.23 12.14
N ILE C 1349 0.87 -56.01 11.27
CA ILE C 1349 0.41 -56.12 9.89
C ILE C 1349 -0.17 -57.50 9.61
N LEU C 1350 -1.49 -57.56 9.42
CA LEU C 1350 -2.16 -58.82 9.18
C LEU C 1350 -2.34 -59.07 7.68
N LEU C 1351 -2.07 -60.31 7.26
CA LEU C 1351 -2.21 -60.68 5.85
C LEU C 1351 -2.85 -62.05 5.71
N THR C 1352 -3.89 -62.12 4.88
CA THR C 1352 -4.56 -63.38 4.61
C THR C 1352 -3.83 -64.15 3.52
N ASP C 1353 -3.39 -65.36 3.86
CA ASP C 1353 -2.64 -66.19 2.91
C ASP C 1353 -3.56 -67.15 2.18
N GLU C 1354 -3.69 -66.95 0.87
CA GLU C 1354 -4.54 -67.80 0.05
C GLU C 1354 -3.81 -69.08 -0.34
N ALA C 1355 -2.49 -69.07 -0.16
CA ALA C 1355 -1.66 -70.24 -0.45
C ALA C 1355 -2.10 -71.45 0.35
N THR C 1356 -1.93 -71.39 1.67
CA THR C 1356 -2.32 -72.49 2.55
C THR C 1356 -3.74 -72.27 3.06
N SER C 1357 -4.38 -71.21 2.58
CA SER C 1357 -5.72 -70.82 3.02
C SER C 1357 -5.80 -70.59 4.53
N SER C 1358 -4.94 -69.71 5.03
CA SER C 1358 -4.87 -69.43 6.46
C SER C 1358 -4.57 -67.97 6.75
N ILE C 1359 -5.04 -67.48 7.89
CA ILE C 1359 -4.82 -66.08 8.27
C ILE C 1359 -3.47 -65.92 8.96
N VAL C 1360 -2.62 -65.06 8.41
CA VAL C 1360 -1.29 -64.84 8.95
C VAL C 1360 -1.14 -63.45 9.56
N MET C 1361 -0.30 -63.34 10.57
CA MET C 1361 -0.07 -62.06 11.24
C MET C 1361 1.42 -61.79 11.44
N PHE C 1362 1.90 -60.70 10.86
CA PHE C 1362 3.30 -60.30 10.98
C PHE C 1362 3.44 -59.05 11.85
N SER C 1363 4.03 -59.22 13.03
CA SER C 1363 4.25 -58.11 13.95
C SER C 1363 5.49 -57.32 13.52
N LEU C 1364 5.30 -56.02 13.28
CA LEU C 1364 6.39 -55.17 12.83
C LEU C 1364 7.45 -55.00 13.92
N ASN C 1365 7.04 -55.13 15.17
CA ASN C 1365 7.97 -55.08 16.29
C ASN C 1365 8.98 -56.21 16.21
N GLU C 1366 8.47 -57.44 16.17
CA GLU C 1366 9.32 -58.61 15.95
C GLU C 1366 8.69 -59.53 14.92
N LEU C 1367 9.37 -59.70 13.78
CA LEU C 1367 8.91 -60.64 12.76
C LEU C 1367 9.14 -62.06 13.26
N SER C 1368 10.09 -62.19 14.17
CA SER C 1368 10.35 -63.45 14.86
C SER C 1368 9.09 -63.94 15.56
N SER C 1369 8.60 -63.17 16.52
CA SER C 1369 7.42 -63.53 17.29
C SER C 1369 6.14 -63.55 16.43
N SER C 1370 6.23 -63.04 15.21
CA SER C 1370 5.09 -63.02 14.30
C SER C 1370 4.64 -64.43 13.94
N LYS C 1371 3.32 -64.62 13.80
CA LYS C 1371 2.78 -65.94 13.51
C LYS C 1371 1.37 -65.88 12.95
N ALA C 1372 0.82 -67.03 12.60
CA ALA C 1372 -0.49 -67.11 11.96
C ALA C 1372 -1.62 -67.29 12.96
N VAL C 1373 -2.66 -66.47 12.84
CA VAL C 1373 -3.84 -66.58 13.69
C VAL C 1373 -4.49 -67.96 13.59
N ILE C 1374 -5.05 -68.25 12.42
CA ILE C 1374 -5.67 -69.55 12.17
C ILE C 1374 -4.86 -70.34 11.15
N SER C 1375 -4.61 -71.62 11.46
CA SER C 1375 -3.81 -72.47 10.59
C SER C 1375 -4.40 -73.87 10.47
N PRO C 1376 -3.69 -74.76 9.77
CA PRO C 1376 -4.15 -76.15 9.57
C PRO C 1376 -4.17 -76.96 10.87
N SER C 1377 -4.63 -78.20 10.78
CA SER C 1377 -4.77 -79.05 11.96
C SER C 1377 -3.46 -79.71 12.39
N ARG C 1378 -2.69 -80.18 11.41
CA ARG C 1378 -1.51 -80.99 11.69
C ARG C 1378 -0.38 -80.20 12.35
N PHE C 1379 0.04 -79.12 11.72
CA PHE C 1379 1.18 -78.35 12.19
C PHE C 1379 1.13 -76.90 11.71
N SER C 1380 1.93 -76.05 12.34
CA SER C 1380 2.01 -74.64 11.96
C SER C 1380 3.36 -74.33 11.33
N ASP C 1381 3.56 -73.07 10.95
CA ASP C 1381 4.79 -72.67 10.28
C ASP C 1381 5.71 -71.86 11.20
N VAL C 1382 7.01 -72.04 11.02
CA VAL C 1382 8.00 -71.30 11.80
C VAL C 1382 8.71 -70.26 10.94
N PHE C 1383 8.64 -69.00 11.36
CA PHE C 1383 9.19 -67.90 10.58
C PHE C 1383 10.24 -67.08 11.33
N ILE C 1384 11.23 -66.59 10.60
CA ILE C 1384 12.32 -65.78 11.15
C ILE C 1384 13.06 -65.03 10.06
N PRO C 1385 13.49 -63.79 10.38
CA PRO C 1385 14.19 -62.93 9.41
C PRO C 1385 15.71 -63.00 9.48
N THR C 1386 16.35 -62.24 8.61
CA THR C 1386 17.80 -62.04 8.61
C THR C 1386 18.12 -60.85 7.70
N GLN C 1387 19.40 -60.48 7.62
CA GLN C 1387 19.78 -59.36 6.76
C GLN C 1387 21.04 -59.66 5.96
N VAL C 1388 20.90 -59.67 4.63
CA VAL C 1388 22.04 -59.79 3.74
C VAL C 1388 22.71 -58.44 3.52
N THR C 1389 21.88 -57.42 3.34
CA THR C 1389 22.36 -56.06 3.05
C THR C 1389 22.18 -55.14 4.26
N ALA C 1390 23.07 -54.17 4.37
CA ALA C 1390 23.01 -53.20 5.47
C ALA C 1390 21.74 -52.36 5.40
N ASN C 1391 21.28 -52.08 4.19
CA ASN C 1391 20.09 -51.26 3.99
C ASN C 1391 18.81 -52.07 3.76
N LEU C 1392 18.93 -53.40 3.75
CA LEU C 1392 17.76 -54.25 3.47
C LEU C 1392 17.74 -55.53 4.30
N THR C 1393 16.57 -55.85 4.84
CA THR C 1393 16.38 -57.08 5.59
C THR C 1393 15.27 -57.92 4.95
N MET C 1394 15.29 -59.22 5.22
CA MET C 1394 14.30 -60.13 4.63
C MET C 1394 13.83 -61.20 5.61
N LEU C 1395 12.53 -61.44 5.65
CA LEU C 1395 11.95 -62.43 6.55
C LEU C 1395 11.63 -63.72 5.81
N LEU C 1396 11.94 -64.85 6.44
CA LEU C 1396 11.71 -66.15 5.83
C LEU C 1396 10.62 -66.93 6.57
N ARG C 1397 9.88 -67.75 5.83
CA ARG C 1397 8.82 -68.57 6.41
C ARG C 1397 8.98 -70.03 6.03
N LYS C 1398 9.21 -70.87 7.05
CA LYS C 1398 9.40 -72.30 6.82
C LYS C 1398 8.19 -73.10 7.28
N MET C 1399 7.52 -73.75 6.33
CA MET C 1399 6.36 -74.57 6.63
C MET C 1399 6.76 -75.88 7.28
N LYS C 1400 5.82 -76.51 7.98
CA LYS C 1400 6.07 -77.78 8.66
C LYS C 1400 4.93 -78.76 8.42
N SER C 1410 -8.51 -80.75 9.73
CA SER C 1410 -8.95 -79.50 9.12
C SER C 1410 -10.47 -79.39 9.15
N LEU C 1411 -11.00 -78.97 10.29
CA LEU C 1411 -12.45 -78.85 10.46
C LEU C 1411 -13.01 -77.60 9.78
N TYR C 1412 -12.32 -76.47 9.95
CA TYR C 1412 -12.76 -75.20 9.40
C TYR C 1412 -12.82 -75.22 7.88
N HIS C 1413 -13.97 -74.84 7.34
CA HIS C 1413 -14.17 -74.80 5.90
C HIS C 1413 -14.69 -73.44 5.45
N HIS C 1414 -13.88 -72.72 4.69
CA HIS C 1414 -14.25 -71.40 4.20
C HIS C 1414 -13.57 -71.09 2.87
N ASP C 1415 -14.23 -70.30 2.04
CA ASP C 1415 -13.67 -69.89 0.75
C ASP C 1415 -12.60 -68.82 0.95
N ILE C 1416 -12.06 -68.31 -0.15
CA ILE C 1416 -11.07 -67.25 -0.10
C ILE C 1416 -11.66 -66.00 0.55
N ILE C 1417 -10.84 -65.24 1.25
CA ILE C 1417 -11.32 -64.06 1.97
C ILE C 1417 -11.20 -62.81 1.10
N ASN C 1418 -12.35 -62.27 0.71
CA ASN C 1418 -12.39 -61.07 -0.11
C ASN C 1418 -12.23 -59.80 0.72
N SER C 1419 -12.53 -59.91 2.02
CA SER C 1419 -12.44 -58.75 2.90
C SER C 1419 -12.10 -59.12 4.34
N ILE C 1420 -11.41 -58.23 5.03
CA ILE C 1420 -11.06 -58.41 6.44
C ILE C 1420 -10.94 -57.07 7.15
N SER C 1421 -11.31 -57.06 8.44
CA SER C 1421 -11.22 -55.84 9.24
C SER C 1421 -10.83 -56.14 10.68
N THR C 1422 -9.94 -55.32 11.23
CA THR C 1422 -9.50 -55.47 12.62
C THR C 1422 -10.34 -54.58 13.52
N CYS C 1423 -10.67 -55.06 14.71
CA CYS C 1423 -11.55 -54.32 15.60
C CYS C 1423 -11.29 -54.56 17.08
N GLU C 1424 -11.80 -53.66 17.90
CA GLU C 1424 -11.72 -53.80 19.36
C GLU C 1424 -13.11 -53.76 19.96
N VAL C 1425 -13.38 -54.68 20.89
CA VAL C 1425 -14.69 -54.80 21.51
C VAL C 1425 -14.79 -53.95 22.78
N ASP C 1426 -13.74 -53.16 23.02
CA ASP C 1426 -13.61 -52.32 24.22
C ASP C 1426 -13.35 -53.17 25.47
N GLU C 1427 -13.41 -54.49 25.29
CA GLU C 1427 -13.05 -55.44 26.32
C GLU C 1427 -11.81 -56.21 25.87
N THR C 1428 -11.97 -56.96 24.78
CA THR C 1428 -10.86 -57.67 24.17
C THR C 1428 -10.85 -57.46 22.66
N PRO C 1429 -9.66 -57.34 22.06
CA PRO C 1429 -9.50 -57.15 20.62
C PRO C 1429 -9.96 -58.37 19.83
N LEU C 1430 -10.17 -58.21 18.53
CA LEU C 1430 -10.69 -59.30 17.68
C LEU C 1430 -10.73 -58.90 16.22
N LEU C 1431 -10.89 -59.90 15.35
CA LEU C 1431 -10.89 -59.66 13.91
C LEU C 1431 -12.16 -60.20 13.26
N VAL C 1432 -12.61 -59.52 12.21
CA VAL C 1432 -13.77 -59.96 11.44
C VAL C 1432 -13.36 -60.19 9.99
N ALA C 1433 -14.02 -61.13 9.32
CA ALA C 1433 -13.66 -61.45 7.95
C ALA C 1433 -14.88 -61.85 7.11
N CYS C 1434 -14.89 -61.41 5.86
CA CYS C 1434 -15.94 -61.78 4.91
C CYS C 1434 -15.31 -62.44 3.68
N ASP C 1435 -15.79 -63.64 3.37
CA ASP C 1435 -15.20 -64.44 2.30
C ASP C 1435 -15.89 -64.23 0.96
N ASN C 1436 -15.42 -64.96 -0.05
CA ASN C 1436 -15.96 -64.84 -1.40
C ASN C 1436 -17.26 -65.64 -1.56
N SER C 1437 -17.58 -66.44 -0.55
CA SER C 1437 -18.78 -67.27 -0.58
C SER C 1437 -19.96 -66.56 0.06
N GLY C 1438 -19.73 -65.33 0.52
CA GLY C 1438 -20.77 -64.55 1.17
C GLY C 1438 -20.95 -64.94 2.63
N LEU C 1439 -19.88 -65.37 3.26
CA LEU C 1439 -19.91 -65.78 4.66
C LEU C 1439 -19.00 -64.89 5.50
N ILE C 1440 -19.44 -64.58 6.72
CA ILE C 1440 -18.67 -63.75 7.63
C ILE C 1440 -18.35 -64.49 8.91
N GLY C 1441 -17.22 -64.14 9.54
CA GLY C 1441 -16.82 -64.78 10.77
C GLY C 1441 -15.99 -63.87 11.65
N ILE C 1442 -15.93 -64.20 12.94
CA ILE C 1442 -15.22 -63.38 13.91
C ILE C 1442 -14.33 -64.22 14.82
N PHE C 1443 -13.12 -63.73 15.07
CA PHE C 1443 -12.17 -64.44 15.91
C PHE C 1443 -11.60 -63.53 17.01
N GLN C 1444 -11.73 -63.97 18.24
CA GLN C 1444 -11.22 -63.20 19.39
C GLN C 1444 -10.14 -63.98 20.12
N GLN D 1 0.42 66.35 29.37
CA GLN D 1 1.00 67.30 30.31
C GLN D 1 1.54 66.58 31.54
N VAL D 2 2.23 67.33 32.40
CA VAL D 2 2.80 66.79 33.63
C VAL D 2 3.25 67.88 34.60
N GLN D 3 3.43 67.54 35.87
CA GLN D 3 3.91 68.50 36.86
C GLN D 3 5.41 68.49 37.12
N LEU D 4 6.08 69.59 36.79
CA LEU D 4 7.54 69.64 36.83
C LEU D 4 8.07 70.65 37.85
N GLN D 5 9.29 70.42 38.30
CA GLN D 5 9.96 71.33 39.23
C GLN D 5 11.22 71.92 38.59
N GLU D 6 11.18 73.23 38.35
CA GLU D 6 12.32 73.93 37.76
C GLU D 6 12.54 75.27 38.45
N SER D 7 13.75 75.50 38.95
CA SER D 7 14.08 76.76 39.59
C SER D 7 15.33 77.38 39.01
N GLY D 8 15.15 78.52 38.34
CA GLY D 8 16.27 79.29 37.79
C GLY D 8 16.48 80.58 38.54
N GLY D 9 15.82 80.70 39.70
CA GLY D 9 15.84 81.93 40.47
C GLY D 9 17.21 82.34 40.97
N GLY D 10 17.59 83.58 40.71
CA GLY D 10 18.88 84.08 41.16
C GLY D 10 19.29 85.38 40.50
N LEU D 11 20.41 85.93 40.96
CA LEU D 11 20.94 87.18 40.42
C LEU D 11 22.44 87.08 40.21
N VAL D 12 22.93 87.67 39.11
CA VAL D 12 24.35 87.63 38.81
C VAL D 12 24.78 88.80 37.93
N GLN D 13 26.07 89.09 37.91
CA GLN D 13 26.60 90.16 37.09
C GLN D 13 26.60 89.77 35.61
N PRO D 14 26.70 90.76 34.72
CA PRO D 14 26.71 90.52 33.27
C PRO D 14 27.95 89.75 32.82
N GLY D 15 27.75 88.73 31.99
CA GLY D 15 28.86 87.93 31.49
C GLY D 15 29.07 86.65 32.28
N GLY D 16 28.31 86.50 33.36
CA GLY D 16 28.43 85.34 34.22
C GLY D 16 27.80 84.10 33.63
N SER D 17 27.74 83.03 34.43
CA SER D 17 27.16 81.77 33.98
C SER D 17 26.16 81.23 34.99
N LEU D 18 24.91 81.05 34.54
CA LEU D 18 23.86 80.53 35.41
C LEU D 18 23.18 79.33 34.77
N ARG D 19 23.31 78.17 35.43
CA ARG D 19 22.74 76.94 34.92
C ARG D 19 21.27 76.78 35.32
N LEU D 20 20.45 76.33 34.38
CA LEU D 20 19.04 76.09 34.66
C LEU D 20 18.69 74.62 34.43
N SER D 21 17.78 74.09 35.24
CA SER D 21 17.38 72.69 35.14
C SER D 21 15.90 72.50 35.41
N CYS D 22 15.32 71.48 34.79
CA CYS D 22 13.91 71.16 34.97
C CYS D 22 13.72 69.67 35.18
N ALA D 23 13.15 69.29 36.33
CA ALA D 23 12.91 67.88 36.63
C ALA D 23 11.41 67.59 36.60
N PRO D 24 10.95 66.88 35.56
CA PRO D 24 9.52 66.58 35.37
C PRO D 24 9.03 65.44 36.26
N SER D 25 7.74 65.48 36.60
CA SER D 25 7.08 64.40 37.30
C SER D 25 5.72 64.13 36.66
N GLY D 26 5.56 62.92 36.14
CA GLY D 26 4.35 62.55 35.42
C GLY D 26 4.66 61.53 34.35
N PRO D 27 3.78 61.42 33.34
CA PRO D 27 4.07 60.52 32.22
C PRO D 27 5.29 60.97 31.42
N PHE D 28 6.20 60.06 31.14
CA PHE D 28 7.43 60.38 30.43
C PHE D 28 7.22 60.38 28.92
N SER D 29 8.33 60.44 28.18
CA SER D 29 8.31 60.46 26.72
C SER D 29 7.51 61.63 26.16
N PRO D 30 7.87 62.85 26.60
CA PRO D 30 7.20 64.07 26.12
C PRO D 30 7.52 64.36 24.66
N ASN D 31 6.58 64.98 23.95
CA ASN D 31 6.78 65.31 22.55
C ASN D 31 7.90 66.35 22.38
N SER D 32 7.89 67.36 23.25
CA SER D 32 8.93 68.38 23.22
C SER D 32 9.13 69.00 24.60
N MET D 33 10.35 69.49 24.84
CA MET D 33 10.66 70.19 26.09
C MET D 33 11.53 71.40 25.80
N GLY D 34 11.12 72.56 26.30
CA GLY D 34 11.85 73.79 26.03
C GLY D 34 11.73 74.84 27.11
N TRP D 35 12.51 75.91 26.96
CA TRP D 35 12.51 77.01 27.92
C TRP D 35 12.42 78.36 27.22
N TYR D 36 11.82 79.33 27.90
CA TYR D 36 11.66 80.67 27.36
C TYR D 36 11.76 81.73 28.46
N ARG D 37 12.00 82.98 28.05
CA ARG D 37 12.14 84.07 29.01
C ARG D 37 11.20 85.22 28.65
N GLN D 38 10.67 85.89 29.67
CA GLN D 38 9.76 87.01 29.46
C GLN D 38 9.83 88.02 30.60
N ALA D 39 9.54 89.28 30.28
CA ALA D 39 9.56 90.36 31.27
C ALA D 39 8.18 90.99 31.40
N PRO D 40 7.91 91.61 32.56
CA PRO D 40 6.62 92.27 32.82
C PRO D 40 6.35 93.40 31.84
N GLY D 41 5.08 93.59 31.49
CA GLY D 41 4.70 94.61 30.53
C GLY D 41 5.19 94.29 29.13
N LYS D 42 5.41 93.01 28.87
CA LYS D 42 5.90 92.56 27.58
C LYS D 42 5.32 91.20 27.21
N GLN D 43 5.82 90.60 26.14
CA GLN D 43 5.32 89.31 25.67
C GLN D 43 6.40 88.23 25.72
N ARG D 44 5.97 86.97 25.80
CA ARG D 44 6.89 85.85 25.83
C ARG D 44 7.11 85.28 24.43
N GLU D 45 8.36 84.96 24.12
CA GLU D 45 8.71 84.41 22.82
C GLU D 45 9.49 83.11 22.95
N LEU D 46 9.57 82.35 21.87
CA LEU D 46 10.29 81.09 21.87
C LEU D 46 11.79 81.30 21.97
N VAL D 47 12.42 80.68 22.96
CA VAL D 47 13.86 80.81 23.15
C VAL D 47 14.58 79.52 22.77
N ALA D 48 14.40 78.49 23.60
CA ALA D 48 15.02 77.20 23.33
C ALA D 48 13.98 76.09 23.27
N VAL D 49 14.08 75.25 22.23
CA VAL D 49 13.14 74.14 22.08
C VAL D 49 13.86 72.84 21.71
N MET D 50 13.74 71.84 22.57
CA MET D 50 14.36 70.54 22.31
C MET D 50 13.31 69.47 22.06
N THR D 51 13.28 68.94 20.85
CA THR D 51 12.29 67.94 20.47
C THR D 51 12.62 66.57 21.05
N ILE D 52 11.79 65.58 20.75
CA ILE D 52 12.00 64.22 21.23
C ILE D 52 12.91 63.45 20.28
N ASP D 53 13.18 64.04 19.11
CA ASP D 53 14.03 63.40 18.11
C ASP D 53 15.51 63.62 18.43
N GLY D 54 15.78 64.47 19.42
CA GLY D 54 17.15 64.77 19.79
C GLY D 54 17.60 66.10 19.20
N ARG D 55 16.81 66.64 18.29
CA ARG D 55 17.12 67.90 17.64
C ARG D 55 16.69 69.08 18.51
N THR D 56 17.47 70.16 18.44
CA THR D 56 17.18 71.36 19.24
C THR D 56 17.25 72.62 18.38
N ASN D 57 16.54 73.65 18.83
CA ASN D 57 16.53 74.93 18.12
C ASN D 57 16.56 76.11 19.10
N TYR D 58 17.37 77.10 18.78
CA TYR D 58 17.54 78.27 19.64
C TYR D 58 17.18 79.55 18.90
N GLN D 59 16.92 80.61 19.66
CA GLN D 59 16.55 81.90 19.09
C GLN D 59 17.77 82.60 18.47
N ASP D 60 17.54 83.79 17.94
CA ASP D 60 18.61 84.54 17.27
C ASP D 60 19.55 85.21 18.27
N SER D 61 18.98 85.76 19.33
CA SER D 61 19.76 86.53 20.31
C SER D 61 20.55 85.64 21.25
N VAL D 62 19.95 84.53 21.68
CA VAL D 62 20.59 83.64 22.64
C VAL D 62 21.42 82.56 21.95
N LYS D 63 21.49 82.63 20.62
CA LYS D 63 22.26 81.67 19.84
C LYS D 63 23.73 81.69 20.20
N GLY D 64 24.27 80.52 20.51
CA GLY D 64 25.66 80.40 20.91
C GLY D 64 25.86 80.67 22.39
N ARG D 65 24.86 81.29 23.01
CA ARG D 65 24.90 81.59 24.43
C ARG D 65 24.11 80.55 25.21
N PHE D 66 22.80 80.53 24.98
CA PHE D 66 21.92 79.59 25.66
C PHE D 66 21.76 78.31 24.85
N THR D 67 22.19 77.19 25.43
CA THR D 67 22.05 75.88 24.80
C THR D 67 21.36 74.91 25.75
N ILE D 68 20.50 74.07 25.20
CA ILE D 68 19.73 73.13 26.02
C ILE D 68 19.95 71.68 25.62
N SER D 69 20.52 70.91 26.53
CA SER D 69 20.68 69.47 26.34
C SER D 69 19.72 68.71 27.24
N ARG D 70 19.15 67.62 26.72
CA ARG D 70 18.18 66.85 27.47
C ARG D 70 18.80 65.59 28.08
N ASP D 71 18.84 65.53 29.40
CA ASP D 71 19.37 64.36 30.09
C ASP D 71 18.27 63.33 30.26
N TYR D 72 18.47 62.16 29.68
CA TYR D 72 17.44 61.13 29.67
C TYR D 72 17.53 60.19 30.86
N VAL D 73 18.60 60.31 31.64
CA VAL D 73 18.79 59.45 32.81
C VAL D 73 17.68 59.65 33.84
N LYS D 74 17.54 60.89 34.32
CA LYS D 74 16.47 61.24 35.23
C LYS D 74 15.30 61.84 34.48
N ASN D 75 15.40 61.86 33.15
CA ASN D 75 14.44 62.52 32.28
C ASN D 75 14.33 64.01 32.60
N THR D 76 15.47 64.61 32.95
CA THR D 76 15.51 66.02 33.31
C THR D 76 16.14 66.85 32.19
N ALA D 77 15.60 68.04 31.96
CA ALA D 77 16.12 68.93 30.93
C ALA D 77 17.14 69.90 31.52
N TYR D 78 18.25 70.11 30.82
CA TYR D 78 19.29 71.01 31.30
C TYR D 78 19.57 72.12 30.31
N LEU D 79 19.27 73.36 30.70
CA LEU D 79 19.54 74.51 29.86
C LEU D 79 20.65 75.37 30.46
N GLN D 80 21.81 75.38 29.81
CA GLN D 80 22.95 76.16 30.29
C GLN D 80 23.22 77.34 29.37
N MET D 81 23.47 78.51 29.96
CA MET D 81 23.71 79.72 29.19
C MET D 81 24.96 80.45 29.68
N ASN D 82 25.42 81.40 28.87
CA ASN D 82 26.60 82.20 29.22
C ASN D 82 26.51 83.61 28.66
N ASN D 83 27.31 84.52 29.23
CA ASN D 83 27.37 85.91 28.80
C ASN D 83 26.00 86.60 28.83
N LEU D 84 25.32 86.54 29.96
CA LEU D 84 24.04 87.21 30.12
C LEU D 84 24.20 88.72 30.08
N LYS D 85 23.17 89.42 29.61
CA LYS D 85 23.24 90.87 29.46
C LYS D 85 22.17 91.58 30.29
N PRO D 86 22.17 92.92 30.23
CA PRO D 86 21.24 93.80 30.96
C PRO D 86 19.78 93.57 30.58
N ASP D 87 19.51 93.44 29.29
CA ASP D 87 18.16 93.21 28.79
C ASP D 87 17.74 91.76 28.98
N ASP D 88 18.67 90.92 29.41
CA ASP D 88 18.41 89.49 29.59
C ASP D 88 17.90 89.18 30.99
N THR D 89 17.68 90.22 31.79
CA THR D 89 17.19 90.05 33.15
C THR D 89 15.67 90.08 33.18
N ALA D 90 15.06 88.94 33.47
CA ALA D 90 13.60 88.80 33.45
C ALA D 90 13.16 87.51 34.11
N VAL D 91 11.85 87.23 34.02
CA VAL D 91 11.30 85.99 34.56
C VAL D 91 11.30 84.89 33.51
N TYR D 92 11.98 83.78 33.82
CA TYR D 92 12.07 82.66 32.88
C TYR D 92 11.18 81.50 33.28
N ILE D 93 10.64 80.80 32.29
CA ILE D 93 9.78 79.66 32.54
C ILE D 93 10.07 78.52 31.57
N CYS D 94 9.77 77.30 31.98
CA CYS D 94 10.02 76.13 31.15
C CYS D 94 8.71 75.42 30.79
N ASN D 95 8.50 75.19 29.49
CA ASN D 95 7.29 74.52 29.02
C ASN D 95 7.59 73.23 28.29
N ALA D 96 6.75 72.22 28.51
CA ALA D 96 6.93 70.92 27.87
C ALA D 96 5.63 70.43 27.25
N GLU D 97 5.65 70.24 25.93
CA GLU D 97 4.48 69.76 25.21
C GLU D 97 4.45 68.23 25.18
N THR D 98 3.36 67.66 25.69
CA THR D 98 3.21 66.21 25.73
C THR D 98 1.89 65.78 25.12
N ARG D 99 1.98 65.03 24.01
CA ARG D 99 0.81 64.50 23.30
C ARG D 99 -0.16 65.59 22.89
N GLY D 100 0.38 66.75 22.51
CA GLY D 100 -0.44 67.87 22.08
C GLY D 100 -0.88 68.75 23.24
N PHE D 101 -0.76 68.23 24.45
CA PHE D 101 -1.15 68.97 25.65
C PHE D 101 0.06 69.65 26.27
N MET D 102 0.04 70.98 26.29
CA MET D 102 1.15 71.76 26.83
C MET D 102 1.17 71.70 28.36
N HIS D 103 2.36 71.76 28.93
CA HIS D 103 2.53 71.72 30.38
C HIS D 103 3.52 72.76 30.87
N TRP D 104 3.07 73.67 31.74
CA TRP D 104 3.95 74.66 32.34
C TRP D 104 4.10 74.39 33.84
N GLY D 105 5.26 73.91 34.24
CA GLY D 105 5.51 73.57 35.63
C GLY D 105 5.57 74.77 36.56
N GLN D 106 6.46 75.71 36.26
CA GLN D 106 6.68 76.87 37.11
C GLN D 106 7.52 77.94 36.40
N GLY D 107 7.87 78.98 37.14
CA GLY D 107 8.72 80.04 36.64
C GLY D 107 9.57 80.63 37.73
N THR D 108 10.63 81.34 37.35
CA THR D 108 11.56 81.91 38.32
C THR D 108 12.09 83.27 37.87
N GLN D 109 12.69 84.00 38.80
CA GLN D 109 13.21 85.34 38.51
C GLN D 109 14.71 85.34 38.31
N VAL D 110 15.15 85.88 37.18
CA VAL D 110 16.58 85.99 36.88
C VAL D 110 16.98 87.45 36.75
N THR D 111 17.94 87.87 37.59
CA THR D 111 18.37 89.27 37.60
C THR D 111 19.82 89.42 37.14
N VAL D 112 20.07 90.44 36.33
CA VAL D 112 21.39 90.71 35.81
C VAL D 112 21.78 92.18 36.03
N SER D 113 22.88 92.40 36.72
CA SER D 113 23.36 93.75 37.01
C SER D 113 23.96 94.40 35.77
N LEU E 157 45.19 30.05 -63.81
CA LEU E 157 46.46 29.76 -64.46
C LEU E 157 46.80 30.83 -65.50
N SER E 158 46.33 30.62 -66.73
CA SER E 158 46.57 31.56 -67.81
C SER E 158 45.88 32.90 -67.55
N THR E 159 44.70 32.84 -66.93
CA THR E 159 43.96 34.05 -66.59
C THR E 159 44.69 34.84 -65.52
N GLN E 160 45.24 34.15 -64.54
CA GLN E 160 46.02 34.78 -63.49
C GLN E 160 47.33 35.35 -64.04
N VAL E 161 47.85 34.69 -65.08
CA VAL E 161 49.06 35.15 -65.74
C VAL E 161 48.79 36.45 -66.50
N ASN E 162 47.70 36.48 -67.25
CA ASN E 162 47.30 37.67 -67.98
C ASN E 162 46.97 38.82 -67.04
N ALA E 163 46.35 38.49 -65.91
CA ALA E 163 46.03 39.48 -64.89
C ALA E 163 47.31 40.02 -64.25
N MET E 164 48.30 39.15 -64.12
CA MET E 164 49.60 39.56 -63.57
C MET E 164 50.32 40.47 -64.54
N THR E 165 50.20 40.18 -65.83
CA THR E 165 50.79 41.01 -66.87
C THR E 165 50.12 42.39 -66.88
N ASN E 166 48.79 42.39 -66.78
CA ASN E 166 48.03 43.63 -66.71
C ASN E 166 48.35 44.41 -65.44
N VAL E 167 48.77 43.69 -64.40
CA VAL E 167 49.17 44.31 -63.15
C VAL E 167 50.57 44.93 -63.28
N PHE E 168 51.39 44.32 -64.12
CA PHE E 168 52.75 44.81 -64.36
C PHE E 168 52.78 45.81 -65.51
N ASN E 169 51.61 46.07 -66.10
CA ASN E 169 51.51 47.00 -67.22
C ASN E 169 50.65 48.22 -66.90
N ILE E 170 49.36 47.97 -66.65
CA ILE E 170 48.39 49.05 -66.45
C ILE E 170 48.64 49.84 -65.16
N LEU E 171 49.47 49.31 -64.28
CA LEU E 171 49.78 49.99 -63.02
C LEU E 171 51.15 49.60 -62.50
N SER E 172 51.52 50.18 -61.35
CA SER E 172 52.80 49.89 -60.71
C SER E 172 52.58 49.31 -59.32
N SER E 173 53.01 48.08 -59.12
CA SER E 173 52.82 47.39 -57.85
C SER E 173 53.93 47.73 -56.86
N GLN E 174 53.54 48.33 -55.74
CA GLN E 174 54.50 48.71 -54.70
C GLN E 174 54.91 47.50 -53.88
N THR E 175 54.00 46.55 -53.75
CA THR E 175 54.26 45.34 -52.97
C THR E 175 55.34 44.49 -53.65
N ASN E 176 56.37 44.15 -52.88
CA ASN E 176 57.48 43.37 -53.38
C ASN E 176 58.29 42.74 -52.26
N ASP E 184 52.85 34.11 -47.86
CA ASP E 184 54.16 33.48 -47.93
C ASP E 184 54.16 32.12 -47.25
N CYS E 185 53.81 32.12 -45.96
CA CYS E 185 53.77 30.88 -45.18
C CYS E 185 52.72 29.92 -45.73
N CYS E 186 51.54 30.46 -46.05
CA CYS E 186 50.46 29.67 -46.63
C CYS E 186 50.85 29.17 -48.01
N ASN E 187 51.66 29.95 -48.72
CA ASN E 187 52.12 29.58 -50.05
C ASN E 187 53.10 28.41 -49.98
N ILE E 188 54.06 28.48 -49.06
CA ILE E 188 55.02 27.41 -48.88
C ILE E 188 54.34 26.14 -48.37
N LEU E 189 53.38 26.32 -47.46
CA LEU E 189 52.63 25.19 -46.93
C LEU E 189 51.81 24.51 -48.02
N ILE E 190 51.18 25.32 -48.87
CA ILE E 190 50.42 24.81 -49.99
C ILE E 190 51.33 24.13 -51.00
N ASN E 191 52.58 24.60 -51.08
CA ASN E 191 53.57 24.00 -51.95
C ASN E 191 53.98 22.61 -51.46
N ARG E 192 54.21 22.50 -50.15
CA ARG E 192 54.55 21.22 -49.55
C ARG E 192 53.40 20.24 -49.67
N LEU E 193 52.19 20.73 -49.42
CA LEU E 193 50.99 19.91 -49.53
C LEU E 193 50.78 19.43 -50.97
N LYS E 194 51.04 20.31 -51.92
CA LYS E 194 50.90 19.97 -53.33
C LYS E 194 51.97 18.97 -53.75
N SER E 195 53.14 19.06 -53.14
CA SER E 195 54.22 18.13 -53.42
C SER E 195 53.89 16.74 -52.90
N GLU E 196 53.45 16.67 -51.65
CA GLU E 196 53.05 15.41 -51.04
C GLU E 196 51.89 14.78 -51.80
N TYR E 197 50.94 15.62 -52.20
CA TYR E 197 49.80 15.17 -52.98
C TYR E 197 50.24 14.69 -54.36
N ASP E 198 51.30 15.29 -54.88
CA ASP E 198 51.86 14.87 -56.16
C ASP E 198 52.51 13.51 -56.04
N ASP E 199 53.17 13.27 -54.92
CA ASP E 199 53.80 11.98 -54.66
C ASP E 199 52.76 10.89 -54.48
N ALA E 200 51.72 11.20 -53.71
CA ALA E 200 50.63 10.25 -53.49
C ALA E 200 49.90 9.94 -54.79
N ILE E 201 49.69 10.97 -55.60
CA ILE E 201 49.04 10.80 -56.90
C ILE E 201 49.96 10.03 -57.85
N LYS E 202 51.25 10.09 -57.59
CA LYS E 202 52.22 9.33 -58.38
C LYS E 202 52.15 7.85 -58.01
N GLU E 203 52.02 7.57 -56.72
CA GLU E 203 51.84 6.20 -56.25
C GLU E 203 50.54 5.63 -56.81
N ARG E 204 49.49 6.45 -56.79
CA ARG E 204 48.21 6.06 -57.35
C ARG E 204 48.30 5.90 -58.86
N ASP E 205 49.25 6.60 -59.47
CA ASP E 205 49.48 6.51 -60.89
C ASP E 205 50.21 5.21 -61.26
N THR E 206 51.06 4.75 -60.35
CA THR E 206 51.74 3.47 -60.52
C THR E 206 50.75 2.33 -60.31
N TYR E 207 49.89 2.49 -59.31
CA TYR E 207 48.84 1.52 -59.05
C TYR E 207 47.88 1.45 -60.23
N ALA E 208 47.59 2.61 -60.81
CA ALA E 208 46.72 2.68 -61.99
C ALA E 208 47.45 2.18 -63.23
N GLN E 209 48.78 2.17 -63.16
CA GLN E 209 49.58 1.65 -64.25
C GLN E 209 49.54 0.13 -64.25
N PHE E 210 49.63 -0.46 -63.07
CA PHE E 210 49.49 -1.90 -62.91
C PHE E 210 48.05 -2.33 -63.23
N LEU E 211 47.10 -1.49 -62.80
CA LEU E 211 45.69 -1.76 -63.05
C LEU E 211 45.37 -1.71 -64.54
N SER E 212 45.95 -0.74 -65.24
CA SER E 212 45.77 -0.62 -66.68
C SER E 212 46.51 -1.75 -67.39
N LYS E 213 47.59 -2.22 -66.78
CA LYS E 213 48.34 -3.35 -67.31
C LYS E 213 47.49 -4.61 -67.24
N LEU E 214 46.73 -4.76 -66.16
CA LEU E 214 45.82 -5.88 -66.02
C LEU E 214 44.59 -5.69 -66.90
N GLU E 215 44.30 -4.43 -67.21
CA GLU E 215 43.16 -4.09 -68.06
C GLU E 215 43.38 -4.49 -69.51
N SER E 216 44.49 -4.04 -70.08
CA SER E 216 44.82 -4.32 -71.47
C SER E 216 45.34 -5.74 -71.65
N GLN E 217 46.23 -6.15 -70.75
CA GLN E 217 46.82 -7.49 -70.73
C GLN E 217 47.70 -7.79 -71.94
N ASN E 218 47.75 -6.85 -72.88
CA ASN E 218 48.57 -7.00 -74.08
C ASN E 218 49.03 -5.66 -74.63
N LYS E 219 50.11 -5.67 -75.39
CA LYS E 219 50.65 -4.46 -75.98
C LYS E 219 49.71 -3.88 -77.02
N GLU E 220 49.14 -4.76 -77.84
CA GLU E 220 48.13 -4.40 -78.83
C GLU E 220 48.65 -3.53 -79.98
N ILE E 221 49.92 -3.13 -79.87
CA ILE E 221 50.61 -2.30 -80.86
C ILE E 221 50.04 -0.89 -80.95
N SER E 222 49.04 -0.61 -80.11
CA SER E 222 48.39 0.70 -79.99
C SER E 222 47.79 1.19 -81.30
N GLU E 223 47.65 0.29 -82.27
CA GLU E 223 46.99 0.63 -83.53
C GLU E 223 45.61 -0.01 -83.44
N SER E 224 45.57 -1.25 -82.95
CA SER E 224 44.32 -1.99 -82.80
C SER E 224 43.79 -1.91 -81.37
N ASN E 225 44.49 -1.16 -80.51
CA ASN E 225 44.13 -1.07 -79.10
C ASN E 225 42.75 -0.48 -78.86
N LYS E 226 42.43 0.58 -79.60
CA LYS E 226 41.15 1.27 -79.45
C LYS E 226 39.98 0.38 -79.87
N GLU E 227 40.11 -0.24 -81.03
CA GLU E 227 39.07 -1.12 -81.56
C GLU E 227 38.85 -2.33 -80.66
N LYS E 228 39.94 -2.88 -80.14
CA LYS E 228 39.87 -4.01 -79.23
C LYS E 228 39.20 -3.62 -77.91
N GLN E 229 39.57 -2.46 -77.40
CA GLN E 229 38.99 -1.95 -76.16
C GLN E 229 37.51 -1.64 -76.34
N TYR E 230 37.12 -1.32 -77.58
CA TYR E 230 35.73 -1.03 -77.89
C TYR E 230 34.91 -2.31 -78.02
N SER E 231 35.48 -3.32 -78.66
CA SER E 231 34.77 -4.57 -78.93
C SER E 231 34.67 -5.48 -77.70
N HIS E 232 35.79 -5.64 -77.00
CA HIS E 232 35.86 -6.58 -75.87
C HIS E 232 34.85 -6.26 -74.77
N ASN E 233 34.84 -5.02 -74.32
CA ASN E 233 33.95 -4.58 -73.26
C ASN E 233 32.48 -4.77 -73.63
N LEU E 234 32.15 -4.46 -74.88
CA LEU E 234 30.79 -4.61 -75.37
C LEU E 234 30.38 -6.08 -75.42
N SER E 235 31.28 -6.92 -75.89
CA SER E 235 31.02 -8.36 -75.97
C SER E 235 30.79 -8.96 -74.58
N GLU E 236 31.68 -8.63 -73.65
CA GLU E 236 31.57 -9.14 -72.29
C GLU E 236 30.31 -8.64 -71.59
N LYS E 237 30.02 -7.35 -71.74
CA LYS E 237 28.84 -6.74 -71.14
C LYS E 237 27.56 -7.34 -71.71
N GLU E 238 27.60 -7.71 -72.99
CA GLU E 238 26.47 -8.36 -73.62
C GLU E 238 26.36 -9.82 -73.18
N ASN E 239 27.49 -10.40 -72.79
CA ASN E 239 27.54 -11.80 -72.39
C ASN E 239 27.06 -12.06 -70.96
N LEU E 240 27.45 -11.19 -70.03
CA LEU E 240 27.21 -11.41 -68.60
C LEU E 240 25.73 -11.36 -68.20
N LYS E 241 24.99 -10.44 -68.80
CA LYS E 241 23.60 -10.18 -68.41
C LYS E 241 22.71 -11.42 -68.51
N LYS E 242 23.00 -12.27 -69.49
CA LYS E 242 22.20 -13.48 -69.71
C LYS E 242 22.24 -14.41 -68.51
N GLU E 243 23.44 -14.81 -68.10
CA GLU E 243 23.62 -15.69 -66.96
C GLU E 243 23.21 -14.99 -65.67
N GLU E 244 23.53 -13.69 -65.57
CA GLU E 244 23.19 -12.88 -64.42
C GLU E 244 21.67 -12.89 -64.17
N GLU E 245 20.91 -12.87 -65.25
CA GLU E 245 19.45 -12.95 -65.15
C GLU E 245 18.99 -14.40 -65.09
N ARG E 246 19.88 -15.32 -65.42
CA ARG E 246 19.55 -16.74 -65.46
C ARG E 246 19.54 -17.40 -64.08
N LEU E 247 20.53 -17.05 -63.26
CA LEU E 247 20.66 -17.67 -61.93
C LEU E 247 19.45 -17.44 -61.03
N LEU E 248 18.84 -16.27 -61.16
CA LEU E 248 17.69 -15.89 -60.34
C LEU E 248 16.53 -16.85 -60.53
N ASP E 249 16.40 -17.40 -61.73
CA ASP E 249 15.35 -18.37 -62.04
C ASP E 249 15.47 -19.62 -61.17
N GLN E 250 16.67 -20.19 -61.14
CA GLN E 250 16.92 -21.39 -60.34
C GLN E 250 16.82 -21.09 -58.84
N LEU E 251 17.40 -19.98 -58.43
CA LEU E 251 17.37 -19.57 -57.03
C LEU E 251 15.93 -19.45 -56.53
N LEU E 252 15.12 -18.67 -57.23
CA LEU E 252 13.72 -18.49 -56.89
C LEU E 252 12.95 -19.81 -57.00
N ARG E 253 13.36 -20.67 -57.93
CA ARG E 253 12.72 -21.97 -58.11
C ARG E 253 12.86 -22.82 -56.86
N LEU E 254 14.08 -22.98 -56.38
CA LEU E 254 14.32 -23.76 -55.16
C LEU E 254 13.67 -23.11 -53.94
N GLU E 255 13.91 -21.81 -53.79
CA GLU E 255 13.38 -21.04 -52.67
C GLU E 255 11.86 -21.18 -52.55
N MET E 256 11.18 -21.17 -53.69
CA MET E 256 9.74 -21.35 -53.70
C MET E 256 9.37 -22.82 -53.53
N THR E 257 10.29 -23.71 -53.94
CA THR E 257 10.05 -25.14 -53.85
C THR E 257 10.06 -25.64 -52.42
N ASP E 258 10.75 -24.90 -51.54
CA ASP E 258 10.80 -25.28 -50.13
C ASP E 258 9.44 -25.23 -49.43
N ASP E 259 8.60 -24.29 -49.85
CA ASP E 259 7.33 -24.02 -49.20
C ASP E 259 6.38 -25.22 -49.14
N ASP E 260 6.15 -25.83 -50.30
CA ASP E 260 5.27 -27.00 -50.39
C ASP E 260 5.77 -28.12 -49.49
N LEU E 261 7.09 -28.26 -49.42
CA LEU E 261 7.72 -29.25 -48.56
C LEU E 261 7.41 -28.95 -47.10
N ASP E 262 7.47 -27.67 -46.74
CA ASP E 262 7.13 -27.25 -45.38
C ASP E 262 5.68 -27.60 -45.05
N GLY E 263 4.77 -27.27 -45.95
CA GLY E 263 3.36 -27.56 -45.77
C GLY E 263 3.09 -29.04 -45.60
N GLU E 264 3.70 -29.84 -46.47
CA GLU E 264 3.58 -31.28 -46.40
C GLU E 264 4.14 -31.81 -45.07
N LEU E 265 5.18 -31.15 -44.58
CA LEU E 265 5.76 -31.52 -43.29
C LEU E 265 4.77 -31.24 -42.17
N VAL E 266 4.05 -30.13 -42.26
CA VAL E 266 3.03 -29.79 -41.26
C VAL E 266 1.88 -30.79 -41.26
N ARG E 267 1.37 -31.08 -42.45
CA ARG E 267 0.31 -32.09 -42.59
C ARG E 267 0.78 -33.43 -42.03
N LEU E 268 2.05 -33.74 -42.26
CA LEU E 268 2.64 -34.96 -41.72
C LEU E 268 2.68 -34.91 -40.20
N GLN E 269 2.89 -33.71 -39.66
CA GLN E 269 2.93 -33.53 -38.20
C GLN E 269 1.56 -33.79 -37.58
N GLU E 270 0.50 -33.29 -38.23
CA GLU E 270 -0.85 -33.55 -37.76
C GLU E 270 -1.21 -35.03 -37.86
N LYS E 271 -0.92 -35.61 -39.03
CA LYS E 271 -1.18 -37.03 -39.25
C LYS E 271 -0.46 -37.89 -38.23
N LYS E 272 0.73 -37.44 -37.83
CA LYS E 272 1.50 -38.13 -36.79
C LYS E 272 0.93 -37.83 -35.42
N VAL E 273 0.18 -36.74 -35.31
CA VAL E 273 -0.42 -36.34 -34.04
C VAL E 273 -1.72 -37.08 -33.78
N GLN E 274 -2.30 -37.68 -34.81
CA GLN E 274 -3.51 -38.50 -34.64
C GLN E 274 -3.21 -39.88 -34.05
N LEU E 275 -2.08 -40.44 -34.49
CA LEU E 275 -1.69 -41.79 -34.09
C LEU E 275 -1.42 -41.91 -32.58
N GLU E 276 -1.19 -40.79 -31.92
CA GLU E 276 -0.97 -40.79 -30.48
C GLU E 276 -2.27 -41.11 -29.75
N ASN E 277 -3.31 -40.34 -30.06
CA ASN E 277 -4.63 -40.56 -29.49
C ASN E 277 -5.14 -41.95 -29.87
N GLU E 278 -4.88 -42.32 -31.13
CA GLU E 278 -5.22 -43.67 -31.59
C GLU E 278 -4.55 -44.73 -30.71
N LYS E 279 -3.28 -44.49 -30.39
CA LYS E 279 -2.49 -45.42 -29.58
C LYS E 279 -3.03 -45.51 -28.16
N LEU E 280 -3.48 -44.37 -27.63
CA LEU E 280 -4.05 -44.35 -26.29
C LEU E 280 -5.34 -45.17 -26.24
N GLN E 281 -6.25 -44.87 -27.17
CA GLN E 281 -7.50 -45.59 -27.28
C GLN E 281 -7.23 -47.10 -27.44
N LYS E 282 -6.19 -47.42 -28.18
CA LYS E 282 -5.72 -48.80 -28.30
C LYS E 282 -5.37 -49.40 -26.93
N LEU E 283 -4.34 -48.83 -26.30
CA LEU E 283 -3.78 -49.35 -25.05
C LEU E 283 -4.80 -49.48 -23.93
N SER E 284 -5.84 -48.64 -23.97
CA SER E 284 -6.92 -48.73 -23.00
C SER E 284 -7.50 -50.13 -22.94
N ASP E 285 -7.66 -50.75 -24.11
CA ASP E 285 -8.17 -52.11 -24.21
C ASP E 285 -7.21 -53.12 -23.59
N GLN E 286 -5.92 -52.83 -23.68
CA GLN E 286 -4.90 -53.69 -23.09
C GLN E 286 -4.98 -53.64 -21.58
N ASN E 287 -5.08 -52.44 -21.03
CA ASN E 287 -5.22 -52.27 -19.59
C ASN E 287 -6.48 -52.95 -19.06
N LEU E 288 -7.60 -52.71 -19.75
CA LEU E 288 -8.87 -53.35 -19.40
C LEU E 288 -8.75 -54.87 -19.45
N MET E 289 -8.03 -55.37 -20.45
CA MET E 289 -7.79 -56.79 -20.58
C MET E 289 -7.00 -57.33 -19.40
N ASP E 290 -6.04 -56.54 -18.93
CA ASP E 290 -5.24 -56.92 -17.77
C ASP E 290 -6.10 -57.03 -16.52
N LEU E 291 -6.89 -55.98 -16.26
CA LEU E 291 -7.77 -55.96 -15.09
C LEU E 291 -8.76 -57.12 -15.12
N ASN E 292 -9.42 -57.30 -16.26
CA ASN E 292 -10.35 -58.39 -16.45
C ASN E 292 -9.67 -59.74 -16.22
N ASN E 293 -8.42 -59.84 -16.65
CA ASN E 293 -7.64 -61.06 -16.46
C ASN E 293 -7.42 -61.33 -14.98
N ILE E 294 -7.10 -60.28 -14.23
CA ILE E 294 -6.92 -60.41 -12.79
C ILE E 294 -8.20 -60.89 -12.13
N GLN E 295 -9.30 -60.23 -12.46
CA GLN E 295 -10.61 -60.58 -11.90
C GLN E 295 -10.98 -62.03 -12.22
N PHE E 296 -10.70 -62.45 -13.44
CA PHE E 296 -10.99 -63.82 -13.88
C PHE E 296 -10.12 -64.82 -13.12
N ASN E 297 -8.88 -64.42 -12.83
CA ASN E 297 -7.98 -65.26 -12.05
C ASN E 297 -8.48 -65.48 -10.63
N LYS E 298 -8.84 -64.37 -9.98
CA LYS E 298 -9.40 -64.43 -8.64
C LYS E 298 -10.67 -65.29 -8.60
N ASN E 299 -11.56 -65.04 -9.55
CA ASN E 299 -12.80 -65.79 -9.65
C ASN E 299 -12.55 -67.28 -9.85
N LEU E 300 -11.54 -67.59 -10.66
CA LEU E 300 -11.17 -68.98 -10.92
C LEU E 300 -10.65 -69.64 -9.66
N GLN E 301 -9.85 -68.91 -8.90
CA GLN E 301 -9.35 -69.41 -7.62
C GLN E 301 -10.52 -69.71 -6.68
N SER E 302 -11.49 -68.80 -6.64
CA SER E 302 -12.68 -68.97 -5.80
C SER E 302 -13.46 -70.22 -6.22
N LEU E 303 -13.58 -70.43 -7.52
CA LEU E 303 -14.24 -71.60 -8.05
C LEU E 303 -13.49 -72.86 -7.63
N LYS E 304 -12.16 -72.77 -7.60
CA LYS E 304 -11.32 -73.88 -7.16
C LYS E 304 -11.58 -74.20 -5.69
N LEU E 305 -11.76 -73.16 -4.89
CA LEU E 305 -12.10 -73.32 -3.48
C LEU E 305 -13.45 -74.02 -3.34
N GLN E 306 -14.41 -73.60 -4.16
CA GLN E 306 -15.73 -74.21 -4.16
C GLN E 306 -15.66 -75.69 -4.53
N TYR E 307 -14.80 -76.02 -5.49
CA TYR E 307 -14.59 -77.40 -5.90
C TYR E 307 -13.97 -78.20 -4.77
N GLU E 308 -13.05 -77.56 -4.04
CA GLU E 308 -12.43 -78.19 -2.88
C GLU E 308 -13.49 -78.50 -1.83
N LEU E 309 -14.42 -77.57 -1.65
CA LEU E 309 -15.55 -77.78 -0.74
C LEU E 309 -16.43 -78.93 -1.22
N SER E 310 -16.53 -79.07 -2.54
CA SER E 310 -17.33 -80.14 -3.13
C SER E 310 -16.69 -81.50 -2.85
N LEU E 311 -15.37 -81.58 -3.01
CA LEU E 311 -14.65 -82.82 -2.72
C LEU E 311 -14.73 -83.14 -1.23
N ASN E 312 -14.66 -82.10 -0.40
CA ASN E 312 -14.85 -82.26 1.03
C ASN E 312 -16.25 -82.78 1.34
N GLN E 313 -17.21 -82.40 0.52
CA GLN E 313 -18.58 -82.89 0.66
C GLN E 313 -18.69 -84.33 0.19
N LEU E 314 -17.80 -84.72 -0.73
CA LEU E 314 -17.75 -86.09 -1.21
C LEU E 314 -17.21 -87.01 -0.12
N ASP E 315 -16.13 -86.57 0.53
CA ASP E 315 -15.59 -87.30 1.67
C ASP E 315 -16.61 -87.32 2.81
N LYS E 316 -17.31 -86.22 2.98
CA LYS E 316 -18.35 -86.10 3.99
C LYS E 316 -19.52 -87.03 3.67
N LEU E 317 -19.68 -87.37 2.39
CA LEU E 317 -20.70 -88.31 1.97
C LEU E 317 -20.25 -89.74 2.25
N ARG E 318 -18.97 -90.00 1.99
CA ARG E 318 -18.37 -91.28 2.30
C ARG E 318 -18.46 -91.56 3.80
N LYS E 319 -18.38 -90.50 4.59
CA LYS E 319 -18.59 -90.61 6.03
C LYS E 319 -20.09 -90.67 6.34
N ILE E 320 -20.89 -90.10 5.46
CA ILE E 320 -22.34 -90.06 5.64
C ILE E 320 -22.97 -91.43 5.36
N ASN E 321 -22.20 -92.31 4.75
CA ASN E 321 -22.64 -93.69 4.57
C ASN E 321 -22.67 -94.42 5.91
N ILE E 322 -21.94 -93.89 6.88
CA ILE E 322 -21.86 -94.46 8.21
C ILE E 322 -22.89 -93.86 9.16
N PHE E 323 -23.77 -93.02 8.62
CA PHE E 323 -24.74 -92.25 9.40
C PHE E 323 -25.59 -93.10 10.34
N ASN E 324 -25.71 -94.39 10.02
CA ASN E 324 -26.41 -95.33 10.88
C ASN E 324 -25.70 -95.50 12.22
N ALA E 325 -24.41 -95.21 12.23
CA ALA E 325 -23.61 -95.33 13.45
C ALA E 325 -23.50 -93.99 14.18
N THR E 326 -24.11 -93.92 15.35
CA THR E 326 -24.04 -92.72 16.19
C THR E 326 -23.56 -93.08 17.58
N PHE E 327 -24.37 -93.90 18.27
CA PHE E 327 -24.03 -94.39 19.59
C PHE E 327 -22.93 -95.45 19.52
N LYS E 328 -22.49 -95.76 18.31
CA LYS E 328 -21.58 -96.88 18.03
C LYS E 328 -20.35 -96.91 18.93
N ILE E 329 -19.98 -98.12 19.34
CA ILE E 329 -18.88 -98.33 20.27
C ILE E 329 -17.62 -98.87 19.58
N SER E 330 -16.48 -98.28 19.93
CA SER E 330 -15.19 -98.75 19.46
C SER E 330 -14.36 -99.22 20.64
N HIS E 331 -13.13 -99.65 20.37
CA HIS E 331 -12.24 -100.14 21.43
C HIS E 331 -11.11 -99.15 21.70
N SER E 332 -10.99 -98.73 22.95
CA SER E 332 -9.93 -97.80 23.34
C SER E 332 -9.25 -98.24 24.62
N GLY E 333 -7.95 -98.51 24.54
CA GLY E 333 -7.22 -99.03 25.67
C GLY E 333 -7.62 -100.45 25.98
N PRO E 334 -7.62 -100.83 27.26
CA PRO E 334 -8.05 -102.19 27.62
C PRO E 334 -9.54 -102.41 27.40
N PHE E 335 -10.33 -101.35 27.50
CA PHE E 335 -11.78 -101.46 27.40
C PHE E 335 -12.33 -100.93 26.08
N ALA E 336 -13.66 -100.97 25.95
CA ALA E 336 -14.33 -100.46 24.78
C ALA E 336 -15.31 -99.34 25.17
N THR E 337 -15.21 -98.21 24.48
CA THR E 337 -16.06 -97.06 24.79
C THR E 337 -17.15 -96.88 23.75
N ILE E 338 -18.31 -96.42 24.19
CA ILE E 338 -19.46 -96.24 23.31
C ILE E 338 -19.75 -94.77 23.02
N ASN E 339 -19.62 -94.39 21.74
CA ASN E 339 -19.88 -93.02 21.31
C ASN E 339 -19.10 -91.98 22.09
N GLY E 340 -17.90 -92.35 22.54
CA GLY E 340 -17.06 -91.46 23.32
C GLY E 340 -17.34 -91.52 24.81
N LEU E 341 -17.89 -92.65 25.26
CA LEU E 341 -18.16 -92.84 26.68
C LEU E 341 -17.49 -94.12 27.19
N ARG E 342 -16.52 -93.96 28.09
CA ARG E 342 -15.76 -95.09 28.61
C ARG E 342 -16.58 -95.94 29.55
N LEU E 343 -16.64 -97.24 29.28
CA LEU E 343 -17.37 -98.18 30.13
C LEU E 343 -16.43 -99.23 30.71
N GLY E 344 -16.69 -99.64 31.95
CA GLY E 344 -15.86 -100.61 32.63
C GLY E 344 -14.71 -99.95 33.38
N SER E 345 -14.24 -100.61 34.44
CA SER E 345 -13.15 -100.07 35.24
C SER E 345 -12.16 -101.16 35.64
N ILE E 346 -10.88 -100.87 35.51
CA ILE E 346 -9.83 -101.81 35.87
C ILE E 346 -9.25 -101.50 37.25
N PRO E 347 -8.28 -102.32 37.69
CA PRO E 347 -7.64 -102.15 38.99
C PRO E 347 -6.75 -100.91 39.06
N GLU E 348 -6.36 -100.40 37.91
CA GLU E 348 -5.48 -99.22 37.85
C GLU E 348 -6.29 -97.92 37.85
N SER E 349 -6.94 -97.64 36.73
CA SER E 349 -7.74 -96.42 36.62
C SER E 349 -9.23 -96.74 36.48
N VAL E 350 -9.99 -96.45 37.53
CA VAL E 350 -11.43 -96.61 37.51
C VAL E 350 -12.10 -95.41 36.84
N VAL E 351 -13.29 -95.63 36.27
CA VAL E 351 -14.05 -94.54 35.67
C VAL E 351 -15.12 -94.05 36.63
N PRO E 352 -15.86 -93.00 36.23
CA PRO E 352 -16.93 -92.46 37.07
C PRO E 352 -18.20 -93.30 37.04
N TRP E 353 -18.99 -93.23 38.10
CA TRP E 353 -20.24 -93.98 38.18
C TRP E 353 -21.28 -93.39 37.24
N LYS E 354 -21.37 -92.06 37.21
CA LYS E 354 -22.32 -91.36 36.36
C LYS E 354 -21.92 -91.47 34.89
N GLU E 355 -20.63 -91.74 34.65
CA GLU E 355 -20.14 -91.96 33.29
C GLU E 355 -20.61 -93.31 32.79
N ILE E 356 -20.51 -94.32 33.64
CA ILE E 356 -21.00 -95.65 33.32
C ILE E 356 -22.52 -95.63 33.18
N ASN E 357 -23.15 -94.79 33.98
CA ASN E 357 -24.60 -94.61 33.90
C ASN E 357 -25.02 -93.97 32.59
N ALA E 358 -24.24 -92.98 32.16
CA ALA E 358 -24.50 -92.28 30.91
C ALA E 358 -24.27 -93.21 29.72
N ALA E 359 -23.22 -94.03 29.81
CA ALA E 359 -22.90 -94.98 28.76
C ALA E 359 -23.97 -96.06 28.66
N LEU E 360 -24.45 -96.52 29.82
CA LEU E 360 -25.52 -97.51 29.86
C LEU E 360 -26.83 -96.90 29.36
N GLY E 361 -26.99 -95.61 29.58
CA GLY E 361 -28.15 -94.90 29.09
C GLY E 361 -28.09 -94.76 27.57
N GLN E 362 -26.88 -94.66 27.06
CA GLN E 362 -26.66 -94.59 25.62
C GLN E 362 -26.89 -95.96 24.98
N LEU E 363 -26.52 -97.01 25.71
CA LEU E 363 -26.75 -98.38 25.26
C LEU E 363 -28.24 -98.70 25.24
N ILE E 364 -28.94 -98.25 26.27
CA ILE E 364 -30.38 -98.43 26.35
C ILE E 364 -31.08 -97.59 25.29
N LEU E 365 -30.48 -96.46 24.97
CA LEU E 365 -30.99 -95.61 23.90
C LEU E 365 -30.78 -96.30 22.56
N LEU E 366 -29.72 -97.08 22.47
CA LEU E 366 -29.43 -97.85 21.26
C LEU E 366 -30.41 -99.00 21.12
N LEU E 367 -30.75 -99.62 22.25
CA LEU E 367 -31.72 -100.70 22.27
C LEU E 367 -33.11 -100.18 21.90
N ALA E 368 -33.44 -99.00 22.42
CA ALA E 368 -34.72 -98.36 22.14
C ALA E 368 -34.78 -97.94 20.68
N THR E 369 -33.65 -97.47 20.15
CA THR E 369 -33.57 -97.08 18.75
C THR E 369 -33.71 -98.30 17.85
N ILE E 370 -33.21 -99.44 18.32
CA ILE E 370 -33.32 -100.69 17.58
C ILE E 370 -34.77 -101.16 17.57
N ASN E 371 -35.41 -101.08 18.73
CA ASN E 371 -36.81 -101.48 18.86
C ASN E 371 -37.75 -100.57 18.07
N LYS E 372 -37.34 -99.32 17.91
CA LYS E 372 -38.09 -98.35 17.13
C LYS E 372 -37.88 -98.56 15.64
N ASN E 373 -36.65 -98.90 15.27
CA ASN E 373 -36.28 -99.10 13.87
C ASN E 373 -36.88 -100.38 13.29
N LEU E 374 -36.67 -101.49 14.00
CA LEU E 374 -37.16 -102.79 13.54
C LEU E 374 -38.66 -102.93 13.76
N LYS E 375 -39.22 -102.05 14.58
CA LYS E 375 -40.65 -102.05 14.93
C LYS E 375 -41.07 -103.40 15.52
N ILE E 376 -40.14 -104.07 16.20
CA ILE E 376 -40.40 -105.36 16.80
C ILE E 376 -41.08 -105.22 18.15
N ASN E 377 -42.00 -106.15 18.44
CA ASN E 377 -42.69 -106.15 19.72
C ASN E 377 -41.86 -106.81 20.81
N LEU E 378 -41.87 -106.22 22.00
CA LEU E 378 -41.14 -106.78 23.13
C LEU E 378 -42.09 -107.50 24.07
N VAL E 379 -41.98 -108.81 24.11
CA VAL E 379 -42.86 -109.65 24.92
C VAL E 379 -42.79 -109.32 26.41
N ASP E 380 -41.65 -109.63 27.03
CA ASP E 380 -41.49 -109.47 28.46
C ASP E 380 -40.80 -108.15 28.86
N TYR E 381 -40.46 -107.34 27.87
CA TYR E 381 -39.67 -106.13 28.13
C TYR E 381 -40.42 -104.84 27.81
N GLU E 382 -40.05 -103.78 28.53
CA GLU E 382 -40.57 -102.43 28.29
C GLU E 382 -39.43 -101.43 28.43
N LEU E 383 -39.30 -100.55 27.45
CA LEU E 383 -38.14 -99.65 27.38
C LEU E 383 -38.41 -98.18 27.68
N GLN E 384 -37.76 -97.68 28.72
CA GLN E 384 -37.84 -96.28 29.10
C GLN E 384 -36.47 -95.70 29.45
N PRO E 385 -35.61 -95.50 28.44
CA PRO E 385 -34.35 -94.79 28.71
C PRO E 385 -34.55 -93.29 28.94
N MET E 386 -33.96 -92.76 29.99
CA MET E 386 -33.90 -91.32 30.21
C MET E 386 -32.51 -90.88 30.66
N GLY E 387 -31.83 -90.11 29.82
CA GLY E 387 -30.49 -89.65 30.14
C GLY E 387 -29.56 -90.78 30.50
N SER E 388 -28.97 -90.69 31.68
CA SER E 388 -28.13 -91.77 32.20
C SER E 388 -28.99 -92.90 32.77
N PHE E 389 -30.09 -92.53 33.42
CA PHE E 389 -30.94 -93.53 34.07
C PHE E 389 -31.70 -94.35 33.04
N SER E 390 -31.52 -95.67 33.07
CA SER E 390 -32.18 -96.52 32.09
C SER E 390 -33.26 -97.37 32.75
N LYS E 391 -34.52 -97.08 32.44
CA LYS E 391 -35.61 -97.87 33.01
C LYS E 391 -35.96 -99.03 32.10
N ILE E 392 -35.78 -100.25 32.59
CA ILE E 392 -36.14 -101.45 31.84
C ILE E 392 -37.12 -102.28 32.65
N LYS E 393 -38.34 -102.41 32.14
CA LYS E 393 -39.38 -103.10 32.88
C LYS E 393 -39.57 -104.53 32.37
N LYS E 394 -39.16 -105.50 33.17
CA LYS E 394 -39.30 -106.90 32.79
C LYS E 394 -40.49 -107.53 33.53
N ARG E 395 -41.54 -107.84 32.78
CA ARG E 395 -42.73 -108.44 33.36
C ARG E 395 -42.52 -109.94 33.55
N MET E 396 -42.63 -110.38 34.80
CA MET E 396 -42.43 -111.79 35.12
C MET E 396 -43.29 -112.21 36.32
N VAL E 397 -43.49 -113.51 36.45
CA VAL E 397 -44.31 -114.05 37.54
C VAL E 397 -43.51 -114.11 38.84
N ASN E 398 -44.23 -113.93 39.95
CA ASN E 398 -43.62 -114.01 41.27
C ASN E 398 -43.51 -115.47 41.73
N SER E 399 -43.19 -115.66 43.01
CA SER E 399 -43.09 -117.00 43.59
C SER E 399 -44.39 -117.78 43.43
N VAL E 400 -45.51 -117.07 43.39
CA VAL E 400 -46.84 -117.63 43.11
C VAL E 400 -47.20 -118.75 44.09
N GLU E 401 -46.61 -118.73 45.27
CA GLU E 401 -46.87 -119.74 46.29
C GLU E 401 -47.94 -119.13 47.19
N TYR E 402 -48.11 -117.82 47.10
CA TYR E 402 -49.11 -117.12 47.90
C TYR E 402 -50.50 -117.26 47.30
N ASN E 403 -51.43 -117.79 48.09
CA ASN E 403 -52.79 -118.00 47.62
C ASN E 403 -53.63 -116.73 47.69
N ASN E 404 -53.13 -115.72 48.39
CA ASN E 404 -53.83 -114.47 48.55
C ASN E 404 -53.64 -113.55 47.34
N SER E 405 -52.63 -113.85 46.53
CA SER E 405 -52.34 -113.05 45.35
C SER E 405 -52.98 -113.62 44.09
N THR E 406 -53.94 -112.89 43.53
CA THR E 406 -54.61 -113.32 42.32
C THR E 406 -53.71 -113.15 41.10
N THR E 407 -53.10 -111.98 40.98
CA THR E 407 -52.18 -111.66 39.89
C THR E 407 -52.82 -111.84 38.52
N ASN E 408 -54.13 -111.62 38.44
CA ASN E 408 -54.85 -111.73 37.18
C ASN E 408 -54.98 -110.38 36.49
N ALA E 409 -54.42 -109.35 37.10
CA ALA E 409 -54.50 -107.99 36.56
C ALA E 409 -53.11 -107.43 36.29
N PRO E 410 -53.06 -106.15 35.87
CA PRO E 410 -51.84 -105.41 35.52
C PRO E 410 -50.82 -105.37 36.66
N GLY E 411 -49.55 -105.24 36.30
CA GLY E 411 -48.47 -105.17 37.28
C GLY E 411 -47.23 -104.56 36.65
N ASP E 412 -46.12 -104.59 37.39
CA ASP E 412 -44.87 -104.02 36.89
C ASP E 412 -43.65 -104.78 37.39
N TRP E 413 -42.48 -104.34 36.95
CA TRP E 413 -41.21 -104.96 37.35
C TRP E 413 -40.77 -104.49 38.73
N LEU E 414 -40.02 -105.35 39.43
CA LEU E 414 -39.52 -105.02 40.75
C LEU E 414 -38.57 -103.82 40.71
N ILE E 415 -37.50 -103.94 39.92
CA ILE E 415 -36.57 -102.83 39.74
C ILE E 415 -36.34 -102.55 38.25
N LEU E 416 -36.83 -101.40 37.78
CA LEU E 416 -36.66 -101.00 36.40
C LEU E 416 -35.21 -100.60 36.08
N PRO E 417 -34.65 -99.69 36.88
CA PRO E 417 -33.38 -98.99 36.71
C PRO E 417 -32.16 -99.90 36.54
N VAL E 418 -31.36 -99.63 35.52
CA VAL E 418 -30.07 -100.29 35.33
C VAL E 418 -28.95 -99.41 35.87
N TYR E 419 -29.32 -98.23 36.36
CA TYR E 419 -28.35 -97.27 36.89
C TYR E 419 -28.07 -97.55 38.36
N TYR E 420 -26.82 -97.36 38.77
CA TYR E 420 -26.42 -97.65 40.14
C TYR E 420 -25.70 -96.47 40.80
N ASP E 421 -25.55 -96.56 42.13
CA ASP E 421 -24.80 -95.58 42.93
C ASP E 421 -25.47 -94.21 43.03
N GLU E 422 -26.58 -94.03 42.31
CA GLU E 422 -27.30 -92.76 42.33
C GLU E 422 -27.96 -92.52 43.68
N GLU E 433 -28.00 -110.01 44.38
CA GLU E 433 -28.20 -108.92 45.32
C GLU E 433 -28.28 -107.57 44.60
N THR E 434 -27.48 -107.42 43.55
CA THR E 434 -27.47 -106.19 42.77
C THR E 434 -28.50 -106.23 41.64
N LYS E 435 -29.32 -105.20 41.57
CA LYS E 435 -30.35 -105.11 40.53
C LYS E 435 -29.73 -104.90 39.16
N PHE E 436 -28.53 -104.33 39.15
CA PHE E 436 -27.80 -104.11 37.91
C PHE E 436 -27.41 -105.44 37.27
N ASP E 437 -27.16 -106.44 38.10
CA ASP E 437 -26.83 -107.78 37.63
C ASP E 437 -28.03 -108.43 36.97
N LYS E 438 -29.20 -108.26 37.60
CA LYS E 438 -30.45 -108.78 37.06
C LYS E 438 -30.78 -108.09 35.74
N SER E 439 -30.55 -106.78 35.69
CA SER E 439 -30.77 -106.01 34.48
C SER E 439 -29.80 -106.42 33.39
N LEU E 440 -28.61 -106.85 33.80
CA LEU E 440 -27.59 -107.30 32.86
C LEU E 440 -27.95 -108.65 32.25
N GLU E 441 -28.37 -109.58 33.10
CA GLU E 441 -28.81 -110.89 32.63
C GLU E 441 -30.03 -110.74 31.73
N THR E 442 -30.94 -109.87 32.13
CA THR E 442 -32.14 -109.58 31.35
C THR E 442 -31.77 -108.93 30.02
N THR E 443 -30.68 -108.18 30.02
CA THR E 443 -30.19 -107.55 28.80
C THR E 443 -29.60 -108.58 27.86
N LEU E 444 -28.91 -109.56 28.42
CA LEU E 444 -28.33 -110.64 27.64
C LEU E 444 -29.42 -111.51 27.03
N GLU E 445 -30.44 -111.80 27.83
CA GLU E 445 -31.60 -112.55 27.36
C GLU E 445 -32.34 -111.75 26.28
N ILE E 446 -32.35 -110.43 26.44
CA ILE E 446 -32.96 -109.54 25.46
C ILE E 446 -32.17 -109.56 24.16
N ILE E 447 -30.86 -109.78 24.29
CA ILE E 447 -30.00 -109.89 23.12
C ILE E 447 -30.24 -111.21 22.41
N SER E 448 -30.48 -112.26 23.20
CA SER E 448 -30.80 -113.57 22.66
C SER E 448 -32.13 -113.54 21.89
N GLU E 449 -33.13 -112.90 22.50
CA GLU E 449 -34.43 -112.76 21.87
C GLU E 449 -34.32 -111.85 20.65
N ILE E 450 -33.40 -110.89 20.70
CA ILE E 450 -33.13 -110.02 19.57
C ILE E 450 -32.59 -110.84 18.41
N THR E 451 -31.66 -111.73 18.71
CA THR E 451 -31.09 -112.63 17.70
C THR E 451 -32.15 -113.62 17.21
N ARG E 452 -33.16 -113.85 18.04
CA ARG E 452 -34.26 -114.74 17.69
C ARG E 452 -35.15 -114.09 16.64
N GLN E 453 -35.76 -112.96 17.01
CA GLN E 453 -36.58 -112.20 16.07
C GLN E 453 -35.81 -111.84 14.80
N LEU E 454 -34.51 -111.59 14.95
CA LEU E 454 -33.65 -111.31 13.80
C LEU E 454 -33.45 -112.55 12.95
N SER E 455 -33.43 -113.72 13.58
CA SER E 455 -33.34 -114.97 12.86
C SER E 455 -34.64 -115.21 12.09
N THR E 456 -35.76 -114.78 12.68
CA THR E 456 -37.05 -114.87 12.02
C THR E 456 -37.10 -113.95 10.80
N ILE E 457 -36.57 -112.75 10.97
CA ILE E 457 -36.49 -111.79 9.88
C ILE E 457 -35.55 -112.30 8.78
N ALA E 458 -34.55 -113.07 9.19
CA ALA E 458 -33.61 -113.68 8.25
C ALA E 458 -34.31 -114.79 7.45
N SER E 459 -35.17 -115.53 8.15
CA SER E 459 -35.96 -116.58 7.50
C SER E 459 -36.98 -115.95 6.56
N SER E 460 -37.39 -114.72 6.87
CA SER E 460 -38.31 -113.98 6.01
C SER E 460 -37.58 -113.42 4.80
N TYR E 461 -36.31 -113.11 4.97
CA TYR E 461 -35.49 -112.58 3.88
C TYR E 461 -35.04 -113.70 2.94
N SER E 462 -34.94 -114.92 3.48
CA SER E 462 -34.52 -116.07 2.70
C SER E 462 -35.62 -116.51 1.74
N GLU E 489 -23.88 -117.77 12.47
CA GLU E 489 -24.05 -116.42 12.99
C GLU E 489 -24.36 -116.44 14.49
N LEU E 490 -23.57 -117.20 15.24
CA LEU E 490 -23.73 -117.29 16.69
C LEU E 490 -22.39 -117.25 17.39
N PRO E 491 -21.66 -116.13 17.24
CA PRO E 491 -20.34 -115.87 17.83
C PRO E 491 -20.38 -115.66 19.34
N TYR E 492 -21.56 -115.32 19.86
CA TYR E 492 -21.71 -114.99 21.28
C TYR E 492 -22.07 -116.20 22.13
N ILE E 493 -21.21 -116.51 23.10
CA ILE E 493 -21.48 -117.57 24.06
C ILE E 493 -21.70 -116.96 25.44
N MET E 494 -22.94 -117.02 25.93
CA MET E 494 -23.28 -116.36 27.19
C MET E 494 -24.25 -117.17 28.05
N ASN E 495 -23.98 -117.21 29.34
CA ASN E 495 -24.89 -117.78 30.32
C ASN E 495 -25.29 -116.72 31.33
N LYS E 496 -26.52 -116.81 31.84
CA LYS E 496 -27.10 -115.79 32.72
C LYS E 496 -26.18 -115.46 33.89
N ASP E 497 -25.49 -116.46 34.41
CA ASP E 497 -24.54 -116.26 35.50
C ASP E 497 -23.22 -115.68 35.00
N LYS E 498 -22.70 -116.24 33.92
CA LYS E 498 -21.41 -115.84 33.39
C LYS E 498 -21.41 -115.77 31.86
N ILE E 499 -20.97 -114.65 31.30
CA ILE E 499 -20.91 -114.47 29.86
C ILE E 499 -19.50 -114.62 29.33
N ASN E 500 -19.31 -115.59 28.43
CA ASN E 500 -18.00 -115.89 27.85
C ASN E 500 -16.94 -116.19 28.91
N GLY E 501 -17.38 -116.75 30.03
CA GLY E 501 -16.49 -117.09 31.13
C GLY E 501 -16.34 -115.96 32.13
N LEU E 502 -16.61 -114.74 31.69
CA LEU E 502 -16.51 -113.56 32.55
C LEU E 502 -17.73 -113.43 33.45
N SER E 503 -17.54 -112.80 34.60
CA SER E 503 -18.63 -112.60 35.56
C SER E 503 -19.42 -111.33 35.24
N VAL E 504 -20.70 -111.49 34.96
CA VAL E 504 -21.57 -110.36 34.63
C VAL E 504 -22.31 -109.84 35.86
N LYS E 505 -22.06 -110.45 37.00
CA LYS E 505 -22.72 -110.07 38.24
C LYS E 505 -21.88 -109.08 39.05
N LEU E 506 -22.53 -108.01 39.51
CA LEU E 506 -21.85 -107.00 40.31
C LEU E 506 -21.68 -107.46 41.75
N HIS E 507 -22.71 -108.11 42.28
CA HIS E 507 -22.72 -108.64 43.64
C HIS E 507 -22.49 -107.55 44.70
N GLY E 508 -22.83 -106.31 44.36
CA GLY E 508 -22.74 -105.20 45.29
C GLY E 508 -21.34 -104.74 45.59
N SER E 509 -20.35 -105.39 44.99
CA SER E 509 -18.95 -105.06 45.23
C SER E 509 -18.46 -103.95 44.29
N SER E 510 -17.19 -103.58 44.43
CA SER E 510 -16.60 -102.55 43.59
C SER E 510 -16.17 -103.12 42.24
N PRO E 511 -15.90 -102.24 41.27
CA PRO E 511 -15.48 -102.61 39.91
C PRO E 511 -14.18 -103.43 39.89
N ASN E 512 -14.12 -104.42 39.00
CA ASN E 512 -12.95 -105.27 38.89
C ASN E 512 -12.71 -105.73 37.46
N LEU E 513 -11.76 -106.65 37.29
CA LEU E 513 -11.41 -107.15 35.97
C LEU E 513 -12.55 -107.96 35.36
N GLU E 514 -13.33 -108.61 36.22
CA GLU E 514 -14.47 -109.41 35.79
C GLU E 514 -15.47 -108.58 34.97
N TRP E 515 -16.06 -107.57 35.60
CA TRP E 515 -17.03 -106.70 34.94
C TRP E 515 -16.42 -105.97 33.76
N THR E 516 -15.11 -105.77 33.80
CA THR E 516 -14.39 -105.09 32.72
C THR E 516 -14.35 -105.93 31.46
N THR E 517 -13.88 -107.17 31.61
CA THR E 517 -13.80 -108.09 30.48
C THR E 517 -15.19 -108.46 29.99
N ALA E 518 -16.13 -108.61 30.93
CA ALA E 518 -17.51 -108.89 30.60
C ALA E 518 -18.11 -107.78 29.76
N MET E 519 -17.88 -106.54 30.19
CA MET E 519 -18.36 -105.37 29.45
C MET E 519 -17.69 -105.31 28.08
N LYS E 520 -16.42 -105.70 28.02
CA LYS E 520 -15.69 -105.77 26.76
C LYS E 520 -16.39 -106.69 25.77
N PHE E 521 -16.46 -107.97 26.12
CA PHE E 521 -17.08 -108.97 25.25
C PHE E 521 -18.53 -108.62 24.91
N LEU E 522 -19.27 -108.12 25.89
CA LEU E 522 -20.68 -107.77 25.68
C LEU E 522 -20.83 -106.61 24.71
N LEU E 523 -19.96 -105.62 24.83
CA LEU E 523 -20.01 -104.45 23.96
C LEU E 523 -19.58 -104.83 22.55
N THR E 524 -18.62 -105.75 22.45
CA THR E 524 -18.16 -106.23 21.15
C THR E 524 -19.28 -106.97 20.44
N ASN E 525 -19.91 -107.90 21.15
CA ASN E 525 -21.05 -108.64 20.60
C ASN E 525 -22.20 -107.70 20.26
N VAL E 526 -22.33 -106.63 21.03
CA VAL E 526 -23.35 -105.61 20.78
C VAL E 526 -23.03 -104.85 19.50
N LYS E 527 -21.74 -104.69 19.23
CA LYS E 527 -21.30 -104.03 18.00
C LYS E 527 -21.57 -104.93 16.81
N TRP E 528 -21.35 -106.23 16.99
CA TRP E 528 -21.65 -107.20 15.95
C TRP E 528 -23.15 -107.20 15.64
N LEU E 529 -23.96 -107.20 16.70
CA LEU E 529 -25.41 -107.16 16.55
C LEU E 529 -25.85 -105.85 15.92
N LEU E 530 -25.08 -104.79 16.16
CA LEU E 530 -25.36 -103.49 15.55
C LEU E 530 -25.09 -103.54 14.05
N ALA E 531 -24.00 -104.21 13.67
CA ALA E 531 -23.68 -104.41 12.27
C ALA E 531 -24.76 -105.23 11.59
N PHE E 532 -25.25 -106.24 12.31
CA PHE E 532 -26.35 -107.06 11.81
C PHE E 532 -27.60 -106.22 11.63
N SER E 533 -27.82 -105.27 12.54
CA SER E 533 -28.95 -104.36 12.46
C SER E 533 -28.83 -103.44 11.25
N SER E 534 -27.59 -103.07 10.93
CA SER E 534 -27.32 -102.26 9.75
C SER E 534 -27.61 -103.06 8.50
N ASN E 535 -27.21 -104.32 8.50
CA ASN E 535 -27.46 -105.22 7.38
C ASN E 535 -28.95 -105.43 7.15
N LEU E 536 -29.69 -105.54 8.25
CA LEU E 536 -31.14 -105.73 8.18
C LEU E 536 -31.84 -104.47 7.69
N LEU E 537 -31.40 -103.32 8.20
CA LEU E 537 -31.97 -102.03 7.80
C LEU E 537 -31.66 -101.74 6.33
N SER E 538 -30.55 -102.28 5.85
CA SER E 538 -30.17 -102.13 4.45
C SER E 538 -30.94 -103.12 3.56
N LYS E 539 -31.24 -104.28 4.10
CA LYS E 539 -31.93 -105.33 3.36
C LYS E 539 -33.45 -105.11 3.33
N SER E 540 -33.93 -104.26 4.24
CA SER E 540 -35.37 -103.97 4.31
C SER E 540 -35.70 -102.68 3.57
N UNK F 1 -13.65 40.74 -46.52
CA UNK F 1 -14.33 39.52 -46.95
C UNK F 1 -13.90 38.32 -46.10
N UNK F 2 -14.75 37.31 -46.05
CA UNK F 2 -14.47 36.09 -45.29
C UNK F 2 -13.29 35.34 -45.91
N UNK F 3 -12.53 34.66 -45.07
CA UNK F 3 -11.34 33.94 -45.54
C UNK F 3 -10.97 32.78 -44.62
N UNK F 4 -10.15 31.87 -45.14
CA UNK F 4 -9.70 30.72 -44.37
C UNK F 4 -8.19 30.53 -44.54
N UNK F 5 -7.68 29.44 -43.98
CA UNK F 5 -6.25 29.15 -44.05
C UNK F 5 -6.00 27.76 -44.64
N UNK F 6 -4.74 27.34 -44.67
CA UNK F 6 -4.40 26.05 -45.24
C UNK F 6 -4.80 24.92 -44.28
N UNK F 7 -4.05 24.78 -43.19
CA UNK F 7 -4.44 23.87 -42.12
C UNK F 7 -4.28 24.51 -40.75
N UNK F 8 -5.40 24.76 -40.08
CA UNK F 8 -5.43 25.27 -38.71
C UNK F 8 -4.49 26.47 -38.48
N UNK F 9 -4.33 27.30 -39.50
CA UNK F 9 -3.42 28.44 -39.42
C UNK F 9 -4.14 29.74 -39.07
N UNK F 10 -5.46 29.64 -38.86
CA UNK F 10 -6.27 30.83 -38.60
C UNK F 10 -6.28 31.24 -37.14
N UNK F 11 -5.81 32.46 -36.87
CA UNK F 11 -5.87 33.03 -35.53
C UNK F 11 -6.78 34.26 -35.54
N UNK F 12 -7.79 34.26 -34.69
CA UNK F 12 -8.88 35.24 -34.73
C UNK F 12 -8.42 36.70 -34.73
N UNK F 13 -7.56 37.07 -33.78
CA UNK F 13 -7.21 38.46 -33.56
C UNK F 13 -6.31 39.03 -34.65
N UNK F 14 -5.11 38.47 -34.77
CA UNK F 14 -4.13 38.92 -35.74
C UNK F 14 -4.69 38.90 -37.16
N UNK F 15 -5.58 37.96 -37.46
CA UNK F 15 -6.19 37.87 -38.78
C UNK F 15 -7.44 38.74 -38.87
N UNK F 16 -7.92 39.24 -37.73
CA UNK F 16 -8.98 40.24 -37.76
C UNK F 16 -8.37 41.59 -38.13
N UNK F 17 -7.21 41.86 -37.53
CA UNK F 17 -6.43 43.05 -37.90
C UNK F 17 -5.95 42.92 -39.33
N UNK F 18 -5.59 41.70 -39.72
CA UNK F 18 -5.14 41.42 -41.09
C UNK F 18 -6.31 41.48 -42.05
N UNK F 19 -7.52 41.31 -41.54
CA UNK F 19 -8.73 41.44 -42.35
C UNK F 19 -9.05 42.91 -42.58
N UNK F 20 -8.96 43.69 -41.52
CA UNK F 20 -9.14 45.14 -41.61
C UNK F 20 -8.07 45.73 -42.52
N UNK F 21 -6.89 45.11 -42.53
CA UNK F 21 -5.83 45.51 -43.45
C UNK F 21 -6.08 44.97 -44.85
N UNK F 22 -6.85 43.89 -44.94
CA UNK F 22 -7.15 43.27 -46.22
C UNK F 22 -8.24 44.03 -46.97
N UNK F 23 -9.04 44.77 -46.21
CA UNK F 23 -10.13 45.55 -46.81
C UNK F 23 -9.58 46.66 -47.72
N UNK F 24 -8.35 47.07 -47.47
CA UNK F 24 -7.73 48.13 -48.24
C UNK F 24 -6.41 47.68 -48.88
N UNK F 25 -5.42 47.41 -48.03
CA UNK F 25 -4.09 47.01 -48.49
C UNK F 25 -4.11 45.65 -49.18
N UNK F 26 -4.74 44.67 -48.54
CA UNK F 26 -4.84 43.30 -49.06
C UNK F 26 -3.47 42.73 -49.38
N UNK F 27 -2.57 42.74 -48.40
CA UNK F 27 -1.19 42.32 -48.62
C UNK F 27 -0.99 40.84 -48.37
N UNK F 28 -0.66 40.11 -49.44
CA UNK F 28 -0.33 38.70 -49.34
C UNK F 28 1.05 38.53 -48.73
N UNK F 29 1.34 37.31 -48.25
CA UNK F 29 2.63 37.00 -47.67
C UNK F 29 3.78 37.33 -48.63
N UNK F 30 3.63 36.93 -49.88
CA UNK F 30 4.62 37.24 -50.91
C UNK F 30 4.01 37.19 -52.30
N UNK F 31 4.65 37.85 -53.26
CA UNK F 31 4.23 37.79 -54.66
C UNK F 31 4.83 36.55 -55.31
N UNK F 32 3.98 35.74 -55.94
CA UNK F 32 4.42 34.46 -56.48
C UNK F 32 3.70 34.08 -57.76
N UNK F 33 3.93 32.85 -58.20
CA UNK F 33 3.36 32.33 -59.44
C UNK F 33 1.96 31.79 -59.22
N UNK F 34 1.44 31.09 -60.23
CA UNK F 34 0.07 30.58 -60.21
C UNK F 34 -0.22 29.64 -59.04
N UNK F 35 0.63 28.64 -58.83
CA UNK F 35 0.34 27.63 -57.82
C UNK F 35 1.30 27.65 -56.63
N UNK F 36 0.79 28.12 -55.50
CA UNK F 36 1.52 28.10 -54.25
C UNK F 36 1.50 26.68 -53.67
N UNK F 37 0.63 25.85 -54.22
CA UNK F 37 0.59 24.44 -53.88
C UNK F 37 1.72 23.71 -54.58
N UNK F 38 2.05 24.16 -55.79
CA UNK F 38 3.20 23.63 -56.52
C UNK F 38 4.49 24.16 -55.89
N UNK F 39 4.45 25.42 -55.45
CA UNK F 39 5.55 25.99 -54.70
C UNK F 39 5.79 25.17 -53.42
N UNK F 40 4.70 24.82 -52.76
CA UNK F 40 4.75 24.01 -51.55
C UNK F 40 5.16 22.57 -51.86
N UNK F 41 4.98 22.17 -53.11
CA UNK F 41 5.38 20.83 -53.55
C UNK F 41 6.90 20.79 -53.72
N UNK F 42 7.44 21.82 -54.36
CA UNK F 42 8.88 21.95 -54.50
C UNK F 42 9.54 22.08 -53.13
N UNK F 43 8.90 22.86 -52.26
CA UNK F 43 9.38 23.03 -50.89
C UNK F 43 9.32 21.70 -50.14
N UNK F 44 8.31 20.89 -50.46
CA UNK F 44 8.17 19.57 -49.85
C UNK F 44 9.29 18.65 -50.33
N UNK F 45 9.67 18.80 -51.60
CA UNK F 45 10.79 18.03 -52.15
C UNK F 45 12.08 18.42 -51.45
N UNK F 46 12.28 19.72 -51.27
CA UNK F 46 13.44 20.23 -50.57
C UNK F 46 13.47 19.74 -49.12
N UNK F 47 12.29 19.59 -48.54
CA UNK F 47 12.17 19.09 -47.17
C UNK F 47 12.50 17.61 -47.11
N UNK F 48 12.11 16.86 -48.14
CA UNK F 48 12.39 15.44 -48.21
C UNK F 48 13.87 15.19 -48.48
N UNK F 49 14.53 16.18 -49.08
CA UNK F 49 15.95 16.08 -49.38
C UNK F 49 16.78 16.04 -48.09
#